data_2NBV
#
_entry.id   2NBV
#
loop_
_entity.id
_entity.type
_entity.pdbx_description
1 polymer 'Proteasomal ubiquitin receptor ADRM1'
2 polymer Ubiquilin-2
#
loop_
_entity_poly.entity_id
_entity_poly.type
_entity_poly.pdbx_seq_one_letter_code
_entity_poly.pdbx_strand_id
1 'polypeptide(L)'
;MTTSGALFPSLVPGSRGASNKYLVEFRAGKMSLKGTTVTPDKRKGLVYIQQTDDSLIHFCWKDRTSGNVEDDLIIFPDDC
EFKRVPQCPSGRVYVLKFKAGSKRLFFWMQEPKTDQDEEHCRKVNEYLNNPPMPGALGASGSSGHELSAL
;
A
2 'polypeptide(L)' APAEPKIIKVTVKTPKEKEEFAVPENSSVQQFKEAISKRFKSQTDQLVLIFAGKILKDQDTLIQHGIHDGLTVHLVIK B
#
# COMPACT_ATOMS: atom_id res chain seq x y z
N LYS A 21 11.49 13.06 12.06
CA LYS A 21 10.39 13.01 13.05
C LYS A 21 9.19 12.28 12.46
N TYR A 22 8.20 12.00 13.30
CA TYR A 22 7.00 11.32 12.84
C TYR A 22 5.90 12.34 12.61
N LEU A 23 5.26 12.29 11.45
CA LEU A 23 4.18 13.21 11.12
C LEU A 23 2.99 12.93 12.03
N VAL A 24 2.64 11.66 12.12
CA VAL A 24 1.54 11.20 12.97
C VAL A 24 2.00 9.97 13.72
N GLU A 25 1.58 9.83 14.97
CA GLU A 25 1.98 8.68 15.78
C GLU A 25 0.98 8.42 16.90
N PHE A 26 0.61 7.16 17.08
CA PHE A 26 -0.33 6.78 18.12
C PHE A 26 -0.12 5.33 18.51
N ARG A 27 -0.51 4.98 19.71
CA ARG A 27 -0.35 3.61 20.19
C ARG A 27 -1.49 2.76 19.65
N ALA A 28 -1.14 1.70 18.93
CA ALA A 28 -2.13 0.80 18.37
C ALA A 28 -1.54 -0.59 18.15
N GLY A 29 -2.35 -1.61 18.39
CA GLY A 29 -1.89 -2.96 18.23
C GLY A 29 -2.11 -3.46 16.81
N LYS A 30 -1.21 -4.32 16.36
CA LYS A 30 -1.30 -4.86 15.00
C LYS A 30 -2.08 -6.18 15.01
N MET A 31 -2.49 -6.62 13.83
CA MET A 31 -3.22 -7.87 13.71
C MET A 31 -2.54 -8.76 12.67
N SER A 32 -2.53 -10.06 12.92
CA SER A 32 -1.90 -11.00 12.02
C SER A 32 -2.92 -12.00 11.48
N LEU A 33 -2.97 -12.13 10.16
CA LEU A 33 -3.88 -13.06 9.52
C LEU A 33 -3.29 -14.45 9.61
N LYS A 34 -3.84 -15.26 10.51
CA LYS A 34 -3.36 -16.63 10.70
C LYS A 34 -4.30 -17.61 10.01
N GLY A 35 -3.83 -18.18 8.91
CA GLY A 35 -4.61 -19.13 8.16
C GLY A 35 -5.70 -18.45 7.36
N THR A 36 -6.78 -18.10 8.04
CA THR A 36 -7.91 -17.44 7.41
C THR A 36 -8.65 -16.58 8.43
N THR A 37 -8.01 -16.32 9.56
CA THR A 37 -8.61 -15.53 10.62
C THR A 37 -7.65 -14.42 11.07
N VAL A 38 -8.18 -13.22 11.26
CA VAL A 38 -7.38 -12.09 11.70
C VAL A 38 -7.22 -12.11 13.22
N THR A 39 -6.05 -12.51 13.67
CA THR A 39 -5.75 -12.59 15.09
C THR A 39 -4.95 -11.37 15.54
N PRO A 40 -5.50 -10.56 16.45
CA PRO A 40 -4.83 -9.36 16.95
C PRO A 40 -3.67 -9.68 17.89
N ASP A 41 -2.59 -8.92 17.76
CA ASP A 41 -1.42 -9.10 18.60
C ASP A 41 -1.64 -8.32 19.90
N LYS A 42 -1.24 -8.90 21.02
CA LYS A 42 -1.44 -8.26 22.32
C LYS A 42 -0.29 -7.33 22.69
N ARG A 43 0.66 -7.19 21.80
CA ARG A 43 1.82 -6.32 22.03
C ARG A 43 1.45 -4.85 21.92
N LYS A 44 2.31 -4.00 22.46
CA LYS A 44 2.10 -2.57 22.39
C LYS A 44 2.92 -2.00 21.24
N GLY A 45 2.24 -1.40 20.27
CA GLY A 45 2.95 -0.86 19.13
C GLY A 45 2.62 0.60 18.89
N LEU A 46 3.40 1.22 18.04
CA LEU A 46 3.21 2.62 17.70
C LEU A 46 3.13 2.80 16.19
N VAL A 47 1.96 3.17 15.71
CA VAL A 47 1.75 3.39 14.29
C VAL A 47 2.17 4.82 13.97
N TYR A 48 3.18 4.97 13.12
CA TYR A 48 3.66 6.31 12.78
C TYR A 48 3.80 6.50 11.29
N ILE A 49 3.61 7.75 10.87
CA ILE A 49 3.74 8.12 9.47
C ILE A 49 5.06 8.87 9.26
N GLN A 50 5.92 8.31 8.45
CA GLN A 50 7.23 8.90 8.19
C GLN A 50 7.35 9.33 6.73
N GLN A 51 8.18 10.33 6.48
CA GLN A 51 8.40 10.81 5.13
C GLN A 51 9.90 10.97 4.88
N THR A 52 10.41 10.23 3.91
CA THR A 52 11.82 10.28 3.58
C THR A 52 12.11 11.38 2.54
N ASP A 53 13.38 11.50 2.14
CA ASP A 53 13.79 12.52 1.17
C ASP A 53 13.28 12.18 -0.23
N ASP A 54 12.86 10.94 -0.41
CA ASP A 54 12.34 10.48 -1.71
C ASP A 54 10.88 10.91 -1.88
N SER A 55 10.37 11.65 -0.89
CA SER A 55 9.01 12.16 -0.90
C SER A 55 7.99 11.03 -0.82
N LEU A 56 8.44 9.87 -0.36
CA LEU A 56 7.57 8.71 -0.23
C LEU A 56 7.10 8.56 1.21
N ILE A 57 5.78 8.47 1.39
CA ILE A 57 5.21 8.31 2.71
C ILE A 57 5.39 6.87 3.19
N HIS A 58 5.90 6.71 4.39
CA HIS A 58 6.13 5.38 4.93
C HIS A 58 5.24 5.12 6.14
N PHE A 59 4.47 4.05 6.04
CA PHE A 59 3.57 3.63 7.11
C PHE A 59 4.22 2.45 7.81
N CYS A 60 4.78 2.67 8.98
CA CYS A 60 5.46 1.60 9.69
C CYS A 60 4.91 1.36 11.09
N TRP A 61 5.03 0.12 11.53
CA TRP A 61 4.60 -0.29 12.85
C TRP A 61 5.84 -0.54 13.69
N LYS A 62 6.06 0.29 14.68
CA LYS A 62 7.23 0.16 15.54
C LYS A 62 6.89 -0.49 16.87
N ASP A 63 7.63 -1.53 17.22
CA ASP A 63 7.44 -2.22 18.50
C ASP A 63 7.92 -1.29 19.61
N ARG A 64 7.08 -1.04 20.59
CA ARG A 64 7.43 -0.14 21.68
C ARG A 64 8.41 -0.77 22.65
N THR A 65 8.68 -2.05 22.51
CA THR A 65 9.59 -2.73 23.41
C THR A 65 11.00 -2.82 22.80
N SER A 66 11.13 -3.52 21.68
CA SER A 66 12.42 -3.68 21.03
C SER A 66 12.81 -2.40 20.28
N GLY A 67 11.83 -1.64 19.85
CA GLY A 67 12.09 -0.42 19.11
C GLY A 67 12.40 -0.70 17.66
N ASN A 68 12.15 -1.93 17.25
CA ASN A 68 12.40 -2.35 15.89
C ASN A 68 11.15 -2.20 15.04
N VAL A 69 11.32 -1.84 13.79
CA VAL A 69 10.21 -1.66 12.87
C VAL A 69 9.96 -2.95 12.11
N GLU A 70 8.80 -3.54 12.33
CA GLU A 70 8.45 -4.78 11.65
C GLU A 70 7.93 -4.51 10.26
N ASP A 71 6.71 -4.01 10.17
CA ASP A 71 6.08 -3.72 8.90
C ASP A 71 6.35 -2.28 8.46
N ASP A 72 6.81 -2.13 7.24
CA ASP A 72 7.09 -0.82 6.67
C ASP A 72 6.58 -0.81 5.23
N LEU A 73 5.64 0.08 4.93
CA LEU A 73 5.06 0.16 3.61
C LEU A 73 5.05 1.60 3.09
N ILE A 74 5.10 1.73 1.77
CA ILE A 74 5.08 3.05 1.14
C ILE A 74 3.65 3.40 0.73
N ILE A 75 3.16 4.51 1.24
CA ILE A 75 1.80 4.95 0.96
C ILE A 75 1.71 5.95 -0.18
N PHE A 76 0.69 5.78 -1.01
CA PHE A 76 0.44 6.66 -2.14
C PHE A 76 -1.03 7.04 -2.19
N PRO A 77 -1.36 8.23 -2.71
CA PRO A 77 -2.74 8.69 -2.82
C PRO A 77 -3.56 7.90 -3.85
N ASP A 78 -4.87 8.20 -3.88
CA ASP A 78 -5.82 7.57 -4.80
C ASP A 78 -5.79 6.04 -4.70
N ASP A 79 -5.30 5.50 -3.59
CA ASP A 79 -5.23 4.05 -3.43
C ASP A 79 -5.22 3.60 -1.98
N CYS A 80 -5.43 4.52 -1.05
CA CYS A 80 -5.42 4.17 0.37
C CYS A 80 -6.68 4.63 1.08
N GLU A 81 -7.09 3.88 2.09
CA GLU A 81 -8.28 4.20 2.87
C GLU A 81 -8.16 3.68 4.30
N PHE A 82 -8.36 4.57 5.27
CA PHE A 82 -8.27 4.20 6.67
C PHE A 82 -9.58 4.55 7.37
N LYS A 83 -10.32 3.55 7.81
CA LYS A 83 -11.60 3.81 8.48
C LYS A 83 -11.78 2.92 9.70
N ARG A 84 -12.83 3.20 10.46
CA ARG A 84 -13.13 2.43 11.68
C ARG A 84 -14.13 1.33 11.36
N VAL A 85 -13.92 0.15 11.95
CA VAL A 85 -14.82 -0.97 11.74
C VAL A 85 -16.04 -0.82 12.65
N PRO A 86 -17.23 -0.66 12.05
CA PRO A 86 -18.47 -0.49 12.81
C PRO A 86 -18.88 -1.74 13.59
N GLN A 87 -18.56 -2.91 13.05
CA GLN A 87 -18.92 -4.16 13.70
C GLN A 87 -17.86 -4.58 14.72
N CYS A 88 -17.77 -3.82 15.80
CA CYS A 88 -16.81 -4.10 16.86
C CYS A 88 -17.36 -3.59 18.18
N PRO A 89 -17.39 -4.43 19.22
CA PRO A 89 -17.91 -4.06 20.55
C PRO A 89 -17.14 -2.90 21.18
N SER A 90 -15.83 -2.90 21.03
CA SER A 90 -14.99 -1.85 21.57
C SER A 90 -15.12 -0.57 20.75
N GLY A 91 -15.19 -0.72 19.43
CA GLY A 91 -15.31 0.42 18.55
C GLY A 91 -14.01 1.18 18.39
N ARG A 92 -12.90 0.51 18.72
CA ARG A 92 -11.58 1.13 18.62
C ARG A 92 -10.73 0.41 17.58
N VAL A 93 -11.38 -0.47 16.82
CA VAL A 93 -10.69 -1.22 15.78
C VAL A 93 -10.79 -0.48 14.45
N TYR A 94 -9.65 -0.11 13.91
CA TYR A 94 -9.60 0.59 12.65
C TYR A 94 -8.98 -0.30 11.59
N VAL A 95 -9.28 -0.02 10.33
CA VAL A 95 -8.75 -0.84 9.25
C VAL A 95 -8.17 0.00 8.11
N LEU A 96 -6.99 -0.38 7.68
CA LEU A 96 -6.31 0.28 6.58
C LEU A 96 -6.47 -0.61 5.35
N LYS A 97 -7.32 -0.19 4.43
CA LYS A 97 -7.59 -0.97 3.24
C LYS A 97 -7.07 -0.25 1.99
N PHE A 98 -6.29 -0.97 1.20
CA PHE A 98 -5.74 -0.43 -0.03
C PHE A 98 -6.70 -0.68 -1.17
N LYS A 99 -6.74 0.24 -2.13
CA LYS A 99 -7.64 0.11 -3.28
C LYS A 99 -6.91 -0.56 -4.44
N ALA A 100 -5.71 -1.06 -4.15
CA ALA A 100 -4.89 -1.73 -5.14
C ALA A 100 -4.59 -3.15 -4.68
N GLY A 101 -5.05 -4.13 -5.44
CA GLY A 101 -4.83 -5.51 -5.09
C GLY A 101 -5.67 -5.95 -3.90
N SER A 102 -5.06 -6.69 -2.99
CA SER A 102 -5.74 -7.18 -1.81
C SER A 102 -4.91 -6.92 -0.56
N LYS A 103 -5.19 -5.81 0.11
CA LYS A 103 -4.46 -5.45 1.33
C LYS A 103 -5.40 -4.84 2.37
N ARG A 104 -5.63 -5.60 3.44
CA ARG A 104 -6.50 -5.15 4.52
C ARG A 104 -5.78 -5.33 5.86
N LEU A 105 -5.36 -4.23 6.45
CA LEU A 105 -4.66 -4.27 7.73
C LEU A 105 -5.54 -3.76 8.85
N PHE A 106 -5.65 -4.51 9.92
CA PHE A 106 -6.48 -4.12 11.05
C PHE A 106 -5.62 -3.70 12.24
N PHE A 107 -6.04 -2.63 12.90
CA PHE A 107 -5.32 -2.11 14.06
C PHE A 107 -6.32 -1.69 15.14
N TRP A 108 -5.92 -1.80 16.39
CA TRP A 108 -6.79 -1.40 17.49
C TRP A 108 -6.10 -0.36 18.36
N MET A 109 -6.78 0.76 18.57
CA MET A 109 -6.24 1.87 19.36
C MET A 109 -5.89 1.45 20.79
N GLN A 110 -4.68 1.80 21.21
CA GLN A 110 -4.21 1.46 22.54
C GLN A 110 -4.13 2.73 23.40
N GLU A 111 -4.58 3.84 22.84
CA GLU A 111 -4.58 5.12 23.55
C GLU A 111 -5.51 5.05 24.76
N PRO A 112 -5.23 5.83 25.81
CA PRO A 112 -6.05 5.83 27.03
C PRO A 112 -7.49 6.26 26.82
N LYS A 113 -7.71 7.33 26.07
CA LYS A 113 -9.05 7.83 25.84
C LYS A 113 -9.43 7.79 24.36
N THR A 114 -10.72 7.65 24.10
CA THR A 114 -11.24 7.61 22.74
C THR A 114 -11.47 9.02 22.22
N ASP A 115 -11.07 10.01 23.01
CA ASP A 115 -11.24 11.41 22.65
C ASP A 115 -10.49 11.78 21.39
N GLN A 116 -9.41 11.07 21.10
CA GLN A 116 -8.58 11.36 19.93
C GLN A 116 -8.53 10.17 18.98
N ASP A 117 -9.49 9.25 19.11
CA ASP A 117 -9.53 8.07 18.26
C ASP A 117 -9.78 8.47 16.81
N GLU A 118 -10.87 9.20 16.59
CA GLU A 118 -11.23 9.66 15.26
C GLU A 118 -10.24 10.72 14.76
N GLU A 119 -9.73 11.51 15.71
CA GLU A 119 -8.77 12.57 15.39
C GLU A 119 -7.52 11.96 14.75
N HIS A 120 -7.05 10.86 15.33
CA HIS A 120 -5.88 10.17 14.81
C HIS A 120 -6.17 9.61 13.42
N CYS A 121 -7.37 9.06 13.27
CA CYS A 121 -7.80 8.49 12.00
C CYS A 121 -7.82 9.56 10.91
N ARG A 122 -8.39 10.71 11.25
CA ARG A 122 -8.47 11.83 10.33
C ARG A 122 -7.08 12.27 9.85
N LYS A 123 -6.16 12.38 10.81
CA LYS A 123 -4.79 12.78 10.50
C LYS A 123 -4.13 11.80 9.55
N VAL A 124 -4.27 10.51 9.85
CA VAL A 124 -3.71 9.46 9.03
C VAL A 124 -4.18 9.57 7.59
N ASN A 125 -5.50 9.63 7.40
CA ASN A 125 -6.08 9.73 6.07
C ASN A 125 -5.57 10.95 5.31
N GLU A 126 -5.41 12.06 6.02
CA GLU A 126 -4.94 13.30 5.42
C GLU A 126 -3.49 13.17 4.95
N TYR A 127 -2.60 12.81 5.87
CA TYR A 127 -1.18 12.70 5.57
C TYR A 127 -0.86 11.59 4.57
N LEU A 128 -1.76 10.62 4.43
CA LEU A 128 -1.53 9.52 3.49
C LEU A 128 -1.93 9.90 2.07
N ASN A 129 -3.13 10.44 1.91
CA ASN A 129 -3.63 10.82 0.59
C ASN A 129 -3.13 12.19 0.14
N ASN A 130 -2.68 13.00 1.10
CA ASN A 130 -2.18 14.33 0.78
C ASN A 130 -0.72 14.45 1.20
N ALA B 1 7.24 -21.83 -32.90
CA ALA B 1 8.03 -21.40 -31.72
C ALA B 1 7.14 -20.73 -30.69
N PRO B 2 6.92 -21.40 -29.55
CA PRO B 2 6.07 -20.87 -28.48
C PRO B 2 6.78 -19.77 -27.69
N ALA B 3 6.06 -18.70 -27.38
CA ALA B 3 6.60 -17.59 -26.63
C ALA B 3 5.74 -17.30 -25.41
N GLU B 4 4.93 -18.28 -25.04
CA GLU B 4 4.01 -18.18 -23.90
C GLU B 4 2.95 -17.12 -24.14
N PRO B 5 1.77 -17.55 -24.61
CA PRO B 5 0.65 -16.65 -24.88
C PRO B 5 -0.17 -16.37 -23.63
N LYS B 6 0.48 -16.49 -22.48
CA LYS B 6 -0.17 -16.24 -21.21
C LYS B 6 -0.18 -14.74 -20.92
N ILE B 7 -1.16 -14.07 -21.48
CA ILE B 7 -1.30 -12.64 -21.30
C ILE B 7 -2.05 -12.32 -20.01
N ILE B 8 -1.39 -11.56 -19.13
CA ILE B 8 -1.98 -11.19 -17.85
C ILE B 8 -2.69 -9.84 -17.95
N LYS B 9 -3.65 -9.62 -17.06
CA LYS B 9 -4.41 -8.39 -17.05
C LYS B 9 -3.87 -7.43 -15.99
N VAL B 10 -3.25 -6.36 -16.46
CA VAL B 10 -2.69 -5.36 -15.56
C VAL B 10 -3.48 -4.06 -15.67
N THR B 11 -4.11 -3.64 -14.58
CA THR B 11 -4.89 -2.43 -14.56
C THR B 11 -4.05 -1.26 -14.09
N VAL B 12 -3.81 -0.32 -14.98
CA VAL B 12 -2.98 0.86 -14.70
C VAL B 12 -3.82 2.04 -14.20
N LYS B 13 -3.62 2.40 -12.93
CA LYS B 13 -4.33 3.51 -12.34
C LYS B 13 -3.48 4.77 -12.48
N THR B 14 -3.94 5.69 -13.32
CA THR B 14 -3.22 6.92 -13.58
C THR B 14 -4.09 8.13 -13.24
N PRO B 15 -3.49 9.32 -13.05
CA PRO B 15 -4.23 10.55 -12.75
C PRO B 15 -5.02 11.04 -13.98
N LYS B 16 -5.94 10.20 -14.44
CA LYS B 16 -6.75 10.49 -15.61
C LYS B 16 -7.87 9.47 -15.74
N GLU B 17 -7.51 8.19 -15.63
CA GLU B 17 -8.46 7.11 -15.74
C GLU B 17 -7.82 5.79 -15.31
N LYS B 18 -8.55 4.70 -15.50
CA LYS B 18 -8.07 3.38 -15.13
C LYS B 18 -8.13 2.45 -16.35
N GLU B 19 -7.04 2.41 -17.11
CA GLU B 19 -6.98 1.58 -18.30
C GLU B 19 -6.31 0.24 -18.01
N GLU B 20 -6.68 -0.77 -18.77
CA GLU B 20 -6.12 -2.10 -18.59
C GLU B 20 -5.19 -2.44 -19.76
N PHE B 21 -4.01 -2.94 -19.44
CA PHE B 21 -3.04 -3.31 -20.45
C PHE B 21 -2.91 -4.84 -20.53
N ALA B 22 -2.30 -5.32 -21.60
CA ALA B 22 -2.13 -6.75 -21.80
C ALA B 22 -0.66 -7.07 -22.09
N VAL B 23 -0.02 -7.80 -21.19
CA VAL B 23 1.38 -8.16 -21.36
C VAL B 23 1.60 -9.65 -21.07
N PRO B 24 2.62 -10.26 -21.69
CA PRO B 24 2.93 -11.69 -21.48
C PRO B 24 3.49 -11.95 -20.09
N GLU B 25 3.24 -13.15 -19.58
CA GLU B 25 3.71 -13.55 -18.25
C GLU B 25 5.18 -14.00 -18.29
N ASN B 26 5.96 -13.41 -19.17
CA ASN B 26 7.38 -13.74 -19.30
C ASN B 26 8.13 -12.61 -19.99
N SER B 27 7.87 -11.38 -19.56
CA SER B 27 8.52 -10.21 -20.12
C SER B 27 9.19 -9.40 -19.02
N SER B 28 10.10 -8.51 -19.42
CA SER B 28 10.82 -7.67 -18.47
C SER B 28 10.06 -6.37 -18.21
N VAL B 29 10.32 -5.75 -17.07
CA VAL B 29 9.65 -4.52 -16.67
C VAL B 29 10.02 -3.37 -17.60
N GLN B 30 11.29 -3.30 -18.00
CA GLN B 30 11.77 -2.26 -18.90
C GLN B 30 10.92 -2.20 -20.17
N GLN B 31 10.55 -3.37 -20.67
CA GLN B 31 9.75 -3.48 -21.88
C GLN B 31 8.36 -2.86 -21.67
N PHE B 32 7.84 -3.02 -20.47
CA PHE B 32 6.53 -2.47 -20.13
C PHE B 32 6.62 -0.96 -19.92
N LYS B 33 7.71 -0.53 -19.29
CA LYS B 33 7.92 0.89 -19.02
C LYS B 33 7.88 1.70 -20.31
N GLU B 34 8.65 1.26 -21.30
CA GLU B 34 8.72 1.94 -22.59
C GLU B 34 7.38 1.86 -23.32
N ALA B 35 6.55 0.90 -22.96
CA ALA B 35 5.25 0.75 -23.59
C ALA B 35 4.30 1.81 -23.08
N ILE B 36 4.28 2.00 -21.77
CA ILE B 36 3.40 2.99 -21.14
C ILE B 36 3.76 4.41 -21.58
N SER B 37 5.06 4.70 -21.65
CA SER B 37 5.52 6.02 -22.04
C SER B 37 5.14 6.35 -23.49
N LYS B 38 5.00 5.32 -24.32
CA LYS B 38 4.63 5.54 -25.71
C LYS B 38 3.12 5.64 -25.86
N ARG B 39 2.40 4.80 -25.13
CA ARG B 39 0.95 4.78 -25.21
C ARG B 39 0.32 5.97 -24.49
N PHE B 40 0.69 6.18 -23.24
CA PHE B 40 0.15 7.28 -22.46
C PHE B 40 0.91 8.58 -22.70
N LYS B 41 2.15 8.46 -23.18
CA LYS B 41 3.01 9.61 -23.45
C LYS B 41 3.24 10.43 -22.18
N SER B 42 4.08 9.91 -21.30
CA SER B 42 4.38 10.59 -20.04
C SER B 42 5.88 10.59 -19.77
N GLN B 43 6.35 9.53 -19.11
CA GLN B 43 7.76 9.39 -18.76
C GLN B 43 8.14 7.92 -18.78
N THR B 44 9.43 7.63 -18.64
CA THR B 44 9.90 6.26 -18.62
C THR B 44 10.78 6.01 -17.39
N ASP B 45 11.78 6.88 -17.20
CA ASP B 45 12.68 6.74 -16.06
C ASP B 45 11.99 7.19 -14.78
N GLN B 46 11.18 8.23 -14.88
CA GLN B 46 10.46 8.76 -13.72
C GLN B 46 9.12 8.04 -13.53
N LEU B 47 8.81 7.12 -14.41
CA LEU B 47 7.56 6.38 -14.35
C LEU B 47 7.70 5.19 -13.43
N VAL B 48 7.08 5.27 -12.25
CA VAL B 48 7.15 4.19 -11.28
C VAL B 48 5.78 3.59 -11.03
N LEU B 49 5.70 2.26 -11.08
CA LEU B 49 4.45 1.56 -10.82
C LEU B 49 4.39 1.22 -9.34
N ILE B 50 3.19 1.14 -8.79
CA ILE B 50 3.02 0.83 -7.37
C ILE B 50 2.06 -0.32 -7.16
N PHE B 51 2.39 -1.20 -6.23
CA PHE B 51 1.54 -2.35 -5.92
C PHE B 51 1.16 -2.35 -4.43
N ALA B 52 0.56 -1.25 -3.99
CA ALA B 52 0.09 -1.09 -2.61
C ALA B 52 1.21 -1.29 -1.58
N GLY B 53 1.92 -0.21 -1.27
CA GLY B 53 2.99 -0.27 -0.28
C GLY B 53 4.30 -0.77 -0.85
N LYS B 54 4.34 -0.99 -2.16
CA LYS B 54 5.55 -1.49 -2.79
C LYS B 54 5.79 -0.78 -4.12
N ILE B 55 7.05 -0.47 -4.40
CA ILE B 55 7.44 0.20 -5.63
C ILE B 55 7.81 -0.83 -6.70
N LEU B 56 7.29 -0.64 -7.89
CA LEU B 56 7.55 -1.54 -9.00
C LEU B 56 8.39 -0.83 -10.05
N LYS B 57 9.58 -1.35 -10.29
CA LYS B 57 10.49 -0.78 -11.27
C LYS B 57 11.25 -1.88 -11.98
N ASP B 58 12.30 -1.50 -12.68
CA ASP B 58 13.13 -2.44 -13.43
C ASP B 58 14.05 -3.23 -12.50
N GLN B 59 13.87 -3.03 -11.20
CA GLN B 59 14.67 -3.72 -10.20
C GLN B 59 14.02 -5.06 -9.85
N ASP B 60 12.70 -5.07 -9.84
CA ASP B 60 11.92 -6.27 -9.53
C ASP B 60 11.29 -6.81 -10.81
N THR B 61 10.17 -7.51 -10.70
CA THR B 61 9.48 -8.04 -11.86
C THR B 61 7.98 -8.08 -11.65
N LEU B 62 7.25 -7.39 -12.54
CA LEU B 62 5.79 -7.30 -12.49
C LEU B 62 5.13 -8.67 -12.48
N ILE B 63 5.54 -9.53 -13.40
CA ILE B 63 4.96 -10.88 -13.52
C ILE B 63 5.40 -11.80 -12.38
N GLN B 64 6.19 -11.29 -11.45
CA GLN B 64 6.67 -12.10 -10.33
C GLN B 64 5.86 -11.84 -9.07
N HIS B 65 5.49 -10.60 -8.83
CA HIS B 65 4.73 -10.24 -7.63
C HIS B 65 3.67 -9.19 -7.92
N GLY B 66 4.04 -8.18 -8.70
CA GLY B 66 3.12 -7.10 -9.04
C GLY B 66 1.77 -7.58 -9.56
N ILE B 67 1.77 -8.22 -10.71
CA ILE B 67 0.53 -8.69 -11.29
C ILE B 67 0.52 -10.21 -11.37
N HIS B 68 -0.24 -10.84 -10.48
CA HIS B 68 -0.36 -12.28 -10.47
C HIS B 68 -1.45 -12.72 -11.41
N ASP B 69 -2.61 -12.06 -11.29
CA ASP B 69 -3.76 -12.37 -12.14
C ASP B 69 -4.86 -11.32 -11.96
N GLY B 70 -4.79 -10.26 -12.76
CA GLY B 70 -5.78 -9.20 -12.70
C GLY B 70 -5.74 -8.42 -11.40
N LEU B 71 -4.80 -7.50 -11.29
CA LEU B 71 -4.66 -6.69 -10.10
C LEU B 71 -4.52 -5.21 -10.48
N THR B 72 -4.75 -4.33 -9.52
CA THR B 72 -4.66 -2.91 -9.75
C THR B 72 -3.33 -2.35 -9.25
N VAL B 73 -2.69 -1.54 -10.09
CA VAL B 73 -1.42 -0.91 -9.72
C VAL B 73 -1.51 0.59 -9.91
N HIS B 74 -0.67 1.34 -9.21
CA HIS B 74 -0.68 2.79 -9.32
C HIS B 74 0.51 3.27 -10.12
N LEU B 75 0.46 4.52 -10.55
CA LEU B 75 1.54 5.10 -11.31
C LEU B 75 1.93 6.45 -10.71
N VAL B 76 3.19 6.56 -10.30
CA VAL B 76 3.68 7.79 -9.71
C VAL B 76 4.98 8.23 -10.36
N ILE B 77 5.43 9.44 -10.04
CA ILE B 77 6.66 9.98 -10.59
C ILE B 77 7.53 10.58 -9.49
N LYS B 78 7.82 9.79 -8.48
CA LYS B 78 8.64 10.24 -7.36
C LYS B 78 9.99 9.54 -7.36
N LYS A 21 11.72 13.48 12.24
CA LYS A 21 10.54 13.24 13.10
C LYS A 21 9.43 12.62 12.28
N TYR A 22 8.28 12.38 12.90
CA TYR A 22 7.15 11.79 12.22
C TYR A 22 6.02 12.81 12.09
N LEU A 23 5.13 12.59 11.14
CA LEU A 23 4.00 13.48 10.92
C LEU A 23 2.91 13.19 11.93
N VAL A 24 2.51 11.93 12.00
CA VAL A 24 1.48 11.48 12.92
C VAL A 24 1.97 10.25 13.66
N GLU A 25 1.76 10.22 14.98
CA GLU A 25 2.18 9.10 15.81
C GLU A 25 1.17 8.83 16.91
N PHE A 26 0.84 7.56 17.12
CA PHE A 26 -0.10 7.15 18.16
C PHE A 26 0.06 5.67 18.46
N ARG A 27 -0.37 5.25 19.63
CA ARG A 27 -0.26 3.86 20.03
C ARG A 27 -1.43 3.03 19.51
N ALA A 28 -1.11 1.94 18.84
CA ALA A 28 -2.11 1.05 18.28
C ALA A 28 -1.51 -0.33 18.03
N GLY A 29 -2.27 -1.36 18.38
CA GLY A 29 -1.79 -2.71 18.18
C GLY A 29 -2.16 -3.24 16.81
N LYS A 30 -1.28 -4.06 16.25
CA LYS A 30 -1.54 -4.63 14.93
C LYS A 30 -2.13 -6.03 15.04
N MET A 31 -2.48 -6.60 13.90
CA MET A 31 -3.06 -7.94 13.88
C MET A 31 -2.32 -8.80 12.87
N SER A 32 -2.25 -10.10 13.13
CA SER A 32 -1.56 -11.01 12.24
C SER A 32 -2.53 -12.08 11.72
N LEU A 33 -2.36 -12.43 10.44
CA LEU A 33 -3.20 -13.44 9.82
C LEU A 33 -2.62 -14.83 10.05
N LYS A 34 -3.10 -15.49 11.09
CA LYS A 34 -2.62 -16.82 11.43
C LYS A 34 -3.48 -17.88 10.74
N GLY A 35 -2.92 -18.49 9.71
CA GLY A 35 -3.64 -19.50 8.96
C GLY A 35 -4.65 -18.89 8.02
N THR A 36 -5.79 -18.54 8.57
CA THR A 36 -6.86 -17.92 7.80
C THR A 36 -7.76 -17.09 8.71
N THR A 37 -7.28 -16.85 9.93
CA THR A 37 -8.02 -16.07 10.90
C THR A 37 -7.19 -14.91 11.43
N VAL A 38 -7.79 -13.72 11.45
CA VAL A 38 -7.09 -12.53 11.92
C VAL A 38 -6.99 -12.54 13.44
N THR A 39 -5.75 -12.58 13.94
CA THR A 39 -5.50 -12.61 15.36
C THR A 39 -4.72 -11.36 15.78
N PRO A 40 -5.31 -10.52 16.64
CA PRO A 40 -4.66 -9.29 17.12
C PRO A 40 -3.48 -9.58 18.04
N ASP A 41 -2.44 -8.77 17.91
CA ASP A 41 -1.25 -8.92 18.74
C ASP A 41 -1.53 -8.33 20.12
N LYS A 42 -0.80 -8.78 21.12
CA LYS A 42 -1.02 -8.30 22.48
C LYS A 42 0.08 -7.32 22.88
N ARG A 43 1.02 -7.10 21.98
CA ARG A 43 2.14 -6.19 22.23
C ARG A 43 1.75 -4.74 22.02
N LYS A 44 2.50 -3.86 22.65
CA LYS A 44 2.28 -2.43 22.54
C LYS A 44 2.99 -1.90 21.30
N GLY A 45 2.26 -1.24 20.43
CA GLY A 45 2.86 -0.73 19.21
C GLY A 45 2.55 0.73 18.97
N LEU A 46 3.42 1.36 18.21
CA LEU A 46 3.27 2.76 17.88
C LEU A 46 3.19 2.94 16.36
N VAL A 47 2.07 3.44 15.89
CA VAL A 47 1.88 3.68 14.48
C VAL A 47 2.35 5.08 14.15
N TYR A 48 3.38 5.19 13.32
CA TYR A 48 3.91 6.48 12.97
C TYR A 48 4.09 6.61 11.46
N ILE A 49 3.75 7.78 10.95
CA ILE A 49 3.89 8.07 9.53
C ILE A 49 5.07 9.01 9.33
N GLN A 50 6.07 8.54 8.62
CA GLN A 50 7.28 9.31 8.39
C GLN A 50 7.47 9.61 6.90
N GLN A 51 8.04 10.78 6.61
CA GLN A 51 8.30 11.20 5.24
C GLN A 51 9.80 11.40 5.05
N THR A 52 10.42 10.52 4.27
CA THR A 52 11.85 10.62 4.02
C THR A 52 12.17 11.54 2.85
N ASP A 53 13.44 11.59 2.45
CA ASP A 53 13.87 12.43 1.34
C ASP A 53 13.38 11.86 0.01
N ASP A 54 12.91 10.62 0.07
CA ASP A 54 12.39 9.95 -1.12
C ASP A 54 11.03 10.53 -1.48
N SER A 55 10.52 11.37 -0.58
CA SER A 55 9.23 12.04 -0.75
C SER A 55 8.10 11.02 -0.72
N LEU A 56 8.36 9.88 -0.10
CA LEU A 56 7.39 8.81 0.01
C LEU A 56 6.87 8.71 1.44
N ILE A 57 5.56 8.63 1.58
CA ILE A 57 4.93 8.50 2.88
C ILE A 57 5.11 7.08 3.39
N HIS A 58 5.82 6.92 4.49
CA HIS A 58 6.07 5.60 5.05
C HIS A 58 5.19 5.34 6.27
N PHE A 59 4.41 4.27 6.17
CA PHE A 59 3.54 3.84 7.25
C PHE A 59 4.25 2.72 7.99
N CYS A 60 4.83 3.05 9.14
CA CYS A 60 5.57 2.07 9.90
C CYS A 60 4.97 1.78 11.27
N TRP A 61 5.06 0.53 11.67
CA TRP A 61 4.57 0.09 12.98
C TRP A 61 5.79 -0.24 13.84
N LYS A 62 5.95 0.50 14.92
CA LYS A 62 7.09 0.30 15.80
C LYS A 62 6.71 -0.42 17.08
N ASP A 63 7.48 -1.44 17.41
CA ASP A 63 7.27 -2.19 18.64
C ASP A 63 7.75 -1.33 19.81
N ARG A 64 6.90 -1.12 20.80
CA ARG A 64 7.24 -0.25 21.93
C ARG A 64 8.11 -0.94 22.99
N THR A 65 8.60 -2.13 22.71
CA THR A 65 9.43 -2.84 23.67
C THR A 65 10.87 -2.95 23.16
N SER A 66 11.02 -3.44 21.95
CA SER A 66 12.34 -3.61 21.35
C SER A 66 12.72 -2.38 20.53
N GLY A 67 11.73 -1.77 19.90
CA GLY A 67 11.97 -0.60 19.08
C GLY A 67 12.14 -0.96 17.63
N ASN A 68 11.87 -2.21 17.31
CA ASN A 68 12.00 -2.70 15.94
C ASN A 68 10.82 -2.25 15.10
N VAL A 69 11.10 -1.89 13.85
CA VAL A 69 10.07 -1.48 12.92
C VAL A 69 9.61 -2.71 12.13
N GLU A 70 8.67 -3.44 12.72
CA GLU A 70 8.16 -4.68 12.13
C GLU A 70 7.56 -4.45 10.74
N ASP A 71 6.69 -3.45 10.63
CA ASP A 71 6.03 -3.16 9.37
C ASP A 71 6.36 -1.76 8.87
N ASP A 72 6.51 -1.65 7.56
CA ASP A 72 6.80 -0.37 6.90
C ASP A 72 6.35 -0.44 5.46
N LEU A 73 5.31 0.32 5.14
CA LEU A 73 4.79 0.34 3.77
C LEU A 73 4.74 1.76 3.23
N ILE A 74 4.85 1.87 1.92
CA ILE A 74 4.82 3.17 1.27
C ILE A 74 3.38 3.50 0.87
N ILE A 75 2.85 4.56 1.45
CA ILE A 75 1.48 4.96 1.19
C ILE A 75 1.37 5.96 0.05
N PHE A 76 0.36 5.78 -0.79
CA PHE A 76 0.11 6.67 -1.92
C PHE A 76 -1.37 7.03 -1.98
N PRO A 77 -1.69 8.27 -2.41
CA PRO A 77 -3.07 8.74 -2.52
C PRO A 77 -3.84 8.04 -3.64
N ASP A 78 -5.17 8.20 -3.64
CA ASP A 78 -6.03 7.60 -4.66
C ASP A 78 -6.00 6.07 -4.56
N ASP A 79 -5.61 5.56 -3.39
CA ASP A 79 -5.51 4.12 -3.19
C ASP A 79 -5.80 3.70 -1.76
N CYS A 80 -5.03 4.23 -0.83
CA CYS A 80 -5.16 3.86 0.58
C CYS A 80 -6.34 4.58 1.26
N GLU A 81 -7.09 3.84 2.07
CA GLU A 81 -8.23 4.40 2.78
C GLU A 81 -8.35 3.80 4.18
N PHE A 82 -8.24 4.65 5.19
CA PHE A 82 -8.34 4.22 6.58
C PHE A 82 -9.78 4.35 7.07
N LYS A 83 -10.26 3.36 7.80
CA LYS A 83 -11.63 3.37 8.31
C LYS A 83 -11.73 2.61 9.64
N ARG A 84 -12.88 2.73 10.30
CA ARG A 84 -13.11 2.06 11.57
C ARG A 84 -14.08 0.90 11.40
N VAL A 85 -13.96 -0.11 12.24
CA VAL A 85 -14.84 -1.27 12.20
C VAL A 85 -16.01 -1.04 13.16
N PRO A 86 -17.21 -0.72 12.62
CA PRO A 86 -18.38 -0.43 13.44
C PRO A 86 -19.07 -1.69 13.98
N GLN A 87 -18.65 -2.85 13.50
CA GLN A 87 -19.25 -4.11 13.93
C GLN A 87 -18.44 -4.74 15.05
N CYS A 88 -17.43 -4.01 15.54
CA CYS A 88 -16.61 -4.52 16.62
C CYS A 88 -17.12 -3.98 17.95
N PRO A 89 -17.35 -4.87 18.93
CA PRO A 89 -17.87 -4.49 20.26
C PRO A 89 -17.05 -3.39 20.94
N SER A 90 -15.73 -3.45 20.79
CA SER A 90 -14.86 -2.44 21.38
C SER A 90 -15.05 -1.09 20.69
N GLY A 91 -15.07 -1.14 19.35
CA GLY A 91 -15.26 0.07 18.58
C GLY A 91 -13.97 0.85 18.40
N ARG A 92 -12.89 0.34 18.95
CA ARG A 92 -11.58 1.00 18.85
C ARG A 92 -10.71 0.31 17.82
N VAL A 93 -11.30 -0.63 17.09
CA VAL A 93 -10.60 -1.36 16.06
C VAL A 93 -10.76 -0.66 14.71
N TYR A 94 -9.65 -0.24 14.15
CA TYR A 94 -9.64 0.44 12.87
C TYR A 94 -8.96 -0.45 11.83
N VAL A 95 -9.18 -0.16 10.56
CA VAL A 95 -8.59 -0.98 9.51
C VAL A 95 -8.14 -0.12 8.31
N LEU A 96 -6.94 -0.40 7.84
CA LEU A 96 -6.37 0.28 6.69
C LEU A 96 -6.48 -0.65 5.49
N LYS A 97 -7.22 -0.21 4.48
CA LYS A 97 -7.40 -1.03 3.29
C LYS A 97 -6.94 -0.30 2.03
N PHE A 98 -6.32 -1.05 1.14
CA PHE A 98 -5.86 -0.52 -0.13
C PHE A 98 -6.89 -0.85 -1.20
N LYS A 99 -7.14 0.07 -2.11
CA LYS A 99 -8.10 -0.16 -3.17
C LYS A 99 -7.45 -0.91 -4.34
N ALA A 100 -6.14 -0.84 -4.41
CA ALA A 100 -5.40 -1.52 -5.47
C ALA A 100 -4.87 -2.85 -4.98
N GLY A 101 -5.49 -3.93 -5.43
CA GLY A 101 -5.05 -5.26 -5.03
C GLY A 101 -5.88 -5.82 -3.90
N SER A 102 -5.21 -6.34 -2.88
CA SER A 102 -5.89 -6.93 -1.73
C SER A 102 -5.01 -6.85 -0.49
N LYS A 103 -5.28 -5.85 0.36
CA LYS A 103 -4.52 -5.67 1.59
C LYS A 103 -5.39 -5.04 2.67
N ARG A 104 -5.54 -5.75 3.78
CA ARG A 104 -6.36 -5.28 4.90
C ARG A 104 -5.57 -5.37 6.21
N LEU A 105 -5.18 -4.23 6.74
CA LEU A 105 -4.43 -4.19 7.99
C LEU A 105 -5.28 -3.64 9.13
N PHE A 106 -5.44 -4.43 10.18
CA PHE A 106 -6.25 -4.02 11.33
C PHE A 106 -5.38 -3.47 12.45
N PHE A 107 -5.85 -2.42 13.10
CA PHE A 107 -5.13 -1.79 14.21
C PHE A 107 -6.11 -1.37 15.30
N TRP A 108 -5.81 -1.71 16.54
CA TRP A 108 -6.67 -1.33 17.66
C TRP A 108 -5.99 -0.26 18.49
N MET A 109 -6.70 0.84 18.72
CA MET A 109 -6.18 1.98 19.48
C MET A 109 -5.70 1.58 20.87
N GLN A 110 -4.47 1.96 21.19
CA GLN A 110 -3.88 1.66 22.49
C GLN A 110 -3.79 2.92 23.34
N GLU A 111 -4.45 3.98 22.88
CA GLU A 111 -4.49 5.24 23.60
C GLU A 111 -5.45 5.13 24.79
N PRO A 112 -5.17 5.84 25.88
CA PRO A 112 -6.02 5.80 27.09
C PRO A 112 -7.42 6.35 26.87
N LYS A 113 -7.53 7.47 26.19
CA LYS A 113 -8.81 8.10 25.94
C LYS A 113 -9.33 7.78 24.54
N THR A 114 -10.63 7.91 24.36
CA THR A 114 -11.26 7.66 23.08
C THR A 114 -11.60 8.97 22.38
N ASP A 115 -11.34 10.08 23.07
CA ASP A 115 -11.63 11.41 22.57
C ASP A 115 -10.90 11.71 21.27
N GLN A 116 -9.65 11.26 21.17
CA GLN A 116 -8.86 11.52 19.98
C GLN A 116 -8.79 10.30 19.07
N ASP A 117 -9.70 9.35 19.27
CA ASP A 117 -9.73 8.14 18.45
C ASP A 117 -10.02 8.51 17.00
N GLU A 118 -11.12 9.23 16.80
CA GLU A 118 -11.52 9.66 15.47
C GLU A 118 -10.53 10.67 14.90
N GLU A 119 -10.01 11.53 15.77
CA GLU A 119 -9.04 12.54 15.35
C GLU A 119 -7.82 11.88 14.73
N HIS A 120 -7.29 10.86 15.40
CA HIS A 120 -6.13 10.14 14.90
C HIS A 120 -6.44 9.50 13.56
N CYS A 121 -7.63 8.90 13.46
CA CYS A 121 -8.07 8.25 12.23
C CYS A 121 -8.12 9.26 11.09
N ARG A 122 -8.73 10.41 11.36
CA ARG A 122 -8.86 11.47 10.37
C ARG A 122 -7.50 11.97 9.93
N LYS A 123 -6.63 12.29 10.89
CA LYS A 123 -5.30 12.78 10.60
C LYS A 123 -4.53 11.81 9.68
N VAL A 124 -4.70 10.52 9.93
CA VAL A 124 -4.05 9.51 9.12
C VAL A 124 -4.54 9.61 7.68
N ASN A 125 -5.85 9.61 7.51
CA ASN A 125 -6.48 9.71 6.19
C ASN A 125 -6.06 10.97 5.46
N GLU A 126 -6.03 12.09 6.18
CA GLU A 126 -5.67 13.37 5.61
C GLU A 126 -4.27 13.35 4.99
N TYR A 127 -3.28 12.97 5.78
CA TYR A 127 -1.89 12.94 5.32
C TYR A 127 -1.65 11.86 4.26
N LEU A 128 -2.30 10.72 4.38
CA LEU A 128 -2.12 9.62 3.44
C LEU A 128 -2.63 9.98 2.04
N ASN A 129 -3.71 10.74 1.97
CA ASN A 129 -4.28 11.11 0.67
C ASN A 129 -3.85 12.50 0.21
N ASN A 130 -3.40 13.33 1.14
CA ASN A 130 -2.97 14.68 0.78
C ASN A 130 -1.51 14.90 1.20
N ALA B 1 7.05 -22.14 -33.02
CA ALA B 1 7.77 -21.50 -31.91
C ALA B 1 6.81 -20.89 -30.90
N PRO B 2 6.47 -21.62 -29.83
CA PRO B 2 5.57 -21.13 -28.79
C PRO B 2 6.27 -20.19 -27.83
N ALA B 3 5.84 -18.95 -27.80
CA ALA B 3 6.43 -17.95 -26.92
C ALA B 3 5.52 -17.68 -25.72
N GLU B 4 4.73 -18.69 -25.36
CA GLU B 4 3.79 -18.61 -24.23
C GLU B 4 2.80 -17.46 -24.43
N PRO B 5 1.66 -17.75 -25.07
CA PRO B 5 0.62 -16.75 -25.37
C PRO B 5 -0.24 -16.41 -24.15
N LYS B 6 0.37 -16.45 -22.97
CA LYS B 6 -0.34 -16.12 -21.74
C LYS B 6 -0.35 -14.62 -21.54
N ILE B 7 -1.38 -13.98 -22.03
CA ILE B 7 -1.50 -12.53 -21.92
C ILE B 7 -2.26 -12.15 -20.66
N ILE B 8 -1.55 -11.54 -19.72
CA ILE B 8 -2.16 -11.12 -18.47
C ILE B 8 -2.56 -9.65 -18.54
N LYS B 9 -3.58 -9.28 -17.77
CA LYS B 9 -4.06 -7.91 -17.76
C LYS B 9 -3.52 -7.13 -16.56
N VAL B 10 -3.16 -5.89 -16.80
CA VAL B 10 -2.63 -5.04 -15.74
C VAL B 10 -3.39 -3.70 -15.72
N THR B 11 -4.14 -3.48 -14.64
CA THR B 11 -4.90 -2.25 -14.49
C THR B 11 -3.99 -1.16 -13.93
N VAL B 12 -3.73 -0.15 -14.74
CA VAL B 12 -2.85 0.94 -14.35
C VAL B 12 -3.63 2.20 -13.97
N LYS B 13 -3.41 2.65 -12.75
CA LYS B 13 -4.01 3.86 -12.23
C LYS B 13 -3.09 5.03 -12.56
N THR B 14 -3.65 6.10 -13.09
CA THR B 14 -2.85 7.24 -13.47
C THR B 14 -3.47 8.54 -12.98
N PRO B 15 -2.69 9.65 -12.99
CA PRO B 15 -3.20 10.97 -12.58
C PRO B 15 -4.14 11.52 -13.65
N LYS B 16 -5.11 10.71 -14.02
CA LYS B 16 -6.08 11.03 -15.05
C LYS B 16 -7.27 10.09 -14.93
N GLU B 17 -7.09 8.86 -15.40
CA GLU B 17 -8.13 7.84 -15.37
C GLU B 17 -7.53 6.47 -15.06
N LYS B 18 -8.27 5.42 -15.37
CA LYS B 18 -7.81 4.06 -15.13
C LYS B 18 -7.75 3.27 -16.44
N GLU B 19 -6.57 2.81 -16.81
CA GLU B 19 -6.41 2.06 -18.04
C GLU B 19 -5.97 0.63 -17.75
N GLU B 20 -6.00 -0.24 -18.76
CA GLU B 20 -5.60 -1.62 -18.57
C GLU B 20 -4.86 -2.13 -19.79
N PHE B 21 -3.61 -2.53 -19.58
CA PHE B 21 -2.78 -3.04 -20.66
C PHE B 21 -2.75 -4.57 -20.61
N ALA B 22 -2.23 -5.18 -21.67
CA ALA B 22 -2.14 -6.62 -21.73
C ALA B 22 -0.78 -7.06 -22.25
N VAL B 23 -0.01 -7.72 -21.40
CA VAL B 23 1.31 -8.19 -21.76
C VAL B 23 1.46 -9.67 -21.44
N PRO B 24 2.33 -10.38 -22.18
CA PRO B 24 2.56 -11.81 -21.95
C PRO B 24 3.26 -12.07 -20.63
N GLU B 25 2.94 -13.20 -20.02
CA GLU B 25 3.48 -13.62 -18.73
C GLU B 25 4.95 -14.05 -18.82
N ASN B 26 5.68 -13.54 -19.81
CA ASN B 26 7.08 -13.91 -19.97
C ASN B 26 7.92 -12.70 -20.38
N SER B 27 7.34 -11.51 -20.27
CA SER B 27 8.04 -10.29 -20.62
C SER B 27 8.70 -9.66 -19.39
N SER B 28 9.61 -8.72 -19.64
CA SER B 28 10.31 -8.03 -18.58
C SER B 28 9.63 -6.69 -18.30
N VAL B 29 10.04 -6.03 -17.23
CA VAL B 29 9.46 -4.74 -16.85
C VAL B 29 9.83 -3.65 -17.84
N GLN B 30 11.05 -3.72 -18.37
CA GLN B 30 11.54 -2.73 -19.33
C GLN B 30 10.58 -2.57 -20.51
N GLN B 31 10.15 -3.69 -21.07
CA GLN B 31 9.23 -3.70 -22.20
C GLN B 31 7.91 -3.04 -21.83
N PHE B 32 7.46 -3.27 -20.60
CA PHE B 32 6.20 -2.72 -20.13
C PHE B 32 6.32 -1.21 -19.92
N LYS B 33 7.39 -0.81 -19.24
CA LYS B 33 7.64 0.60 -18.96
C LYS B 33 7.75 1.40 -20.25
N GLU B 34 8.53 0.87 -21.19
CA GLU B 34 8.73 1.54 -22.47
C GLU B 34 7.41 1.69 -23.23
N ALA B 35 6.57 0.67 -23.14
CA ALA B 35 5.28 0.69 -23.80
C ALA B 35 4.43 1.84 -23.29
N ILE B 36 4.53 2.10 -21.99
CA ILE B 36 3.78 3.18 -21.36
C ILE B 36 4.23 4.54 -21.88
N SER B 37 5.55 4.72 -22.00
CA SER B 37 6.10 5.99 -22.48
C SER B 37 5.66 6.28 -23.91
N LYS B 38 5.34 5.23 -24.65
CA LYS B 38 4.93 5.38 -26.04
C LYS B 38 3.41 5.54 -26.14
N ARG B 39 2.67 4.65 -25.49
CA ARG B 39 1.21 4.69 -25.54
C ARG B 39 0.64 5.84 -24.71
N PHE B 40 0.95 5.83 -23.42
CA PHE B 40 0.46 6.87 -22.51
C PHE B 40 1.19 8.19 -22.74
N LYS B 41 2.43 8.09 -23.20
CA LYS B 41 3.26 9.26 -23.49
C LYS B 41 3.48 10.10 -22.23
N SER B 42 4.53 9.77 -21.49
CA SER B 42 4.84 10.50 -20.25
C SER B 42 6.34 10.46 -19.96
N GLN B 43 6.82 9.34 -19.42
CA GLN B 43 8.23 9.18 -19.08
C GLN B 43 8.59 7.69 -18.96
N THR B 44 9.85 7.41 -18.69
CA THR B 44 10.32 6.03 -18.56
C THR B 44 11.22 5.85 -17.34
N ASP B 45 12.19 6.76 -17.17
CA ASP B 45 13.12 6.69 -16.03
C ASP B 45 12.40 6.95 -14.71
N GLN B 46 11.65 8.04 -14.65
CA GLN B 46 10.92 8.39 -13.44
C GLN B 46 9.58 7.67 -13.38
N LEU B 47 9.32 6.82 -14.36
CA LEU B 47 8.09 6.06 -14.42
C LEU B 47 8.13 4.92 -13.41
N VAL B 48 7.40 5.07 -12.32
CA VAL B 48 7.39 4.08 -11.26
C VAL B 48 5.98 3.56 -10.99
N LEU B 49 5.83 2.25 -10.98
CA LEU B 49 4.54 1.62 -10.71
C LEU B 49 4.49 1.30 -9.22
N ILE B 50 3.29 1.20 -8.66
CA ILE B 50 3.12 0.92 -7.25
C ILE B 50 2.33 -0.38 -7.04
N PHE B 51 2.75 -1.15 -6.05
CA PHE B 51 2.11 -2.42 -5.73
C PHE B 51 1.47 -2.37 -4.33
N ALA B 52 0.75 -1.27 -4.05
CA ALA B 52 0.06 -1.07 -2.78
C ALA B 52 1.01 -1.22 -1.59
N GLY B 53 1.66 -0.13 -1.21
CA GLY B 53 2.58 -0.17 -0.08
C GLY B 53 4.01 -0.45 -0.48
N LYS B 54 4.23 -0.74 -1.75
CA LYS B 54 5.57 -1.02 -2.25
C LYS B 54 5.73 -0.54 -3.67
N ILE B 55 6.98 -0.31 -4.08
CA ILE B 55 7.27 0.15 -5.42
C ILE B 55 7.36 -1.02 -6.39
N LEU B 56 7.22 -0.72 -7.67
CA LEU B 56 7.28 -1.73 -8.71
C LEU B 56 7.92 -1.16 -9.98
N LYS B 57 9.17 -1.51 -10.22
CA LYS B 57 9.89 -1.03 -11.39
C LYS B 57 10.77 -2.14 -11.96
N ASP B 58 11.76 -1.77 -12.76
CA ASP B 58 12.66 -2.74 -13.38
C ASP B 58 13.68 -3.29 -12.38
N GLN B 59 13.33 -3.24 -11.09
CA GLN B 59 14.18 -3.75 -10.04
C GLN B 59 13.91 -5.23 -9.81
N ASP B 60 12.64 -5.60 -9.96
CA ASP B 60 12.23 -6.98 -9.81
C ASP B 60 11.50 -7.44 -11.06
N THR B 61 10.47 -8.28 -10.91
CA THR B 61 9.73 -8.78 -12.07
C THR B 61 8.23 -8.54 -11.92
N LEU B 62 7.65 -7.89 -12.93
CA LEU B 62 6.22 -7.58 -12.93
C LEU B 62 5.39 -8.84 -13.05
N ILE B 63 5.82 -9.77 -13.91
CA ILE B 63 5.08 -11.02 -14.12
C ILE B 63 5.30 -12.00 -12.97
N GLN B 64 6.11 -11.63 -12.00
CA GLN B 64 6.38 -12.51 -10.87
C GLN B 64 5.56 -12.13 -9.65
N HIS B 65 5.78 -10.95 -9.12
CA HIS B 65 5.06 -10.52 -7.93
C HIS B 65 4.08 -9.39 -8.24
N GLY B 66 4.39 -8.59 -9.25
CA GLY B 66 3.53 -7.47 -9.61
C GLY B 66 2.14 -7.89 -10.04
N ILE B 67 2.06 -8.52 -11.20
CA ILE B 67 0.77 -8.95 -11.73
C ILE B 67 0.73 -10.47 -11.83
N HIS B 68 -0.17 -11.09 -11.07
CA HIS B 68 -0.31 -12.53 -11.09
C HIS B 68 -1.36 -12.94 -12.13
N ASP B 69 -2.54 -12.36 -12.03
CA ASP B 69 -3.62 -12.66 -12.96
C ASP B 69 -4.42 -11.39 -13.28
N GLY B 70 -4.06 -10.30 -12.62
CA GLY B 70 -4.74 -9.05 -12.84
C GLY B 70 -4.84 -8.24 -11.57
N LEU B 71 -4.01 -7.21 -11.45
CA LEU B 71 -4.00 -6.38 -10.27
C LEU B 71 -3.97 -4.90 -10.63
N THR B 72 -4.25 -4.06 -9.65
CA THR B 72 -4.27 -2.62 -9.83
C THR B 72 -2.95 -1.99 -9.37
N VAL B 73 -2.29 -1.28 -10.27
CA VAL B 73 -1.03 -0.63 -9.95
C VAL B 73 -1.14 0.88 -10.16
N HIS B 74 -0.40 1.65 -9.37
CA HIS B 74 -0.43 3.11 -9.48
C HIS B 74 0.80 3.61 -10.22
N LEU B 75 0.62 4.59 -11.09
CA LEU B 75 1.73 5.16 -11.83
C LEU B 75 2.14 6.50 -11.22
N VAL B 76 3.34 6.56 -10.65
CA VAL B 76 3.84 7.78 -10.03
C VAL B 76 5.24 8.10 -10.53
N ILE B 77 5.78 9.24 -10.09
CA ILE B 77 7.11 9.66 -10.47
C ILE B 77 7.93 10.00 -9.22
N LYS B 78 8.42 8.97 -8.55
CA LYS B 78 9.18 9.16 -7.33
C LYS B 78 10.50 8.38 -7.39
N LYS A 21 11.75 13.18 12.44
CA LYS A 21 10.60 12.85 13.31
C LYS A 21 9.49 12.23 12.48
N TYR A 22 8.34 12.00 13.09
CA TYR A 22 7.19 11.42 12.40
C TYR A 22 6.09 12.45 12.27
N LEU A 23 5.21 12.24 11.30
CA LEU A 23 4.09 13.15 11.06
C LEU A 23 3.02 12.95 12.12
N VAL A 24 2.67 11.68 12.34
CA VAL A 24 1.67 11.30 13.33
C VAL A 24 2.07 9.98 13.95
N GLU A 25 1.98 9.88 15.26
CA GLU A 25 2.33 8.66 15.97
C GLU A 25 1.39 8.42 17.14
N PHE A 26 0.89 7.21 17.26
CA PHE A 26 -0.01 6.86 18.35
C PHE A 26 0.15 5.39 18.73
N ARG A 27 -0.38 5.03 19.89
CA ARG A 27 -0.29 3.67 20.37
C ARG A 27 -1.46 2.83 19.86
N ALA A 28 -1.16 1.86 19.03
CA ALA A 28 -2.19 0.99 18.46
C ALA A 28 -1.62 -0.39 18.18
N GLY A 29 -2.45 -1.40 18.31
CA GLY A 29 -2.01 -2.75 18.07
C GLY A 29 -2.34 -3.21 16.67
N LYS A 30 -1.52 -4.11 16.14
CA LYS A 30 -1.73 -4.62 14.79
C LYS A 30 -2.25 -6.05 14.83
N MET A 31 -2.56 -6.59 13.66
CA MET A 31 -3.06 -7.95 13.55
C MET A 31 -2.28 -8.70 12.48
N SER A 32 -2.29 -10.02 12.56
CA SER A 32 -1.57 -10.83 11.59
C SER A 32 -2.47 -11.95 11.06
N LEU A 33 -2.24 -12.37 9.82
CA LEU A 33 -3.04 -13.42 9.22
C LEU A 33 -2.42 -14.78 9.51
N LYS A 34 -2.84 -15.39 10.61
CA LYS A 34 -2.34 -16.70 10.99
C LYS A 34 -3.08 -17.79 10.24
N GLY A 35 -2.48 -18.28 9.16
CA GLY A 35 -3.10 -19.31 8.38
C GLY A 35 -4.26 -18.79 7.56
N THR A 36 -5.41 -18.64 8.21
CA THR A 36 -6.60 -18.13 7.57
C THR A 36 -7.46 -17.35 8.56
N THR A 37 -6.92 -17.12 9.75
CA THR A 37 -7.63 -16.40 10.78
C THR A 37 -6.82 -15.19 11.25
N VAL A 38 -7.41 -14.01 11.13
CA VAL A 38 -6.76 -12.78 11.55
C VAL A 38 -6.62 -12.76 13.07
N THR A 39 -5.38 -12.78 13.54
CA THR A 39 -5.10 -12.78 14.95
C THR A 39 -4.38 -11.50 15.38
N PRO A 40 -4.98 -10.74 16.32
CA PRO A 40 -4.37 -9.51 16.83
C PRO A 40 -3.18 -9.79 17.73
N ASP A 41 -2.19 -8.91 17.69
CA ASP A 41 -0.99 -9.07 18.51
C ASP A 41 -1.20 -8.35 19.84
N LYS A 42 -0.68 -8.93 20.91
CA LYS A 42 -0.84 -8.35 22.24
C LYS A 42 0.30 -7.40 22.58
N ARG A 43 1.30 -7.33 21.71
CA ARG A 43 2.44 -6.45 21.93
C ARG A 43 2.06 -4.99 21.77
N LYS A 44 2.75 -4.13 22.50
CA LYS A 44 2.52 -2.70 22.41
C LYS A 44 3.36 -2.13 21.28
N GLY A 45 2.70 -1.61 20.26
CA GLY A 45 3.42 -1.06 19.13
C GLY A 45 3.11 0.40 18.92
N LEU A 46 3.97 1.05 18.17
CA LEU A 46 3.81 2.46 17.86
C LEU A 46 3.55 2.65 16.38
N VAL A 47 2.37 3.15 16.05
CA VAL A 47 2.01 3.40 14.66
C VAL A 47 2.38 4.82 14.29
N TYR A 48 3.37 4.96 13.43
CA TYR A 48 3.83 6.28 13.01
C TYR A 48 4.01 6.37 11.51
N ILE A 49 3.97 7.58 11.01
CA ILE A 49 4.14 7.84 9.59
C ILE A 49 5.30 8.82 9.39
N GLN A 50 6.28 8.42 8.62
CA GLN A 50 7.45 9.25 8.37
C GLN A 50 7.60 9.54 6.88
N GLN A 51 8.35 10.58 6.55
CA GLN A 51 8.58 10.96 5.17
C GLN A 51 10.09 11.10 4.94
N THR A 52 10.61 10.32 4.00
CA THR A 52 12.03 10.34 3.70
C THR A 52 12.37 11.42 2.66
N ASP A 53 13.63 11.41 2.22
CA ASP A 53 14.10 12.38 1.22
C ASP A 53 13.52 12.07 -0.15
N ASP A 54 12.89 10.91 -0.27
CA ASP A 54 12.27 10.48 -1.52
C ASP A 54 10.87 11.06 -1.62
N SER A 55 10.45 11.75 -0.56
CA SER A 55 9.13 12.38 -0.48
C SER A 55 8.02 11.33 -0.41
N LEU A 56 8.40 10.09 -0.13
CA LEU A 56 7.44 9.00 -0.04
C LEU A 56 6.98 8.81 1.40
N ILE A 57 5.68 8.64 1.57
CA ILE A 57 5.08 8.44 2.88
C ILE A 57 5.35 7.02 3.38
N HIS A 58 6.01 6.90 4.52
CA HIS A 58 6.32 5.60 5.09
C HIS A 58 5.44 5.29 6.28
N PHE A 59 4.77 4.16 6.20
CA PHE A 59 3.91 3.68 7.27
C PHE A 59 4.58 2.48 7.92
N CYS A 60 5.15 2.67 9.09
CA CYS A 60 5.86 1.60 9.76
C CYS A 60 5.34 1.32 11.16
N TRP A 61 5.45 0.05 11.55
CA TRP A 61 5.04 -0.40 12.87
C TRP A 61 6.29 -0.82 13.64
N LYS A 62 6.55 -0.16 14.75
CA LYS A 62 7.73 -0.45 15.54
C LYS A 62 7.37 -1.05 16.90
N ASP A 63 8.05 -2.15 17.24
CA ASP A 63 7.84 -2.80 18.53
C ASP A 63 8.40 -1.90 19.62
N ARG A 64 7.63 -1.67 20.67
CA ARG A 64 8.06 -0.79 21.75
C ARG A 64 9.08 -1.42 22.69
N THR A 65 9.22 -2.73 22.64
CA THR A 65 10.15 -3.42 23.52
C THR A 65 11.51 -3.64 22.84
N SER A 66 11.50 -4.27 21.67
CA SER A 66 12.74 -4.53 20.96
C SER A 66 13.21 -3.29 20.21
N GLY A 67 12.26 -2.49 19.74
CA GLY A 67 12.58 -1.29 19.00
C GLY A 67 12.89 -1.59 17.55
N ASN A 68 12.31 -2.66 17.04
CA ASN A 68 12.52 -3.06 15.66
C ASN A 68 11.31 -2.73 14.81
N VAL A 69 11.54 -2.43 13.54
CA VAL A 69 10.47 -2.11 12.62
C VAL A 69 10.03 -3.37 11.89
N GLU A 70 8.94 -3.97 12.37
CA GLU A 70 8.43 -5.20 11.78
C GLU A 70 7.81 -4.96 10.41
N ASP A 71 7.00 -3.92 10.32
CA ASP A 71 6.31 -3.61 9.06
C ASP A 71 6.64 -2.18 8.64
N ASP A 72 6.87 -2.00 7.35
CA ASP A 72 7.19 -0.69 6.78
C ASP A 72 6.77 -0.65 5.32
N LEU A 73 5.73 0.12 5.02
CA LEU A 73 5.23 0.22 3.66
C LEU A 73 5.20 1.68 3.20
N ILE A 74 5.02 1.86 1.89
CA ILE A 74 4.97 3.18 1.29
C ILE A 74 3.55 3.53 0.89
N ILE A 75 3.03 4.62 1.43
CA ILE A 75 1.66 5.03 1.15
C ILE A 75 1.61 6.07 0.03
N PHE A 76 0.53 6.02 -0.76
CA PHE A 76 0.34 6.94 -1.89
C PHE A 76 -1.13 7.37 -1.96
N PRO A 77 -1.42 8.58 -2.47
CA PRO A 77 -2.79 9.07 -2.62
C PRO A 77 -3.57 8.27 -3.65
N ASP A 78 -4.90 8.39 -3.62
CA ASP A 78 -5.82 7.69 -4.54
C ASP A 78 -5.61 6.17 -4.45
N ASP A 79 -4.99 5.71 -3.37
CA ASP A 79 -4.72 4.29 -3.23
C ASP A 79 -4.87 3.78 -1.79
N CYS A 80 -5.31 4.64 -0.89
CA CYS A 80 -5.47 4.24 0.50
C CYS A 80 -6.73 4.83 1.13
N GLU A 81 -7.26 4.10 2.11
CA GLU A 81 -8.47 4.53 2.81
C GLU A 81 -8.46 3.99 4.25
N PHE A 82 -8.48 4.91 5.21
CA PHE A 82 -8.50 4.53 6.62
C PHE A 82 -9.88 4.83 7.18
N LYS A 83 -10.43 3.89 7.94
CA LYS A 83 -11.75 4.08 8.53
C LYS A 83 -11.94 3.17 9.74
N ARG A 84 -13.04 3.38 10.44
CA ARG A 84 -13.35 2.59 11.63
C ARG A 84 -14.39 1.52 11.30
N VAL A 85 -14.24 0.36 11.92
CA VAL A 85 -15.19 -0.74 11.70
C VAL A 85 -16.46 -0.46 12.49
N PRO A 86 -17.60 -0.26 11.80
CA PRO A 86 -18.88 0.02 12.45
C PRO A 86 -19.41 -1.16 13.25
N GLN A 87 -19.28 -2.36 12.69
CA GLN A 87 -19.75 -3.56 13.35
C GLN A 87 -18.67 -4.10 14.28
N CYS A 88 -18.56 -3.52 15.46
CA CYS A 88 -17.56 -3.92 16.44
C CYS A 88 -18.02 -3.62 17.85
N PRO A 89 -17.88 -4.59 18.78
CA PRO A 89 -18.28 -4.41 20.18
C PRO A 89 -17.55 -3.26 20.87
N SER A 90 -16.24 -3.21 20.71
CA SER A 90 -15.44 -2.15 21.34
C SER A 90 -15.62 -0.83 20.60
N GLY A 91 -15.64 -0.89 19.28
CA GLY A 91 -15.80 0.30 18.47
C GLY A 91 -14.51 1.09 18.38
N ARG A 92 -13.39 0.43 18.68
CA ARG A 92 -12.08 1.07 18.64
C ARG A 92 -11.18 0.40 17.63
N VAL A 93 -11.74 -0.52 16.86
CA VAL A 93 -10.99 -1.23 15.85
C VAL A 93 -11.08 -0.51 14.52
N TYR A 94 -9.95 -0.05 14.02
CA TYR A 94 -9.89 0.66 12.76
C TYR A 94 -9.29 -0.23 11.69
N VAL A 95 -9.55 0.07 10.44
CA VAL A 95 -9.02 -0.74 9.36
C VAL A 95 -8.46 0.12 8.23
N LEU A 96 -7.20 -0.14 7.90
CA LEU A 96 -6.54 0.55 6.82
C LEU A 96 -6.61 -0.33 5.58
N LYS A 97 -7.41 0.09 4.62
CA LYS A 97 -7.57 -0.68 3.40
C LYS A 97 -6.99 0.04 2.20
N PHE A 98 -6.22 -0.68 1.41
CA PHE A 98 -5.63 -0.12 0.21
C PHE A 98 -6.64 -0.19 -0.92
N LYS A 99 -6.46 0.64 -1.93
CA LYS A 99 -7.40 0.66 -3.06
C LYS A 99 -6.75 0.04 -4.30
N ALA A 100 -5.81 -0.85 -4.07
CA ALA A 100 -5.11 -1.55 -5.14
C ALA A 100 -4.84 -2.99 -4.76
N GLY A 101 -5.64 -3.90 -5.30
CA GLY A 101 -5.47 -5.30 -4.98
C GLY A 101 -6.18 -5.69 -3.70
N SER A 102 -5.58 -6.60 -2.96
CA SER A 102 -6.16 -7.06 -1.71
C SER A 102 -5.19 -6.82 -0.55
N LYS A 103 -5.49 -5.82 0.27
CA LYS A 103 -4.65 -5.49 1.42
C LYS A 103 -5.45 -4.77 2.49
N ARG A 104 -5.78 -5.49 3.56
CA ARG A 104 -6.55 -4.91 4.66
C ARG A 104 -5.81 -5.12 5.99
N LEU A 105 -5.52 -4.04 6.68
CA LEU A 105 -4.83 -4.12 7.97
C LEU A 105 -5.69 -3.52 9.07
N PHE A 106 -5.93 -4.31 10.12
CA PHE A 106 -6.73 -3.84 11.25
C PHE A 106 -5.85 -3.33 12.38
N PHE A 107 -6.20 -2.18 12.92
CA PHE A 107 -5.43 -1.58 14.00
C PHE A 107 -6.37 -1.12 15.11
N TRP A 108 -6.18 -1.64 16.31
CA TRP A 108 -7.02 -1.27 17.44
C TRP A 108 -6.32 -0.22 18.30
N MET A 109 -7.06 0.82 18.66
CA MET A 109 -6.52 1.91 19.47
C MET A 109 -6.15 1.45 20.87
N GLN A 110 -4.90 1.65 21.25
CA GLN A 110 -4.42 1.27 22.57
C GLN A 110 -4.48 2.48 23.51
N GLU A 111 -4.76 3.64 22.93
CA GLU A 111 -4.86 4.89 23.68
C GLU A 111 -5.91 4.80 24.79
N PRO A 112 -5.67 5.48 25.92
CA PRO A 112 -6.58 5.47 27.08
C PRO A 112 -7.99 6.01 26.77
N LYS A 113 -8.07 7.27 26.35
CA LYS A 113 -9.36 7.88 26.05
C LYS A 113 -9.80 7.63 24.62
N THR A 114 -11.10 7.78 24.37
CA THR A 114 -11.69 7.56 23.05
C THR A 114 -11.97 8.88 22.35
N ASP A 115 -11.58 9.99 22.99
CA ASP A 115 -11.82 11.32 22.44
C ASP A 115 -11.02 11.57 21.17
N GLN A 116 -9.75 11.18 21.20
CA GLN A 116 -8.87 11.41 20.05
C GLN A 116 -8.83 10.20 19.12
N ASP A 117 -9.73 9.24 19.34
CA ASP A 117 -9.80 8.06 18.49
C ASP A 117 -10.08 8.47 17.06
N GLU A 118 -11.20 9.17 16.89
CA GLU A 118 -11.62 9.65 15.58
C GLU A 118 -10.69 10.75 15.08
N GLU A 119 -10.12 11.52 16.01
CA GLU A 119 -9.21 12.60 15.66
C GLU A 119 -7.95 12.01 15.02
N HIS A 120 -7.47 10.90 15.58
CA HIS A 120 -6.29 10.22 15.05
C HIS A 120 -6.57 9.72 13.64
N CYS A 121 -7.74 9.10 13.46
CA CYS A 121 -8.14 8.58 12.16
C CYS A 121 -8.20 9.69 11.12
N ARG A 122 -8.74 10.83 11.51
CA ARG A 122 -8.85 11.98 10.63
C ARG A 122 -7.49 12.39 10.11
N LYS A 123 -6.53 12.55 11.03
CA LYS A 123 -5.18 12.96 10.66
C LYS A 123 -4.50 11.93 9.77
N VAL A 124 -4.76 10.65 10.01
CA VAL A 124 -4.18 9.59 9.21
C VAL A 124 -4.57 9.74 7.74
N ASN A 125 -5.87 9.88 7.49
CA ASN A 125 -6.37 10.03 6.14
C ASN A 125 -5.84 11.31 5.50
N GLU A 126 -5.75 12.36 6.29
CA GLU A 126 -5.26 13.65 5.81
C GLU A 126 -3.82 13.55 5.30
N TYR A 127 -2.93 13.08 6.17
CA TYR A 127 -1.51 12.98 5.83
C TYR A 127 -1.23 11.95 4.73
N LEU A 128 -2.10 10.97 4.56
CA LEU A 128 -1.87 9.93 3.57
C LEU A 128 -2.33 10.33 2.16
N ASN A 129 -3.47 11.01 2.06
CA ASN A 129 -3.98 11.39 0.74
C ASN A 129 -3.78 12.86 0.43
N ASN A 130 -3.50 13.66 1.44
CA ASN A 130 -3.31 15.09 1.26
C ASN A 130 -1.91 15.50 1.70
N ALA B 1 7.59 -21.70 -32.36
CA ALA B 1 8.24 -21.72 -31.03
C ALA B 1 7.36 -21.01 -30.00
N PRO B 2 6.90 -21.74 -28.99
CA PRO B 2 6.04 -21.18 -27.93
C PRO B 2 6.80 -20.20 -27.03
N ALA B 3 6.18 -19.08 -26.74
CA ALA B 3 6.78 -18.06 -25.89
C ALA B 3 5.86 -17.74 -24.71
N GLU B 4 5.27 -18.79 -24.15
CA GLU B 4 4.35 -18.66 -23.01
C GLU B 4 3.21 -17.70 -23.32
N PRO B 5 2.13 -18.19 -23.96
CA PRO B 5 0.97 -17.38 -24.33
C PRO B 5 0.07 -17.06 -23.13
N LYS B 6 0.70 -16.90 -21.97
CA LYS B 6 -0.02 -16.58 -20.75
C LYS B 6 -0.08 -15.07 -20.57
N ILE B 7 -1.01 -14.44 -21.26
CA ILE B 7 -1.17 -13.00 -21.20
C ILE B 7 -2.09 -12.61 -20.05
N ILE B 8 -1.55 -11.84 -19.12
CA ILE B 8 -2.31 -11.39 -17.95
C ILE B 8 -2.82 -9.97 -18.18
N LYS B 9 -3.64 -9.50 -17.24
CA LYS B 9 -4.22 -8.18 -17.34
C LYS B 9 -3.67 -7.25 -16.26
N VAL B 10 -3.10 -6.14 -16.69
CA VAL B 10 -2.55 -5.17 -15.75
C VAL B 10 -3.29 -3.83 -15.88
N THR B 11 -4.02 -3.47 -14.84
CA THR B 11 -4.77 -2.23 -14.84
C THR B 11 -3.95 -1.12 -14.18
N VAL B 12 -3.68 -0.07 -14.93
CA VAL B 12 -2.88 1.04 -14.43
C VAL B 12 -3.75 2.22 -14.01
N LYS B 13 -3.61 2.61 -12.74
CA LYS B 13 -4.35 3.74 -12.19
C LYS B 13 -3.54 5.01 -12.42
N THR B 14 -4.09 5.90 -13.21
CA THR B 14 -3.42 7.15 -13.56
C THR B 14 -4.24 8.33 -13.10
N PRO B 15 -3.62 9.53 -12.99
CA PRO B 15 -4.33 10.76 -12.61
C PRO B 15 -5.23 11.24 -13.75
N LYS B 16 -6.07 10.33 -14.22
CA LYS B 16 -6.97 10.60 -15.34
C LYS B 16 -7.97 9.46 -15.51
N GLU B 17 -7.45 8.27 -15.79
CA GLU B 17 -8.29 7.10 -16.01
C GLU B 17 -7.61 5.82 -15.50
N LYS B 18 -8.22 4.70 -15.80
CA LYS B 18 -7.71 3.40 -15.40
C LYS B 18 -7.61 2.50 -16.64
N GLU B 19 -6.51 2.65 -17.37
CA GLU B 19 -6.28 1.88 -18.58
C GLU B 19 -5.72 0.50 -18.27
N GLU B 20 -6.15 -0.51 -19.00
CA GLU B 20 -5.69 -1.87 -18.79
C GLU B 20 -4.88 -2.35 -19.99
N PHE B 21 -3.71 -2.91 -19.70
CA PHE B 21 -2.84 -3.41 -20.76
C PHE B 21 -2.74 -4.92 -20.71
N ALA B 22 -2.20 -5.51 -21.76
CA ALA B 22 -2.02 -6.94 -21.84
C ALA B 22 -0.55 -7.28 -21.96
N VAL B 23 -0.04 -8.08 -21.03
CA VAL B 23 1.36 -8.46 -21.03
C VAL B 23 1.53 -9.96 -20.81
N PRO B 24 2.50 -10.58 -21.49
CA PRO B 24 2.78 -12.00 -21.33
C PRO B 24 3.56 -12.28 -20.06
N GLU B 25 3.29 -13.42 -19.44
CA GLU B 25 3.96 -13.80 -18.20
C GLU B 25 5.40 -14.26 -18.43
N ASN B 26 6.15 -13.51 -19.22
CA ASN B 26 7.55 -13.83 -19.51
C ASN B 26 8.37 -12.57 -19.80
N SER B 27 7.74 -11.41 -19.66
CA SER B 27 8.43 -10.14 -19.91
C SER B 27 8.61 -9.38 -18.61
N SER B 28 9.70 -8.62 -18.50
CA SER B 28 9.99 -7.85 -17.31
C SER B 28 9.35 -6.46 -17.39
N VAL B 29 9.57 -5.66 -16.34
CA VAL B 29 9.02 -4.31 -16.26
C VAL B 29 9.61 -3.39 -17.34
N GLN B 30 10.85 -3.65 -17.73
CA GLN B 30 11.52 -2.84 -18.75
C GLN B 30 10.71 -2.81 -20.04
N GLN B 31 10.21 -3.97 -20.44
CA GLN B 31 9.40 -4.09 -21.65
C GLN B 31 8.09 -3.31 -21.49
N PHE B 32 7.51 -3.41 -20.30
CA PHE B 32 6.26 -2.75 -19.98
C PHE B 32 6.41 -1.22 -20.01
N LYS B 33 7.49 -0.74 -19.40
CA LYS B 33 7.77 0.70 -19.33
C LYS B 33 7.85 1.32 -20.72
N GLU B 34 8.59 0.67 -21.62
CA GLU B 34 8.76 1.16 -22.97
C GLU B 34 7.42 1.22 -23.71
N ALA B 35 6.56 0.27 -23.41
CA ALA B 35 5.24 0.22 -24.04
C ALA B 35 4.35 1.37 -23.56
N ILE B 36 4.36 1.62 -22.26
CA ILE B 36 3.55 2.69 -21.69
C ILE B 36 3.99 4.04 -22.23
N SER B 37 5.30 4.21 -22.38
CA SER B 37 5.86 5.45 -22.89
C SER B 37 5.47 5.70 -24.35
N LYS B 38 5.10 4.63 -25.06
CA LYS B 38 4.74 4.74 -26.46
C LYS B 38 3.23 4.92 -26.63
N ARG B 39 2.46 4.13 -25.88
CA ARG B 39 1.00 4.20 -25.96
C ARG B 39 0.45 5.41 -25.21
N PHE B 40 0.70 5.45 -23.90
CA PHE B 40 0.22 6.55 -23.06
C PHE B 40 1.00 7.82 -23.36
N LYS B 41 2.32 7.68 -23.44
CA LYS B 41 3.21 8.81 -23.72
C LYS B 41 3.10 9.88 -22.62
N SER B 42 3.75 9.63 -21.50
CA SER B 42 3.76 10.58 -20.39
C SER B 42 5.17 10.75 -19.85
N GLN B 43 5.79 9.65 -19.43
CA GLN B 43 7.14 9.66 -18.90
C GLN B 43 7.72 8.26 -18.96
N THR B 44 9.03 8.12 -18.79
CA THR B 44 9.66 6.82 -18.85
C THR B 44 10.50 6.53 -17.62
N ASP B 45 11.60 7.24 -17.46
CA ASP B 45 12.50 7.03 -16.32
C ASP B 45 11.85 7.42 -15.01
N GLN B 46 11.07 8.49 -15.02
CA GLN B 46 10.40 8.97 -13.82
C GLN B 46 9.04 8.29 -13.64
N LEU B 47 8.72 7.38 -14.54
CA LEU B 47 7.45 6.68 -14.47
C LEU B 47 7.60 5.41 -13.63
N VAL B 48 6.98 5.41 -12.45
CA VAL B 48 7.07 4.26 -11.56
C VAL B 48 5.69 3.71 -11.24
N LEU B 49 5.59 2.39 -11.19
CA LEU B 49 4.32 1.74 -10.88
C LEU B 49 4.31 1.35 -9.40
N ILE B 50 3.14 1.38 -8.79
CA ILE B 50 3.01 1.04 -7.37
C ILE B 50 2.01 -0.09 -7.18
N PHE B 51 2.32 -0.98 -6.24
CA PHE B 51 1.45 -2.09 -5.93
C PHE B 51 1.18 -2.14 -4.41
N ALA B 52 0.53 -1.09 -3.92
CA ALA B 52 0.16 -0.97 -2.51
C ALA B 52 1.38 -1.07 -1.59
N GLY B 53 2.08 0.03 -1.43
CA GLY B 53 3.25 0.04 -0.56
C GLY B 53 4.48 -0.58 -1.20
N LYS B 54 4.47 -0.73 -2.51
CA LYS B 54 5.58 -1.33 -3.22
C LYS B 54 5.89 -0.57 -4.50
N ILE B 55 7.14 -0.20 -4.70
CA ILE B 55 7.55 0.53 -5.90
C ILE B 55 8.06 -0.44 -6.97
N LEU B 56 7.38 -0.46 -8.11
CA LEU B 56 7.76 -1.34 -9.21
C LEU B 56 8.64 -0.60 -10.20
N LYS B 57 9.81 -1.17 -10.45
CA LYS B 57 10.76 -0.58 -11.36
C LYS B 57 11.47 -1.69 -12.14
N ASP B 58 12.63 -1.37 -12.69
CA ASP B 58 13.41 -2.35 -13.45
C ASP B 58 14.15 -3.30 -12.53
N GLN B 59 14.02 -3.07 -11.23
CA GLN B 59 14.68 -3.90 -10.24
C GLN B 59 13.86 -5.15 -9.93
N ASP B 60 12.54 -5.05 -10.09
CA ASP B 60 11.65 -6.18 -9.81
C ASP B 60 10.92 -6.60 -11.08
N THR B 61 10.03 -7.57 -10.95
CA THR B 61 9.29 -8.08 -12.10
C THR B 61 7.78 -8.01 -11.86
N LEU B 62 7.07 -7.40 -12.83
CA LEU B 62 5.62 -7.26 -12.75
C LEU B 62 4.94 -8.61 -12.68
N ILE B 63 5.35 -9.52 -13.56
CA ILE B 63 4.76 -10.86 -13.63
C ILE B 63 5.22 -11.78 -12.49
N GLN B 64 5.82 -11.19 -11.45
CA GLN B 64 6.30 -11.97 -10.32
C GLN B 64 5.57 -11.59 -9.03
N HIS B 65 5.49 -10.30 -8.74
CA HIS B 65 4.82 -9.84 -7.53
C HIS B 65 3.72 -8.83 -7.83
N GLY B 66 4.00 -7.93 -8.77
CA GLY B 66 3.03 -6.91 -9.14
C GLY B 66 1.70 -7.48 -9.59
N ILE B 67 1.72 -8.23 -10.68
CA ILE B 67 0.50 -8.82 -11.22
C ILE B 67 0.67 -10.32 -11.43
N HIS B 68 -0.22 -11.10 -10.81
CA HIS B 68 -0.18 -12.55 -10.97
C HIS B 68 -1.21 -12.99 -12.01
N ASP B 69 -2.24 -12.18 -12.18
CA ASP B 69 -3.30 -12.46 -13.13
C ASP B 69 -3.98 -11.17 -13.55
N GLY B 70 -4.49 -10.44 -12.57
CA GLY B 70 -5.15 -9.18 -12.83
C GLY B 70 -5.26 -8.34 -11.58
N LEU B 71 -4.49 -7.26 -11.51
CA LEU B 71 -4.50 -6.37 -10.35
C LEU B 71 -4.36 -4.92 -10.79
N THR B 72 -4.50 -4.00 -9.85
CA THR B 72 -4.39 -2.58 -10.14
C THR B 72 -3.10 -1.98 -9.58
N VAL B 73 -2.36 -1.27 -10.44
CA VAL B 73 -1.12 -0.62 -10.03
C VAL B 73 -1.27 0.90 -10.14
N HIS B 74 -0.51 1.63 -9.35
CA HIS B 74 -0.58 3.09 -9.37
C HIS B 74 0.55 3.70 -10.17
N LEU B 75 0.28 4.79 -10.85
CA LEU B 75 1.28 5.48 -11.65
C LEU B 75 1.79 6.72 -10.92
N VAL B 76 3.06 6.70 -10.54
CA VAL B 76 3.67 7.83 -9.86
C VAL B 76 4.84 8.36 -10.67
N ILE B 77 5.43 9.47 -10.20
CA ILE B 77 6.55 10.07 -10.92
C ILE B 77 7.66 10.49 -9.95
N LYS B 78 8.01 9.58 -9.05
CA LYS B 78 9.07 9.82 -8.08
C LYS B 78 10.03 8.64 -8.04
N LYS A 21 11.09 14.07 12.88
CA LYS A 21 9.92 13.72 13.69
C LYS A 21 8.87 13.02 12.84
N TYR A 22 7.78 12.61 13.49
CA TYR A 22 6.70 11.93 12.79
C TYR A 22 5.52 12.89 12.62
N LEU A 23 4.77 12.70 11.54
CA LEU A 23 3.61 13.55 11.28
C LEU A 23 2.47 13.15 12.21
N VAL A 24 2.31 11.84 12.38
CA VAL A 24 1.29 11.27 13.24
C VAL A 24 1.92 10.18 14.11
N GLU A 25 1.53 10.10 15.38
CA GLU A 25 2.08 9.10 16.28
C GLU A 25 1.08 8.75 17.37
N PHE A 26 0.80 7.46 17.51
CA PHE A 26 -0.13 6.98 18.53
C PHE A 26 0.09 5.50 18.81
N ARG A 27 -0.33 5.05 19.97
CA ARG A 27 -0.19 3.66 20.35
C ARG A 27 -1.33 2.83 19.77
N ALA A 28 -0.98 1.78 19.04
CA ALA A 28 -1.97 0.91 18.42
C ALA A 28 -1.40 -0.48 18.21
N GLY A 29 -2.26 -1.48 18.34
CA GLY A 29 -1.83 -2.85 18.16
C GLY A 29 -2.07 -3.35 16.74
N LYS A 30 -1.23 -4.27 16.30
CA LYS A 30 -1.35 -4.81 14.95
C LYS A 30 -2.01 -6.19 15.00
N MET A 31 -2.40 -6.69 13.83
CA MET A 31 -3.02 -8.00 13.75
C MET A 31 -2.27 -8.87 12.75
N SER A 32 -2.19 -10.16 13.05
CA SER A 32 -1.48 -11.09 12.19
C SER A 32 -2.44 -12.15 11.64
N LEU A 33 -2.30 -12.45 10.36
CA LEU A 33 -3.15 -13.44 9.72
C LEU A 33 -2.49 -14.81 9.75
N LYS A 34 -2.89 -15.65 10.69
CA LYS A 34 -2.33 -16.99 10.81
C LYS A 34 -3.13 -17.98 9.97
N GLY A 35 -2.65 -18.26 8.77
CA GLY A 35 -3.32 -19.19 7.89
C GLY A 35 -4.57 -18.61 7.27
N THR A 36 -5.61 -18.47 8.08
CA THR A 36 -6.88 -17.92 7.63
C THR A 36 -7.61 -17.25 8.79
N THR A 37 -6.91 -17.06 9.89
CA THR A 37 -7.50 -16.44 11.08
C THR A 37 -6.75 -15.17 11.47
N VAL A 38 -7.48 -14.07 11.64
CA VAL A 38 -6.89 -12.81 12.02
C VAL A 38 -6.71 -12.76 13.54
N THR A 39 -5.47 -12.87 13.97
CA THR A 39 -5.15 -12.87 15.40
C THR A 39 -4.41 -11.59 15.79
N PRO A 40 -5.05 -10.74 16.62
CA PRO A 40 -4.44 -9.49 17.10
C PRO A 40 -3.21 -9.76 17.95
N ASP A 41 -2.17 -8.95 17.77
CA ASP A 41 -0.94 -9.09 18.53
C ASP A 41 -1.13 -8.61 19.96
N LYS A 42 -0.41 -9.21 20.89
CA LYS A 42 -0.54 -8.85 22.30
C LYS A 42 0.63 -7.99 22.76
N ARG A 43 1.24 -7.27 21.83
CA ARG A 43 2.35 -6.40 22.14
C ARG A 43 1.95 -4.93 22.08
N LYS A 44 2.74 -4.11 22.73
CA LYS A 44 2.51 -2.67 22.74
C LYS A 44 3.21 -2.09 21.52
N GLY A 45 2.47 -1.42 20.65
CA GLY A 45 3.07 -0.89 19.46
C GLY A 45 2.81 0.60 19.25
N LEU A 46 3.67 1.21 18.47
CA LEU A 46 3.56 2.62 18.16
C LEU A 46 3.42 2.81 16.66
N VAL A 47 2.30 3.38 16.24
CA VAL A 47 2.05 3.63 14.83
C VAL A 47 2.38 5.07 14.50
N TYR A 48 3.22 5.28 13.50
CA TYR A 48 3.60 6.63 13.13
C TYR A 48 3.72 6.78 11.61
N ILE A 49 3.58 8.01 11.15
CA ILE A 49 3.69 8.33 9.73
C ILE A 49 4.88 9.26 9.54
N GLN A 50 5.83 8.85 8.71
CA GLN A 50 7.03 9.65 8.48
C GLN A 50 7.28 9.86 6.99
N GLN A 51 7.78 11.05 6.64
CA GLN A 51 8.10 11.37 5.26
C GLN A 51 9.58 11.69 5.16
N THR A 52 10.29 10.99 4.29
CA THR A 52 11.73 11.18 4.15
C THR A 52 12.07 12.00 2.90
N ASP A 53 13.36 12.00 2.52
CA ASP A 53 13.84 12.73 1.34
C ASP A 53 13.28 12.13 0.07
N ASP A 54 12.88 10.87 0.15
CA ASP A 54 12.31 10.16 -0.98
C ASP A 54 10.96 10.75 -1.35
N SER A 55 10.44 11.61 -0.46
CA SER A 55 9.17 12.29 -0.65
C SER A 55 8.03 11.28 -0.68
N LEU A 56 8.24 10.16 0.00
CA LEU A 56 7.25 9.11 0.08
C LEU A 56 6.77 8.96 1.52
N ILE A 57 5.47 8.77 1.68
CA ILE A 57 4.88 8.59 3.00
C ILE A 57 5.13 7.19 3.51
N HIS A 58 5.80 7.07 4.65
CA HIS A 58 6.12 5.77 5.22
C HIS A 58 5.25 5.49 6.44
N PHE A 59 4.47 4.41 6.34
CA PHE A 59 3.62 3.96 7.42
C PHE A 59 4.30 2.77 8.08
N CYS A 60 4.86 2.98 9.26
CA CYS A 60 5.58 1.91 9.93
C CYS A 60 5.03 1.60 11.32
N TRP A 61 5.20 0.35 11.73
CA TRP A 61 4.77 -0.11 13.04
C TRP A 61 6.00 -0.43 13.87
N LYS A 62 6.15 0.23 14.99
CA LYS A 62 7.32 0.04 15.84
C LYS A 62 6.98 -0.71 17.12
N ASP A 63 7.78 -1.73 17.42
CA ASP A 63 7.62 -2.51 18.64
C ASP A 63 8.12 -1.67 19.81
N ARG A 64 7.29 -1.48 20.83
CA ARG A 64 7.65 -0.63 21.96
C ARG A 64 8.60 -1.28 22.96
N THR A 65 8.89 -2.56 22.81
CA THR A 65 9.78 -3.24 23.74
C THR A 65 11.20 -3.31 23.18
N SER A 66 11.33 -3.69 21.92
CA SER A 66 12.63 -3.80 21.28
C SER A 66 13.01 -2.50 20.61
N GLY A 67 12.01 -1.77 20.12
CA GLY A 67 12.26 -0.52 19.45
C GLY A 67 12.57 -0.74 17.98
N ASN A 68 12.18 -1.90 17.48
CA ASN A 68 12.43 -2.25 16.09
C ASN A 68 11.18 -2.04 15.25
N VAL A 69 11.38 -1.75 13.97
CA VAL A 69 10.27 -1.54 13.06
C VAL A 69 9.93 -2.85 12.35
N GLU A 70 8.73 -3.35 12.58
CA GLU A 70 8.30 -4.60 11.96
C GLU A 70 7.80 -4.37 10.54
N ASP A 71 6.81 -3.52 10.42
CA ASP A 71 6.21 -3.25 9.11
C ASP A 71 6.53 -1.84 8.63
N ASP A 72 6.78 -1.71 7.33
CA ASP A 72 7.07 -0.43 6.70
C ASP A 72 6.41 -0.39 5.33
N LEU A 73 5.38 0.44 5.19
CA LEU A 73 4.65 0.55 3.93
C LEU A 73 4.74 1.96 3.38
N ILE A 74 4.81 2.05 2.06
CA ILE A 74 4.87 3.35 1.39
C ILE A 74 3.47 3.70 0.87
N ILE A 75 2.88 4.72 1.46
CA ILE A 75 1.52 5.12 1.09
C ILE A 75 1.50 6.18 -0.02
N PHE A 76 0.45 6.12 -0.84
CA PHE A 76 0.25 7.04 -1.95
C PHE A 76 -1.21 7.46 -2.04
N PRO A 77 -1.49 8.64 -2.61
CA PRO A 77 -2.86 9.14 -2.79
C PRO A 77 -3.63 8.29 -3.79
N ASP A 78 -4.96 8.39 -3.76
CA ASP A 78 -5.85 7.61 -4.66
C ASP A 78 -5.50 6.12 -4.61
N ASP A 79 -4.93 5.67 -3.49
CA ASP A 79 -4.54 4.27 -3.38
C ASP A 79 -4.74 3.70 -1.99
N CYS A 80 -5.01 4.53 -1.00
CA CYS A 80 -5.22 4.05 0.36
C CYS A 80 -6.42 4.71 1.02
N GLU A 81 -7.00 4.03 2.01
CA GLU A 81 -8.16 4.55 2.71
C GLU A 81 -8.24 3.97 4.12
N PHE A 82 -8.29 4.84 5.12
CA PHE A 82 -8.38 4.42 6.51
C PHE A 82 -9.79 4.65 7.04
N LYS A 83 -10.32 3.70 7.81
CA LYS A 83 -11.65 3.82 8.37
C LYS A 83 -11.80 2.98 9.63
N ARG A 84 -12.93 3.15 10.32
CA ARG A 84 -13.20 2.43 11.55
C ARG A 84 -14.27 1.37 11.31
N VAL A 85 -14.15 0.23 11.99
CA VAL A 85 -15.11 -0.86 11.86
C VAL A 85 -16.31 -0.62 12.77
N PRO A 86 -17.49 -0.36 12.18
CA PRO A 86 -18.71 -0.11 12.95
C PRO A 86 -19.37 -1.39 13.44
N GLN A 87 -18.86 -2.53 12.99
CA GLN A 87 -19.39 -3.83 13.41
C GLN A 87 -18.60 -4.38 14.58
N CYS A 88 -17.66 -3.58 15.08
CA CYS A 88 -16.84 -3.98 16.21
C CYS A 88 -17.54 -3.64 17.52
N PRO A 89 -17.60 -4.60 18.47
CA PRO A 89 -18.25 -4.39 19.77
C PRO A 89 -17.60 -3.24 20.56
N SER A 90 -16.28 -3.22 20.58
CA SER A 90 -15.54 -2.17 21.28
C SER A 90 -15.59 -0.87 20.49
N GLY A 91 -15.46 -1.00 19.19
CA GLY A 91 -15.50 0.17 18.32
C GLY A 91 -14.16 0.89 18.23
N ARG A 92 -13.12 0.25 18.74
CA ARG A 92 -11.79 0.84 18.71
C ARG A 92 -10.91 0.15 17.67
N VAL A 93 -11.50 -0.75 16.91
CA VAL A 93 -10.80 -1.48 15.87
C VAL A 93 -10.91 -0.73 14.55
N TYR A 94 -9.77 -0.29 14.05
CA TYR A 94 -9.72 0.44 12.79
C TYR A 94 -9.13 -0.46 11.71
N VAL A 95 -9.43 -0.15 10.45
CA VAL A 95 -8.94 -0.96 9.35
C VAL A 95 -8.43 -0.09 8.19
N LEU A 96 -7.25 -0.41 7.71
CA LEU A 96 -6.64 0.28 6.60
C LEU A 96 -6.80 -0.58 5.35
N LYS A 97 -7.52 -0.06 4.36
CA LYS A 97 -7.74 -0.80 3.14
C LYS A 97 -7.00 -0.17 1.96
N PHE A 98 -6.39 -1.01 1.15
CA PHE A 98 -5.65 -0.55 -0.01
C PHE A 98 -6.54 -0.59 -1.24
N LYS A 99 -6.38 0.40 -2.12
CA LYS A 99 -7.17 0.47 -3.34
C LYS A 99 -6.40 -0.17 -4.49
N ALA A 100 -5.20 -0.64 -4.20
CA ALA A 100 -4.37 -1.29 -5.19
C ALA A 100 -4.32 -2.79 -4.92
N GLY A 101 -5.20 -3.52 -5.58
CA GLY A 101 -5.25 -4.96 -5.39
C GLY A 101 -6.14 -5.34 -4.23
N SER A 102 -5.61 -6.10 -3.28
CA SER A 102 -6.37 -6.53 -2.12
C SER A 102 -5.48 -6.65 -0.88
N LYS A 103 -5.75 -5.82 0.12
CA LYS A 103 -4.99 -5.84 1.37
C LYS A 103 -5.78 -5.14 2.48
N ARG A 104 -5.91 -5.81 3.61
CA ARG A 104 -6.64 -5.28 4.75
C ARG A 104 -5.81 -5.38 6.02
N LEU A 105 -5.54 -4.26 6.64
CA LEU A 105 -4.76 -4.23 7.87
C LEU A 105 -5.62 -3.68 9.02
N PHE A 106 -5.71 -4.44 10.09
CA PHE A 106 -6.49 -4.03 11.25
C PHE A 106 -5.60 -3.56 12.38
N PHE A 107 -5.91 -2.39 12.93
CA PHE A 107 -5.15 -1.82 14.02
C PHE A 107 -6.09 -1.28 15.09
N TRP A 108 -5.92 -1.74 16.32
CA TRP A 108 -6.76 -1.28 17.42
C TRP A 108 -6.02 -0.25 18.25
N MET A 109 -6.73 0.82 18.60
CA MET A 109 -6.16 1.91 19.39
C MET A 109 -5.77 1.45 20.79
N GLN A 110 -4.55 1.75 21.20
CA GLN A 110 -4.04 1.38 22.52
C GLN A 110 -4.00 2.60 23.43
N GLU A 111 -4.51 3.73 22.92
CA GLU A 111 -4.54 4.97 23.68
C GLU A 111 -5.52 4.84 24.84
N PRO A 112 -5.24 5.51 25.97
CA PRO A 112 -6.07 5.46 27.18
C PRO A 112 -7.57 5.72 26.93
N LYS A 113 -7.90 6.85 26.33
CA LYS A 113 -9.29 7.19 26.08
C LYS A 113 -9.59 7.24 24.59
N THR A 114 -10.87 7.33 24.26
CA THR A 114 -11.33 7.38 22.87
C THR A 114 -11.50 8.83 22.41
N ASP A 115 -11.05 9.75 23.25
CA ASP A 115 -11.17 11.19 22.99
C ASP A 115 -10.54 11.60 21.67
N GLN A 116 -9.33 11.15 21.40
CA GLN A 116 -8.63 11.51 20.18
C GLN A 116 -8.56 10.35 19.19
N ASP A 117 -9.41 9.36 19.37
CA ASP A 117 -9.43 8.21 18.48
C ASP A 117 -9.79 8.64 17.07
N GLU A 118 -10.88 9.40 16.96
CA GLU A 118 -11.33 9.89 15.67
C GLU A 118 -10.36 10.92 15.11
N GLU A 119 -9.77 11.71 16.00
CA GLU A 119 -8.82 12.73 15.59
C GLU A 119 -7.60 12.08 14.94
N HIS A 120 -7.13 10.99 15.55
CA HIS A 120 -5.99 10.25 15.02
C HIS A 120 -6.33 9.67 13.66
N CYS A 121 -7.52 9.09 13.56
CA CYS A 121 -7.99 8.50 12.31
C CYS A 121 -8.08 9.55 11.22
N ARG A 122 -8.51 10.76 11.60
CA ARG A 122 -8.64 11.86 10.68
C ARG A 122 -7.27 12.30 10.16
N LYS A 123 -6.35 12.56 11.08
CA LYS A 123 -5.00 12.99 10.71
C LYS A 123 -4.33 11.95 9.81
N VAL A 124 -4.54 10.68 10.13
CA VAL A 124 -3.97 9.59 9.33
C VAL A 124 -4.52 9.66 7.91
N ASN A 125 -5.84 9.81 7.81
CA ASN A 125 -6.50 9.88 6.51
C ASN A 125 -6.00 11.08 5.71
N GLU A 126 -5.75 12.18 6.41
CA GLU A 126 -5.28 13.40 5.78
C GLU A 126 -3.87 13.24 5.23
N TYR A 127 -2.94 12.83 6.07
CA TYR A 127 -1.53 12.68 5.67
C TYR A 127 -1.34 11.56 4.64
N LEU A 128 -2.28 10.64 4.54
CA LEU A 128 -2.16 9.54 3.59
C LEU A 128 -2.88 9.85 2.27
N ASN A 129 -3.35 11.09 2.13
CA ASN A 129 -4.07 11.47 0.91
C ASN A 129 -3.70 12.87 0.43
N ASN A 130 -3.59 13.82 1.36
CA ASN A 130 -3.26 15.19 1.01
C ASN A 130 -1.85 15.54 1.44
N ALA B 1 7.72 -21.95 -33.10
CA ALA B 1 8.41 -21.72 -31.80
C ALA B 1 7.44 -21.13 -30.78
N PRO B 2 7.06 -21.92 -29.76
CA PRO B 2 6.14 -21.45 -28.72
C PRO B 2 6.72 -20.33 -27.88
N ALA B 3 6.02 -19.20 -27.86
CA ALA B 3 6.45 -18.04 -27.10
C ALA B 3 5.60 -17.86 -25.85
N GLU B 4 4.81 -18.91 -25.56
CA GLU B 4 3.90 -18.93 -24.42
C GLU B 4 2.79 -17.90 -24.59
N PRO B 5 1.59 -18.36 -25.01
CA PRO B 5 0.45 -17.48 -25.23
C PRO B 5 -0.25 -17.10 -23.92
N LYS B 6 0.55 -16.81 -22.90
CA LYS B 6 0.02 -16.43 -21.60
C LYS B 6 0.02 -14.91 -21.48
N ILE B 7 -1.17 -14.33 -21.48
CA ILE B 7 -1.30 -12.88 -21.38
C ILE B 7 -2.05 -12.49 -20.11
N ILE B 8 -1.42 -11.67 -19.27
CA ILE B 8 -2.03 -11.22 -18.03
C ILE B 8 -2.65 -9.85 -18.20
N LYS B 9 -3.43 -9.42 -17.21
CA LYS B 9 -4.09 -8.12 -17.26
C LYS B 9 -3.57 -7.20 -16.17
N VAL B 10 -2.90 -6.14 -16.58
CA VAL B 10 -2.36 -5.17 -15.64
C VAL B 10 -3.12 -3.85 -15.75
N THR B 11 -3.92 -3.57 -14.73
CA THR B 11 -4.69 -2.34 -14.70
C THR B 11 -3.86 -1.23 -14.07
N VAL B 12 -3.56 -0.21 -14.84
CA VAL B 12 -2.75 0.90 -14.37
C VAL B 12 -3.60 2.12 -14.01
N LYS B 13 -3.48 2.55 -12.76
CA LYS B 13 -4.19 3.71 -12.27
C LYS B 13 -3.33 4.95 -12.50
N THR B 14 -3.85 5.88 -13.28
CA THR B 14 -3.12 7.09 -13.59
C THR B 14 -3.93 8.31 -13.19
N PRO B 15 -3.30 9.49 -13.07
CA PRO B 15 -3.99 10.73 -12.74
C PRO B 15 -4.81 11.20 -13.93
N LYS B 16 -5.63 10.29 -14.43
CA LYS B 16 -6.46 10.54 -15.60
C LYS B 16 -7.58 9.51 -15.66
N GLU B 17 -7.23 8.30 -16.12
CA GLU B 17 -8.18 7.20 -16.25
C GLU B 17 -7.56 5.91 -15.73
N LYS B 18 -8.25 4.81 -15.95
CA LYS B 18 -7.80 3.50 -15.52
C LYS B 18 -7.72 2.56 -16.72
N GLU B 19 -6.56 2.50 -17.35
CA GLU B 19 -6.35 1.66 -18.52
C GLU B 19 -5.80 0.30 -18.12
N GLU B 20 -6.19 -0.73 -18.87
CA GLU B 20 -5.72 -2.08 -18.61
C GLU B 20 -4.88 -2.57 -19.77
N PHE B 21 -3.63 -2.87 -19.50
CA PHE B 21 -2.71 -3.34 -20.52
C PHE B 21 -2.60 -4.86 -20.48
N ALA B 22 -2.42 -5.44 -21.65
CA ALA B 22 -2.28 -6.88 -21.78
C ALA B 22 -0.85 -7.23 -22.18
N VAL B 23 -0.12 -7.83 -21.26
CA VAL B 23 1.26 -8.20 -21.51
C VAL B 23 1.49 -9.69 -21.27
N PRO B 24 2.47 -10.29 -21.95
CA PRO B 24 2.79 -11.71 -21.81
C PRO B 24 3.41 -12.05 -20.46
N GLU B 25 3.23 -13.29 -20.05
CA GLU B 25 3.74 -13.79 -18.77
C GLU B 25 5.26 -14.00 -18.81
N ASN B 26 5.86 -13.77 -19.97
CA ASN B 26 7.30 -13.93 -20.13
C ASN B 26 7.97 -12.59 -20.44
N SER B 27 7.24 -11.51 -20.22
CA SER B 27 7.78 -10.18 -20.49
C SER B 27 8.41 -9.59 -19.23
N SER B 28 9.25 -8.59 -19.42
CA SER B 28 9.92 -7.92 -18.30
C SER B 28 9.21 -6.61 -17.98
N VAL B 29 9.75 -5.85 -17.04
CA VAL B 29 9.15 -4.59 -16.65
C VAL B 29 9.72 -3.44 -17.46
N GLN B 30 10.97 -3.58 -17.89
CA GLN B 30 11.63 -2.54 -18.68
C GLN B 30 10.84 -2.24 -19.95
N GLN B 31 10.49 -3.28 -20.69
CA GLN B 31 9.71 -3.13 -21.91
C GLN B 31 8.32 -2.60 -21.59
N PHE B 32 7.79 -2.99 -20.44
CA PHE B 32 6.47 -2.56 -19.99
C PHE B 32 6.45 -1.05 -19.78
N LYS B 33 7.50 -0.53 -19.13
CA LYS B 33 7.60 0.90 -18.88
C LYS B 33 7.64 1.66 -20.20
N GLU B 34 8.48 1.18 -21.11
CA GLU B 34 8.62 1.80 -22.42
C GLU B 34 7.31 1.75 -23.20
N ALA B 35 6.59 0.65 -23.06
CA ALA B 35 5.31 0.48 -23.74
C ALA B 35 4.32 1.55 -23.30
N ILE B 36 4.31 1.85 -22.01
CA ILE B 36 3.40 2.85 -21.47
C ILE B 36 3.78 4.25 -22.00
N SER B 37 5.07 4.47 -22.20
CA SER B 37 5.56 5.74 -22.70
C SER B 37 5.12 5.96 -24.15
N LYS B 38 4.89 4.87 -24.87
CA LYS B 38 4.47 4.95 -26.26
C LYS B 38 2.95 5.07 -26.36
N ARG B 39 2.24 4.48 -25.41
CA ARG B 39 0.79 4.51 -25.41
C ARG B 39 0.25 5.76 -24.72
N PHE B 40 0.65 5.98 -23.48
CA PHE B 40 0.20 7.13 -22.72
C PHE B 40 1.00 8.38 -23.10
N LYS B 41 2.29 8.19 -23.34
CA LYS B 41 3.19 9.28 -23.71
C LYS B 41 3.32 10.29 -22.58
N SER B 42 4.17 9.97 -21.62
CA SER B 42 4.40 10.85 -20.47
C SER B 42 5.86 10.78 -20.01
N GLN B 43 6.28 9.61 -19.53
CA GLN B 43 7.66 9.40 -19.07
C GLN B 43 8.02 7.92 -19.13
N THR B 44 9.30 7.61 -18.92
CA THR B 44 9.76 6.22 -18.96
C THR B 44 10.62 5.87 -17.74
N ASP B 45 11.70 6.61 -17.54
CA ASP B 45 12.62 6.35 -16.44
C ASP B 45 12.00 6.69 -15.09
N GLN B 46 11.44 7.89 -14.99
CA GLN B 46 10.82 8.34 -13.74
C GLN B 46 9.45 7.70 -13.55
N LEU B 47 9.02 6.95 -14.56
CA LEU B 47 7.74 6.27 -14.51
C LEU B 47 7.83 5.05 -13.60
N VAL B 48 7.21 5.14 -12.44
CA VAL B 48 7.25 4.05 -11.48
C VAL B 48 5.85 3.51 -11.17
N LEU B 49 5.73 2.19 -11.12
CA LEU B 49 4.48 1.54 -10.81
C LEU B 49 4.46 1.19 -9.33
N ILE B 50 3.29 1.19 -8.73
CA ILE B 50 3.15 0.88 -7.30
C ILE B 50 2.11 -0.19 -7.07
N PHE B 51 2.47 -1.19 -6.28
CA PHE B 51 1.56 -2.27 -5.96
C PHE B 51 1.40 -2.40 -4.44
N ALA B 52 0.60 -1.50 -3.87
CA ALA B 52 0.31 -1.50 -2.44
C ALA B 52 1.58 -1.29 -1.60
N GLY B 53 2.01 -0.05 -1.51
CA GLY B 53 3.20 0.28 -0.73
C GLY B 53 4.44 -0.47 -1.17
N LYS B 54 4.64 -0.60 -2.48
CA LYS B 54 5.81 -1.29 -2.99
C LYS B 54 6.23 -0.72 -4.34
N ILE B 55 7.52 -0.39 -4.45
CA ILE B 55 8.08 0.17 -5.67
C ILE B 55 8.21 -0.90 -6.76
N LEU B 56 7.41 -0.76 -7.81
CA LEU B 56 7.45 -1.68 -8.93
C LEU B 56 8.24 -1.05 -10.07
N LYS B 57 9.41 -1.58 -10.34
CA LYS B 57 10.25 -1.05 -11.41
C LYS B 57 10.93 -2.18 -12.17
N ASP B 58 11.91 -1.82 -12.97
CA ASP B 58 12.65 -2.79 -13.77
C ASP B 58 13.63 -3.57 -12.91
N GLN B 59 13.62 -3.34 -11.61
CA GLN B 59 14.49 -4.03 -10.68
C GLN B 59 13.91 -5.39 -10.32
N ASP B 60 12.59 -5.47 -10.25
CA ASP B 60 11.90 -6.71 -9.91
C ASP B 60 11.16 -7.26 -11.12
N THR B 61 10.22 -8.16 -10.90
CA THR B 61 9.45 -8.74 -11.98
C THR B 61 7.95 -8.55 -11.75
N LEU B 62 7.30 -7.93 -12.73
CA LEU B 62 5.87 -7.65 -12.66
C LEU B 62 5.05 -8.93 -12.66
N ILE B 63 5.39 -9.86 -13.54
CA ILE B 63 4.66 -11.13 -13.65
C ILE B 63 4.96 -12.07 -12.48
N GLN B 64 5.78 -11.63 -11.53
CA GLN B 64 6.13 -12.46 -10.39
C GLN B 64 5.47 -11.98 -9.10
N HIS B 65 5.59 -10.69 -8.81
CA HIS B 65 5.04 -10.14 -7.59
C HIS B 65 4.07 -8.99 -7.86
N GLY B 66 4.23 -8.32 -8.98
CA GLY B 66 3.36 -7.20 -9.30
C GLY B 66 1.95 -7.63 -9.65
N ILE B 67 1.80 -8.23 -10.82
CA ILE B 67 0.50 -8.68 -11.27
C ILE B 67 0.47 -10.20 -11.37
N HIS B 68 -0.37 -10.83 -10.57
CA HIS B 68 -0.48 -12.28 -10.57
C HIS B 68 -1.42 -12.73 -11.68
N ASP B 69 -2.45 -11.94 -11.94
CA ASP B 69 -3.43 -12.26 -12.97
C ASP B 69 -4.09 -10.98 -13.47
N GLY B 70 -4.70 -10.27 -12.55
CA GLY B 70 -5.38 -9.03 -12.89
C GLY B 70 -5.52 -8.14 -11.67
N LEU B 71 -4.58 -7.21 -11.50
CA LEU B 71 -4.61 -6.32 -10.35
C LEU B 71 -4.46 -4.87 -10.78
N THR B 72 -4.72 -3.97 -9.84
CA THR B 72 -4.63 -2.54 -10.10
C THR B 72 -3.38 -1.95 -9.45
N VAL B 73 -2.54 -1.31 -10.27
CA VAL B 73 -1.31 -0.70 -9.78
C VAL B 73 -1.38 0.82 -9.96
N HIS B 74 -0.55 1.55 -9.23
CA HIS B 74 -0.53 3.00 -9.32
C HIS B 74 0.66 3.49 -10.12
N LEU B 75 0.48 4.58 -10.83
CA LEU B 75 1.55 5.17 -11.62
C LEU B 75 2.00 6.49 -11.00
N VAL B 76 3.24 6.52 -10.54
CA VAL B 76 3.80 7.71 -9.92
C VAL B 76 5.11 8.10 -10.60
N ILE B 77 5.67 9.24 -10.22
CA ILE B 77 6.92 9.71 -10.82
C ILE B 77 7.89 10.19 -9.76
N LYS B 78 7.79 9.62 -8.57
CA LYS B 78 8.66 10.01 -7.47
C LYS B 78 9.89 9.10 -7.44
N LYS A 21 11.92 12.89 12.19
CA LYS A 21 10.70 12.87 13.01
C LYS A 21 9.54 12.30 12.20
N TYR A 22 8.42 12.06 12.87
CA TYR A 22 7.25 11.51 12.21
C TYR A 22 6.14 12.56 12.14
N LEU A 23 5.25 12.41 11.19
CA LEU A 23 4.14 13.33 11.03
C LEU A 23 3.05 12.99 12.05
N VAL A 24 2.74 11.71 12.14
CA VAL A 24 1.72 11.22 13.08
C VAL A 24 2.25 9.98 13.80
N GLU A 25 2.01 9.89 15.10
CA GLU A 25 2.46 8.76 15.90
C GLU A 25 1.47 8.48 17.04
N PHE A 26 0.97 7.26 17.10
CA PHE A 26 0.03 6.87 18.14
C PHE A 26 0.19 5.39 18.49
N ARG A 27 -0.32 5.02 19.65
CA ARG A 27 -0.22 3.62 20.10
C ARG A 27 -1.35 2.79 19.53
N ALA A 28 -1.01 1.73 18.83
CA ALA A 28 -2.01 0.85 18.23
C ALA A 28 -1.41 -0.52 17.93
N GLY A 29 -2.18 -1.56 18.20
CA GLY A 29 -1.71 -2.90 17.96
C GLY A 29 -2.20 -3.42 16.62
N LYS A 30 -1.36 -4.17 15.94
CA LYS A 30 -1.71 -4.70 14.63
C LYS A 30 -2.41 -6.04 14.78
N MET A 31 -2.82 -6.63 13.65
CA MET A 31 -3.48 -7.92 13.66
C MET A 31 -2.86 -8.81 12.60
N SER A 32 -2.62 -10.07 12.94
CA SER A 32 -2.02 -11.01 12.03
C SER A 32 -3.06 -11.99 11.49
N LEU A 33 -3.06 -12.20 10.18
CA LEU A 33 -4.00 -13.11 9.55
C LEU A 33 -3.45 -14.54 9.61
N LYS A 34 -3.68 -15.21 10.73
CA LYS A 34 -3.20 -16.56 10.91
C LYS A 34 -4.11 -17.55 10.18
N GLY A 35 -3.61 -18.07 9.07
CA GLY A 35 -4.37 -19.02 8.28
C GLY A 35 -5.52 -18.35 7.55
N THR A 36 -6.67 -18.27 8.22
CA THR A 36 -7.85 -17.66 7.64
C THR A 36 -8.62 -16.87 8.69
N THR A 37 -7.98 -16.65 9.84
CA THR A 37 -8.59 -15.91 10.93
C THR A 37 -7.69 -14.77 11.41
N VAL A 38 -8.25 -13.59 11.51
CA VAL A 38 -7.51 -12.42 11.96
C VAL A 38 -7.30 -12.46 13.47
N THR A 39 -6.05 -12.53 13.89
CA THR A 39 -5.72 -12.58 15.31
C THR A 39 -5.04 -11.29 15.75
N PRO A 40 -5.69 -10.50 16.62
CA PRO A 40 -5.14 -9.23 17.12
C PRO A 40 -3.89 -9.43 17.97
N ASP A 41 -2.87 -8.63 17.70
CA ASP A 41 -1.61 -8.70 18.43
C ASP A 41 -1.79 -8.07 19.81
N LYS A 42 -1.23 -8.71 20.82
CA LYS A 42 -1.35 -8.21 22.19
C LYS A 42 -0.16 -7.32 22.55
N ARG A 43 0.81 -7.25 21.66
CA ARG A 43 2.00 -6.44 21.88
C ARG A 43 1.68 -4.96 21.70
N LYS A 44 2.46 -4.12 22.37
CA LYS A 44 2.29 -2.68 22.29
C LYS A 44 3.07 -2.13 21.10
N GLY A 45 2.36 -1.60 20.13
CA GLY A 45 3.01 -1.07 18.96
C GLY A 45 2.71 0.39 18.74
N LEU A 46 3.59 1.04 17.99
CA LEU A 46 3.44 2.45 17.69
C LEU A 46 3.31 2.64 16.18
N VAL A 47 2.19 3.20 15.77
CA VAL A 47 1.94 3.47 14.36
C VAL A 47 2.41 4.88 14.06
N TYR A 48 3.37 5.01 13.14
CA TYR A 48 3.89 6.33 12.81
C TYR A 48 3.98 6.53 11.30
N ILE A 49 3.83 7.78 10.89
CA ILE A 49 3.91 8.15 9.50
C ILE A 49 5.15 9.00 9.28
N GLN A 50 6.12 8.47 8.56
CA GLN A 50 7.36 9.19 8.30
C GLN A 50 7.51 9.50 6.81
N GLN A 51 8.01 10.69 6.51
CA GLN A 51 8.22 11.09 5.13
C GLN A 51 9.71 11.33 4.89
N THR A 52 10.24 10.71 3.85
CA THR A 52 11.65 10.84 3.52
C THR A 52 11.88 11.86 2.41
N ASP A 53 13.14 12.08 2.06
CA ASP A 53 13.53 13.03 1.02
C ASP A 53 13.05 12.56 -0.35
N ASP A 54 12.80 11.26 -0.49
CA ASP A 54 12.33 10.69 -1.74
C ASP A 54 10.85 11.01 -1.96
N SER A 55 10.25 11.66 -0.95
CA SER A 55 8.85 12.07 -0.99
C SER A 55 7.91 10.87 -0.89
N LEU A 56 8.41 9.77 -0.35
CA LEU A 56 7.61 8.57 -0.18
C LEU A 56 7.08 8.50 1.25
N ILE A 57 5.82 8.11 1.39
CA ILE A 57 5.20 8.02 2.70
C ILE A 57 5.50 6.67 3.35
N HIS A 58 6.16 6.70 4.49
CA HIS A 58 6.52 5.48 5.20
C HIS A 58 5.53 5.20 6.32
N PHE A 59 4.66 4.22 6.09
CA PHE A 59 3.69 3.81 7.09
C PHE A 59 4.18 2.52 7.70
N CYS A 60 4.84 2.63 8.84
CA CYS A 60 5.41 1.46 9.49
C CYS A 60 4.86 1.25 10.90
N TRP A 61 5.03 0.02 11.37
CA TRP A 61 4.61 -0.36 12.71
C TRP A 61 5.83 -0.72 13.53
N LYS A 62 6.07 0.02 14.59
CA LYS A 62 7.23 -0.21 15.44
C LYS A 62 6.81 -0.79 16.78
N ASP A 63 7.49 -1.84 17.20
CA ASP A 63 7.21 -2.48 18.49
C ASP A 63 7.78 -1.60 19.60
N ARG A 64 6.97 -1.34 20.62
CA ARG A 64 7.38 -0.46 21.73
C ARG A 64 8.20 -1.18 22.79
N THR A 65 8.64 -2.39 22.50
CA THR A 65 9.44 -3.14 23.45
C THR A 65 10.88 -3.30 22.95
N SER A 66 11.03 -3.92 21.80
CA SER A 66 12.35 -4.13 21.22
C SER A 66 12.78 -2.92 20.40
N GLY A 67 11.80 -2.20 19.87
CA GLY A 67 12.08 -1.04 19.06
C GLY A 67 12.32 -1.42 17.61
N ASN A 68 11.86 -2.60 17.24
CA ASN A 68 12.03 -3.11 15.90
C ASN A 68 10.80 -2.80 15.04
N VAL A 69 11.05 -2.50 13.77
CA VAL A 69 9.98 -2.20 12.82
C VAL A 69 9.64 -3.46 12.03
N GLU A 70 8.51 -4.06 12.34
CA GLU A 70 8.09 -5.29 11.67
C GLU A 70 7.47 -5.01 10.30
N ASP A 71 6.54 -4.06 10.27
CA ASP A 71 5.87 -3.71 9.03
C ASP A 71 6.30 -2.35 8.53
N ASP A 72 6.59 -2.26 7.24
CA ASP A 72 7.02 -1.02 6.62
C ASP A 72 6.55 -0.98 5.16
N LEU A 73 5.56 -0.14 4.89
CA LEU A 73 5.02 -0.02 3.54
C LEU A 73 4.96 1.43 3.10
N ILE A 74 5.01 1.64 1.79
CA ILE A 74 4.97 2.98 1.22
C ILE A 74 3.55 3.33 0.79
N ILE A 75 3.02 4.41 1.32
CA ILE A 75 1.66 4.83 1.00
C ILE A 75 1.64 5.89 -0.12
N PHE A 76 0.64 5.77 -0.98
CA PHE A 76 0.47 6.70 -2.09
C PHE A 76 -1.00 7.10 -2.16
N PRO A 77 -1.30 8.35 -2.55
CA PRO A 77 -2.69 8.84 -2.64
C PRO A 77 -3.52 8.19 -3.73
N ASP A 78 -4.82 8.52 -3.72
CA ASP A 78 -5.82 8.03 -4.69
C ASP A 78 -6.21 6.57 -4.44
N ASP A 79 -5.27 5.72 -4.05
CA ASP A 79 -5.57 4.31 -3.83
C ASP A 79 -5.40 3.87 -2.38
N CYS A 80 -5.50 4.80 -1.45
CA CYS A 80 -5.36 4.48 -0.03
C CYS A 80 -6.42 5.20 0.80
N GLU A 81 -6.88 4.56 1.88
CA GLU A 81 -7.90 5.14 2.75
C GLU A 81 -8.00 4.37 4.08
N PHE A 82 -7.75 5.09 5.17
CA PHE A 82 -7.83 4.51 6.50
C PHE A 82 -9.22 4.74 7.07
N LYS A 83 -9.79 3.74 7.72
CA LYS A 83 -11.13 3.86 8.28
C LYS A 83 -11.33 2.92 9.45
N ARG A 84 -12.38 3.16 10.22
CA ARG A 84 -12.71 2.33 11.38
C ARG A 84 -13.76 1.29 11.01
N VAL A 85 -13.66 0.11 11.61
CA VAL A 85 -14.62 -0.96 11.38
C VAL A 85 -15.84 -0.75 12.26
N PRO A 86 -17.02 -0.56 11.65
CA PRO A 86 -18.26 -0.33 12.39
C PRO A 86 -18.76 -1.59 13.10
N GLN A 87 -18.43 -2.74 12.54
CA GLN A 87 -18.85 -4.01 13.11
C GLN A 87 -17.74 -4.59 13.99
N CYS A 88 -17.69 -4.14 15.24
CA CYS A 88 -16.71 -4.62 16.19
C CYS A 88 -17.14 -4.32 17.61
N PRO A 89 -17.02 -5.30 18.53
CA PRO A 89 -17.41 -5.14 19.94
C PRO A 89 -16.67 -3.99 20.63
N SER A 90 -15.39 -3.85 20.33
CA SER A 90 -14.59 -2.79 20.94
C SER A 90 -14.91 -1.44 20.31
N GLY A 91 -14.94 -1.41 18.98
CA GLY A 91 -15.24 -0.18 18.28
C GLY A 91 -14.03 0.72 18.11
N ARG A 92 -12.85 0.17 18.42
CA ARG A 92 -11.61 0.92 18.30
C ARG A 92 -10.66 0.24 17.32
N VAL A 93 -11.23 -0.62 16.50
CA VAL A 93 -10.46 -1.35 15.51
C VAL A 93 -10.56 -0.65 14.17
N TYR A 94 -9.42 -0.21 13.67
CA TYR A 94 -9.35 0.48 12.40
C TYR A 94 -8.71 -0.43 11.36
N VAL A 95 -8.99 -0.20 10.09
CA VAL A 95 -8.44 -1.03 9.03
C VAL A 95 -7.88 -0.20 7.88
N LEU A 96 -6.67 -0.54 7.47
CA LEU A 96 -6.03 0.13 6.36
C LEU A 96 -6.18 -0.73 5.12
N LYS A 97 -7.23 -0.46 4.34
CA LYS A 97 -7.49 -1.21 3.13
C LYS A 97 -7.10 -0.41 1.90
N PHE A 98 -6.22 -0.98 1.10
CA PHE A 98 -5.76 -0.32 -0.11
C PHE A 98 -6.79 -0.50 -1.22
N LYS A 99 -6.78 0.42 -2.18
CA LYS A 99 -7.71 0.35 -3.31
C LYS A 99 -7.00 -0.23 -4.53
N ALA A 100 -5.70 -0.42 -4.40
CA ALA A 100 -4.90 -0.96 -5.48
C ALA A 100 -4.43 -2.36 -5.14
N GLY A 101 -5.36 -3.31 -5.13
CA GLY A 101 -5.02 -4.68 -4.84
C GLY A 101 -5.73 -5.20 -3.60
N SER A 102 -5.46 -6.45 -3.26
CA SER A 102 -6.06 -7.10 -2.11
C SER A 102 -5.14 -7.00 -0.91
N LYS A 103 -5.32 -5.96 -0.10
CA LYS A 103 -4.49 -5.77 1.08
C LYS A 103 -5.27 -5.10 2.19
N ARG A 104 -5.27 -5.72 3.36
CA ARG A 104 -5.97 -5.19 4.52
C ARG A 104 -5.12 -5.32 5.77
N LEU A 105 -4.98 -4.23 6.51
CA LEU A 105 -4.21 -4.22 7.74
C LEU A 105 -5.06 -3.68 8.88
N PHE A 106 -5.36 -4.51 9.87
CA PHE A 106 -6.18 -4.10 10.99
C PHE A 106 -5.32 -3.62 12.16
N PHE A 107 -5.72 -2.51 12.76
CA PHE A 107 -5.00 -1.93 13.89
C PHE A 107 -5.99 -1.50 14.96
N TRP A 108 -5.72 -1.86 16.21
CA TRP A 108 -6.60 -1.46 17.30
C TRP A 108 -5.90 -0.43 18.18
N MET A 109 -6.58 0.70 18.38
CA MET A 109 -6.05 1.80 19.17
C MET A 109 -5.72 1.38 20.60
N GLN A 110 -4.49 1.61 21.01
CA GLN A 110 -4.03 1.28 22.34
C GLN A 110 -4.05 2.53 23.21
N GLU A 111 -4.45 3.64 22.61
CA GLU A 111 -4.54 4.93 23.29
C GLU A 111 -5.49 4.81 24.48
N PRO A 112 -5.16 5.49 25.60
CA PRO A 112 -5.95 5.45 26.83
C PRO A 112 -7.43 5.83 26.63
N LYS A 113 -7.68 6.96 26.00
CA LYS A 113 -9.06 7.43 25.80
C LYS A 113 -9.42 7.47 24.32
N THR A 114 -10.70 7.73 24.05
CA THR A 114 -11.22 7.78 22.68
C THR A 114 -11.47 9.22 22.22
N ASP A 115 -10.94 10.19 22.95
CA ASP A 115 -11.15 11.60 22.62
C ASP A 115 -10.64 11.95 21.24
N GLN A 116 -9.39 11.59 20.96
CA GLN A 116 -8.77 11.90 19.67
C GLN A 116 -8.60 10.65 18.80
N ASP A 117 -9.43 9.64 19.04
CA ASP A 117 -9.35 8.39 18.28
C ASP A 117 -9.62 8.63 16.81
N GLU A 118 -10.72 9.31 16.52
CA GLU A 118 -11.10 9.63 15.15
C GLU A 118 -10.09 10.59 14.54
N GLU A 119 -9.61 11.52 15.35
CA GLU A 119 -8.63 12.51 14.90
C GLU A 119 -7.36 11.82 14.43
N HIS A 120 -7.00 10.72 15.10
CA HIS A 120 -5.81 9.95 14.73
C HIS A 120 -5.97 9.43 13.31
N CYS A 121 -7.17 8.91 13.02
CA CYS A 121 -7.48 8.38 11.70
C CYS A 121 -7.54 9.52 10.68
N ARG A 122 -8.02 10.67 11.13
CA ARG A 122 -8.14 11.85 10.29
C ARG A 122 -6.76 12.32 9.82
N LYS A 123 -5.84 12.51 10.76
CA LYS A 123 -4.49 12.95 10.44
C LYS A 123 -3.80 11.96 9.52
N VAL A 124 -4.03 10.67 9.77
CA VAL A 124 -3.45 9.62 8.96
C VAL A 124 -3.94 9.73 7.52
N ASN A 125 -5.26 9.83 7.35
CA ASN A 125 -5.86 9.95 6.01
C ASN A 125 -5.35 11.17 5.26
N GLU A 126 -5.04 12.23 6.01
CA GLU A 126 -4.55 13.45 5.41
C GLU A 126 -3.19 13.26 4.75
N TYR A 127 -2.20 12.87 5.54
CA TYR A 127 -0.85 12.69 5.04
C TYR A 127 -0.74 11.54 4.03
N LEU A 128 -1.63 10.56 4.14
CA LEU A 128 -1.61 9.41 3.23
C LEU A 128 -2.22 9.75 1.88
N ASN A 129 -3.05 10.80 1.82
CA ASN A 129 -3.70 11.18 0.57
C ASN A 129 -3.34 12.60 0.16
N ASN A 130 -2.35 13.17 0.84
CA ASN A 130 -1.89 14.52 0.54
C ASN A 130 -0.39 14.61 0.81
N ALA B 1 8.18 -22.26 -32.05
CA ALA B 1 8.78 -21.84 -30.75
C ALA B 1 7.87 -20.84 -30.03
N PRO B 2 7.30 -21.26 -28.90
CA PRO B 2 6.43 -20.40 -28.10
C PRO B 2 7.21 -19.52 -27.13
N ALA B 3 6.53 -18.54 -26.55
CA ALA B 3 7.16 -17.63 -25.60
C ALA B 3 6.22 -17.34 -24.44
N GLU B 4 5.63 -18.41 -23.92
CA GLU B 4 4.69 -18.34 -22.80
C GLU B 4 3.53 -17.38 -23.11
N PRO B 5 2.49 -17.89 -23.80
CA PRO B 5 1.33 -17.09 -24.18
C PRO B 5 0.39 -16.78 -23.01
N LYS B 6 0.97 -16.64 -21.83
CA LYS B 6 0.20 -16.34 -20.63
C LYS B 6 0.06 -14.83 -20.49
N ILE B 7 -0.85 -14.27 -21.27
CA ILE B 7 -1.09 -12.84 -21.25
C ILE B 7 -1.97 -12.45 -20.06
N ILE B 8 -1.35 -11.83 -19.07
CA ILE B 8 -2.06 -11.40 -17.87
C ILE B 8 -2.59 -9.98 -18.04
N LYS B 9 -3.60 -9.64 -17.25
CA LYS B 9 -4.21 -8.33 -17.30
C LYS B 9 -3.73 -7.45 -16.15
N VAL B 10 -3.34 -6.23 -16.48
CA VAL B 10 -2.86 -5.29 -15.48
C VAL B 10 -3.63 -3.97 -15.60
N THR B 11 -4.36 -3.63 -14.55
CA THR B 11 -5.13 -2.39 -14.54
C THR B 11 -4.29 -1.24 -13.98
N VAL B 12 -3.93 -0.31 -14.83
CA VAL B 12 -3.12 0.83 -14.43
C VAL B 12 -4.00 2.02 -14.07
N LYS B 13 -3.85 2.50 -12.84
CA LYS B 13 -4.61 3.63 -12.37
C LYS B 13 -3.77 4.91 -12.48
N THR B 14 -4.26 5.86 -13.25
CA THR B 14 -3.54 7.11 -13.47
C THR B 14 -4.40 8.29 -13.03
N PRO B 15 -3.78 9.46 -12.78
CA PRO B 15 -4.50 10.68 -12.42
C PRO B 15 -5.24 11.25 -13.64
N LYS B 16 -6.05 10.40 -14.25
CA LYS B 16 -6.78 10.74 -15.46
C LYS B 16 -7.88 9.71 -15.71
N GLU B 17 -7.46 8.49 -16.00
CA GLU B 17 -8.40 7.41 -16.28
C GLU B 17 -7.84 6.07 -15.78
N LYS B 18 -8.57 5.01 -16.08
CA LYS B 18 -8.18 3.67 -15.71
C LYS B 18 -8.13 2.80 -16.95
N GLU B 19 -6.97 2.23 -17.25
CA GLU B 19 -6.81 1.39 -18.42
C GLU B 19 -6.22 0.05 -18.05
N GLU B 20 -6.54 -0.97 -18.83
CA GLU B 20 -6.03 -2.31 -18.58
C GLU B 20 -5.11 -2.73 -19.72
N PHE B 21 -3.90 -3.11 -19.38
CA PHE B 21 -2.92 -3.55 -20.36
C PHE B 21 -2.80 -5.07 -20.33
N ALA B 22 -2.38 -5.64 -21.44
CA ALA B 22 -2.22 -7.08 -21.54
C ALA B 22 -0.80 -7.43 -21.95
N VAL B 23 -0.07 -8.08 -21.04
CA VAL B 23 1.32 -8.46 -21.30
C VAL B 23 1.58 -9.91 -20.86
N PRO B 24 2.52 -10.59 -21.54
CA PRO B 24 2.86 -11.97 -21.20
C PRO B 24 3.54 -12.09 -19.84
N GLU B 25 3.23 -13.16 -19.12
CA GLU B 25 3.80 -13.40 -17.80
C GLU B 25 5.24 -13.93 -17.89
N ASN B 26 6.05 -13.29 -18.73
CA ASN B 26 7.45 -13.70 -18.90
C ASN B 26 8.34 -12.50 -19.17
N SER B 27 7.79 -11.30 -19.07
CA SER B 27 8.56 -10.09 -19.33
C SER B 27 8.86 -9.34 -18.04
N SER B 28 9.83 -8.44 -18.11
CA SER B 28 10.23 -7.65 -16.96
C SER B 28 9.48 -6.31 -16.93
N VAL B 29 9.79 -5.47 -15.95
CA VAL B 29 9.12 -4.18 -15.81
C VAL B 29 9.64 -3.15 -16.81
N GLN B 30 10.90 -3.29 -17.22
CA GLN B 30 11.50 -2.37 -18.17
C GLN B 30 10.68 -2.30 -19.47
N GLN B 31 10.28 -3.46 -19.98
CA GLN B 31 9.50 -3.53 -21.21
C GLN B 31 8.09 -2.97 -20.98
N PHE B 32 7.62 -3.04 -19.74
CA PHE B 32 6.30 -2.55 -19.40
C PHE B 32 6.29 -1.02 -19.30
N LYS B 33 7.30 -0.49 -18.62
CA LYS B 33 7.43 0.97 -18.44
C LYS B 33 7.50 1.67 -19.79
N GLU B 34 8.30 1.09 -20.69
CA GLU B 34 8.48 1.65 -22.03
C GLU B 34 7.20 1.60 -22.85
N ALA B 35 6.28 0.73 -22.47
CA ALA B 35 5.02 0.60 -23.18
C ALA B 35 4.08 1.74 -22.78
N ILE B 36 4.04 2.06 -21.49
CA ILE B 36 3.19 3.11 -21.00
C ILE B 36 3.68 4.48 -21.49
N SER B 37 4.98 4.68 -21.48
CA SER B 37 5.57 5.94 -21.93
C SER B 37 5.33 6.14 -23.42
N LYS B 38 5.22 5.03 -24.15
CA LYS B 38 5.01 5.08 -25.58
C LYS B 38 3.53 5.28 -25.92
N ARG B 39 2.66 4.52 -25.26
CA ARG B 39 1.22 4.60 -25.52
C ARG B 39 0.60 5.83 -24.84
N PHE B 40 0.69 5.90 -23.52
CA PHE B 40 0.11 7.01 -22.77
C PHE B 40 0.89 8.31 -22.98
N LYS B 41 2.17 8.18 -23.32
CA LYS B 41 3.03 9.33 -23.55
C LYS B 41 3.12 10.21 -22.31
N SER B 42 4.04 9.88 -21.42
CA SER B 42 4.21 10.64 -20.19
C SER B 42 5.66 10.63 -19.73
N GLN B 43 6.05 9.62 -18.97
CA GLN B 43 7.41 9.51 -18.46
C GLN B 43 7.88 8.07 -18.53
N THR B 44 9.15 7.85 -18.26
CA THR B 44 9.71 6.51 -18.28
C THR B 44 10.45 6.23 -16.97
N ASP B 45 11.45 7.04 -16.68
CA ASP B 45 12.25 6.88 -15.47
C ASP B 45 11.43 7.21 -14.22
N GLN B 46 10.69 8.31 -14.29
CA GLN B 46 9.87 8.75 -13.17
C GLN B 46 8.56 7.98 -13.10
N LEU B 47 8.30 7.17 -14.13
CA LEU B 47 7.08 6.38 -14.18
C LEU B 47 7.19 5.17 -13.27
N VAL B 48 6.62 5.28 -12.08
CA VAL B 48 6.67 4.21 -11.11
C VAL B 48 5.28 3.65 -10.85
N LEU B 49 5.15 2.33 -10.88
CA LEU B 49 3.88 1.67 -10.63
C LEU B 49 3.83 1.28 -9.16
N ILE B 50 2.66 1.37 -8.56
CA ILE B 50 2.49 1.05 -7.15
C ILE B 50 1.57 -0.15 -6.94
N PHE B 51 2.03 -1.09 -6.12
CA PHE B 51 1.24 -2.27 -5.81
C PHE B 51 0.89 -2.30 -4.31
N ALA B 52 0.31 -1.20 -3.84
CA ALA B 52 -0.13 -1.08 -2.45
C ALA B 52 1.02 -1.27 -1.47
N GLY B 53 1.75 -0.19 -1.20
CA GLY B 53 2.86 -0.25 -0.26
C GLY B 53 4.15 -0.70 -0.91
N LYS B 54 4.15 -0.88 -2.21
CA LYS B 54 5.32 -1.33 -2.93
C LYS B 54 5.49 -0.57 -4.22
N ILE B 55 6.74 -0.26 -4.57
CA ILE B 55 7.04 0.45 -5.80
C ILE B 55 7.57 -0.51 -6.85
N LEU B 56 7.06 -0.40 -8.06
CA LEU B 56 7.49 -1.26 -9.15
C LEU B 56 8.48 -0.53 -10.04
N LYS B 57 9.67 -1.07 -10.13
CA LYS B 57 10.73 -0.49 -10.93
C LYS B 57 11.45 -1.61 -11.68
N ASP B 58 12.54 -1.28 -12.34
CA ASP B 58 13.31 -2.28 -13.08
C ASP B 58 14.19 -3.09 -12.13
N GLN B 59 13.93 -2.93 -10.84
CA GLN B 59 14.66 -3.65 -9.80
C GLN B 59 13.89 -4.91 -9.41
N ASP B 60 12.59 -4.88 -9.64
CA ASP B 60 11.71 -6.01 -9.33
C ASP B 60 11.07 -6.50 -10.61
N THR B 61 10.13 -7.43 -10.51
CA THR B 61 9.47 -7.96 -11.68
C THR B 61 7.95 -7.93 -11.53
N LEU B 62 7.27 -7.34 -12.52
CA LEU B 62 5.82 -7.24 -12.52
C LEU B 62 5.17 -8.62 -12.41
N ILE B 63 5.77 -9.58 -13.10
CA ILE B 63 5.26 -10.96 -13.11
C ILE B 63 5.80 -11.77 -11.95
N GLN B 64 6.34 -11.11 -10.94
CA GLN B 64 6.89 -11.80 -9.79
C GLN B 64 6.16 -11.43 -8.49
N HIS B 65 5.55 -10.26 -8.46
CA HIS B 65 4.83 -9.82 -7.28
C HIS B 65 3.71 -8.84 -7.63
N GLY B 66 4.00 -7.92 -8.53
CA GLY B 66 3.03 -6.91 -8.93
C GLY B 66 1.71 -7.49 -9.41
N ILE B 67 1.73 -8.18 -10.54
CA ILE B 67 0.51 -8.75 -11.08
C ILE B 67 0.55 -10.26 -11.10
N HIS B 68 -0.36 -10.86 -10.35
CA HIS B 68 -0.45 -12.32 -10.29
C HIS B 68 -1.44 -12.77 -11.35
N ASP B 69 -2.66 -12.25 -11.27
CA ASP B 69 -3.70 -12.57 -12.22
C ASP B 69 -4.79 -11.50 -12.19
N GLY B 70 -4.54 -10.40 -12.88
CA GLY B 70 -5.50 -9.31 -12.93
C GLY B 70 -5.54 -8.49 -11.65
N LEU B 71 -4.73 -7.43 -11.59
CA LEU B 71 -4.68 -6.57 -10.40
C LEU B 71 -4.53 -5.11 -10.81
N THR B 72 -4.63 -4.21 -9.84
CA THR B 72 -4.54 -2.79 -10.08
C THR B 72 -3.24 -2.20 -9.53
N VAL B 73 -2.64 -1.30 -10.30
CA VAL B 73 -1.41 -0.62 -9.89
C VAL B 73 -1.56 0.88 -10.10
N HIS B 74 -1.04 1.67 -9.17
CA HIS B 74 -1.13 3.12 -9.28
C HIS B 74 0.11 3.69 -9.97
N LEU B 75 -0.10 4.66 -10.84
CA LEU B 75 1.00 5.29 -11.55
C LEU B 75 1.40 6.59 -10.88
N VAL B 76 2.63 6.65 -10.37
CA VAL B 76 3.15 7.84 -9.71
C VAL B 76 4.42 8.31 -10.38
N ILE B 77 4.94 9.45 -9.92
CA ILE B 77 6.17 10.02 -10.48
C ILE B 77 7.09 10.49 -9.36
N LYS B 78 7.68 9.54 -8.64
CA LYS B 78 8.57 9.86 -7.55
C LYS B 78 9.84 9.02 -7.64
N LYS A 21 11.31 13.78 11.61
CA LYS A 21 10.34 13.56 12.72
C LYS A 21 9.14 12.75 12.23
N TYR A 22 8.24 12.43 13.15
CA TYR A 22 7.04 11.68 12.80
C TYR A 22 5.89 12.63 12.50
N LEU A 23 5.22 12.42 11.38
CA LEU A 23 4.10 13.27 10.99
C LEU A 23 2.92 13.03 11.91
N VAL A 24 2.48 11.77 11.97
CA VAL A 24 1.37 11.37 12.83
C VAL A 24 1.84 10.25 13.73
N GLU A 25 1.44 10.25 14.98
CA GLU A 25 1.85 9.22 15.93
C GLU A 25 0.75 8.94 16.97
N PHE A 26 0.43 7.66 17.14
CA PHE A 26 -0.58 7.26 18.12
C PHE A 26 -0.31 5.83 18.59
N ARG A 27 -0.84 5.49 19.76
CA ARG A 27 -0.65 4.18 20.34
C ARG A 27 -1.75 3.22 19.86
N ALA A 28 -1.34 2.18 19.14
CA ALA A 28 -2.27 1.19 18.62
C ALA A 28 -1.57 -0.14 18.39
N GLY A 29 -2.29 -1.23 18.63
CA GLY A 29 -1.74 -2.55 18.45
C GLY A 29 -2.04 -3.12 17.08
N LYS A 30 -1.13 -3.95 16.59
CA LYS A 30 -1.29 -4.57 15.28
C LYS A 30 -2.02 -5.91 15.41
N MET A 31 -2.28 -6.55 14.29
CA MET A 31 -2.95 -7.83 14.29
C MET A 31 -2.21 -8.78 13.36
N SER A 32 -2.20 -10.06 13.70
CA SER A 32 -1.51 -11.06 12.90
C SER A 32 -2.51 -12.04 12.29
N LEU A 33 -2.36 -12.29 11.00
CA LEU A 33 -3.22 -13.22 10.31
C LEU A 33 -2.68 -14.63 10.46
N LYS A 34 -3.16 -15.33 11.48
CA LYS A 34 -2.71 -16.69 11.74
C LYS A 34 -3.55 -17.68 10.94
N GLY A 35 -3.09 -17.99 9.74
CA GLY A 35 -3.79 -18.92 8.88
C GLY A 35 -5.03 -18.29 8.26
N THR A 36 -6.10 -18.25 9.04
CA THR A 36 -7.36 -17.68 8.60
C THR A 36 -8.05 -16.95 9.74
N THR A 37 -7.30 -16.71 10.81
CA THR A 37 -7.83 -16.03 11.98
C THR A 37 -7.03 -14.77 12.29
N VAL A 38 -7.69 -13.63 12.24
CA VAL A 38 -7.04 -12.36 12.52
C VAL A 38 -6.88 -12.20 14.03
N THR A 39 -5.70 -12.54 14.53
CA THR A 39 -5.43 -12.47 15.95
C THR A 39 -4.79 -11.13 16.33
N PRO A 40 -5.49 -10.30 17.11
CA PRO A 40 -4.97 -9.01 17.56
C PRO A 40 -3.82 -9.20 18.53
N ASP A 41 -2.76 -8.43 18.36
CA ASP A 41 -1.59 -8.51 19.22
C ASP A 41 -1.86 -7.82 20.56
N LYS A 42 -1.30 -8.37 21.62
CA LYS A 42 -1.46 -7.81 22.95
C LYS A 42 -0.31 -6.85 23.25
N ARG A 43 0.58 -6.71 22.29
CA ARG A 43 1.73 -5.83 22.43
C ARG A 43 1.34 -4.38 22.22
N LYS A 44 2.12 -3.48 22.79
CA LYS A 44 1.86 -2.05 22.66
C LYS A 44 2.85 -1.45 21.68
N GLY A 45 2.35 -1.03 20.53
CA GLY A 45 3.21 -0.45 19.51
C GLY A 45 2.82 0.96 19.16
N LEU A 46 3.74 1.68 18.55
CA LEU A 46 3.50 3.06 18.16
C LEU A 46 3.34 3.14 16.65
N VAL A 47 2.19 3.62 16.22
CA VAL A 47 1.91 3.77 14.81
C VAL A 47 2.24 5.19 14.40
N TYR A 48 3.27 5.35 13.58
CA TYR A 48 3.69 6.67 13.15
C TYR A 48 3.93 6.72 11.64
N ILE A 49 3.72 7.90 11.08
CA ILE A 49 3.93 8.12 9.66
C ILE A 49 5.19 8.95 9.46
N GLN A 50 6.15 8.42 8.73
CA GLN A 50 7.41 9.12 8.49
C GLN A 50 7.56 9.45 7.01
N GLN A 51 8.35 10.46 6.70
CA GLN A 51 8.59 10.88 5.32
C GLN A 51 10.06 11.23 5.12
N THR A 52 10.70 10.52 4.21
CA THR A 52 12.11 10.74 3.93
C THR A 52 12.29 11.71 2.76
N ASP A 53 13.54 11.99 2.41
CA ASP A 53 13.85 12.91 1.32
C ASP A 53 13.44 12.34 -0.03
N ASP A 54 13.18 11.05 -0.06
CA ASP A 54 12.76 10.36 -1.29
C ASP A 54 11.31 10.69 -1.61
N SER A 55 10.67 11.43 -0.70
CA SER A 55 9.28 11.84 -0.85
C SER A 55 8.34 10.63 -0.82
N LEU A 56 8.81 9.57 -0.16
CA LEU A 56 8.03 8.36 -0.03
C LEU A 56 7.49 8.24 1.39
N ILE A 57 6.17 8.13 1.49
CA ILE A 57 5.50 8.01 2.78
C ILE A 57 5.81 6.65 3.40
N HIS A 58 6.23 6.64 4.66
CA HIS A 58 6.56 5.41 5.33
C HIS A 58 5.61 5.13 6.50
N PHE A 59 4.87 4.04 6.37
CA PHE A 59 3.95 3.61 7.41
C PHE A 59 4.63 2.50 8.20
N CYS A 60 5.28 2.86 9.29
CA CYS A 60 6.01 1.90 10.09
C CYS A 60 5.40 1.69 11.48
N TRP A 61 5.39 0.44 11.90
CA TRP A 61 4.88 0.06 13.21
C TRP A 61 6.07 -0.29 14.10
N LYS A 62 6.23 0.43 15.18
CA LYS A 62 7.36 0.21 16.08
C LYS A 62 6.92 -0.35 17.43
N ASP A 63 7.59 -1.42 17.84
CA ASP A 63 7.33 -2.06 19.12
C ASP A 63 7.86 -1.16 20.23
N ARG A 64 7.02 -0.79 21.18
CA ARG A 64 7.41 0.11 22.26
C ARG A 64 8.26 -0.55 23.34
N THR A 65 8.42 -1.86 23.28
CA THR A 65 9.20 -2.57 24.29
C THR A 65 10.63 -2.83 23.81
N SER A 66 10.77 -3.26 22.56
CA SER A 66 12.07 -3.55 22.00
C SER A 66 12.60 -2.37 21.20
N GLY A 67 11.70 -1.59 20.62
CA GLY A 67 12.10 -0.44 19.83
C GLY A 67 12.33 -0.83 18.39
N ASN A 68 12.06 -2.08 18.06
CA ASN A 68 12.25 -2.60 16.70
C ASN A 68 11.06 -2.25 15.82
N VAL A 69 11.33 -1.93 14.57
CA VAL A 69 10.29 -1.59 13.62
C VAL A 69 9.95 -2.80 12.76
N GLU A 70 8.77 -3.35 12.97
CA GLU A 70 8.33 -4.53 12.22
C GLU A 70 7.78 -4.16 10.86
N ASP A 71 6.68 -3.43 10.86
CA ASP A 71 6.02 -3.02 9.63
C ASP A 71 6.62 -1.74 9.10
N ASP A 72 6.76 -1.66 7.79
CA ASP A 72 7.29 -0.48 7.11
C ASP A 72 6.91 -0.55 5.64
N LEU A 73 5.84 0.15 5.29
CA LEU A 73 5.36 0.16 3.92
C LEU A 73 5.41 1.56 3.34
N ILE A 74 5.49 1.63 2.02
CA ILE A 74 5.54 2.90 1.33
C ILE A 74 4.14 3.28 0.86
N ILE A 75 3.53 4.20 1.57
CA ILE A 75 2.17 4.63 1.25
C ILE A 75 2.15 5.60 0.07
N PHE A 76 1.18 5.42 -0.81
CA PHE A 76 1.03 6.28 -1.98
C PHE A 76 -0.39 6.84 -2.05
N PRO A 77 -0.55 8.08 -2.53
CA PRO A 77 -1.86 8.73 -2.63
C PRO A 77 -2.79 8.05 -3.63
N ASP A 78 -4.09 8.33 -3.50
CA ASP A 78 -5.17 7.78 -4.36
C ASP A 78 -5.11 6.25 -4.42
N ASP A 79 -4.45 5.63 -3.46
CA ASP A 79 -4.32 4.19 -3.44
C ASP A 79 -4.43 3.62 -2.04
N CYS A 80 -4.76 4.47 -1.07
CA CYS A 80 -4.86 4.02 0.31
C CYS A 80 -6.14 4.54 0.97
N GLU A 81 -6.54 3.88 2.05
CA GLU A 81 -7.76 4.25 2.78
C GLU A 81 -7.73 3.66 4.20
N PHE A 82 -7.97 4.51 5.20
CA PHE A 82 -7.98 4.09 6.59
C PHE A 82 -9.34 4.41 7.21
N LYS A 83 -9.92 3.45 7.93
CA LYS A 83 -11.23 3.67 8.55
C LYS A 83 -11.45 2.73 9.74
N ARG A 84 -12.61 2.87 10.38
CA ARG A 84 -12.97 2.04 11.52
C ARG A 84 -14.05 1.03 11.13
N VAL A 85 -14.02 -0.14 11.76
CA VAL A 85 -15.01 -1.17 11.48
C VAL A 85 -16.15 -1.10 12.51
N PRO A 86 -17.34 -0.64 12.10
CA PRO A 86 -18.49 -0.52 12.99
C PRO A 86 -19.12 -1.87 13.33
N GLN A 87 -18.60 -2.94 12.75
CA GLN A 87 -19.12 -4.28 12.99
C GLN A 87 -18.48 -4.90 14.23
N CYS A 88 -17.47 -4.23 14.77
CA CYS A 88 -16.77 -4.71 15.95
C CYS A 88 -17.33 -4.05 17.21
N PRO A 89 -17.71 -4.86 18.22
CA PRO A 89 -18.27 -4.36 19.48
C PRO A 89 -17.33 -3.39 20.21
N SER A 90 -16.04 -3.63 20.11
CA SER A 90 -15.04 -2.79 20.77
C SER A 90 -15.13 -1.34 20.29
N GLY A 91 -15.42 -1.18 18.99
CA GLY A 91 -15.54 0.16 18.42
C GLY A 91 -14.22 0.88 18.33
N ARG A 92 -13.13 0.14 18.45
CA ARG A 92 -11.79 0.72 18.38
C ARG A 92 -10.92 -0.04 17.39
N VAL A 93 -11.55 -0.92 16.64
CA VAL A 93 -10.85 -1.72 15.64
C VAL A 93 -10.89 -0.98 14.30
N TYR A 94 -9.72 -0.58 13.84
CA TYR A 94 -9.59 0.14 12.59
C TYR A 94 -8.98 -0.76 11.51
N VAL A 95 -9.23 -0.43 10.26
CA VAL A 95 -8.71 -1.22 9.17
C VAL A 95 -8.11 -0.32 8.08
N LEU A 96 -6.93 -0.70 7.63
CA LEU A 96 -6.23 0.01 6.57
C LEU A 96 -6.30 -0.84 5.30
N LYS A 97 -7.24 -0.51 4.43
CA LYS A 97 -7.41 -1.26 3.21
C LYS A 97 -6.94 -0.46 2.00
N PHE A 98 -5.98 -1.02 1.30
CA PHE A 98 -5.43 -0.36 0.11
C PHE A 98 -6.49 -0.33 -0.98
N LYS A 99 -6.42 0.68 -1.83
CA LYS A 99 -7.37 0.81 -2.93
C LYS A 99 -6.88 0.06 -4.16
N ALA A 100 -5.94 -0.83 -3.94
CA ALA A 100 -5.37 -1.64 -5.00
C ALA A 100 -5.00 -3.01 -4.45
N GLY A 101 -5.51 -4.05 -5.12
CA GLY A 101 -5.23 -5.39 -4.67
C GLY A 101 -6.14 -5.83 -3.55
N SER A 102 -5.59 -6.56 -2.60
CA SER A 102 -6.37 -7.06 -1.47
C SER A 102 -5.59 -6.91 -0.17
N LYS A 103 -4.67 -5.95 -0.15
CA LYS A 103 -3.84 -5.71 1.03
C LYS A 103 -4.66 -5.03 2.13
N ARG A 104 -4.92 -5.78 3.21
CA ARG A 104 -5.70 -5.26 4.32
C ARG A 104 -4.91 -5.41 5.62
N LEU A 105 -4.96 -4.38 6.45
CA LEU A 105 -4.27 -4.40 7.73
C LEU A 105 -5.21 -3.92 8.83
N PHE A 106 -5.25 -4.65 9.94
CA PHE A 106 -6.13 -4.29 11.06
C PHE A 106 -5.33 -3.77 12.25
N PHE A 107 -5.86 -2.75 12.91
CA PHE A 107 -5.21 -2.16 14.08
C PHE A 107 -6.25 -1.78 15.12
N TRP A 108 -5.87 -1.79 16.39
CA TRP A 108 -6.79 -1.42 17.44
C TRP A 108 -6.18 -0.33 18.32
N MET A 109 -6.92 0.75 18.51
CA MET A 109 -6.47 1.89 19.30
C MET A 109 -6.16 1.49 20.74
N GLN A 110 -5.00 1.89 21.23
CA GLN A 110 -4.58 1.60 22.58
C GLN A 110 -4.53 2.88 23.40
N GLU A 111 -5.12 3.94 22.83
CA GLU A 111 -5.18 5.23 23.49
C GLU A 111 -6.08 5.16 24.72
N PRO A 112 -5.78 5.95 25.77
CA PRO A 112 -6.57 5.95 27.00
C PRO A 112 -7.98 6.53 26.82
N LYS A 113 -8.20 7.24 25.71
CA LYS A 113 -9.49 7.85 25.46
C LYS A 113 -9.87 7.76 23.98
N THR A 114 -11.16 7.60 23.73
CA THR A 114 -11.68 7.49 22.37
C THR A 114 -11.94 8.88 21.78
N ASP A 115 -11.63 9.90 22.55
CA ASP A 115 -11.84 11.29 22.13
C ASP A 115 -10.96 11.66 20.94
N GLN A 116 -9.85 10.96 20.77
CA GLN A 116 -8.93 11.25 19.67
C GLN A 116 -8.85 10.08 18.69
N ASP A 117 -9.74 9.11 18.85
CA ASP A 117 -9.74 7.93 17.99
C ASP A 117 -10.00 8.32 16.52
N GLU A 118 -11.17 8.89 16.27
CA GLU A 118 -11.53 9.32 14.92
C GLU A 118 -10.58 10.40 14.43
N GLU A 119 -10.13 11.24 15.35
CA GLU A 119 -9.21 12.33 15.04
C GLU A 119 -7.91 11.78 14.47
N HIS A 120 -7.40 10.72 15.09
CA HIS A 120 -6.17 10.09 14.63
C HIS A 120 -6.36 9.51 13.24
N CYS A 121 -7.53 8.90 13.02
CA CYS A 121 -7.86 8.29 11.75
C CYS A 121 -7.87 9.33 10.62
N ARG A 122 -8.41 10.51 10.91
CA ARG A 122 -8.48 11.59 9.93
C ARG A 122 -7.09 12.03 9.53
N LYS A 123 -6.25 12.33 10.52
CA LYS A 123 -4.89 12.77 10.27
C LYS A 123 -4.12 11.75 9.45
N VAL A 124 -4.32 10.47 9.75
CA VAL A 124 -3.66 9.40 9.02
C VAL A 124 -4.07 9.43 7.55
N ASN A 125 -5.37 9.50 7.31
CA ASN A 125 -5.90 9.53 5.94
C ASN A 125 -5.35 10.72 5.16
N GLU A 126 -5.37 11.89 5.78
CA GLU A 126 -4.90 13.12 5.15
C GLU A 126 -3.42 13.03 4.76
N TYR A 127 -2.58 12.59 5.69
CA TYR A 127 -1.15 12.52 5.44
C TYR A 127 -0.76 11.37 4.51
N LEU A 128 -1.68 10.44 4.26
CA LEU A 128 -1.39 9.31 3.39
C LEU A 128 -1.87 9.55 1.96
N ASN A 129 -3.00 10.21 1.80
CA ASN A 129 -3.55 10.47 0.47
C ASN A 129 -3.23 11.87 -0.03
N ASN A 130 -2.72 12.72 0.85
CA ASN A 130 -2.39 14.10 0.46
C ASN A 130 -1.09 14.54 1.12
N ALA B 1 7.02 -21.95 -33.70
CA ALA B 1 7.46 -21.91 -32.28
C ALA B 1 6.64 -20.89 -31.50
N PRO B 2 5.87 -21.35 -30.49
CA PRO B 2 5.05 -20.47 -29.68
C PRO B 2 5.84 -19.77 -28.58
N ALA B 3 5.66 -18.47 -28.45
CA ALA B 3 6.37 -17.71 -27.43
C ALA B 3 5.46 -17.38 -26.25
N GLU B 4 4.71 -18.40 -25.80
CA GLU B 4 3.78 -18.27 -24.68
C GLU B 4 2.69 -17.23 -24.98
N PRO B 5 1.58 -17.68 -25.58
CA PRO B 5 0.44 -16.81 -25.94
C PRO B 5 -0.42 -16.44 -24.74
N LYS B 6 0.12 -16.60 -23.54
CA LYS B 6 -0.61 -16.27 -22.32
C LYS B 6 -0.49 -14.79 -22.02
N ILE B 7 -1.61 -14.08 -22.13
CA ILE B 7 -1.63 -12.64 -21.89
C ILE B 7 -2.40 -12.31 -20.61
N ILE B 8 -1.83 -11.46 -19.78
CA ILE B 8 -2.46 -11.06 -18.53
C ILE B 8 -2.91 -9.61 -18.60
N LYS B 9 -3.93 -9.29 -17.82
CA LYS B 9 -4.46 -7.94 -17.78
C LYS B 9 -3.83 -7.14 -16.65
N VAL B 10 -3.44 -5.91 -16.92
CA VAL B 10 -2.85 -5.05 -15.91
C VAL B 10 -3.56 -3.71 -15.87
N THR B 11 -4.29 -3.46 -14.78
CA THR B 11 -5.02 -2.23 -14.61
C THR B 11 -4.16 -1.15 -13.96
N VAL B 12 -3.89 -0.09 -14.70
CA VAL B 12 -3.06 1.00 -14.21
C VAL B 12 -3.89 2.22 -13.81
N LYS B 13 -3.79 2.61 -12.54
CA LYS B 13 -4.50 3.76 -12.02
C LYS B 13 -3.62 4.99 -12.18
N THR B 14 -4.08 5.96 -12.95
CA THR B 14 -3.32 7.17 -13.20
C THR B 14 -4.06 8.41 -12.74
N PRO B 15 -3.39 9.56 -12.62
CA PRO B 15 -4.01 10.82 -12.21
C PRO B 15 -4.85 11.42 -13.35
N LYS B 16 -5.76 10.61 -13.86
CA LYS B 16 -6.62 11.01 -14.97
C LYS B 16 -7.68 9.95 -15.22
N GLU B 17 -7.25 8.75 -15.57
CA GLU B 17 -8.16 7.65 -15.86
C GLU B 17 -7.56 6.32 -15.38
N LYS B 18 -8.24 5.23 -15.71
CA LYS B 18 -7.79 3.89 -15.35
C LYS B 18 -7.76 3.03 -16.61
N GLU B 19 -6.57 2.74 -17.10
CA GLU B 19 -6.42 1.95 -18.31
C GLU B 19 -5.89 0.56 -17.98
N GLU B 20 -6.35 -0.42 -18.74
CA GLU B 20 -5.93 -1.80 -18.53
C GLU B 20 -5.22 -2.32 -19.77
N PHE B 21 -3.94 -2.61 -19.63
CA PHE B 21 -3.15 -3.12 -20.75
C PHE B 21 -3.10 -4.64 -20.73
N ALA B 22 -2.59 -5.22 -21.81
CA ALA B 22 -2.51 -6.67 -21.92
C ALA B 22 -1.12 -7.09 -22.41
N VAL B 23 -0.40 -7.83 -21.59
CA VAL B 23 0.95 -8.28 -21.93
C VAL B 23 1.14 -9.75 -21.60
N PRO B 24 2.04 -10.44 -22.33
CA PRO B 24 2.32 -11.87 -22.08
C PRO B 24 2.93 -12.13 -20.71
N GLU B 25 2.83 -13.37 -20.25
CA GLU B 25 3.35 -13.78 -18.94
C GLU B 25 4.86 -14.01 -18.97
N ASN B 26 5.57 -13.35 -19.86
CA ASN B 26 7.03 -13.53 -19.95
C ASN B 26 7.74 -12.25 -20.36
N SER B 27 7.00 -11.16 -20.47
CA SER B 27 7.58 -9.89 -20.85
C SER B 27 8.27 -9.24 -19.66
N SER B 28 9.24 -8.39 -19.95
CA SER B 28 9.98 -7.70 -18.91
C SER B 28 9.33 -6.36 -18.59
N VAL B 29 9.58 -5.86 -17.39
CA VAL B 29 9.01 -4.60 -16.94
C VAL B 29 9.48 -3.46 -17.83
N GLN B 30 10.75 -3.49 -18.22
CA GLN B 30 11.32 -2.46 -19.08
C GLN B 30 10.61 -2.40 -20.43
N GLN B 31 10.09 -3.55 -20.87
CA GLN B 31 9.37 -3.63 -22.14
C GLN B 31 8.00 -2.98 -21.99
N PHE B 32 7.37 -3.21 -20.85
CA PHE B 32 6.05 -2.66 -20.57
C PHE B 32 6.13 -1.17 -20.28
N LYS B 33 7.19 -0.76 -19.57
CA LYS B 33 7.40 0.65 -19.23
C LYS B 33 7.41 1.51 -20.49
N GLU B 34 8.12 1.04 -21.50
CA GLU B 34 8.22 1.75 -22.77
C GLU B 34 6.86 1.91 -23.43
N ALA B 35 6.00 0.91 -23.24
CA ALA B 35 4.67 0.94 -23.82
C ALA B 35 3.81 2.03 -23.18
N ILE B 36 3.96 2.19 -21.87
CA ILE B 36 3.21 3.20 -21.13
C ILE B 36 3.59 4.60 -21.60
N SER B 37 4.89 4.85 -21.71
CA SER B 37 5.38 6.14 -22.14
C SER B 37 5.02 6.43 -23.60
N LYS B 38 4.94 5.37 -24.39
CA LYS B 38 4.63 5.49 -25.81
C LYS B 38 3.13 5.66 -26.08
N ARG B 39 2.30 4.91 -25.37
CA ARG B 39 0.86 4.95 -25.59
C ARG B 39 0.13 5.94 -24.67
N PHE B 40 0.52 6.01 -23.40
CA PHE B 40 -0.14 6.90 -22.45
C PHE B 40 0.44 8.30 -22.48
N LYS B 41 1.73 8.41 -22.82
CA LYS B 41 2.42 9.70 -22.87
C LYS B 41 2.61 10.28 -21.48
N SER B 42 3.81 10.17 -20.94
CA SER B 42 4.12 10.69 -19.62
C SER B 42 5.63 10.73 -19.39
N GLN B 43 6.18 9.63 -18.87
CA GLN B 43 7.60 9.52 -18.61
C GLN B 43 8.02 8.06 -18.67
N THR B 44 9.31 7.80 -18.55
CA THR B 44 9.80 6.43 -18.62
C THR B 44 10.66 6.07 -17.40
N ASP B 45 11.77 6.77 -17.23
CA ASP B 45 12.68 6.49 -16.12
C ASP B 45 12.07 6.89 -14.79
N GLN B 46 11.42 8.05 -14.76
CA GLN B 46 10.81 8.54 -13.53
C GLN B 46 9.45 7.90 -13.29
N LEU B 47 8.95 7.16 -14.27
CA LEU B 47 7.66 6.50 -14.16
C LEU B 47 7.81 5.20 -13.37
N VAL B 48 7.09 5.12 -12.26
CA VAL B 48 7.14 3.94 -11.39
C VAL B 48 5.74 3.41 -11.11
N LEU B 49 5.62 2.09 -11.08
CA LEU B 49 4.36 1.45 -10.78
C LEU B 49 4.28 1.18 -9.29
N ILE B 50 3.08 1.01 -8.78
CA ILE B 50 2.90 0.75 -7.36
C ILE B 50 2.28 -0.62 -7.13
N PHE B 51 2.82 -1.34 -6.15
CA PHE B 51 2.33 -2.67 -5.81
C PHE B 51 1.78 -2.67 -4.38
N ALA B 52 0.90 -1.71 -4.10
CA ALA B 52 0.26 -1.57 -2.79
C ALA B 52 1.29 -1.46 -1.66
N GLY B 53 1.78 -0.26 -1.42
CA GLY B 53 2.76 -0.03 -0.38
C GLY B 53 4.15 -0.50 -0.76
N LYS B 54 4.34 -0.82 -2.02
CA LYS B 54 5.63 -1.29 -2.51
C LYS B 54 5.94 -0.70 -3.87
N ILE B 55 7.22 -0.42 -4.11
CA ILE B 55 7.65 0.14 -5.38
C ILE B 55 7.74 -0.95 -6.44
N LEU B 56 7.11 -0.71 -7.58
CA LEU B 56 7.11 -1.68 -8.66
C LEU B 56 7.81 -1.08 -9.88
N LYS B 57 9.02 -1.56 -10.14
CA LYS B 57 9.81 -1.07 -11.27
C LYS B 57 10.54 -2.22 -11.93
N ASP B 58 11.47 -1.91 -12.82
CA ASP B 58 12.23 -2.92 -13.54
C ASP B 58 13.37 -3.48 -12.68
N GLN B 59 13.19 -3.41 -11.37
CA GLN B 59 14.18 -3.92 -10.43
C GLN B 59 13.86 -5.36 -10.07
N ASP B 60 12.60 -5.73 -10.22
CA ASP B 60 12.12 -7.07 -9.95
C ASP B 60 11.20 -7.51 -11.09
N THR B 61 10.77 -8.76 -11.07
CA THR B 61 9.93 -9.27 -12.13
C THR B 61 8.44 -9.01 -11.86
N LEU B 62 7.83 -8.22 -12.74
CA LEU B 62 6.42 -7.85 -12.63
C LEU B 62 5.51 -9.07 -12.62
N ILE B 63 5.77 -10.00 -13.54
CA ILE B 63 4.97 -11.21 -13.66
C ILE B 63 5.17 -12.17 -12.49
N GLN B 64 6.19 -11.92 -11.69
CA GLN B 64 6.48 -12.79 -10.56
C GLN B 64 5.84 -12.29 -9.28
N HIS B 65 5.43 -11.02 -9.25
CA HIS B 65 4.81 -10.46 -8.05
C HIS B 65 3.81 -9.36 -8.37
N GLY B 66 4.26 -8.32 -9.07
CA GLY B 66 3.41 -7.19 -9.42
C GLY B 66 2.06 -7.59 -9.98
N ILE B 67 2.06 -8.29 -11.10
CA ILE B 67 0.82 -8.71 -11.73
C ILE B 67 0.78 -10.23 -11.80
N HIS B 68 -0.07 -10.81 -10.96
CA HIS B 68 -0.23 -12.26 -10.93
C HIS B 68 -1.13 -12.73 -12.06
N ASP B 69 -2.38 -12.26 -12.03
CA ASP B 69 -3.35 -12.61 -13.06
C ASP B 69 -4.33 -11.45 -13.24
N GLY B 70 -3.87 -10.25 -12.91
CA GLY B 70 -4.70 -9.07 -13.03
C GLY B 70 -4.84 -8.36 -11.70
N LEU B 71 -4.03 -7.33 -11.51
CA LEU B 71 -4.07 -6.56 -10.27
C LEU B 71 -4.08 -5.07 -10.58
N THR B 72 -4.39 -4.27 -9.57
CA THR B 72 -4.44 -2.82 -9.73
C THR B 72 -3.13 -2.18 -9.28
N VAL B 73 -2.51 -1.43 -10.18
CA VAL B 73 -1.27 -0.75 -9.87
C VAL B 73 -1.42 0.76 -10.06
N HIS B 74 -0.64 1.53 -9.31
CA HIS B 74 -0.70 2.99 -9.41
C HIS B 74 0.51 3.52 -10.17
N LEU B 75 0.36 4.67 -10.80
CA LEU B 75 1.45 5.27 -11.55
C LEU B 75 1.95 6.54 -10.87
N VAL B 76 3.22 6.53 -10.45
CA VAL B 76 3.82 7.68 -9.79
C VAL B 76 5.04 8.16 -10.56
N ILE B 77 5.63 9.27 -10.12
CA ILE B 77 6.79 9.83 -10.79
C ILE B 77 7.87 10.24 -9.78
N LYS B 78 8.17 9.35 -8.86
CA LYS B 78 9.17 9.63 -7.83
C LYS B 78 10.46 8.87 -8.11
N LYS A 21 11.55 13.09 11.77
CA LYS A 21 10.61 12.81 12.87
C LYS A 21 9.30 12.24 12.33
N TYR A 22 8.41 11.86 13.22
CA TYR A 22 7.13 11.30 12.81
C TYR A 22 6.09 12.41 12.69
N LEU A 23 5.34 12.41 11.59
CA LEU A 23 4.30 13.41 11.38
C LEU A 23 3.13 13.14 12.29
N VAL A 24 2.77 11.87 12.39
CA VAL A 24 1.67 11.41 13.24
C VAL A 24 2.13 10.15 13.98
N GLU A 25 1.86 10.08 15.27
CA GLU A 25 2.24 8.93 16.05
C GLU A 25 1.23 8.66 17.17
N PHE A 26 0.89 7.39 17.37
CA PHE A 26 -0.04 6.99 18.41
C PHE A 26 0.14 5.51 18.74
N ARG A 27 -0.28 5.12 19.93
CA ARG A 27 -0.16 3.74 20.36
C ARG A 27 -1.33 2.91 19.87
N ALA A 28 -1.03 1.92 19.05
CA ALA A 28 -2.05 1.06 18.49
C ALA A 28 -1.46 -0.31 18.20
N GLY A 29 -2.27 -1.33 18.38
CA GLY A 29 -1.83 -2.69 18.12
C GLY A 29 -2.31 -3.18 16.79
N LYS A 30 -1.49 -3.97 16.13
CA LYS A 30 -1.86 -4.52 14.82
C LYS A 30 -2.47 -5.90 14.97
N MET A 31 -2.98 -6.44 13.89
CA MET A 31 -3.59 -7.76 13.90
C MET A 31 -2.88 -8.65 12.89
N SER A 32 -2.80 -9.93 13.19
CA SER A 32 -2.15 -10.87 12.31
C SER A 32 -3.15 -11.85 11.71
N LEU A 33 -3.03 -12.09 10.41
CA LEU A 33 -3.91 -13.02 9.73
C LEU A 33 -3.33 -14.42 9.84
N LYS A 34 -3.78 -15.16 10.83
CA LYS A 34 -3.30 -16.51 11.06
C LYS A 34 -4.23 -17.51 10.38
N GLY A 35 -3.76 -18.07 9.27
CA GLY A 35 -4.54 -19.03 8.51
C GLY A 35 -5.70 -18.37 7.79
N THR A 36 -6.76 -18.09 8.53
CA THR A 36 -7.93 -17.44 7.99
C THR A 36 -8.66 -16.68 9.10
N THR A 37 -7.99 -16.54 10.24
CA THR A 37 -8.57 -15.86 11.38
C THR A 37 -7.73 -14.65 11.78
N VAL A 38 -8.37 -13.49 11.89
CA VAL A 38 -7.67 -12.27 12.27
C VAL A 38 -7.41 -12.28 13.78
N THR A 39 -6.15 -12.39 14.15
CA THR A 39 -5.77 -12.41 15.55
C THR A 39 -5.03 -11.14 15.95
N PRO A 40 -5.67 -10.27 16.74
CA PRO A 40 -5.06 -9.02 17.20
C PRO A 40 -3.86 -9.28 18.10
N ASP A 41 -2.77 -8.59 17.83
CA ASP A 41 -1.55 -8.75 18.61
C ASP A 41 -1.78 -8.21 20.02
N LYS A 42 -1.10 -8.81 20.99
CA LYS A 42 -1.25 -8.39 22.38
C LYS A 42 -0.07 -7.51 22.78
N ARG A 43 0.81 -7.25 21.83
CA ARG A 43 1.99 -6.42 22.06
C ARG A 43 1.66 -4.94 21.99
N LYS A 44 2.50 -4.14 22.61
CA LYS A 44 2.35 -2.69 22.60
C LYS A 44 3.00 -2.14 21.35
N GLY A 45 2.21 -1.54 20.48
CA GLY A 45 2.74 -1.01 19.24
C GLY A 45 2.61 0.49 19.11
N LEU A 46 3.41 1.05 18.23
CA LEU A 46 3.40 2.48 17.97
C LEU A 46 3.27 2.72 16.47
N VAL A 47 2.14 3.27 16.07
CA VAL A 47 1.90 3.57 14.67
C VAL A 47 2.37 4.99 14.38
N TYR A 48 3.20 5.14 13.35
CA TYR A 48 3.71 6.44 13.02
C TYR A 48 3.79 6.63 11.50
N ILE A 49 3.73 7.88 11.10
CA ILE A 49 3.82 8.26 9.69
C ILE A 49 5.09 9.09 9.47
N GLN A 50 6.01 8.57 8.69
CA GLN A 50 7.26 9.26 8.43
C GLN A 50 7.48 9.46 6.95
N GLN A 51 7.88 10.66 6.57
CA GLN A 51 8.13 10.97 5.16
C GLN A 51 9.63 10.96 4.89
N THR A 52 10.04 10.13 3.95
CA THR A 52 11.46 10.03 3.60
C THR A 52 11.92 11.21 2.75
N ASP A 53 13.21 11.24 2.43
CA ASP A 53 13.80 12.32 1.64
C ASP A 53 13.23 12.40 0.23
N ASP A 54 12.63 11.30 -0.23
CA ASP A 54 12.04 11.25 -1.57
C ASP A 54 10.57 11.64 -1.50
N SER A 55 10.18 12.21 -0.36
CA SER A 55 8.82 12.67 -0.12
C SER A 55 7.82 11.51 -0.09
N LEU A 56 8.32 10.30 0.14
CA LEU A 56 7.47 9.13 0.21
C LEU A 56 6.93 8.92 1.62
N ILE A 57 5.62 8.76 1.71
CA ILE A 57 4.97 8.55 3.00
C ILE A 57 5.14 7.11 3.47
N HIS A 58 5.80 6.93 4.60
CA HIS A 58 6.02 5.61 5.15
C HIS A 58 5.13 5.35 6.36
N PHE A 59 4.29 4.35 6.22
CA PHE A 59 3.39 3.94 7.29
C PHE A 59 3.96 2.67 7.90
N CYS A 60 4.50 2.78 9.12
CA CYS A 60 5.12 1.63 9.75
C CYS A 60 4.61 1.39 11.17
N TRP A 61 4.75 0.14 11.60
CA TRP A 61 4.37 -0.28 12.93
C TRP A 61 5.64 -0.67 13.68
N LYS A 62 5.93 0.02 14.77
CA LYS A 62 7.13 -0.23 15.54
C LYS A 62 6.83 -0.87 16.88
N ASP A 63 7.65 -1.86 17.23
CA ASP A 63 7.52 -2.55 18.52
C ASP A 63 8.03 -1.62 19.62
N ARG A 64 7.23 -1.43 20.65
CA ARG A 64 7.61 -0.52 21.74
C ARG A 64 8.52 -1.20 22.77
N THR A 65 8.74 -2.49 22.63
CA THR A 65 9.58 -3.22 23.57
C THR A 65 11.01 -3.33 23.05
N SER A 66 11.15 -3.84 21.83
CA SER A 66 12.48 -4.02 21.23
C SER A 66 12.90 -2.78 20.44
N GLY A 67 11.91 -1.98 20.03
CA GLY A 67 12.21 -0.81 19.25
C GLY A 67 12.56 -1.15 17.82
N ASN A 68 11.84 -2.13 17.27
CA ASN A 68 12.08 -2.58 15.91
C ASN A 68 10.85 -2.36 15.03
N VAL A 69 11.09 -1.98 13.79
CA VAL A 69 10.01 -1.76 12.84
C VAL A 69 9.68 -3.06 12.11
N GLU A 70 8.51 -3.62 12.39
CA GLU A 70 8.10 -4.86 11.76
C GLU A 70 7.50 -4.60 10.38
N ASP A 71 6.45 -3.81 10.36
CA ASP A 71 5.76 -3.48 9.12
C ASP A 71 6.15 -2.08 8.65
N ASP A 72 6.35 -1.96 7.34
CA ASP A 72 6.73 -0.68 6.72
C ASP A 72 6.22 -0.63 5.30
N LEU A 73 5.28 0.26 5.03
CA LEU A 73 4.71 0.38 3.70
C LEU A 73 4.69 1.83 3.23
N ILE A 74 4.93 2.02 1.93
CA ILE A 74 4.90 3.35 1.34
C ILE A 74 3.50 3.66 0.84
N ILE A 75 2.87 4.66 1.42
CA ILE A 75 1.49 4.99 1.06
C ILE A 75 1.41 6.06 -0.03
N PHE A 76 0.34 5.97 -0.83
CA PHE A 76 0.09 6.91 -1.91
C PHE A 76 -1.39 7.26 -1.97
N PRO A 77 -1.74 8.42 -2.57
CA PRO A 77 -3.14 8.84 -2.70
C PRO A 77 -3.88 8.00 -3.75
N ASP A 78 -5.19 8.22 -3.85
CA ASP A 78 -6.06 7.51 -4.79
C ASP A 78 -5.88 5.99 -4.67
N ASP A 79 -5.52 5.52 -3.49
CA ASP A 79 -5.29 4.09 -3.29
C ASP A 79 -5.57 3.64 -1.85
N CYS A 80 -4.71 4.05 -0.92
CA CYS A 80 -4.86 3.65 0.48
C CYS A 80 -5.91 4.48 1.21
N GLU A 81 -6.70 3.80 2.04
CA GLU A 81 -7.75 4.43 2.81
C GLU A 81 -7.82 3.83 4.21
N PHE A 82 -7.74 4.67 5.24
CA PHE A 82 -7.80 4.21 6.62
C PHE A 82 -9.12 4.63 7.26
N LYS A 83 -9.78 3.72 7.96
CA LYS A 83 -11.05 4.05 8.59
C LYS A 83 -11.36 3.11 9.75
N ARG A 84 -12.36 3.49 10.54
CA ARG A 84 -12.77 2.70 11.70
C ARG A 84 -13.92 1.76 11.33
N VAL A 85 -13.92 0.59 11.94
CA VAL A 85 -14.96 -0.40 11.69
C VAL A 85 -16.20 -0.05 12.54
N PRO A 86 -17.32 0.28 11.87
CA PRO A 86 -18.56 0.64 12.58
C PRO A 86 -19.17 -0.54 13.33
N GLN A 87 -19.08 -1.72 12.74
CA GLN A 87 -19.63 -2.92 13.35
C GLN A 87 -18.60 -3.57 14.27
N CYS A 88 -18.30 -2.88 15.35
CA CYS A 88 -17.33 -3.36 16.32
C CYS A 88 -17.82 -3.06 17.73
N PRO A 89 -17.78 -4.06 18.62
CA PRO A 89 -18.21 -3.90 20.03
C PRO A 89 -17.47 -2.77 20.74
N SER A 90 -16.16 -2.78 20.64
CA SER A 90 -15.34 -1.76 21.28
C SER A 90 -15.35 -0.47 20.45
N GLY A 91 -15.40 -0.63 19.13
CA GLY A 91 -15.42 0.51 18.25
C GLY A 91 -14.04 1.15 18.12
N ARG A 92 -13.02 0.47 18.61
CA ARG A 92 -11.67 0.98 18.56
C ARG A 92 -10.85 0.22 17.53
N VAL A 93 -11.54 -0.56 16.71
CA VAL A 93 -10.88 -1.33 15.67
C VAL A 93 -10.90 -0.55 14.36
N TYR A 94 -9.72 -0.30 13.82
CA TYR A 94 -9.58 0.44 12.58
C TYR A 94 -9.02 -0.49 11.51
N VAL A 95 -9.27 -0.17 10.25
CA VAL A 95 -8.81 -0.99 9.15
C VAL A 95 -8.19 -0.16 8.03
N LEU A 96 -7.12 -0.67 7.47
CA LEU A 96 -6.43 -0.04 6.36
C LEU A 96 -6.81 -0.75 5.07
N LYS A 97 -7.50 -0.05 4.20
CA LYS A 97 -7.95 -0.62 2.94
C LYS A 97 -7.12 -0.15 1.76
N PHE A 98 -6.54 -1.10 1.06
CA PHE A 98 -5.75 -0.80 -0.13
C PHE A 98 -6.63 -0.98 -1.36
N LYS A 99 -6.94 0.12 -2.04
CA LYS A 99 -7.77 0.06 -3.23
C LYS A 99 -6.95 -0.41 -4.44
N ALA A 100 -6.26 -1.53 -4.25
CA ALA A 100 -5.43 -2.12 -5.28
C ALA A 100 -5.20 -3.61 -4.99
N GLY A 101 -5.79 -4.46 -5.81
CA GLY A 101 -5.64 -5.89 -5.63
C GLY A 101 -6.42 -6.41 -4.44
N SER A 102 -5.71 -6.74 -3.36
CA SER A 102 -6.34 -7.25 -2.15
C SER A 102 -5.39 -7.16 -0.96
N LYS A 103 -5.58 -6.16 -0.12
CA LYS A 103 -4.75 -5.97 1.06
C LYS A 103 -5.55 -5.31 2.17
N ARG A 104 -5.69 -6.00 3.30
CA ARG A 104 -6.44 -5.50 4.44
C ARG A 104 -5.65 -5.66 5.72
N LEU A 105 -5.40 -4.56 6.40
CA LEU A 105 -4.67 -4.58 7.67
C LEU A 105 -5.54 -3.99 8.76
N PHE A 106 -5.64 -4.69 9.89
CA PHE A 106 -6.46 -4.24 11.00
C PHE A 106 -5.60 -3.76 12.15
N PHE A 107 -6.05 -2.69 12.80
CA PHE A 107 -5.36 -2.10 13.94
C PHE A 107 -6.35 -1.72 15.03
N TRP A 108 -5.90 -1.67 16.28
CA TRP A 108 -6.78 -1.29 17.38
C TRP A 108 -6.06 -0.29 18.28
N MET A 109 -6.77 0.78 18.64
CA MET A 109 -6.21 1.83 19.47
C MET A 109 -5.82 1.34 20.85
N GLN A 110 -4.59 1.64 21.26
CA GLN A 110 -4.09 1.23 22.57
C GLN A 110 -4.03 2.42 23.50
N GLU A 111 -4.43 3.58 23.00
CA GLU A 111 -4.44 4.80 23.78
C GLU A 111 -5.47 4.69 24.91
N PRO A 112 -5.16 5.26 26.09
CA PRO A 112 -6.05 5.20 27.25
C PRO A 112 -7.36 5.97 27.06
N LYS A 113 -7.35 6.96 26.19
CA LYS A 113 -8.54 7.76 25.95
C LYS A 113 -9.02 7.66 24.51
N THR A 114 -10.33 7.64 24.34
CA THR A 114 -10.95 7.56 23.02
C THR A 114 -11.22 8.97 22.48
N ASP A 115 -10.81 9.95 23.26
CA ASP A 115 -11.00 11.36 22.92
C ASP A 115 -10.48 11.70 21.53
N GLN A 116 -9.26 11.27 21.23
CA GLN A 116 -8.66 11.57 19.94
C GLN A 116 -8.62 10.34 19.02
N ASP A 117 -9.44 9.34 19.32
CA ASP A 117 -9.49 8.11 18.51
C ASP A 117 -9.78 8.44 17.06
N GLU A 118 -10.94 9.05 16.81
CA GLU A 118 -11.35 9.43 15.47
C GLU A 118 -10.39 10.42 14.84
N GLU A 119 -9.90 11.36 15.65
CA GLU A 119 -8.98 12.38 15.18
C GLU A 119 -7.67 11.77 14.68
N HIS A 120 -7.22 10.71 15.34
CA HIS A 120 -5.99 10.04 14.94
C HIS A 120 -6.12 9.49 13.54
N CYS A 121 -7.26 8.84 13.27
CA CYS A 121 -7.53 8.27 11.95
C CYS A 121 -7.63 9.37 10.90
N ARG A 122 -8.23 10.49 11.29
CA ARG A 122 -8.41 11.63 10.40
C ARG A 122 -7.07 12.18 9.94
N LYS A 123 -6.18 12.43 10.90
CA LYS A 123 -4.86 12.95 10.59
C LYS A 123 -4.07 11.98 9.73
N VAL A 124 -4.27 10.68 10.00
CA VAL A 124 -3.60 9.64 9.22
C VAL A 124 -3.98 9.75 7.75
N ASN A 125 -5.29 9.77 7.49
CA ASN A 125 -5.80 9.87 6.11
C ASN A 125 -5.28 11.14 5.43
N GLU A 126 -5.22 12.22 6.20
CA GLU A 126 -4.76 13.50 5.67
C GLU A 126 -3.34 13.40 5.13
N TYR A 127 -2.45 12.74 5.84
CA TYR A 127 -1.06 12.62 5.42
C TYR A 127 -0.87 11.50 4.41
N LEU A 128 -1.89 10.66 4.23
CA LEU A 128 -1.80 9.55 3.30
C LEU A 128 -2.32 9.90 1.91
N ASN A 129 -3.30 10.79 1.84
CA ASN A 129 -3.88 11.16 0.55
C ASN A 129 -3.67 12.62 0.20
N ASN A 130 -3.05 13.37 1.10
CA ASN A 130 -2.79 14.78 0.86
C ASN A 130 -1.37 15.14 1.27
N ALA B 1 8.01 -22.13 -32.73
CA ALA B 1 8.51 -21.90 -31.36
C ALA B 1 7.49 -21.11 -30.55
N PRO B 2 6.93 -21.71 -29.49
CA PRO B 2 5.95 -21.05 -28.64
C PRO B 2 6.60 -20.08 -27.64
N ALA B 3 5.97 -18.95 -27.43
CA ALA B 3 6.48 -17.96 -26.50
C ALA B 3 5.58 -17.85 -25.27
N GLU B 4 4.62 -18.78 -25.19
CA GLU B 4 3.65 -18.84 -24.09
C GLU B 4 2.71 -17.64 -24.13
N PRO B 5 1.49 -17.83 -24.66
CA PRO B 5 0.50 -16.76 -24.78
C PRO B 5 -0.26 -16.49 -23.48
N LYS B 6 0.46 -16.52 -22.36
CA LYS B 6 -0.14 -16.26 -21.06
C LYS B 6 -0.22 -14.76 -20.84
N ILE B 7 -1.10 -14.11 -21.58
CA ILE B 7 -1.28 -12.67 -21.49
C ILE B 7 -2.01 -12.29 -20.22
N ILE B 8 -1.34 -11.54 -19.37
CA ILE B 8 -1.91 -11.08 -18.11
C ILE B 8 -2.51 -9.69 -18.27
N LYS B 9 -3.49 -9.38 -17.46
CA LYS B 9 -4.14 -8.08 -17.50
C LYS B 9 -3.65 -7.21 -16.34
N VAL B 10 -3.16 -6.03 -16.67
CA VAL B 10 -2.66 -5.11 -15.65
C VAL B 10 -3.37 -3.77 -15.74
N THR B 11 -4.09 -3.42 -14.67
CA THR B 11 -4.82 -2.18 -14.61
C THR B 11 -3.95 -1.08 -14.02
N VAL B 12 -3.61 -0.09 -14.84
CA VAL B 12 -2.77 1.02 -14.40
C VAL B 12 -3.61 2.21 -13.95
N LYS B 13 -3.53 2.53 -12.67
CA LYS B 13 -4.25 3.65 -12.11
C LYS B 13 -3.42 4.92 -12.25
N THR B 14 -3.83 5.78 -13.16
CA THR B 14 -3.13 7.02 -13.41
C THR B 14 -3.98 8.19 -12.96
N PRO B 15 -3.37 9.37 -12.68
CA PRO B 15 -4.11 10.56 -12.27
C PRO B 15 -4.81 11.22 -13.46
N LYS B 16 -5.57 10.41 -14.20
CA LYS B 16 -6.28 10.88 -15.38
C LYS B 16 -7.22 9.81 -15.91
N GLU B 17 -6.70 8.62 -16.14
CA GLU B 17 -7.51 7.51 -16.64
C GLU B 17 -7.09 6.19 -16.00
N LYS B 18 -7.83 5.13 -16.31
CA LYS B 18 -7.52 3.81 -15.77
C LYS B 18 -7.59 2.79 -16.89
N GLU B 19 -6.47 2.59 -17.57
CA GLU B 19 -6.41 1.65 -18.68
C GLU B 19 -5.77 0.34 -18.27
N GLU B 20 -6.17 -0.73 -18.94
CA GLU B 20 -5.64 -2.06 -18.65
C GLU B 20 -4.80 -2.55 -19.82
N PHE B 21 -3.54 -2.85 -19.55
CA PHE B 21 -2.64 -3.34 -20.58
C PHE B 21 -2.62 -4.86 -20.60
N ALA B 22 -2.16 -5.42 -21.71
CA ALA B 22 -2.10 -6.87 -21.87
C ALA B 22 -0.70 -7.30 -22.30
N VAL B 23 0.01 -7.97 -21.40
CA VAL B 23 1.37 -8.43 -21.69
C VAL B 23 1.56 -9.88 -21.25
N PRO B 24 2.45 -10.64 -21.92
CA PRO B 24 2.73 -12.03 -21.55
C PRO B 24 3.33 -12.15 -20.15
N GLU B 25 3.18 -13.33 -19.55
CA GLU B 25 3.66 -13.60 -18.19
C GLU B 25 5.17 -13.80 -18.15
N ASN B 26 5.86 -13.43 -19.21
CA ASN B 26 7.31 -13.56 -19.29
C ASN B 26 7.93 -12.27 -19.79
N SER B 27 7.32 -11.15 -19.42
CA SER B 27 7.81 -9.84 -19.84
C SER B 27 8.33 -9.04 -18.63
N SER B 28 9.47 -8.40 -18.81
CA SER B 28 10.08 -7.61 -17.75
C SER B 28 9.46 -6.22 -17.70
N VAL B 29 9.73 -5.49 -16.61
CA VAL B 29 9.20 -4.15 -16.42
C VAL B 29 9.78 -3.18 -17.46
N GLN B 30 10.99 -3.46 -17.91
CA GLN B 30 11.67 -2.63 -18.92
C GLN B 30 10.77 -2.45 -20.15
N GLN B 31 10.14 -3.53 -20.55
CA GLN B 31 9.25 -3.54 -21.71
C GLN B 31 7.97 -2.75 -21.42
N PHE B 32 7.47 -2.91 -20.20
CA PHE B 32 6.24 -2.25 -19.77
C PHE B 32 6.42 -0.73 -19.69
N LYS B 33 7.52 -0.30 -19.08
CA LYS B 33 7.80 1.12 -18.90
C LYS B 33 7.88 1.84 -20.24
N GLU B 34 8.54 1.21 -21.21
CA GLU B 34 8.71 1.79 -22.53
C GLU B 34 7.41 1.74 -23.35
N ALA B 35 6.51 0.86 -22.95
CA ALA B 35 5.23 0.71 -23.64
C ALA B 35 4.29 1.85 -23.27
N ILE B 36 4.14 2.07 -21.97
CA ILE B 36 3.25 3.11 -21.45
C ILE B 36 3.70 4.50 -21.94
N SER B 37 5.01 4.72 -21.99
CA SER B 37 5.55 6.00 -22.42
C SER B 37 5.27 6.29 -23.90
N LYS B 38 5.05 5.23 -24.67
CA LYS B 38 4.77 5.40 -26.09
C LYS B 38 3.26 5.45 -26.36
N ARG B 39 2.53 4.57 -25.69
CA ARG B 39 1.08 4.50 -25.86
C ARG B 39 0.38 5.66 -25.16
N PHE B 40 0.62 5.82 -23.87
CA PHE B 40 -0.02 6.89 -23.10
C PHE B 40 0.69 8.22 -23.33
N LYS B 41 1.99 8.16 -23.59
CA LYS B 41 2.81 9.35 -23.83
C LYS B 41 2.90 10.21 -22.57
N SER B 42 3.94 9.99 -21.79
CA SER B 42 4.14 10.73 -20.56
C SER B 42 5.63 10.78 -20.19
N GLN B 43 6.10 9.76 -19.49
CA GLN B 43 7.49 9.68 -19.06
C GLN B 43 7.94 8.22 -19.08
N THR B 44 9.24 7.99 -18.94
CA THR B 44 9.75 6.63 -18.96
C THR B 44 10.63 6.33 -17.74
N ASP B 45 11.62 7.17 -17.48
CA ASP B 45 12.53 6.94 -16.35
C ASP B 45 11.82 7.23 -15.03
N GLN B 46 11.08 8.33 -15.00
CA GLN B 46 10.35 8.73 -13.80
C GLN B 46 9.05 7.95 -13.66
N LEU B 47 8.76 7.11 -14.65
CA LEU B 47 7.55 6.30 -14.65
C LEU B 47 7.72 5.11 -13.71
N VAL B 48 6.95 5.09 -12.63
CA VAL B 48 7.03 4.02 -11.65
C VAL B 48 5.66 3.44 -11.32
N LEU B 49 5.61 2.12 -11.19
CA LEU B 49 4.37 1.44 -10.84
C LEU B 49 4.38 1.13 -9.35
N ILE B 50 3.20 1.01 -8.75
CA ILE B 50 3.11 0.71 -7.33
C ILE B 50 2.21 -0.48 -7.08
N PHE B 51 2.70 -1.41 -6.26
CA PHE B 51 1.94 -2.60 -5.90
C PHE B 51 1.64 -2.59 -4.41
N ALA B 52 0.76 -1.69 -4.00
CA ALA B 52 0.34 -1.56 -2.59
C ALA B 52 1.54 -1.36 -1.66
N GLY B 53 2.02 -0.12 -1.60
CA GLY B 53 3.16 0.19 -0.75
C GLY B 53 4.44 -0.46 -1.23
N LYS B 54 4.55 -0.67 -2.54
CA LYS B 54 5.73 -1.30 -3.11
C LYS B 54 6.11 -0.64 -4.44
N ILE B 55 7.36 -0.19 -4.54
CA ILE B 55 7.84 0.46 -5.75
C ILE B 55 8.19 -0.55 -6.83
N LEU B 56 7.51 -0.46 -7.96
CA LEU B 56 7.74 -1.36 -9.06
C LEU B 56 8.40 -0.66 -10.23
N LYS B 57 9.65 -1.01 -10.47
CA LYS B 57 10.41 -0.45 -11.57
C LYS B 57 11.28 -1.55 -12.17
N ASP B 58 12.27 -1.18 -12.96
CA ASP B 58 13.16 -2.16 -13.59
C ASP B 58 14.17 -2.71 -12.58
N GLN B 59 13.65 -3.22 -11.47
CA GLN B 59 14.46 -3.81 -10.41
C GLN B 59 14.13 -5.29 -10.30
N ASP B 60 12.84 -5.58 -10.40
CA ASP B 60 12.35 -6.94 -10.33
C ASP B 60 11.41 -7.18 -11.51
N THR B 61 10.73 -8.31 -11.53
CA THR B 61 9.83 -8.63 -12.63
C THR B 61 8.36 -8.38 -12.27
N LEU B 62 7.67 -7.64 -13.14
CA LEU B 62 6.26 -7.33 -12.94
C LEU B 62 5.42 -8.60 -12.89
N ILE B 63 5.79 -9.56 -13.72
CA ILE B 63 5.09 -10.84 -13.79
C ILE B 63 5.49 -11.78 -12.66
N GLN B 64 6.31 -11.30 -11.73
CA GLN B 64 6.76 -12.13 -10.63
C GLN B 64 6.11 -11.74 -9.31
N HIS B 65 5.84 -10.46 -9.12
CA HIS B 65 5.24 -10.00 -7.88
C HIS B 65 4.10 -9.02 -8.12
N GLY B 66 4.36 -8.01 -8.94
CA GLY B 66 3.36 -7.00 -9.23
C GLY B 66 2.04 -7.55 -9.72
N ILE B 67 2.04 -8.18 -10.87
CA ILE B 67 0.83 -8.74 -11.43
C ILE B 67 0.88 -10.25 -11.47
N HIS B 68 -0.05 -10.88 -10.77
CA HIS B 68 -0.12 -12.34 -10.73
C HIS B 68 -1.11 -12.82 -11.78
N ASP B 69 -2.37 -12.43 -11.62
CA ASP B 69 -3.43 -12.80 -12.55
C ASP B 69 -4.49 -11.71 -12.60
N GLY B 70 -4.05 -10.49 -12.88
CA GLY B 70 -4.97 -9.36 -12.96
C GLY B 70 -4.99 -8.55 -11.67
N LEU B 71 -4.14 -7.54 -11.58
CA LEU B 71 -4.08 -6.70 -10.39
C LEU B 71 -3.99 -5.23 -10.76
N THR B 72 -4.28 -4.37 -9.80
CA THR B 72 -4.25 -2.93 -10.01
C THR B 72 -2.94 -2.31 -9.50
N VAL B 73 -2.31 -1.51 -10.34
CA VAL B 73 -1.07 -0.84 -9.97
C VAL B 73 -1.22 0.67 -10.09
N HIS B 74 -0.47 1.40 -9.26
CA HIS B 74 -0.54 2.86 -9.28
C HIS B 74 0.61 3.46 -10.07
N LEU B 75 0.31 4.40 -10.94
CA LEU B 75 1.34 5.06 -11.73
C LEU B 75 1.80 6.33 -11.03
N VAL B 76 3.01 6.31 -10.52
CA VAL B 76 3.57 7.47 -9.83
C VAL B 76 4.85 7.93 -10.53
N ILE B 77 5.47 8.96 -10.00
CA ILE B 77 6.70 9.50 -10.58
C ILE B 77 7.77 9.69 -9.52
N LYS B 78 8.50 8.62 -9.24
CA LYS B 78 9.57 8.67 -8.25
C LYS B 78 10.85 8.06 -8.81
N LYS A 21 12.10 12.81 12.67
CA LYS A 21 10.86 12.72 13.45
C LYS A 21 9.71 12.23 12.58
N TYR A 22 8.59 11.90 13.21
CA TYR A 22 7.42 11.43 12.47
C TYR A 22 6.33 12.48 12.46
N LEU A 23 5.50 12.46 11.42
CA LEU A 23 4.41 13.41 11.29
C LEU A 23 3.32 13.09 12.30
N VAL A 24 2.91 11.83 12.31
CA VAL A 24 1.88 11.34 13.22
C VAL A 24 2.40 10.08 13.91
N GLU A 25 2.08 9.92 15.19
CA GLU A 25 2.53 8.75 15.94
C GLU A 25 1.58 8.47 17.09
N PHE A 26 1.08 7.23 17.17
CA PHE A 26 0.17 6.84 18.23
C PHE A 26 0.30 5.34 18.50
N ARG A 27 -0.25 4.89 19.63
CA ARG A 27 -0.19 3.50 20.02
C ARG A 27 -1.34 2.71 19.42
N ALA A 28 -1.01 1.65 18.71
CA ALA A 28 -2.01 0.79 18.08
C ALA A 28 -1.44 -0.60 17.85
N GLY A 29 -2.28 -1.60 18.06
CA GLY A 29 -1.85 -2.97 17.89
C GLY A 29 -2.16 -3.48 16.49
N LYS A 30 -1.22 -4.23 15.93
CA LYS A 30 -1.37 -4.79 14.60
C LYS A 30 -2.17 -6.10 14.66
N MET A 31 -2.44 -6.67 13.50
CA MET A 31 -3.17 -7.92 13.41
C MET A 31 -2.54 -8.79 12.33
N SER A 32 -2.64 -10.09 12.46
CA SER A 32 -2.06 -10.99 11.48
C SER A 32 -3.08 -12.02 10.99
N LEU A 33 -3.11 -12.22 9.68
CA LEU A 33 -4.01 -13.19 9.07
C LEU A 33 -3.39 -14.58 9.14
N LYS A 34 -3.61 -15.25 10.25
CA LYS A 34 -3.09 -16.59 10.46
C LYS A 34 -3.98 -17.62 9.79
N GLY A 35 -3.49 -18.16 8.67
CA GLY A 35 -4.24 -19.15 7.92
C GLY A 35 -5.35 -18.49 7.13
N THR A 36 -6.42 -18.13 7.82
CA THR A 36 -7.56 -17.48 7.21
C THR A 36 -8.35 -16.73 8.27
N THR A 37 -7.74 -16.59 9.45
CA THR A 37 -8.37 -15.91 10.57
C THR A 37 -7.52 -14.73 11.02
N VAL A 38 -8.10 -13.55 11.02
CA VAL A 38 -7.40 -12.35 11.45
C VAL A 38 -7.24 -12.36 12.96
N THR A 39 -6.02 -12.58 13.42
CA THR A 39 -5.75 -12.62 14.85
C THR A 39 -5.00 -11.36 15.27
N PRO A 40 -5.56 -10.59 16.22
CA PRO A 40 -4.92 -9.37 16.70
C PRO A 40 -3.66 -9.65 17.51
N ASP A 41 -2.68 -8.76 17.41
CA ASP A 41 -1.44 -8.89 18.14
C ASP A 41 -1.66 -8.42 19.57
N LYS A 42 -0.87 -8.93 20.50
CA LYS A 42 -1.01 -8.56 21.91
C LYS A 42 0.14 -7.68 22.36
N ARG A 43 0.98 -7.27 21.44
CA ARG A 43 2.11 -6.42 21.76
C ARG A 43 1.76 -4.95 21.56
N LYS A 44 2.45 -4.09 22.30
CA LYS A 44 2.23 -2.67 22.20
C LYS A 44 2.99 -2.13 21.00
N GLY A 45 2.30 -1.44 20.11
CA GLY A 45 2.95 -0.92 18.93
C GLY A 45 2.71 0.55 18.72
N LEU A 46 3.63 1.18 18.00
CA LEU A 46 3.56 2.58 17.70
C LEU A 46 3.44 2.79 16.19
N VAL A 47 2.31 3.28 15.75
CA VAL A 47 2.07 3.54 14.35
C VAL A 47 2.52 4.96 14.03
N TYR A 48 3.53 5.08 13.17
CA TYR A 48 4.05 6.38 12.83
C TYR A 48 4.12 6.58 11.32
N ILE A 49 3.97 7.82 10.90
CA ILE A 49 4.04 8.18 9.49
C ILE A 49 5.22 9.13 9.27
N GLN A 50 6.24 8.66 8.58
CA GLN A 50 7.41 9.46 8.32
C GLN A 50 7.62 9.62 6.81
N GLN A 51 8.25 10.73 6.42
CA GLN A 51 8.50 10.98 5.01
C GLN A 51 10.00 11.10 4.76
N THR A 52 10.48 10.46 3.70
CA THR A 52 11.88 10.50 3.35
C THR A 52 12.18 11.67 2.41
N ASP A 53 13.45 11.83 2.06
CA ASP A 53 13.89 12.89 1.15
C ASP A 53 13.26 12.75 -0.23
N ASP A 54 12.94 11.52 -0.58
CA ASP A 54 12.34 11.21 -1.88
C ASP A 54 10.84 11.51 -1.87
N SER A 55 10.37 12.07 -0.76
CA SER A 55 8.98 12.45 -0.57
C SER A 55 8.05 11.23 -0.45
N LEU A 56 8.63 10.05 -0.26
CA LEU A 56 7.84 8.84 -0.12
C LEU A 56 7.28 8.72 1.30
N ILE A 57 5.97 8.55 1.39
CA ILE A 57 5.30 8.42 2.68
C ILE A 57 5.50 7.02 3.24
N HIS A 58 6.14 6.93 4.39
CA HIS A 58 6.40 5.65 5.02
C HIS A 58 5.46 5.40 6.20
N PHE A 59 4.60 4.42 6.02
CA PHE A 59 3.66 4.01 7.05
C PHE A 59 4.23 2.76 7.70
N CYS A 60 4.79 2.90 8.87
CA CYS A 60 5.40 1.77 9.54
C CYS A 60 4.88 1.56 10.96
N TRP A 61 4.93 0.31 11.38
CA TRP A 61 4.50 -0.08 12.72
C TRP A 61 5.75 -0.45 13.50
N LYS A 62 6.03 0.33 14.54
CA LYS A 62 7.22 0.08 15.35
C LYS A 62 6.83 -0.54 16.68
N ASP A 63 7.45 -1.68 16.99
CA ASP A 63 7.20 -2.37 18.25
C ASP A 63 7.69 -1.50 19.40
N ARG A 64 6.88 -1.35 20.43
CA ARG A 64 7.26 -0.52 21.57
C ARG A 64 8.14 -1.27 22.54
N THR A 65 8.23 -2.58 22.36
CA THR A 65 9.04 -3.40 23.25
C THR A 65 10.51 -3.38 22.86
N SER A 66 10.83 -3.90 21.68
CA SER A 66 12.20 -3.95 21.22
C SER A 66 12.55 -2.70 20.41
N GLY A 67 11.54 -2.05 19.87
CA GLY A 67 11.76 -0.87 19.07
C GLY A 67 12.09 -1.22 17.64
N ASN A 68 11.65 -2.39 17.22
CA ASN A 68 11.88 -2.87 15.86
C ASN A 68 10.72 -2.53 14.96
N VAL A 69 11.01 -2.24 13.70
CA VAL A 69 9.98 -1.92 12.73
C VAL A 69 9.60 -3.17 11.95
N GLU A 70 8.44 -3.74 12.26
CA GLU A 70 7.98 -4.96 11.59
C GLU A 70 7.31 -4.63 10.28
N ASP A 71 6.42 -3.66 10.29
CA ASP A 71 5.70 -3.25 9.09
C ASP A 71 6.22 -1.93 8.58
N ASP A 72 6.40 -1.83 7.28
CA ASP A 72 6.89 -0.61 6.63
C ASP A 72 6.38 -0.58 5.18
N LEU A 73 5.48 0.33 4.89
CA LEU A 73 4.91 0.43 3.55
C LEU A 73 4.92 1.87 3.04
N ILE A 74 5.06 2.01 1.74
CA ILE A 74 5.06 3.32 1.10
C ILE A 74 3.64 3.66 0.64
N ILE A 75 3.07 4.72 1.23
CA ILE A 75 1.71 5.12 0.93
C ILE A 75 1.63 6.22 -0.13
N PHE A 76 0.55 6.19 -0.91
CA PHE A 76 0.30 7.18 -1.97
C PHE A 76 -1.19 7.51 -2.02
N PRO A 77 -1.54 8.71 -2.51
CA PRO A 77 -2.93 9.16 -2.63
C PRO A 77 -3.74 8.34 -3.63
N ASP A 78 -5.04 8.64 -3.72
CA ASP A 78 -6.00 7.96 -4.61
C ASP A 78 -5.94 6.44 -4.45
N ASP A 79 -5.67 5.97 -3.24
CA ASP A 79 -5.56 4.54 -3.02
C ASP A 79 -5.87 4.13 -1.58
N CYS A 80 -4.89 4.30 -0.70
CA CYS A 80 -5.03 3.91 0.70
C CYS A 80 -6.14 4.66 1.42
N GLU A 81 -7.05 3.89 2.02
CA GLU A 81 -8.18 4.45 2.74
C GLU A 81 -8.25 3.85 4.15
N PHE A 82 -8.06 4.69 5.16
CA PHE A 82 -8.11 4.26 6.54
C PHE A 82 -9.48 4.57 7.15
N LYS A 83 -10.09 3.58 7.80
CA LYS A 83 -11.40 3.78 8.42
C LYS A 83 -11.61 2.82 9.58
N ARG A 84 -12.66 3.07 10.35
CA ARG A 84 -12.97 2.24 11.51
C ARG A 84 -14.05 1.20 11.16
N VAL A 85 -13.95 0.02 11.77
CA VAL A 85 -14.92 -1.03 11.55
C VAL A 85 -16.13 -0.81 12.47
N PRO A 86 -17.30 -0.51 11.89
CA PRO A 86 -18.52 -0.24 12.66
C PRO A 86 -19.09 -1.51 13.31
N GLN A 87 -18.91 -2.64 12.65
CA GLN A 87 -19.43 -3.90 13.16
C GLN A 87 -18.42 -4.60 14.08
N CYS A 88 -17.81 -3.81 14.94
CA CYS A 88 -16.84 -4.32 15.89
C CYS A 88 -17.34 -4.08 17.31
N PRO A 89 -17.38 -5.13 18.15
CA PRO A 89 -17.84 -5.02 19.54
C PRO A 89 -17.06 -3.98 20.32
N SER A 90 -15.75 -3.92 20.10
CA SER A 90 -14.91 -2.96 20.80
C SER A 90 -15.11 -1.56 20.22
N GLY A 91 -15.29 -1.51 18.91
CA GLY A 91 -15.50 -0.24 18.23
C GLY A 91 -14.24 0.59 18.10
N ARG A 92 -13.08 -0.04 18.32
CA ARG A 92 -11.82 0.68 18.21
C ARG A 92 -10.90 0.00 17.20
N VAL A 93 -11.46 -0.90 16.42
CA VAL A 93 -10.69 -1.60 15.40
C VAL A 93 -10.75 -0.83 14.09
N TYR A 94 -9.59 -0.39 13.64
CA TYR A 94 -9.49 0.37 12.41
C TYR A 94 -8.85 -0.49 11.33
N VAL A 95 -9.16 -0.20 10.08
CA VAL A 95 -8.63 -0.98 8.97
C VAL A 95 -8.11 -0.08 7.85
N LEU A 96 -6.89 -0.38 7.42
CA LEU A 96 -6.25 0.33 6.33
C LEU A 96 -6.44 -0.48 5.06
N LYS A 97 -7.40 -0.09 4.25
CA LYS A 97 -7.68 -0.81 3.02
C LYS A 97 -7.09 -0.09 1.82
N PHE A 98 -6.34 -0.83 1.02
CA PHE A 98 -5.75 -0.29 -0.18
C PHE A 98 -6.76 -0.43 -1.31
N LYS A 99 -6.62 0.36 -2.34
CA LYS A 99 -7.55 0.31 -3.46
C LYS A 99 -6.81 -0.11 -4.72
N ALA A 100 -5.79 -0.92 -4.51
CA ALA A 100 -4.97 -1.46 -5.58
C ALA A 100 -4.54 -2.87 -5.19
N GLY A 101 -5.50 -3.79 -5.16
CA GLY A 101 -5.21 -5.15 -4.80
C GLY A 101 -6.20 -5.68 -3.77
N SER A 102 -5.69 -6.43 -2.80
CA SER A 102 -6.53 -7.01 -1.77
C SER A 102 -5.87 -6.88 -0.40
N LYS A 103 -5.02 -5.87 -0.24
CA LYS A 103 -4.32 -5.65 1.03
C LYS A 103 -5.22 -4.94 2.03
N ARG A 104 -5.44 -5.59 3.17
CA ARG A 104 -6.26 -5.03 4.24
C ARG A 104 -5.55 -5.20 5.59
N LEU A 105 -5.11 -4.10 6.17
CA LEU A 105 -4.41 -4.15 7.45
C LEU A 105 -5.30 -3.66 8.58
N PHE A 106 -5.46 -4.49 9.61
CA PHE A 106 -6.30 -4.13 10.75
C PHE A 106 -5.43 -3.67 11.93
N PHE A 107 -5.90 -2.65 12.63
CA PHE A 107 -5.18 -2.12 13.78
C PHE A 107 -6.16 -1.72 14.88
N TRP A 108 -5.83 -2.04 16.13
CA TRP A 108 -6.70 -1.68 17.25
C TRP A 108 -6.02 -0.61 18.09
N MET A 109 -6.73 0.49 18.30
CA MET A 109 -6.22 1.63 19.07
C MET A 109 -5.80 1.22 20.49
N GLN A 110 -4.59 1.59 20.86
CA GLN A 110 -4.07 1.28 22.19
C GLN A 110 -4.03 2.55 23.04
N GLU A 111 -4.56 3.65 22.49
CA GLU A 111 -4.60 4.92 23.19
C GLU A 111 -5.61 4.83 24.34
N PRO A 112 -5.32 5.49 25.48
CA PRO A 112 -6.20 5.46 26.66
C PRO A 112 -7.61 5.97 26.40
N LYS A 113 -7.72 7.15 25.80
CA LYS A 113 -9.02 7.75 25.54
C LYS A 113 -9.43 7.58 24.09
N THR A 114 -10.75 7.61 23.87
CA THR A 114 -11.31 7.48 22.54
C THR A 114 -11.62 8.85 21.95
N ASP A 115 -11.30 9.88 22.73
CA ASP A 115 -11.53 11.27 22.33
C ASP A 115 -10.84 11.61 21.03
N GLN A 116 -9.62 11.15 20.85
CA GLN A 116 -8.86 11.45 19.64
C GLN A 116 -8.75 10.22 18.74
N ASP A 117 -9.64 9.26 18.92
CA ASP A 117 -9.62 8.04 18.11
C ASP A 117 -9.84 8.35 16.64
N GLU A 118 -10.96 8.99 16.33
CA GLU A 118 -11.30 9.35 14.97
C GLU A 118 -10.35 10.43 14.45
N GLU A 119 -9.89 11.29 15.34
CA GLU A 119 -8.98 12.37 14.98
C GLU A 119 -7.64 11.79 14.49
N HIS A 120 -7.19 10.72 15.17
CA HIS A 120 -5.93 10.06 14.78
C HIS A 120 -6.09 9.47 13.39
N CYS A 121 -7.24 8.85 13.15
CA CYS A 121 -7.54 8.24 11.86
C CYS A 121 -7.59 9.32 10.77
N ARG A 122 -8.12 10.48 11.15
CA ARG A 122 -8.25 11.61 10.24
C ARG A 122 -6.87 12.13 9.84
N LYS A 123 -6.00 12.31 10.84
CA LYS A 123 -4.63 12.80 10.59
C LYS A 123 -3.91 11.87 9.64
N VAL A 124 -4.08 10.57 9.87
CA VAL A 124 -3.47 9.55 9.03
C VAL A 124 -3.97 9.67 7.59
N ASN A 125 -5.29 9.69 7.44
CA ASN A 125 -5.92 9.78 6.12
C ASN A 125 -5.47 11.01 5.34
N GLU A 126 -5.32 12.12 6.05
CA GLU A 126 -4.90 13.36 5.42
C GLU A 126 -3.47 13.27 4.89
N TYR A 127 -2.53 12.92 5.74
CA TYR A 127 -1.12 12.84 5.36
C TYR A 127 -0.86 11.73 4.34
N LEU A 128 -1.68 10.69 4.36
CA LEU A 128 -1.50 9.58 3.43
C LEU A 128 -2.02 9.90 2.03
N ASN A 129 -2.91 10.89 1.94
CA ASN A 129 -3.47 11.25 0.64
C ASN A 129 -3.11 12.65 0.20
N ASN A 130 -2.47 13.41 1.08
CA ASN A 130 -2.07 14.77 0.76
C ASN A 130 -0.66 15.04 1.26
N ALA B 1 7.29 -23.15 -31.28
CA ALA B 1 7.91 -22.73 -30.01
C ALA B 1 7.08 -21.64 -29.35
N PRO B 2 6.46 -21.95 -28.20
CA PRO B 2 5.64 -20.99 -27.47
C PRO B 2 6.48 -20.10 -26.57
N ALA B 3 5.82 -19.20 -25.84
CA ALA B 3 6.51 -18.29 -24.94
C ALA B 3 5.59 -17.91 -23.80
N GLU B 4 4.86 -18.91 -23.29
CA GLU B 4 3.91 -18.71 -22.19
C GLU B 4 2.84 -17.68 -22.57
N PRO B 5 1.75 -18.16 -23.22
CA PRO B 5 0.65 -17.28 -23.65
C PRO B 5 -0.29 -16.93 -22.51
N LYS B 6 0.24 -16.91 -21.30
CA LYS B 6 -0.54 -16.57 -20.13
C LYS B 6 -0.47 -15.07 -19.89
N ILE B 7 -1.51 -14.36 -20.32
CA ILE B 7 -1.55 -12.92 -20.19
C ILE B 7 -2.20 -12.51 -18.86
N ILE B 8 -1.54 -11.62 -18.15
CA ILE B 8 -2.04 -11.12 -16.88
C ILE B 8 -2.63 -9.73 -17.05
N LYS B 9 -3.83 -9.53 -16.53
CA LYS B 9 -4.50 -8.24 -16.65
C LYS B 9 -3.96 -7.27 -15.60
N VAL B 10 -3.38 -6.19 -16.05
CA VAL B 10 -2.82 -5.19 -15.16
C VAL B 10 -3.57 -3.86 -15.27
N THR B 11 -4.31 -3.52 -14.22
CA THR B 11 -5.07 -2.29 -14.18
C THR B 11 -4.18 -1.15 -13.70
N VAL B 12 -4.02 -0.13 -14.52
CA VAL B 12 -3.14 0.99 -14.18
C VAL B 12 -3.94 2.21 -13.72
N LYS B 13 -3.75 2.59 -12.47
CA LYS B 13 -4.41 3.76 -11.90
C LYS B 13 -3.54 4.99 -12.15
N THR B 14 -3.99 5.83 -13.06
CA THR B 14 -3.26 7.03 -13.43
C THR B 14 -4.04 8.27 -13.01
N PRO B 15 -3.37 9.44 -12.93
CA PRO B 15 -4.04 10.70 -12.55
C PRO B 15 -4.92 11.24 -13.67
N LYS B 16 -5.82 10.38 -14.15
CA LYS B 16 -6.73 10.73 -15.24
C LYS B 16 -7.82 9.68 -15.36
N GLU B 17 -7.45 8.49 -15.79
CA GLU B 17 -8.38 7.40 -15.95
C GLU B 17 -7.78 6.11 -15.41
N LYS B 18 -8.43 5.00 -15.67
CA LYS B 18 -7.95 3.70 -15.21
C LYS B 18 -8.00 2.71 -16.36
N GLU B 19 -6.88 2.55 -17.05
CA GLU B 19 -6.79 1.65 -18.19
C GLU B 19 -6.18 0.32 -17.75
N GLU B 20 -6.47 -0.74 -18.50
CA GLU B 20 -5.94 -2.05 -18.20
C GLU B 20 -5.13 -2.57 -19.38
N PHE B 21 -3.90 -2.95 -19.11
CA PHE B 21 -3.01 -3.45 -20.15
C PHE B 21 -2.96 -4.97 -20.11
N ALA B 22 -2.52 -5.57 -21.20
CA ALA B 22 -2.41 -7.02 -21.30
C ALA B 22 -0.98 -7.42 -21.62
N VAL B 23 -0.32 -8.05 -20.66
CA VAL B 23 1.06 -8.50 -20.83
C VAL B 23 1.19 -9.95 -20.40
N PRO B 24 2.05 -10.72 -21.06
CA PRO B 24 2.29 -12.13 -20.72
C PRO B 24 3.07 -12.28 -19.42
N GLU B 25 2.83 -13.38 -18.71
CA GLU B 25 3.50 -13.67 -17.44
C GLU B 25 4.95 -14.11 -17.63
N ASN B 26 5.67 -13.45 -18.54
CA ASN B 26 7.06 -13.77 -18.81
C ASN B 26 7.85 -12.52 -19.17
N SER B 27 7.17 -11.38 -19.19
CA SER B 27 7.80 -10.11 -19.53
C SER B 27 8.34 -9.41 -18.29
N SER B 28 9.33 -8.55 -18.51
CA SER B 28 9.94 -7.79 -17.44
C SER B 28 9.29 -6.40 -17.36
N VAL B 29 9.62 -5.65 -16.31
CA VAL B 29 9.05 -4.32 -16.13
C VAL B 29 9.66 -3.34 -17.14
N GLN B 30 10.91 -3.59 -17.52
CA GLN B 30 11.61 -2.74 -18.49
C GLN B 30 10.79 -2.55 -19.76
N GLN B 31 10.37 -3.66 -20.36
CA GLN B 31 9.58 -3.62 -21.58
C GLN B 31 8.19 -3.01 -21.33
N PHE B 32 7.62 -3.33 -20.18
CA PHE B 32 6.29 -2.84 -19.81
C PHE B 32 6.30 -1.32 -19.68
N LYS B 33 7.33 -0.77 -19.05
CA LYS B 33 7.45 0.67 -18.87
C LYS B 33 7.46 1.38 -20.21
N GLU B 34 8.27 0.88 -21.14
CA GLU B 34 8.38 1.47 -22.46
C GLU B 34 7.04 1.46 -23.18
N ALA B 35 6.22 0.46 -22.89
CA ALA B 35 4.91 0.34 -23.51
C ALA B 35 3.99 1.46 -23.01
N ILE B 36 4.11 1.77 -21.72
CA ILE B 36 3.30 2.82 -21.12
C ILE B 36 3.66 4.19 -21.69
N SER B 37 4.95 4.46 -21.83
CA SER B 37 5.42 5.74 -22.34
C SER B 37 5.12 5.88 -23.84
N LYS B 38 4.86 4.76 -24.50
CA LYS B 38 4.57 4.78 -25.92
C LYS B 38 3.06 4.82 -26.17
N ARG B 39 2.30 4.06 -25.39
CA ARG B 39 0.85 4.02 -25.55
C ARG B 39 0.18 5.22 -24.89
N PHE B 40 0.41 5.39 -23.60
CA PHE B 40 -0.18 6.50 -22.85
C PHE B 40 0.60 7.77 -23.10
N LYS B 41 1.93 7.64 -23.11
CA LYS B 41 2.84 8.76 -23.36
C LYS B 41 2.82 9.77 -22.20
N SER B 42 3.88 9.77 -21.42
CA SER B 42 4.00 10.68 -20.28
C SER B 42 5.47 10.78 -19.87
N GLN B 43 6.01 9.68 -19.37
CA GLN B 43 7.39 9.63 -18.94
C GLN B 43 7.85 8.18 -18.86
N THR B 44 9.14 7.98 -18.65
CA THR B 44 9.69 6.63 -18.53
C THR B 44 10.60 6.52 -17.31
N ASP B 45 11.55 7.44 -17.21
CA ASP B 45 12.49 7.45 -16.11
C ASP B 45 11.80 7.78 -14.79
N GLN B 46 11.04 8.86 -14.79
CA GLN B 46 10.34 9.29 -13.58
C GLN B 46 9.05 8.51 -13.36
N LEU B 47 8.75 7.57 -14.25
CA LEU B 47 7.54 6.77 -14.13
C LEU B 47 7.80 5.56 -13.23
N VAL B 48 7.14 5.52 -12.09
CA VAL B 48 7.28 4.42 -11.14
C VAL B 48 5.94 3.78 -10.85
N LEU B 49 5.90 2.45 -10.84
CA LEU B 49 4.68 1.72 -10.57
C LEU B 49 4.55 1.43 -9.08
N ILE B 50 3.33 1.37 -8.59
CA ILE B 50 3.08 1.13 -7.18
C ILE B 50 2.25 -0.12 -6.95
N PHE B 51 2.67 -0.93 -5.97
CA PHE B 51 1.97 -2.18 -5.66
C PHE B 51 1.33 -2.09 -4.26
N ALA B 52 0.81 -0.92 -3.92
CA ALA B 52 0.14 -0.69 -2.63
C ALA B 52 1.07 -0.96 -1.45
N GLY B 53 1.92 0.00 -1.15
CA GLY B 53 2.84 -0.15 -0.04
C GLY B 53 4.24 -0.50 -0.47
N LYS B 54 4.40 -0.85 -1.74
CA LYS B 54 5.69 -1.21 -2.27
C LYS B 54 5.87 -0.62 -3.66
N ILE B 55 7.10 -0.24 -3.99
CA ILE B 55 7.41 0.34 -5.28
C ILE B 55 7.79 -0.75 -6.27
N LEU B 56 7.40 -0.56 -7.51
CA LEU B 56 7.69 -1.51 -8.58
C LEU B 56 8.55 -0.84 -9.64
N LYS B 57 9.75 -1.35 -9.85
CA LYS B 57 10.66 -0.80 -10.82
C LYS B 57 11.23 -1.90 -11.70
N ASP B 58 12.29 -1.59 -12.44
CA ASP B 58 12.91 -2.58 -13.31
C ASP B 58 13.84 -3.49 -12.52
N GLN B 59 14.00 -3.18 -11.24
CA GLN B 59 14.84 -3.97 -10.35
C GLN B 59 14.14 -5.28 -10.02
N ASP B 60 12.85 -5.17 -9.71
CA ASP B 60 12.04 -6.33 -9.41
C ASP B 60 11.32 -6.77 -10.69
N THR B 61 10.19 -7.45 -10.56
CA THR B 61 9.46 -7.88 -11.74
C THR B 61 7.95 -7.95 -11.47
N LEU B 62 7.18 -7.42 -12.41
CA LEU B 62 5.72 -7.40 -12.33
C LEU B 62 5.15 -8.81 -12.25
N ILE B 63 5.76 -9.74 -12.98
CA ILE B 63 5.28 -11.12 -13.00
C ILE B 63 5.88 -11.94 -11.86
N GLN B 64 6.57 -11.27 -10.94
CA GLN B 64 7.19 -11.96 -9.83
C GLN B 64 6.43 -11.69 -8.53
N HIS B 65 6.23 -10.41 -8.22
CA HIS B 65 5.54 -10.03 -7.00
C HIS B 65 4.41 -9.04 -7.28
N GLY B 66 4.43 -8.46 -8.47
CA GLY B 66 3.41 -7.48 -8.82
C GLY B 66 2.08 -8.10 -9.14
N ILE B 67 1.73 -8.10 -10.42
CA ILE B 67 0.46 -8.64 -10.87
C ILE B 67 0.46 -10.16 -10.80
N HIS B 68 -0.15 -10.69 -9.75
CA HIS B 68 -0.25 -12.13 -9.56
C HIS B 68 -1.30 -12.70 -10.50
N ASP B 69 -2.51 -12.16 -10.41
CA ASP B 69 -3.62 -12.57 -11.25
C ASP B 69 -4.66 -11.46 -11.29
N GLY B 70 -4.62 -10.66 -12.36
CA GLY B 70 -5.55 -9.57 -12.53
C GLY B 70 -5.56 -8.60 -11.35
N LEU B 71 -4.48 -7.84 -11.21
CA LEU B 71 -4.36 -6.89 -10.10
C LEU B 71 -4.31 -5.47 -10.60
N THR B 72 -4.28 -4.53 -9.67
CA THR B 72 -4.24 -3.11 -10.00
C THR B 72 -2.99 -2.45 -9.41
N VAL B 73 -2.41 -1.51 -10.15
CA VAL B 73 -1.23 -0.79 -9.70
C VAL B 73 -1.44 0.71 -9.84
N HIS B 74 -0.59 1.49 -9.17
CA HIS B 74 -0.69 2.94 -9.22
C HIS B 74 0.51 3.51 -9.98
N LEU B 75 0.31 4.64 -10.64
CA LEU B 75 1.39 5.28 -11.38
C LEU B 75 1.80 6.58 -10.72
N VAL B 76 3.06 6.65 -10.28
CA VAL B 76 3.58 7.85 -9.62
C VAL B 76 4.84 8.35 -10.33
N ILE B 77 5.30 9.53 -9.95
CA ILE B 77 6.49 10.11 -10.57
C ILE B 77 7.51 10.54 -9.49
N LYS B 78 7.91 9.60 -8.66
CA LYS B 78 8.86 9.88 -7.60
C LYS B 78 10.17 9.15 -7.85
N LYS A 21 11.62 13.84 11.65
CA LYS A 21 10.65 13.46 12.71
C LYS A 21 9.43 12.80 12.08
N TYR A 22 8.47 12.40 12.91
CA TYR A 22 7.27 11.76 12.42
C TYR A 22 6.16 12.81 12.32
N LEU A 23 5.26 12.63 11.37
CA LEU A 23 4.17 13.56 11.19
C LEU A 23 3.02 13.20 12.13
N VAL A 24 2.62 11.95 12.09
CA VAL A 24 1.55 11.45 12.95
C VAL A 24 2.00 10.15 13.63
N GLU A 25 1.84 10.10 14.94
CA GLU A 25 2.22 8.92 15.71
C GLU A 25 1.28 8.73 16.91
N PHE A 26 0.83 7.50 17.12
CA PHE A 26 -0.05 7.19 18.24
C PHE A 26 0.13 5.75 18.68
N ARG A 27 -0.39 5.42 19.86
CA ARG A 27 -0.28 4.08 20.40
C ARG A 27 -1.42 3.21 19.90
N ALA A 28 -1.07 2.17 19.15
CA ALA A 28 -2.05 1.25 18.61
C ALA A 28 -1.42 -0.11 18.35
N GLY A 29 -2.19 -1.15 18.57
CA GLY A 29 -1.72 -2.49 18.35
C GLY A 29 -2.14 -3.00 17.00
N LYS A 30 -1.45 -4.00 16.48
CA LYS A 30 -1.79 -4.55 15.18
C LYS A 30 -2.41 -5.93 15.31
N MET A 31 -2.82 -6.49 14.19
CA MET A 31 -3.42 -7.82 14.15
C MET A 31 -2.79 -8.64 13.04
N SER A 32 -2.35 -9.83 13.36
CA SER A 32 -1.73 -10.69 12.37
C SER A 32 -2.72 -11.73 11.84
N LEU A 33 -2.62 -12.03 10.56
CA LEU A 33 -3.51 -13.02 9.97
C LEU A 33 -2.89 -14.40 10.08
N LYS A 34 -3.34 -15.16 11.06
CA LYS A 34 -2.85 -16.51 11.27
C LYS A 34 -3.73 -17.48 10.53
N GLY A 35 -3.25 -17.94 9.37
CA GLY A 35 -4.02 -18.87 8.55
C GLY A 35 -5.11 -18.16 7.79
N THR A 36 -6.24 -17.94 8.44
CA THR A 36 -7.36 -17.25 7.84
C THR A 36 -8.18 -16.55 8.94
N THR A 37 -7.61 -16.52 10.13
CA THR A 37 -8.27 -15.90 11.27
C THR A 37 -7.46 -14.70 11.76
N VAL A 38 -8.10 -13.53 11.79
CA VAL A 38 -7.46 -12.32 12.25
C VAL A 38 -7.17 -12.43 13.74
N THR A 39 -5.88 -12.49 14.07
CA THR A 39 -5.47 -12.62 15.45
C THR A 39 -4.84 -11.33 15.96
N PRO A 40 -5.55 -10.61 16.84
CA PRO A 40 -5.06 -9.35 17.40
C PRO A 40 -3.85 -9.55 18.30
N ASP A 41 -2.87 -8.67 18.17
CA ASP A 41 -1.67 -8.74 18.97
C ASP A 41 -1.91 -8.00 20.28
N LYS A 42 -1.28 -8.44 21.36
CA LYS A 42 -1.46 -7.83 22.66
C LYS A 42 -0.31 -6.89 22.99
N ARG A 43 0.68 -6.84 22.13
CA ARG A 43 1.85 -5.99 22.33
C ARG A 43 1.49 -4.51 22.21
N LYS A 44 2.26 -3.69 22.91
CA LYS A 44 2.06 -2.26 22.87
C LYS A 44 2.88 -1.68 21.72
N GLY A 45 2.22 -1.34 20.63
CA GLY A 45 2.93 -0.82 19.48
C GLY A 45 2.69 0.64 19.25
N LEU A 46 3.47 1.21 18.35
CA LEU A 46 3.36 2.62 18.00
C LEU A 46 3.23 2.77 16.50
N VAL A 47 2.14 3.36 16.06
CA VAL A 47 1.89 3.58 14.65
C VAL A 47 2.30 4.99 14.28
N TYR A 48 3.30 5.12 13.43
CA TYR A 48 3.77 6.44 13.03
C TYR A 48 4.01 6.51 11.52
N ILE A 49 3.92 7.72 11.00
CA ILE A 49 4.14 7.96 9.59
C ILE A 49 5.26 8.96 9.40
N GLN A 50 6.22 8.60 8.57
CA GLN A 50 7.37 9.45 8.30
C GLN A 50 7.54 9.63 6.78
N GLN A 51 8.08 10.78 6.40
CA GLN A 51 8.32 11.07 4.99
C GLN A 51 9.81 11.17 4.72
N THR A 52 10.31 10.29 3.87
CA THR A 52 11.72 10.27 3.55
C THR A 52 12.08 11.30 2.46
N ASP A 53 13.37 11.34 2.11
CA ASP A 53 13.87 12.27 1.10
C ASP A 53 13.30 11.98 -0.28
N ASP A 54 12.84 10.75 -0.46
CA ASP A 54 12.26 10.33 -1.72
C ASP A 54 10.81 10.80 -1.82
N SER A 55 10.35 11.47 -0.75
CA SER A 55 9.00 12.01 -0.67
C SER A 55 7.96 10.89 -0.61
N LEU A 56 8.40 9.68 -0.26
CA LEU A 56 7.50 8.56 -0.18
C LEU A 56 6.93 8.44 1.24
N ILE A 57 5.61 8.34 1.34
CA ILE A 57 4.95 8.23 2.62
C ILE A 57 5.17 6.84 3.21
N HIS A 58 5.85 6.78 4.35
CA HIS A 58 6.13 5.50 4.98
C HIS A 58 5.22 5.28 6.19
N PHE A 59 4.49 4.18 6.14
CA PHE A 59 3.60 3.78 7.22
C PHE A 59 4.24 2.62 7.95
N CYS A 60 4.68 2.83 9.17
CA CYS A 60 5.37 1.78 9.90
C CYS A 60 4.82 1.56 11.31
N TRP A 61 4.92 0.32 11.77
CA TRP A 61 4.49 -0.07 13.10
C TRP A 61 5.73 -0.46 13.89
N LYS A 62 5.95 0.22 15.00
CA LYS A 62 7.13 -0.05 15.81
C LYS A 62 6.78 -0.67 17.15
N ASP A 63 7.51 -1.71 17.51
CA ASP A 63 7.34 -2.40 18.79
C ASP A 63 7.94 -1.53 19.89
N ARG A 64 7.18 -1.23 20.93
CA ARG A 64 7.66 -0.39 22.00
C ARG A 64 8.49 -1.16 23.04
N THR A 65 8.52 -2.47 22.92
CA THR A 65 9.28 -3.29 23.85
C THR A 65 10.69 -3.53 23.35
N SER A 66 10.84 -3.70 22.04
CA SER A 66 12.14 -3.93 21.43
C SER A 66 12.66 -2.71 20.68
N GLY A 67 11.73 -1.92 20.15
CA GLY A 67 12.11 -0.75 19.41
C GLY A 67 12.39 -1.08 17.96
N ASN A 68 11.83 -2.19 17.50
CA ASN A 68 12.02 -2.62 16.13
C ASN A 68 10.81 -2.29 15.27
N VAL A 69 11.05 -2.00 14.01
CA VAL A 69 9.98 -1.69 13.07
C VAL A 69 9.63 -2.93 12.25
N GLU A 70 8.54 -3.59 12.63
CA GLU A 70 8.12 -4.81 11.94
C GLU A 70 7.45 -4.49 10.62
N ASP A 71 6.41 -3.69 10.67
CA ASP A 71 5.68 -3.31 9.48
C ASP A 71 6.17 -1.98 8.95
N ASP A 72 6.48 -1.94 7.66
CA ASP A 72 6.96 -0.72 7.01
C ASP A 72 6.53 -0.73 5.55
N LEU A 73 5.49 0.02 5.24
CA LEU A 73 4.99 0.08 3.88
C LEU A 73 5.00 1.51 3.36
N ILE A 74 4.94 1.64 2.04
CA ILE A 74 4.91 2.94 1.40
C ILE A 74 3.49 3.24 0.92
N ILE A 75 2.86 4.23 1.52
CA ILE A 75 1.49 4.58 1.17
C ILE A 75 1.44 5.53 -0.02
N PHE A 76 0.48 5.30 -0.90
CA PHE A 76 0.28 6.12 -2.07
C PHE A 76 -1.18 6.54 -2.17
N PRO A 77 -1.44 7.78 -2.60
CA PRO A 77 -2.81 8.30 -2.74
C PRO A 77 -3.63 7.53 -3.78
N ASP A 78 -4.93 7.83 -3.79
CA ASP A 78 -5.90 7.21 -4.72
C ASP A 78 -5.85 5.68 -4.67
N ASP A 79 -5.39 5.12 -3.56
CA ASP A 79 -5.31 3.67 -3.43
C ASP A 79 -5.26 3.21 -1.97
N CYS A 80 -5.52 4.10 -1.04
CA CYS A 80 -5.49 3.75 0.37
C CYS A 80 -6.61 4.43 1.14
N GLU A 81 -7.19 3.71 2.10
CA GLU A 81 -8.29 4.24 2.89
C GLU A 81 -8.26 3.66 4.30
N PHE A 82 -8.24 4.55 5.28
CA PHE A 82 -8.22 4.15 6.68
C PHE A 82 -9.61 4.34 7.28
N LYS A 83 -10.23 3.25 7.71
CA LYS A 83 -11.57 3.33 8.28
C LYS A 83 -11.67 2.59 9.61
N ARG A 84 -12.80 2.75 10.27
CA ARG A 84 -13.03 2.12 11.56
C ARG A 84 -14.03 0.97 11.43
N VAL A 85 -13.84 -0.07 12.23
CA VAL A 85 -14.73 -1.22 12.22
C VAL A 85 -15.87 -1.00 13.20
N PRO A 86 -17.09 -0.78 12.70
CA PRO A 86 -18.26 -0.54 13.54
C PRO A 86 -18.78 -1.80 14.21
N GLN A 87 -18.56 -2.95 13.58
CA GLN A 87 -19.02 -4.22 14.12
C GLN A 87 -18.00 -4.79 15.11
N CYS A 88 -17.66 -3.99 16.12
CA CYS A 88 -16.70 -4.40 17.12
C CYS A 88 -17.13 -3.88 18.50
N PRO A 89 -17.10 -4.74 19.53
CA PRO A 89 -17.47 -4.37 20.91
C PRO A 89 -16.71 -3.15 21.42
N SER A 90 -15.40 -3.13 21.19
CA SER A 90 -14.58 -2.01 21.62
C SER A 90 -14.86 -0.81 20.72
N GLY A 91 -14.92 -1.06 19.42
CA GLY A 91 -15.17 -0.01 18.47
C GLY A 91 -13.95 0.83 18.19
N ARG A 92 -12.81 0.41 18.74
CA ARG A 92 -11.56 1.12 18.57
C ARG A 92 -10.67 0.41 17.57
N VAL A 93 -11.27 -0.50 16.82
CA VAL A 93 -10.54 -1.27 15.82
C VAL A 93 -10.66 -0.58 14.47
N TYR A 94 -9.53 -0.22 13.91
CA TYR A 94 -9.49 0.45 12.63
C TYR A 94 -8.82 -0.47 11.61
N VAL A 95 -9.06 -0.21 10.33
CA VAL A 95 -8.49 -1.04 9.29
C VAL A 95 -8.08 -0.21 8.09
N LEU A 96 -6.87 -0.45 7.60
CA LEU A 96 -6.35 0.23 6.43
C LEU A 96 -6.52 -0.68 5.23
N LYS A 97 -7.37 -0.29 4.30
CA LYS A 97 -7.62 -1.09 3.12
C LYS A 97 -7.02 -0.45 1.88
N PHE A 98 -6.40 -1.29 1.07
CA PHE A 98 -5.81 -0.84 -0.17
C PHE A 98 -6.79 -1.11 -1.32
N LYS A 99 -6.80 -0.23 -2.31
CA LYS A 99 -7.69 -0.39 -3.45
C LYS A 99 -6.92 -0.95 -4.64
N ALA A 100 -5.68 -1.35 -4.39
CA ALA A 100 -4.82 -1.90 -5.43
C ALA A 100 -4.92 -3.42 -5.47
N GLY A 101 -5.28 -4.02 -4.35
CA GLY A 101 -5.38 -5.47 -4.27
C GLY A 101 -5.88 -5.91 -2.91
N SER A 102 -5.72 -7.20 -2.62
CA SER A 102 -6.17 -7.75 -1.35
C SER A 102 -5.20 -7.40 -0.22
N LYS A 103 -5.49 -6.31 0.49
CA LYS A 103 -4.65 -5.89 1.59
C LYS A 103 -5.49 -5.20 2.67
N ARG A 104 -5.72 -5.93 3.75
CA ARG A 104 -6.51 -5.41 4.87
C ARG A 104 -5.68 -5.44 6.15
N LEU A 105 -5.22 -4.28 6.60
CA LEU A 105 -4.42 -4.21 7.82
C LEU A 105 -5.27 -3.72 8.98
N PHE A 106 -5.45 -4.57 9.99
CA PHE A 106 -6.26 -4.21 11.15
C PHE A 106 -5.39 -3.71 12.29
N PHE A 107 -5.85 -2.65 12.95
CA PHE A 107 -5.15 -2.04 14.07
C PHE A 107 -6.15 -1.63 15.15
N TRP A 108 -5.75 -1.68 16.41
CA TRP A 108 -6.64 -1.29 17.49
C TRP A 108 -5.97 -0.23 18.37
N MET A 109 -6.69 0.86 18.59
CA MET A 109 -6.17 1.98 19.39
C MET A 109 -5.86 1.55 20.81
N GLN A 110 -4.71 1.98 21.30
CA GLN A 110 -4.29 1.67 22.67
C GLN A 110 -4.25 2.94 23.50
N GLU A 111 -4.75 4.02 22.91
CA GLU A 111 -4.78 5.32 23.57
C GLU A 111 -5.66 5.27 24.82
N PRO A 112 -5.24 5.99 25.88
CA PRO A 112 -5.99 6.03 27.14
C PRO A 112 -7.41 6.57 26.96
N LYS A 113 -7.58 7.56 26.11
CA LYS A 113 -8.89 8.16 25.88
C LYS A 113 -9.31 8.02 24.42
N THR A 114 -10.61 8.00 24.19
CA THR A 114 -11.16 7.86 22.85
C THR A 114 -11.45 9.22 22.23
N ASP A 115 -11.14 10.27 22.97
CA ASP A 115 -11.38 11.65 22.54
C ASP A 115 -10.64 11.99 21.26
N GLN A 116 -9.44 11.44 21.08
CA GLN A 116 -8.65 11.70 19.88
C GLN A 116 -8.56 10.48 18.99
N ASP A 117 -9.39 9.47 19.27
CA ASP A 117 -9.39 8.24 18.49
C ASP A 117 -9.70 8.52 17.01
N GLU A 118 -10.88 9.09 16.77
CA GLU A 118 -11.29 9.42 15.41
C GLU A 118 -10.37 10.45 14.79
N GLU A 119 -9.90 11.39 15.62
CA GLU A 119 -9.00 12.44 15.17
C GLU A 119 -7.74 11.82 14.57
N HIS A 120 -7.26 10.75 15.20
CA HIS A 120 -6.06 10.07 14.73
C HIS A 120 -6.30 9.50 13.33
N CYS A 121 -7.48 8.92 13.13
CA CYS A 121 -7.85 8.35 11.85
C CYS A 121 -7.95 9.43 10.78
N ARG A 122 -8.53 10.56 11.17
CA ARG A 122 -8.70 11.69 10.27
C ARG A 122 -7.36 12.20 9.75
N LYS A 123 -6.45 12.52 10.67
CA LYS A 123 -5.13 13.04 10.33
C LYS A 123 -4.40 12.08 9.41
N VAL A 124 -4.43 10.80 9.76
CA VAL A 124 -3.76 9.77 8.96
C VAL A 124 -4.31 9.76 7.55
N ASN A 125 -5.63 9.73 7.43
CA ASN A 125 -6.30 9.70 6.13
C ASN A 125 -5.87 10.88 5.26
N GLU A 126 -5.81 12.07 5.85
CA GLU A 126 -5.42 13.26 5.12
C GLU A 126 -4.00 13.16 4.58
N TYR A 127 -3.08 12.76 5.45
CA TYR A 127 -1.67 12.65 5.07
C TYR A 127 -1.42 11.55 4.04
N LEU A 128 -2.22 10.50 4.07
CA LEU A 128 -2.06 9.40 3.12
C LEU A 128 -2.54 9.81 1.74
N ASN A 129 -3.60 10.59 1.69
CA ASN A 129 -4.19 11.02 0.41
C ASN A 129 -3.53 12.29 -0.10
N ASN A 130 -3.12 13.16 0.80
CA ASN A 130 -2.47 14.41 0.43
C ASN A 130 -1.15 14.55 1.16
N ALA B 1 7.60 -21.95 -33.39
CA ALA B 1 8.22 -21.65 -32.08
C ALA B 1 7.30 -20.80 -31.22
N PRO B 2 6.81 -21.35 -30.11
CA PRO B 2 5.92 -20.63 -29.20
C PRO B 2 6.65 -19.58 -28.38
N ALA B 3 5.98 -18.48 -28.08
CA ALA B 3 6.57 -17.41 -27.30
C ALA B 3 5.72 -17.11 -26.08
N GLU B 4 5.05 -18.15 -25.57
CA GLU B 4 4.18 -18.06 -24.40
C GLU B 4 3.04 -17.06 -24.61
N PRO B 5 1.90 -17.53 -25.13
CA PRO B 5 0.73 -16.69 -25.39
C PRO B 5 -0.03 -16.36 -24.09
N LYS B 6 0.67 -16.45 -22.97
CA LYS B 6 0.10 -16.18 -21.67
C LYS B 6 0.08 -14.67 -21.41
N ILE B 7 -0.91 -14.01 -21.98
CA ILE B 7 -1.05 -12.57 -21.81
C ILE B 7 -1.92 -12.27 -20.60
N ILE B 8 -1.38 -11.49 -19.67
CA ILE B 8 -2.11 -11.13 -18.47
C ILE B 8 -2.59 -9.68 -18.55
N LYS B 9 -3.69 -9.39 -17.87
CA LYS B 9 -4.26 -8.06 -17.86
C LYS B 9 -3.72 -7.24 -16.70
N VAL B 10 -3.18 -6.09 -17.02
CA VAL B 10 -2.63 -5.21 -16.01
C VAL B 10 -3.34 -3.86 -16.07
N THR B 11 -4.09 -3.55 -15.03
CA THR B 11 -4.81 -2.29 -14.96
C THR B 11 -3.97 -1.23 -14.25
N VAL B 12 -3.57 -0.21 -15.00
CA VAL B 12 -2.74 0.85 -14.45
C VAL B 12 -3.57 2.09 -14.14
N LYS B 13 -3.58 2.47 -12.88
CA LYS B 13 -4.31 3.65 -12.45
C LYS B 13 -3.41 4.87 -12.56
N THR B 14 -3.84 5.84 -13.35
CA THR B 14 -3.06 7.05 -13.58
C THR B 14 -3.78 8.27 -13.03
N PRO B 15 -3.07 9.40 -12.84
CA PRO B 15 -3.69 10.65 -12.35
C PRO B 15 -4.52 11.31 -13.43
N LYS B 16 -5.46 10.54 -13.96
CA LYS B 16 -6.34 11.00 -15.03
C LYS B 16 -7.46 10.00 -15.24
N GLU B 17 -7.08 8.78 -15.63
CA GLU B 17 -8.04 7.72 -15.90
C GLU B 17 -7.46 6.37 -15.52
N LYS B 18 -8.22 5.31 -15.77
CA LYS B 18 -7.80 3.96 -15.48
C LYS B 18 -7.72 3.17 -16.79
N GLU B 19 -6.53 2.73 -17.15
CA GLU B 19 -6.35 1.99 -18.39
C GLU B 19 -5.79 0.60 -18.13
N GLU B 20 -6.21 -0.35 -18.93
CA GLU B 20 -5.76 -1.73 -18.80
C GLU B 20 -4.89 -2.11 -20.01
N PHE B 21 -3.77 -2.76 -19.73
CA PHE B 21 -2.87 -3.19 -20.78
C PHE B 21 -2.79 -4.71 -20.80
N ALA B 22 -2.31 -5.26 -21.91
CA ALA B 22 -2.18 -6.70 -22.07
C ALA B 22 -0.77 -7.06 -22.47
N VAL B 23 -0.04 -7.70 -21.56
CA VAL B 23 1.33 -8.10 -21.82
C VAL B 23 1.56 -9.57 -21.47
N PRO B 24 2.50 -10.23 -22.18
CA PRO B 24 2.84 -11.63 -21.92
C PRO B 24 3.53 -11.84 -20.57
N GLU B 25 3.37 -13.03 -20.02
CA GLU B 25 3.96 -13.36 -18.73
C GLU B 25 5.48 -13.54 -18.83
N ASN B 26 5.98 -13.68 -20.03
CA ASN B 26 7.41 -13.85 -20.26
C ASN B 26 8.05 -12.55 -20.73
N SER B 27 7.69 -11.46 -20.07
CA SER B 27 8.22 -10.15 -20.41
C SER B 27 8.77 -9.43 -19.19
N SER B 28 9.78 -8.60 -19.39
CA SER B 28 10.39 -7.84 -18.32
C SER B 28 9.68 -6.50 -18.15
N VAL B 29 9.95 -5.84 -17.03
CA VAL B 29 9.32 -4.56 -16.73
C VAL B 29 9.84 -3.45 -17.64
N GLN B 30 11.11 -3.54 -18.03
CA GLN B 30 11.73 -2.54 -18.91
C GLN B 30 10.92 -2.32 -20.18
N GLN B 31 10.43 -3.42 -20.75
CA GLN B 31 9.63 -3.35 -21.98
C GLN B 31 8.30 -2.65 -21.71
N PHE B 32 7.69 -2.97 -20.58
CA PHE B 32 6.41 -2.40 -20.19
C PHE B 32 6.56 -0.90 -19.90
N LYS B 33 7.67 -0.54 -19.28
CA LYS B 33 7.96 0.86 -18.93
C LYS B 33 7.92 1.73 -20.18
N GLU B 34 8.70 1.34 -21.19
CA GLU B 34 8.76 2.08 -22.44
C GLU B 34 7.41 2.09 -23.15
N ALA B 35 6.65 1.02 -22.98
CA ALA B 35 5.34 0.90 -23.61
C ALA B 35 4.39 1.98 -23.10
N ILE B 36 4.35 2.16 -21.78
CA ILE B 36 3.47 3.15 -21.19
C ILE B 36 3.86 4.56 -21.64
N SER B 37 5.16 4.84 -21.66
CA SER B 37 5.64 6.15 -22.08
C SER B 37 5.45 6.38 -23.57
N LYS B 38 5.19 5.32 -24.32
CA LYS B 38 4.99 5.45 -25.76
C LYS B 38 3.51 5.62 -26.09
N ARG B 39 2.66 4.90 -25.38
CA ARG B 39 1.22 4.96 -25.60
C ARG B 39 0.60 6.14 -24.86
N PHE B 40 0.86 6.22 -23.56
CA PHE B 40 0.33 7.30 -22.73
C PHE B 40 1.14 8.57 -22.92
N LYS B 41 2.45 8.40 -23.04
CA LYS B 41 3.38 9.51 -23.21
C LYS B 41 3.39 10.41 -21.97
N SER B 42 4.34 10.16 -21.09
CA SER B 42 4.46 10.92 -19.85
C SER B 42 5.90 10.90 -19.38
N GLN B 43 6.36 9.73 -18.93
CA GLN B 43 7.72 9.57 -18.45
C GLN B 43 8.11 8.10 -18.53
N THR B 44 9.40 7.81 -18.44
CA THR B 44 9.87 6.43 -18.51
C THR B 44 10.69 6.07 -17.27
N ASP B 45 11.77 6.80 -17.04
CA ASP B 45 12.63 6.53 -15.88
C ASP B 45 11.95 6.96 -14.59
N GLN B 46 11.28 8.10 -14.63
CA GLN B 46 10.59 8.61 -13.45
C GLN B 46 9.26 7.90 -13.24
N LEU B 47 8.87 7.09 -14.21
CA LEU B 47 7.62 6.35 -14.14
C LEU B 47 7.79 5.11 -13.27
N VAL B 48 7.15 5.11 -12.11
CA VAL B 48 7.25 3.97 -11.19
C VAL B 48 5.88 3.34 -10.97
N LEU B 49 5.85 2.00 -10.95
CA LEU B 49 4.61 1.27 -10.73
C LEU B 49 4.41 1.05 -9.23
N ILE B 50 3.19 0.75 -8.84
CA ILE B 50 2.88 0.53 -7.44
C ILE B 50 1.93 -0.65 -7.25
N PHE B 51 2.29 -1.56 -6.36
CA PHE B 51 1.45 -2.72 -6.09
C PHE B 51 1.09 -2.78 -4.61
N ALA B 52 0.11 -1.96 -4.23
CA ALA B 52 -0.40 -1.91 -2.86
C ALA B 52 0.70 -1.67 -1.82
N GLY B 53 1.10 -0.41 -1.66
CA GLY B 53 2.12 -0.07 -0.70
C GLY B 53 3.49 -0.63 -1.03
N LYS B 54 3.78 -0.75 -2.31
CA LYS B 54 5.07 -1.27 -2.75
C LYS B 54 5.42 -0.69 -4.12
N ILE B 55 6.67 -0.28 -4.29
CA ILE B 55 7.12 0.29 -5.55
C ILE B 55 7.60 -0.81 -6.49
N LEU B 56 7.19 -0.73 -7.74
CA LEU B 56 7.58 -1.70 -8.74
C LEU B 56 8.38 -1.02 -9.84
N LYS B 57 9.47 -1.65 -10.24
CA LYS B 57 10.34 -1.11 -11.28
C LYS B 57 11.02 -2.26 -12.03
N ASP B 58 12.06 -1.93 -12.79
CA ASP B 58 12.80 -2.93 -13.56
C ASP B 58 13.66 -3.78 -12.65
N GLN B 59 13.80 -3.34 -11.40
CA GLN B 59 14.59 -4.06 -10.41
C GLN B 59 13.92 -5.37 -10.04
N ASP B 60 12.59 -5.35 -10.02
CA ASP B 60 11.81 -6.54 -9.69
C ASP B 60 11.09 -7.04 -10.94
N THR B 61 10.05 -7.84 -10.78
CA THR B 61 9.32 -8.37 -11.92
C THR B 61 7.82 -8.26 -11.72
N LEU B 62 7.17 -7.54 -12.63
CA LEU B 62 5.72 -7.33 -12.59
C LEU B 62 4.98 -8.65 -12.72
N ILE B 63 5.41 -9.48 -13.65
CA ILE B 63 4.78 -10.79 -13.89
C ILE B 63 5.07 -11.80 -12.78
N GLN B 64 5.95 -11.44 -11.86
CA GLN B 64 6.30 -12.35 -10.78
C GLN B 64 5.49 -12.09 -9.52
N HIS B 65 5.33 -10.82 -9.15
CA HIS B 65 4.57 -10.50 -7.95
C HIS B 65 3.52 -9.41 -8.19
N GLY B 66 3.88 -8.42 -9.00
CA GLY B 66 2.97 -7.32 -9.29
C GLY B 66 1.61 -7.76 -9.81
N ILE B 67 1.59 -8.38 -10.97
CA ILE B 67 0.34 -8.82 -11.56
C ILE B 67 0.31 -10.34 -11.68
N HIS B 68 -0.67 -10.95 -11.04
CA HIS B 68 -0.82 -12.39 -11.09
C HIS B 68 -1.68 -12.76 -12.30
N ASP B 69 -2.85 -12.13 -12.38
CA ASP B 69 -3.76 -12.36 -13.49
C ASP B 69 -4.93 -11.37 -13.40
N GLY B 70 -4.61 -10.08 -13.48
CA GLY B 70 -5.63 -9.06 -13.42
C GLY B 70 -5.66 -8.32 -12.08
N LEU B 71 -4.88 -7.25 -11.98
CA LEU B 71 -4.81 -6.45 -10.76
C LEU B 71 -4.75 -4.97 -11.11
N THR B 72 -4.96 -4.10 -10.12
CA THR B 72 -4.94 -2.66 -10.35
C THR B 72 -3.75 -1.99 -9.68
N VAL B 73 -2.73 -1.67 -10.46
CA VAL B 73 -1.53 -1.02 -9.95
C VAL B 73 -1.63 0.50 -10.08
N HIS B 74 -0.69 1.21 -9.47
CA HIS B 74 -0.67 2.67 -9.52
C HIS B 74 0.54 3.17 -10.30
N LEU B 75 0.46 4.41 -10.77
CA LEU B 75 1.54 5.00 -11.52
C LEU B 75 1.91 6.36 -10.95
N VAL B 76 3.18 6.53 -10.60
CA VAL B 76 3.66 7.80 -10.04
C VAL B 76 4.95 8.23 -10.72
N ILE B 77 5.48 9.38 -10.31
CA ILE B 77 6.71 9.91 -10.87
C ILE B 77 7.66 10.36 -9.77
N LYS B 78 8.15 9.40 -9.00
CA LYS B 78 9.09 9.70 -7.92
C LYS B 78 10.31 8.80 -8.04
N LYS A 21 11.62 13.68 12.66
CA LYS A 21 10.53 13.29 13.59
C LYS A 21 9.39 12.66 12.84
N TYR A 22 8.39 12.17 13.56
CA TYR A 22 7.23 11.54 12.94
C TYR A 22 6.14 12.58 12.77
N LEU A 23 5.44 12.53 11.65
CA LEU A 23 4.36 13.47 11.36
C LEU A 23 3.17 13.21 12.28
N VAL A 24 2.73 11.97 12.30
CA VAL A 24 1.62 11.55 13.14
C VAL A 24 1.98 10.26 13.83
N GLU A 25 1.69 10.15 15.12
CA GLU A 25 1.99 8.94 15.87
C GLU A 25 0.97 8.71 16.98
N PHE A 26 0.70 7.44 17.26
CA PHE A 26 -0.24 7.07 18.31
C PHE A 26 0.03 5.65 18.77
N ARG A 27 -0.47 5.32 19.95
CA ARG A 27 -0.27 3.98 20.51
C ARG A 27 -1.42 3.06 20.11
N ALA A 28 -1.09 2.05 19.32
CA ALA A 28 -2.09 1.09 18.84
C ALA A 28 -1.44 -0.24 18.47
N GLY A 29 -2.20 -1.30 18.61
CA GLY A 29 -1.68 -2.62 18.29
C GLY A 29 -2.17 -3.11 16.94
N LYS A 30 -1.38 -3.92 16.29
CA LYS A 30 -1.75 -4.44 14.98
C LYS A 30 -2.41 -5.81 15.11
N MET A 31 -2.80 -6.40 13.99
CA MET A 31 -3.42 -7.70 13.99
C MET A 31 -2.67 -8.63 13.03
N SER A 32 -2.66 -9.92 13.35
CA SER A 32 -1.98 -10.89 12.52
C SER A 32 -2.96 -11.88 11.91
N LEU A 33 -2.85 -12.11 10.61
CA LEU A 33 -3.73 -13.04 9.92
C LEU A 33 -3.18 -14.46 10.02
N LYS A 34 -3.58 -15.16 11.07
CA LYS A 34 -3.16 -16.52 11.29
C LYS A 34 -4.03 -17.45 10.46
N GLY A 35 -3.63 -17.68 9.22
CA GLY A 35 -4.40 -18.52 8.33
C GLY A 35 -5.62 -17.81 7.81
N THR A 36 -6.70 -17.88 8.56
CA THR A 36 -7.93 -17.22 8.20
C THR A 36 -8.50 -16.45 9.39
N THR A 37 -7.80 -16.51 10.52
CA THR A 37 -8.24 -15.84 11.73
C THR A 37 -7.40 -14.58 11.99
N VAL A 38 -8.08 -13.46 12.16
CA VAL A 38 -7.41 -12.20 12.44
C VAL A 38 -7.23 -12.03 13.94
N THR A 39 -6.08 -12.43 14.44
CA THR A 39 -5.78 -12.33 15.87
C THR A 39 -5.02 -11.04 16.18
N PRO A 40 -5.57 -10.20 17.08
CA PRO A 40 -4.94 -8.94 17.46
C PRO A 40 -3.65 -9.17 18.26
N ASP A 41 -2.67 -8.30 18.06
CA ASP A 41 -1.41 -8.38 18.78
C ASP A 41 -1.58 -7.79 20.17
N LYS A 42 -1.07 -8.49 21.17
CA LYS A 42 -1.20 -8.06 22.56
C LYS A 42 -0.05 -7.14 22.96
N ARG A 43 0.89 -6.93 22.05
CA ARG A 43 2.03 -6.07 22.33
C ARG A 43 1.67 -4.60 22.14
N LYS A 44 2.28 -3.74 22.94
CA LYS A 44 2.04 -2.31 22.83
C LYS A 44 2.85 -1.73 21.69
N GLY A 45 2.18 -1.30 20.63
CA GLY A 45 2.87 -0.78 19.48
C GLY A 45 2.69 0.71 19.28
N LEU A 46 3.48 1.26 18.37
CA LEU A 46 3.43 2.67 18.06
C LEU A 46 3.31 2.85 16.54
N VAL A 47 2.20 3.43 16.12
CA VAL A 47 1.96 3.67 14.71
C VAL A 47 2.36 5.08 14.36
N TYR A 48 3.34 5.24 13.50
CA TYR A 48 3.82 6.55 13.12
C TYR A 48 3.98 6.70 11.62
N ILE A 49 3.77 7.93 11.15
CA ILE A 49 3.89 8.24 9.74
C ILE A 49 5.09 9.16 9.53
N GLN A 50 6.03 8.74 8.71
CA GLN A 50 7.22 9.54 8.43
C GLN A 50 7.40 9.74 6.93
N GLN A 51 8.14 10.76 6.55
CA GLN A 51 8.38 11.04 5.15
C GLN A 51 9.88 10.96 4.84
N THR A 52 10.22 10.34 3.72
CA THR A 52 11.62 10.20 3.33
C THR A 52 12.03 11.30 2.34
N ASP A 53 13.32 11.38 2.04
CA ASP A 53 13.86 12.39 1.12
C ASP A 53 13.29 12.27 -0.28
N ASP A 54 12.82 11.08 -0.63
CA ASP A 54 12.24 10.84 -1.94
C ASP A 54 10.78 11.30 -1.97
N SER A 55 10.37 11.92 -0.86
CA SER A 55 9.02 12.43 -0.70
C SER A 55 7.99 11.32 -0.75
N LEU A 56 8.26 10.27 0.02
CA LEU A 56 7.36 9.13 0.10
C LEU A 56 6.87 8.95 1.53
N ILE A 57 5.56 8.84 1.68
CA ILE A 57 4.95 8.66 2.98
C ILE A 57 5.08 7.21 3.43
N HIS A 58 5.63 7.00 4.61
CA HIS A 58 5.81 5.66 5.15
C HIS A 58 4.87 5.38 6.30
N PHE A 59 4.31 4.19 6.31
CA PHE A 59 3.41 3.75 7.37
C PHE A 59 4.10 2.60 8.09
N CYS A 60 4.61 2.87 9.28
CA CYS A 60 5.34 1.86 10.02
C CYS A 60 4.76 1.58 11.40
N TRP A 61 4.96 0.34 11.84
CA TRP A 61 4.52 -0.10 13.15
C TRP A 61 5.76 -0.50 13.95
N LYS A 62 6.03 0.23 15.00
CA LYS A 62 7.21 -0.02 15.82
C LYS A 62 6.83 -0.55 17.19
N ASP A 63 7.49 -1.63 17.60
CA ASP A 63 7.25 -2.24 18.91
C ASP A 63 7.82 -1.33 19.99
N ARG A 64 7.07 -1.13 21.06
CA ARG A 64 7.51 -0.24 22.14
C ARG A 64 8.37 -0.93 23.19
N THR A 65 8.59 -2.24 23.05
CA THR A 65 9.43 -2.95 24.01
C THR A 65 10.86 -3.03 23.50
N SER A 66 11.01 -3.45 22.25
CA SER A 66 12.32 -3.58 21.63
C SER A 66 12.68 -2.32 20.85
N GLY A 67 11.66 -1.62 20.37
CA GLY A 67 11.88 -0.42 19.60
C GLY A 67 12.20 -0.75 18.16
N ASN A 68 11.81 -1.94 17.74
CA ASN A 68 12.05 -2.40 16.39
C ASN A 68 10.85 -2.14 15.50
N VAL A 69 11.13 -1.77 14.25
CA VAL A 69 10.08 -1.52 13.26
C VAL A 69 9.77 -2.81 12.52
N GLU A 70 8.65 -3.43 12.85
CA GLU A 70 8.27 -4.69 12.23
C GLU A 70 7.63 -4.46 10.87
N ASP A 71 6.73 -3.49 10.81
CA ASP A 71 6.02 -3.20 9.58
C ASP A 71 6.42 -1.84 9.04
N ASP A 72 6.73 -1.80 7.75
CA ASP A 72 7.12 -0.58 7.08
C ASP A 72 6.64 -0.61 5.63
N LEU A 73 5.68 0.24 5.31
CA LEU A 73 5.13 0.28 3.96
C LEU A 73 5.13 1.70 3.42
N ILE A 74 5.20 1.80 2.09
CA ILE A 74 5.15 3.09 1.43
C ILE A 74 3.72 3.37 0.99
N ILE A 75 3.18 4.51 1.42
CA ILE A 75 1.81 4.85 1.08
C ILE A 75 1.73 5.78 -0.13
N PHE A 76 0.69 5.60 -0.93
CA PHE A 76 0.46 6.41 -2.11
C PHE A 76 -1.01 6.84 -2.17
N PRO A 77 -1.30 8.00 -2.80
CA PRO A 77 -2.68 8.52 -2.91
C PRO A 77 -3.55 7.74 -3.89
N ASP A 78 -4.83 8.14 -3.94
CA ASP A 78 -5.84 7.53 -4.84
C ASP A 78 -5.90 6.01 -4.65
N ASP A 79 -5.56 5.53 -3.46
CA ASP A 79 -5.56 4.09 -3.20
C ASP A 79 -5.84 3.76 -1.74
N CYS A 80 -4.85 4.04 -0.90
CA CYS A 80 -4.94 3.76 0.53
C CYS A 80 -6.10 4.48 1.19
N GLU A 81 -6.83 3.76 2.03
CA GLU A 81 -7.98 4.30 2.73
C GLU A 81 -8.02 3.77 4.16
N PHE A 82 -8.10 4.67 5.13
CA PHE A 82 -8.15 4.30 6.54
C PHE A 82 -9.57 4.48 7.06
N LYS A 83 -10.11 3.46 7.71
CA LYS A 83 -11.46 3.54 8.26
C LYS A 83 -11.58 2.71 9.53
N ARG A 84 -12.74 2.80 10.18
CA ARG A 84 -13.00 2.07 11.41
C ARG A 84 -14.08 1.02 11.17
N VAL A 85 -13.97 -0.09 11.86
CA VAL A 85 -14.95 -1.18 11.73
C VAL A 85 -16.02 -1.05 12.81
N PRO A 86 -17.26 -0.68 12.41
CA PRO A 86 -18.37 -0.51 13.35
C PRO A 86 -19.03 -1.84 13.75
N GLN A 87 -18.49 -2.94 13.23
CA GLN A 87 -19.03 -4.25 13.53
C GLN A 87 -18.40 -4.82 14.80
N CYS A 88 -17.28 -4.25 15.21
CA CYS A 88 -16.58 -4.71 16.39
C CYS A 88 -17.13 -4.01 17.63
N PRO A 89 -17.47 -4.80 18.69
CA PRO A 89 -18.01 -4.26 19.94
C PRO A 89 -17.06 -3.29 20.62
N SER A 90 -15.77 -3.39 20.29
CA SER A 90 -14.77 -2.52 20.85
C SER A 90 -14.95 -1.10 20.33
N GLY A 91 -15.25 -1.00 19.04
CA GLY A 91 -15.45 0.30 18.42
C GLY A 91 -14.14 1.05 18.24
N ARG A 92 -13.02 0.36 18.46
CA ARG A 92 -11.71 0.98 18.33
C ARG A 92 -10.85 0.22 17.33
N VAL A 93 -11.51 -0.61 16.52
CA VAL A 93 -10.81 -1.39 15.51
C VAL A 93 -10.79 -0.64 14.19
N TYR A 94 -9.60 -0.23 13.79
CA TYR A 94 -9.42 0.50 12.55
C TYR A 94 -8.74 -0.41 11.53
N VAL A 95 -8.88 -0.11 10.25
CA VAL A 95 -8.28 -0.91 9.22
C VAL A 95 -7.81 -0.07 8.04
N LEU A 96 -6.59 -0.33 7.61
CA LEU A 96 -6.00 0.35 6.47
C LEU A 96 -6.15 -0.55 5.25
N LYS A 97 -7.02 -0.16 4.34
CA LYS A 97 -7.27 -0.95 3.15
C LYS A 97 -6.72 -0.26 1.91
N PHE A 98 -6.33 -1.05 0.92
CA PHE A 98 -5.82 -0.53 -0.32
C PHE A 98 -6.83 -0.76 -1.43
N LYS A 99 -6.73 0.03 -2.50
CA LYS A 99 -7.66 -0.11 -3.62
C LYS A 99 -6.93 -0.61 -4.86
N ALA A 100 -5.70 -1.05 -4.65
CA ALA A 100 -4.89 -1.58 -5.74
C ALA A 100 -4.97 -3.10 -5.76
N GLY A 101 -4.71 -3.70 -4.60
CA GLY A 101 -4.75 -5.14 -4.48
C GLY A 101 -5.34 -5.56 -3.15
N SER A 102 -5.42 -6.87 -2.94
CA SER A 102 -5.97 -7.42 -1.71
C SER A 102 -5.01 -7.20 -0.54
N LYS A 103 -5.25 -6.13 0.22
CA LYS A 103 -4.41 -5.81 1.36
C LYS A 103 -5.20 -5.02 2.41
N ARG A 104 -5.36 -5.62 3.58
CA ARG A 104 -6.09 -4.98 4.68
C ARG A 104 -5.30 -5.12 5.98
N LEU A 105 -4.92 -3.99 6.56
CA LEU A 105 -4.17 -4.01 7.81
C LEU A 105 -5.07 -3.54 8.96
N PHE A 106 -5.35 -4.44 9.89
CA PHE A 106 -6.21 -4.13 11.03
C PHE A 106 -5.38 -3.65 12.22
N PHE A 107 -5.85 -2.59 12.86
CA PHE A 107 -5.18 -2.01 14.03
C PHE A 107 -6.20 -1.66 15.10
N TRP A 108 -5.84 -1.87 16.36
CA TRP A 108 -6.74 -1.54 17.46
C TRP A 108 -6.06 -0.52 18.37
N MET A 109 -6.76 0.58 18.62
CA MET A 109 -6.25 1.68 19.43
C MET A 109 -5.93 1.22 20.86
N GLN A 110 -4.73 1.56 21.31
CA GLN A 110 -4.29 1.23 22.66
C GLN A 110 -4.24 2.50 23.50
N GLU A 111 -4.75 3.57 22.93
CA GLU A 111 -4.80 4.87 23.61
C GLU A 111 -5.76 4.82 24.78
N PRO A 112 -5.41 5.46 25.91
CA PRO A 112 -6.25 5.48 27.11
C PRO A 112 -7.59 6.17 26.87
N LYS A 113 -7.57 7.27 26.14
CA LYS A 113 -8.78 8.02 25.85
C LYS A 113 -9.22 7.82 24.41
N THR A 114 -10.52 7.62 24.22
CA THR A 114 -11.10 7.42 22.89
C THR A 114 -11.32 8.75 22.19
N ASP A 115 -11.09 9.83 22.92
CA ASP A 115 -11.27 11.19 22.41
C ASP A 115 -10.32 11.49 21.26
N GLN A 116 -9.27 10.69 21.12
CA GLN A 116 -8.30 10.91 20.05
C GLN A 116 -8.35 9.81 18.99
N ASP A 117 -9.35 8.94 19.08
CA ASP A 117 -9.47 7.84 18.12
C ASP A 117 -9.73 8.35 16.70
N GLU A 118 -10.88 9.00 16.50
CA GLU A 118 -11.24 9.55 15.20
C GLU A 118 -10.25 10.64 14.80
N GLU A 119 -9.77 11.37 15.80
CA GLU A 119 -8.81 12.43 15.60
C GLU A 119 -7.56 11.90 14.90
N HIS A 120 -7.04 10.80 15.40
CA HIS A 120 -5.86 10.17 14.83
C HIS A 120 -6.17 9.63 13.44
N CYS A 121 -7.36 9.06 13.29
CA CYS A 121 -7.80 8.52 12.02
C CYS A 121 -7.81 9.58 10.92
N ARG A 122 -8.26 10.78 11.27
CA ARG A 122 -8.32 11.88 10.32
C ARG A 122 -6.94 12.26 9.82
N LYS A 123 -6.01 12.42 10.76
CA LYS A 123 -4.64 12.79 10.44
C LYS A 123 -4.01 11.75 9.51
N VAL A 124 -4.23 10.48 9.82
CA VAL A 124 -3.69 9.40 9.01
C VAL A 124 -4.20 9.48 7.58
N ASN A 125 -5.51 9.56 7.42
CA ASN A 125 -6.12 9.63 6.09
C ASN A 125 -5.61 10.82 5.30
N GLU A 126 -5.42 11.95 5.99
CA GLU A 126 -4.94 13.17 5.35
C GLU A 126 -3.52 13.00 4.82
N TYR A 127 -2.59 12.67 5.71
CA TYR A 127 -1.18 12.53 5.33
C TYR A 127 -0.93 11.37 4.36
N LEU A 128 -1.82 10.38 4.34
CA LEU A 128 -1.64 9.22 3.46
C LEU A 128 -2.05 9.53 2.02
N ASN A 129 -3.03 10.41 1.86
CA ASN A 129 -3.50 10.75 0.51
C ASN A 129 -3.08 12.14 0.07
N ASN A 130 -2.75 13.00 1.04
CA ASN A 130 -2.33 14.36 0.75
C ASN A 130 -1.04 14.69 1.47
N ALA B 1 7.00 -20.93 -33.59
CA ALA B 1 7.83 -20.95 -32.37
C ALA B 1 7.01 -20.57 -31.15
N PRO B 2 6.90 -21.50 -30.17
CA PRO B 2 6.14 -21.25 -28.95
C PRO B 2 6.81 -20.18 -28.08
N ALA B 3 6.10 -19.09 -27.86
CA ALA B 3 6.62 -17.99 -27.06
C ALA B 3 5.67 -17.64 -25.92
N GLU B 4 4.82 -18.60 -25.56
CA GLU B 4 3.85 -18.43 -24.48
C GLU B 4 2.88 -17.29 -24.76
N PRO B 5 1.72 -17.61 -25.37
CA PRO B 5 0.71 -16.60 -25.71
C PRO B 5 -0.13 -16.18 -24.49
N LYS B 6 0.35 -16.52 -23.30
CA LYS B 6 -0.33 -16.19 -22.06
C LYS B 6 -0.23 -14.70 -21.76
N ILE B 7 -1.33 -13.99 -21.95
CA ILE B 7 -1.37 -12.56 -21.70
C ILE B 7 -2.07 -12.30 -20.36
N ILE B 8 -1.54 -11.33 -19.61
CA ILE B 8 -2.11 -10.97 -18.32
C ILE B 8 -2.78 -9.61 -18.38
N LYS B 9 -3.76 -9.40 -17.51
CA LYS B 9 -4.49 -8.15 -17.45
C LYS B 9 -3.90 -7.25 -16.37
N VAL B 10 -3.30 -6.16 -16.78
CA VAL B 10 -2.70 -5.23 -15.84
C VAL B 10 -3.41 -3.88 -15.90
N THR B 11 -4.21 -3.60 -14.89
CA THR B 11 -4.95 -2.36 -14.80
C THR B 11 -4.10 -1.28 -14.14
N VAL B 12 -3.74 -0.27 -14.91
CA VAL B 12 -2.90 0.81 -14.40
C VAL B 12 -3.74 2.02 -13.99
N LYS B 13 -3.63 2.38 -12.73
CA LYS B 13 -4.34 3.53 -12.19
C LYS B 13 -3.46 4.77 -12.36
N THR B 14 -3.83 5.61 -13.31
CA THR B 14 -3.06 6.81 -13.59
C THR B 14 -3.81 8.05 -13.09
N PRO B 15 -3.11 9.18 -12.90
CA PRO B 15 -3.74 10.44 -12.46
C PRO B 15 -4.56 11.07 -13.58
N LYS B 16 -5.39 10.26 -14.22
CA LYS B 16 -6.23 10.70 -15.31
C LYS B 16 -7.35 9.70 -15.55
N GLU B 17 -6.99 8.43 -15.70
CA GLU B 17 -7.97 7.37 -15.93
C GLU B 17 -7.38 6.00 -15.59
N LYS B 18 -8.22 4.97 -15.68
CA LYS B 18 -7.78 3.61 -15.38
C LYS B 18 -7.79 2.77 -16.65
N GLU B 19 -6.61 2.52 -17.19
CA GLU B 19 -6.49 1.73 -18.41
C GLU B 19 -5.90 0.36 -18.10
N GLU B 20 -6.27 -0.63 -18.91
CA GLU B 20 -5.78 -1.99 -18.72
C GLU B 20 -4.99 -2.44 -19.93
N PHE B 21 -3.72 -2.77 -19.70
CA PHE B 21 -2.85 -3.21 -20.78
C PHE B 21 -2.88 -4.73 -20.89
N ALA B 22 -2.33 -5.25 -21.98
CA ALA B 22 -2.30 -6.68 -22.20
C ALA B 22 -0.91 -7.12 -22.66
N VAL B 23 -0.12 -7.63 -21.73
CA VAL B 23 1.23 -8.08 -22.04
C VAL B 23 1.41 -9.55 -21.65
N PRO B 24 2.38 -10.24 -22.26
CA PRO B 24 2.64 -11.65 -21.97
C PRO B 24 3.33 -11.86 -20.62
N GLU B 25 3.31 -13.10 -20.14
CA GLU B 25 3.92 -13.44 -18.87
C GLU B 25 5.45 -13.50 -18.97
N ASN B 26 5.96 -13.73 -20.18
CA ASN B 26 7.40 -13.82 -20.40
C ASN B 26 7.93 -12.52 -21.00
N SER B 27 7.77 -11.42 -20.28
CA SER B 27 8.24 -10.12 -20.74
C SER B 27 8.78 -9.32 -19.56
N SER B 28 9.83 -8.55 -19.81
CA SER B 28 10.45 -7.74 -18.77
C SER B 28 9.63 -6.47 -18.50
N VAL B 29 9.90 -5.82 -17.37
CA VAL B 29 9.20 -4.61 -16.98
C VAL B 29 9.61 -3.43 -17.85
N GLN B 30 10.87 -3.43 -18.27
CA GLN B 30 11.40 -2.35 -19.12
C GLN B 30 10.59 -2.22 -20.40
N GLN B 31 10.17 -3.35 -20.95
CA GLN B 31 9.37 -3.38 -22.16
C GLN B 31 7.98 -2.81 -21.90
N PHE B 32 7.48 -3.07 -20.70
CA PHE B 32 6.17 -2.59 -20.30
C PHE B 32 6.20 -1.09 -20.07
N LYS B 33 7.21 -0.65 -19.31
CA LYS B 33 7.39 0.77 -18.99
C LYS B 33 7.48 1.59 -20.28
N GLU B 34 8.33 1.13 -21.20
CA GLU B 34 8.53 1.81 -22.47
C GLU B 34 7.23 1.90 -23.25
N ALA B 35 6.47 0.81 -23.24
CA ALA B 35 5.19 0.76 -23.94
C ALA B 35 4.21 1.79 -23.37
N ILE B 36 4.13 1.85 -22.05
CA ILE B 36 3.23 2.78 -21.39
C ILE B 36 3.57 4.23 -21.78
N SER B 37 4.84 4.58 -21.70
CA SER B 37 5.28 5.93 -22.02
C SER B 37 5.08 6.26 -23.50
N LYS B 38 5.04 5.24 -24.35
CA LYS B 38 4.86 5.46 -25.78
C LYS B 38 3.38 5.58 -26.11
N ARG B 39 2.53 4.97 -25.29
CA ARG B 39 1.10 5.02 -25.51
C ARG B 39 0.47 6.23 -24.81
N PHE B 40 0.77 6.37 -23.53
CA PHE B 40 0.23 7.48 -22.73
C PHE B 40 1.02 8.76 -22.99
N LYS B 41 2.29 8.59 -23.33
CA LYS B 41 3.19 9.72 -23.60
C LYS B 41 3.36 10.60 -22.37
N SER B 42 4.05 10.07 -21.37
CA SER B 42 4.29 10.79 -20.13
C SER B 42 5.78 10.71 -19.76
N GLN B 43 6.19 9.59 -19.17
CA GLN B 43 7.58 9.38 -18.75
C GLN B 43 7.88 7.89 -18.72
N THR B 44 9.16 7.53 -18.65
CA THR B 44 9.55 6.12 -18.61
C THR B 44 10.43 5.82 -17.40
N ASP B 45 11.51 6.58 -17.25
CA ASP B 45 12.44 6.37 -16.14
C ASP B 45 11.83 6.79 -14.81
N GLN B 46 11.14 7.92 -14.81
CA GLN B 46 10.51 8.43 -13.61
C GLN B 46 9.16 7.74 -13.37
N LEU B 47 8.74 6.95 -14.34
CA LEU B 47 7.49 6.22 -14.25
C LEU B 47 7.66 5.00 -13.35
N VAL B 48 6.96 5.01 -12.21
CA VAL B 48 7.05 3.90 -11.26
C VAL B 48 5.68 3.27 -11.04
N LEU B 49 5.66 1.94 -11.03
CA LEU B 49 4.43 1.21 -10.81
C LEU B 49 4.29 0.90 -9.32
N ILE B 50 3.06 0.81 -8.83
CA ILE B 50 2.82 0.55 -7.42
C ILE B 50 1.91 -0.66 -7.22
N PHE B 51 2.31 -1.56 -6.33
CA PHE B 51 1.52 -2.75 -6.03
C PHE B 51 1.08 -2.74 -4.56
N ALA B 52 0.19 -1.81 -4.24
CA ALA B 52 -0.37 -1.66 -2.89
C ALA B 52 0.72 -1.50 -1.83
N GLY B 53 1.20 -0.27 -1.68
CA GLY B 53 2.23 0.00 -0.70
C GLY B 53 3.56 -0.64 -1.06
N LYS B 54 3.88 -0.67 -2.34
CA LYS B 54 5.12 -1.25 -2.81
C LYS B 54 5.50 -0.66 -4.15
N ILE B 55 6.76 -0.31 -4.32
CA ILE B 55 7.23 0.27 -5.58
C ILE B 55 7.74 -0.80 -6.53
N LEU B 56 7.33 -0.69 -7.78
CA LEU B 56 7.74 -1.63 -8.82
C LEU B 56 8.61 -0.92 -9.83
N LYS B 57 9.78 -1.47 -10.11
CA LYS B 57 10.69 -0.86 -11.05
C LYS B 57 11.44 -1.94 -11.85
N ASP B 58 12.70 -1.69 -12.14
CA ASP B 58 13.51 -2.63 -12.90
C ASP B 58 14.23 -3.62 -11.99
N GLN B 59 14.15 -3.40 -10.69
CA GLN B 59 14.80 -4.27 -9.73
C GLN B 59 13.98 -5.54 -9.53
N ASP B 60 12.67 -5.40 -9.61
CA ASP B 60 11.75 -6.52 -9.47
C ASP B 60 11.10 -6.85 -10.81
N THR B 61 10.26 -7.87 -10.83
CA THR B 61 9.59 -8.28 -12.06
C THR B 61 8.07 -8.25 -11.87
N LEU B 62 7.40 -7.45 -12.70
CA LEU B 62 5.95 -7.29 -12.66
C LEU B 62 5.22 -8.63 -12.69
N ILE B 63 5.62 -9.50 -13.61
CA ILE B 63 4.97 -10.81 -13.77
C ILE B 63 5.30 -11.78 -12.63
N GLN B 64 6.21 -11.38 -11.75
CA GLN B 64 6.62 -12.25 -10.66
C GLN B 64 5.87 -11.92 -9.37
N HIS B 65 5.67 -10.64 -9.09
CA HIS B 65 5.00 -10.25 -7.87
C HIS B 65 3.77 -9.38 -8.14
N GLY B 66 3.98 -8.28 -8.85
CA GLY B 66 2.91 -7.33 -9.16
C GLY B 66 1.67 -7.97 -9.76
N ILE B 67 1.76 -8.39 -11.01
CA ILE B 67 0.62 -8.98 -11.68
C ILE B 67 0.77 -10.48 -11.83
N HIS B 68 -0.06 -11.22 -11.12
CA HIS B 68 -0.04 -12.67 -11.17
C HIS B 68 -0.95 -13.16 -12.29
N ASP B 69 -2.05 -12.45 -12.49
CA ASP B 69 -3.02 -12.78 -13.53
C ASP B 69 -3.79 -11.54 -13.96
N GLY B 70 -4.26 -10.79 -12.96
CA GLY B 70 -5.00 -9.57 -13.23
C GLY B 70 -5.16 -8.74 -11.97
N LEU B 71 -4.47 -7.61 -11.90
CA LEU B 71 -4.55 -6.75 -10.73
C LEU B 71 -4.39 -5.29 -11.11
N THR B 72 -4.62 -4.42 -10.13
CA THR B 72 -4.52 -2.98 -10.35
C THR B 72 -3.22 -2.42 -9.77
N VAL B 73 -2.48 -1.69 -10.58
CA VAL B 73 -1.24 -1.07 -10.15
C VAL B 73 -1.33 0.43 -10.28
N HIS B 74 -0.65 1.16 -9.43
CA HIS B 74 -0.68 2.61 -9.46
C HIS B 74 0.49 3.16 -10.27
N LEU B 75 0.27 4.30 -10.91
CA LEU B 75 1.32 4.94 -11.69
C LEU B 75 1.76 6.23 -11.03
N VAL B 76 2.99 6.25 -10.52
CA VAL B 76 3.52 7.44 -9.86
C VAL B 76 4.80 7.91 -10.57
N ILE B 77 5.31 9.06 -10.14
CA ILE B 77 6.51 9.62 -10.73
C ILE B 77 7.54 9.91 -9.65
N LYS B 78 8.27 8.88 -9.25
CA LYS B 78 9.27 9.02 -8.22
C LYS B 78 10.65 8.68 -8.78
N LYS A 21 11.87 13.33 12.48
CA LYS A 21 10.65 13.22 13.31
C LYS A 21 9.52 12.57 12.52
N TYR A 22 8.45 12.21 13.21
CA TYR A 22 7.30 11.60 12.56
C TYR A 22 6.16 12.60 12.44
N LEU A 23 5.26 12.36 11.50
CA LEU A 23 4.12 13.24 11.30
C LEU A 23 3.06 12.97 12.35
N VAL A 24 2.63 11.72 12.42
CA VAL A 24 1.62 11.29 13.39
C VAL A 24 2.08 9.99 14.05
N GLU A 25 1.85 9.86 15.34
CA GLU A 25 2.23 8.66 16.07
C GLU A 25 1.29 8.43 17.26
N PHE A 26 0.87 7.18 17.43
CA PHE A 26 -0.03 6.83 18.53
C PHE A 26 0.11 5.34 18.87
N ARG A 27 -0.42 4.95 20.01
CA ARG A 27 -0.33 3.55 20.45
C ARG A 27 -1.51 2.75 19.91
N ALA A 28 -1.21 1.70 19.16
CA ALA A 28 -2.23 0.84 18.60
C ALA A 28 -1.66 -0.54 18.32
N GLY A 29 -2.46 -1.55 18.61
CA GLY A 29 -2.04 -2.91 18.39
C GLY A 29 -2.36 -3.37 16.99
N LYS A 30 -1.50 -4.19 16.43
CA LYS A 30 -1.68 -4.70 15.08
C LYS A 30 -2.43 -6.03 15.11
N MET A 31 -2.69 -6.57 13.94
CA MET A 31 -3.37 -7.85 13.81
C MET A 31 -2.65 -8.71 12.79
N SER A 32 -2.66 -10.02 12.99
CA SER A 32 -1.98 -10.92 12.08
C SER A 32 -2.95 -11.99 11.55
N LEU A 33 -2.83 -12.29 10.28
CA LEU A 33 -3.69 -13.30 9.67
C LEU A 33 -3.07 -14.68 9.84
N LYS A 34 -3.49 -15.39 10.87
CA LYS A 34 -2.98 -16.72 11.14
C LYS A 34 -3.79 -17.75 10.35
N GLY A 35 -3.24 -18.16 9.21
CA GLY A 35 -3.92 -19.11 8.37
C GLY A 35 -5.07 -18.47 7.61
N THR A 36 -6.23 -18.43 8.25
CA THR A 36 -7.40 -17.83 7.66
C THR A 36 -8.19 -17.05 8.72
N THR A 37 -7.58 -16.87 9.88
CA THR A 37 -8.22 -16.15 10.98
C THR A 37 -7.42 -14.90 11.36
N VAL A 38 -8.13 -13.80 11.56
CA VAL A 38 -7.49 -12.55 11.95
C VAL A 38 -7.30 -12.52 13.46
N THR A 39 -6.06 -12.69 13.89
CA THR A 39 -5.73 -12.69 15.31
C THR A 39 -5.03 -11.40 15.72
N PRO A 40 -5.64 -10.62 16.61
CA PRO A 40 -5.06 -9.36 17.09
C PRO A 40 -3.83 -9.60 17.97
N ASP A 41 -2.84 -8.73 17.83
CA ASP A 41 -1.61 -8.83 18.60
C ASP A 41 -1.84 -8.32 20.02
N LYS A 42 -1.06 -8.82 20.97
CA LYS A 42 -1.20 -8.41 22.36
C LYS A 42 -0.07 -7.47 22.76
N ARG A 43 0.83 -7.20 21.83
CA ARG A 43 1.96 -6.31 22.11
C ARG A 43 1.55 -4.86 21.97
N LYS A 44 2.17 -4.00 22.78
CA LYS A 44 1.90 -2.57 22.73
C LYS A 44 2.84 -1.91 21.73
N GLY A 45 2.30 -1.55 20.57
CA GLY A 45 3.12 -0.95 19.54
C GLY A 45 2.78 0.50 19.30
N LEU A 46 3.59 1.13 18.47
CA LEU A 46 3.43 2.53 18.12
C LEU A 46 3.33 2.69 16.62
N VAL A 47 2.22 3.24 16.16
CA VAL A 47 2.03 3.47 14.73
C VAL A 47 2.55 4.85 14.39
N TYR A 48 3.60 4.90 13.59
CA TYR A 48 4.19 6.18 13.23
C TYR A 48 4.29 6.33 11.72
N ILE A 49 4.08 7.55 11.26
CA ILE A 49 4.15 7.88 9.85
C ILE A 49 5.27 8.88 9.63
N GLN A 50 6.23 8.52 8.79
CA GLN A 50 7.37 9.38 8.51
C GLN A 50 7.58 9.52 7.01
N GLN A 51 8.06 10.68 6.59
CA GLN A 51 8.33 10.93 5.18
C GLN A 51 9.83 10.97 4.94
N THR A 52 10.28 10.34 3.87
CA THR A 52 11.71 10.32 3.55
C THR A 52 12.10 11.49 2.65
N ASP A 53 13.39 11.59 2.32
CA ASP A 53 13.90 12.66 1.47
C ASP A 53 13.42 12.54 0.04
N ASP A 54 12.85 11.39 -0.28
CA ASP A 54 12.32 11.13 -1.62
C ASP A 54 10.86 11.57 -1.68
N SER A 55 10.39 12.16 -0.57
CA SER A 55 9.03 12.66 -0.43
C SER A 55 8.02 11.52 -0.29
N LEU A 56 8.51 10.30 -0.13
CA LEU A 56 7.62 9.15 0.00
C LEU A 56 7.16 9.00 1.44
N ILE A 57 5.89 8.72 1.62
CA ILE A 57 5.30 8.54 2.94
C ILE A 57 5.51 7.10 3.42
N HIS A 58 5.99 6.94 4.64
CA HIS A 58 6.23 5.62 5.20
C HIS A 58 5.28 5.32 6.34
N PHE A 59 4.56 4.23 6.21
CA PHE A 59 3.63 3.77 7.23
C PHE A 59 4.22 2.54 7.89
N CYS A 60 4.73 2.70 9.10
CA CYS A 60 5.38 1.61 9.79
C CYS A 60 4.81 1.37 11.18
N TRP A 61 4.90 0.11 11.62
CA TRP A 61 4.45 -0.29 12.94
C TRP A 61 5.66 -0.71 13.76
N LYS A 62 5.91 0.00 14.85
CA LYS A 62 7.06 -0.29 15.69
C LYS A 62 6.62 -0.81 17.06
N ASP A 63 7.26 -1.90 17.49
CA ASP A 63 6.98 -2.48 18.79
C ASP A 63 7.69 -1.66 19.87
N ARG A 64 6.98 -1.33 20.93
CA ARG A 64 7.55 -0.51 22.00
C ARG A 64 8.26 -1.37 23.04
N THR A 65 8.22 -2.68 22.89
CA THR A 65 8.88 -3.57 23.83
C THR A 65 10.35 -3.76 23.46
N SER A 66 10.60 -4.17 22.23
CA SER A 66 11.96 -4.40 21.76
C SER A 66 12.49 -3.16 21.03
N GLY A 67 11.57 -2.39 20.44
CA GLY A 67 11.95 -1.20 19.71
C GLY A 67 12.21 -1.50 18.24
N ASN A 68 11.74 -2.66 17.79
CA ASN A 68 11.93 -3.07 16.40
C ASN A 68 10.74 -2.65 15.54
N VAL A 69 11.02 -2.29 14.30
CA VAL A 69 9.98 -1.90 13.36
C VAL A 69 9.62 -3.10 12.48
N GLU A 70 8.43 -3.65 12.70
CA GLU A 70 7.98 -4.81 11.95
C GLU A 70 7.55 -4.44 10.54
N ASP A 71 6.44 -3.74 10.45
CA ASP A 71 5.89 -3.34 9.15
C ASP A 71 6.47 -2.00 8.71
N ASP A 72 6.63 -1.85 7.40
CA ASP A 72 7.16 -0.61 6.82
C ASP A 72 6.81 -0.55 5.34
N LEU A 73 5.75 0.20 5.03
CA LEU A 73 5.31 0.33 3.65
C LEU A 73 5.35 1.79 3.22
N ILE A 74 5.31 2.00 1.91
CA ILE A 74 5.31 3.34 1.35
C ILE A 74 3.92 3.69 0.85
N ILE A 75 3.35 4.77 1.37
CA ILE A 75 2.00 5.17 0.99
C ILE A 75 1.98 6.29 -0.04
N PHE A 76 0.95 6.28 -0.89
CA PHE A 76 0.76 7.27 -1.93
C PHE A 76 -0.71 7.67 -1.98
N PRO A 77 -1.05 8.80 -2.64
CA PRO A 77 -2.44 9.25 -2.77
C PRO A 77 -3.28 8.25 -3.57
N ASP A 78 -4.48 7.97 -3.07
CA ASP A 78 -5.43 7.03 -3.69
C ASP A 78 -4.97 5.58 -3.51
N ASP A 79 -3.86 5.38 -2.79
CA ASP A 79 -3.33 4.04 -2.58
C ASP A 79 -3.87 3.40 -1.29
N CYS A 80 -4.12 4.20 -0.27
CA CYS A 80 -4.62 3.67 0.98
C CYS A 80 -5.85 4.40 1.49
N GLU A 81 -6.74 3.64 2.13
CA GLU A 81 -7.97 4.17 2.69
C GLU A 81 -8.15 3.67 4.13
N PHE A 82 -7.96 4.57 5.09
CA PHE A 82 -8.08 4.20 6.50
C PHE A 82 -9.48 4.55 7.02
N LYS A 83 -10.10 3.60 7.71
CA LYS A 83 -11.44 3.78 8.25
C LYS A 83 -11.63 2.96 9.52
N ARG A 84 -12.78 3.14 10.16
CA ARG A 84 -13.11 2.42 11.38
C ARG A 84 -14.14 1.33 11.09
N VAL A 85 -14.06 0.23 11.82
CA VAL A 85 -15.00 -0.86 11.67
C VAL A 85 -16.09 -0.77 12.73
N PRO A 86 -17.29 -0.29 12.36
CA PRO A 86 -18.40 -0.13 13.29
C PRO A 86 -19.16 -1.44 13.50
N GLN A 87 -18.65 -2.51 12.92
CA GLN A 87 -19.27 -3.82 13.03
C GLN A 87 -18.61 -4.64 14.12
N CYS A 88 -17.62 -4.04 14.79
CA CYS A 88 -16.90 -4.72 15.86
C CYS A 88 -17.38 -4.22 17.21
N PRO A 89 -17.68 -5.15 18.14
CA PRO A 89 -18.15 -4.80 19.50
C PRO A 89 -17.26 -3.80 20.23
N SER A 90 -15.96 -3.88 19.98
CA SER A 90 -15.01 -2.97 20.60
C SER A 90 -15.22 -1.53 20.11
N GLY A 91 -15.43 -1.40 18.80
CA GLY A 91 -15.66 -0.09 18.22
C GLY A 91 -14.38 0.70 18.00
N ARG A 92 -13.27 0.17 18.49
CA ARG A 92 -11.99 0.83 18.34
C ARG A 92 -11.11 0.12 17.33
N VAL A 93 -11.73 -0.72 16.52
CA VAL A 93 -11.00 -1.45 15.50
C VAL A 93 -11.01 -0.67 14.19
N TYR A 94 -9.82 -0.29 13.74
CA TYR A 94 -9.67 0.46 12.52
C TYR A 94 -8.99 -0.41 11.46
N VAL A 95 -9.17 -0.07 10.19
CA VAL A 95 -8.58 -0.87 9.12
C VAL A 95 -8.07 0.01 7.97
N LEU A 96 -6.88 -0.32 7.50
CA LEU A 96 -6.26 0.37 6.37
C LEU A 96 -6.40 -0.50 5.13
N LYS A 97 -7.31 -0.11 4.26
CA LYS A 97 -7.55 -0.87 3.04
C LYS A 97 -6.84 -0.22 1.86
N PHE A 98 -6.04 -1.00 1.16
CA PHE A 98 -5.33 -0.51 0.00
C PHE A 98 -6.28 -0.43 -1.20
N LYS A 99 -6.11 0.59 -2.02
CA LYS A 99 -6.95 0.79 -3.19
C LYS A 99 -6.17 0.41 -4.45
N ALA A 100 -5.16 -0.43 -4.24
CA ALA A 100 -4.31 -0.91 -5.32
C ALA A 100 -3.82 -2.30 -4.99
N GLY A 101 -4.68 -3.08 -4.35
CA GLY A 101 -4.32 -4.43 -3.96
C GLY A 101 -5.39 -5.05 -3.08
N SER A 102 -5.04 -6.10 -2.36
CA SER A 102 -6.00 -6.79 -1.49
C SER A 102 -5.50 -6.84 -0.05
N LYS A 103 -4.50 -6.02 0.26
CA LYS A 103 -3.95 -5.99 1.62
C LYS A 103 -4.82 -5.15 2.55
N ARG A 104 -5.27 -5.77 3.63
CA ARG A 104 -6.11 -5.10 4.62
C ARG A 104 -5.46 -5.19 5.99
N LEU A 105 -5.01 -4.06 6.51
CA LEU A 105 -4.35 -4.02 7.80
C LEU A 105 -5.30 -3.54 8.90
N PHE A 106 -5.54 -4.39 9.89
CA PHE A 106 -6.42 -4.06 11.00
C PHE A 106 -5.62 -3.60 12.21
N PHE A 107 -6.08 -2.54 12.86
CA PHE A 107 -5.41 -2.00 14.04
C PHE A 107 -6.42 -1.65 15.12
N TRP A 108 -6.05 -1.83 16.38
CA TRP A 108 -6.93 -1.47 17.47
C TRP A 108 -6.23 -0.46 18.38
N MET A 109 -6.89 0.67 18.59
CA MET A 109 -6.34 1.75 19.42
C MET A 109 -6.02 1.28 20.83
N GLN A 110 -4.80 1.56 21.27
CA GLN A 110 -4.36 1.19 22.61
C GLN A 110 -4.36 2.40 23.52
N GLU A 111 -4.87 3.52 23.00
CA GLU A 111 -4.96 4.76 23.76
C GLU A 111 -6.00 4.60 24.87
N PRO A 112 -5.73 5.15 26.06
CA PRO A 112 -6.66 5.05 27.20
C PRO A 112 -7.99 5.75 26.97
N LYS A 113 -8.01 6.79 26.15
CA LYS A 113 -9.23 7.54 25.88
C LYS A 113 -9.67 7.37 24.43
N THR A 114 -10.98 7.44 24.22
CA THR A 114 -11.55 7.32 22.87
C THR A 114 -11.79 8.69 22.26
N ASP A 115 -11.30 9.72 22.94
CA ASP A 115 -11.49 11.10 22.48
C ASP A 115 -10.76 11.37 21.18
N GLN A 116 -9.49 10.97 21.11
CA GLN A 116 -8.69 11.21 19.91
C GLN A 116 -8.68 10.02 18.96
N ASP A 117 -9.62 9.10 19.14
CA ASP A 117 -9.70 7.91 18.30
C ASP A 117 -9.93 8.29 16.84
N GLU A 118 -11.03 8.97 16.57
CA GLU A 118 -11.37 9.41 15.22
C GLU A 118 -10.35 10.44 14.72
N GLU A 119 -9.87 11.27 15.64
CA GLU A 119 -8.87 12.28 15.30
C GLU A 119 -7.65 11.61 14.68
N HIS A 120 -7.25 10.48 15.26
CA HIS A 120 -6.11 9.72 14.76
C HIS A 120 -6.38 9.23 13.34
N CYS A 121 -7.57 8.64 13.16
CA CYS A 121 -7.96 8.10 11.86
C CYS A 121 -7.93 9.19 10.79
N ARG A 122 -8.48 10.35 11.12
CA ARG A 122 -8.52 11.46 10.19
C ARG A 122 -7.12 11.93 9.85
N LYS A 123 -6.30 12.13 10.89
CA LYS A 123 -4.92 12.59 10.71
C LYS A 123 -4.13 11.60 9.85
N VAL A 124 -4.42 10.31 10.02
CA VAL A 124 -3.75 9.27 9.24
C VAL A 124 -4.06 9.46 7.76
N ASN A 125 -5.33 9.65 7.44
CA ASN A 125 -5.75 9.82 6.05
C ASN A 125 -5.27 11.14 5.47
N GLU A 126 -5.02 12.12 6.33
CA GLU A 126 -4.58 13.45 5.89
C GLU A 126 -3.25 13.40 5.14
N TYR A 127 -2.18 13.00 5.82
CA TYR A 127 -0.85 12.96 5.19
C TYR A 127 -0.70 11.79 4.22
N LEU A 128 -1.48 10.74 4.41
CA LEU A 128 -1.39 9.56 3.54
C LEU A 128 -1.99 9.80 2.17
N ASN A 129 -2.96 10.71 2.07
CA ASN A 129 -3.60 10.95 0.78
C ASN A 129 -3.38 12.38 0.28
N ASN A 130 -3.14 13.31 1.18
CA ASN A 130 -2.93 14.70 0.79
C ASN A 130 -1.56 15.21 1.21
N ALA B 1 7.10 -21.76 -32.98
CA ALA B 1 7.82 -21.67 -31.69
C ALA B 1 6.98 -20.93 -30.66
N PRO B 2 6.42 -21.66 -29.69
CA PRO B 2 5.59 -21.06 -28.64
C PRO B 2 6.42 -20.25 -27.65
N ALA B 3 5.86 -19.14 -27.18
CA ALA B 3 6.56 -18.29 -26.24
C ALA B 3 5.69 -17.93 -25.04
N GLU B 4 4.87 -18.88 -24.61
CA GLU B 4 3.95 -18.69 -23.48
C GLU B 4 2.97 -17.55 -23.74
N PRO B 5 1.81 -17.87 -24.35
CA PRO B 5 0.78 -16.88 -24.67
C PRO B 5 -0.06 -16.49 -23.45
N LYS B 6 0.58 -16.48 -22.29
CA LYS B 6 -0.10 -16.13 -21.05
C LYS B 6 -0.17 -14.62 -20.90
N ILE B 7 -1.27 -14.04 -21.35
CA ILE B 7 -1.48 -12.60 -21.27
C ILE B 7 -2.18 -12.23 -19.96
N ILE B 8 -1.53 -11.40 -19.17
CA ILE B 8 -2.10 -10.96 -17.90
C ILE B 8 -2.81 -9.63 -18.06
N LYS B 9 -3.79 -9.38 -17.21
CA LYS B 9 -4.56 -8.14 -17.26
C LYS B 9 -4.06 -7.17 -16.20
N VAL B 10 -3.28 -6.19 -16.61
CA VAL B 10 -2.74 -5.21 -15.70
C VAL B 10 -3.47 -3.88 -15.82
N THR B 11 -4.18 -3.51 -14.77
CA THR B 11 -4.93 -2.26 -14.77
C THR B 11 -4.10 -1.16 -14.10
N VAL B 12 -3.77 -0.13 -14.86
CA VAL B 12 -2.96 0.96 -14.35
C VAL B 12 -3.80 2.19 -14.06
N LYS B 13 -3.83 2.59 -12.80
CA LYS B 13 -4.57 3.77 -12.39
C LYS B 13 -3.67 4.98 -12.58
N THR B 14 -3.94 5.76 -13.61
CA THR B 14 -3.15 6.92 -13.93
C THR B 14 -3.89 8.21 -13.57
N PRO B 15 -3.18 9.34 -13.47
CA PRO B 15 -3.80 10.64 -13.14
C PRO B 15 -4.57 11.19 -14.34
N LYS B 16 -5.35 10.33 -14.95
CA LYS B 16 -6.14 10.69 -16.12
C LYS B 16 -7.38 9.81 -16.17
N GLU B 17 -7.17 8.51 -16.08
CA GLU B 17 -8.26 7.55 -16.09
C GLU B 17 -7.75 6.19 -15.64
N LYS B 18 -8.49 5.13 -15.93
CA LYS B 18 -8.10 3.79 -15.57
C LYS B 18 -8.00 2.94 -16.83
N GLU B 19 -6.79 2.58 -17.21
CA GLU B 19 -6.56 1.79 -18.42
C GLU B 19 -5.93 0.45 -18.08
N GLU B 20 -6.29 -0.57 -18.86
CA GLU B 20 -5.76 -1.91 -18.66
C GLU B 20 -4.93 -2.32 -19.87
N PHE B 21 -3.75 -2.88 -19.62
CA PHE B 21 -2.87 -3.31 -20.69
C PHE B 21 -2.78 -4.83 -20.73
N ALA B 22 -2.36 -5.36 -21.87
CA ALA B 22 -2.23 -6.80 -22.05
C ALA B 22 -0.77 -7.16 -22.32
N VAL B 23 -0.12 -7.74 -21.32
CA VAL B 23 1.27 -8.15 -21.44
C VAL B 23 1.44 -9.61 -21.09
N PRO B 24 2.42 -10.30 -21.70
CA PRO B 24 2.68 -11.72 -21.45
C PRO B 24 3.49 -11.96 -20.18
N GLU B 25 3.33 -13.16 -19.62
CA GLU B 25 4.03 -13.55 -18.39
C GLU B 25 5.49 -13.95 -18.66
N ASN B 26 6.12 -13.31 -19.62
CA ASN B 26 7.51 -13.62 -19.95
C ASN B 26 8.32 -12.37 -20.26
N SER B 27 7.66 -11.22 -20.32
CA SER B 27 8.34 -9.97 -20.59
C SER B 27 8.62 -9.22 -19.29
N SER B 28 9.79 -8.59 -19.22
CA SER B 28 10.18 -7.85 -18.02
C SER B 28 9.48 -6.49 -17.94
N VAL B 29 9.67 -5.80 -16.83
CA VAL B 29 9.06 -4.49 -16.59
C VAL B 29 9.59 -3.45 -17.57
N GLN B 30 10.81 -3.63 -18.04
CA GLN B 30 11.42 -2.70 -18.98
C GLN B 30 10.58 -2.58 -20.25
N GLN B 31 10.00 -3.69 -20.68
CA GLN B 31 9.16 -3.71 -21.87
C GLN B 31 7.84 -3.00 -21.59
N PHE B 32 7.30 -3.25 -20.40
CA PHE B 32 6.03 -2.67 -20.00
C PHE B 32 6.13 -1.14 -19.84
N LYS B 33 7.19 -0.69 -19.18
CA LYS B 33 7.41 0.73 -18.96
C LYS B 33 7.46 1.51 -20.27
N GLU B 34 8.31 1.06 -21.19
CA GLU B 34 8.46 1.73 -22.48
C GLU B 34 7.17 1.67 -23.30
N ALA B 35 6.35 0.65 -23.03
CA ALA B 35 5.09 0.49 -23.73
C ALA B 35 4.10 1.57 -23.28
N ILE B 36 4.08 1.84 -21.98
CA ILE B 36 3.21 2.85 -21.42
C ILE B 36 3.58 4.23 -21.95
N SER B 37 4.88 4.52 -21.92
CA SER B 37 5.38 5.81 -22.39
C SER B 37 5.11 6.00 -23.90
N LYS B 38 4.88 4.92 -24.61
CA LYS B 38 4.61 4.99 -26.04
C LYS B 38 3.12 5.03 -26.32
N ARG B 39 2.35 4.25 -25.56
CA ARG B 39 0.90 4.18 -25.74
C ARG B 39 0.20 5.37 -25.09
N PHE B 40 0.59 5.69 -23.86
CA PHE B 40 -0.02 6.79 -23.13
C PHE B 40 0.74 8.09 -23.37
N LYS B 41 2.07 7.97 -23.44
CA LYS B 41 2.95 9.12 -23.68
C LYS B 41 3.00 10.06 -22.47
N SER B 42 4.14 10.08 -21.80
CA SER B 42 4.32 10.93 -20.63
C SER B 42 5.80 10.95 -20.22
N GLN B 43 6.22 9.94 -19.47
CA GLN B 43 7.60 9.82 -19.02
C GLN B 43 8.02 8.36 -19.05
N THR B 44 9.32 8.11 -19.00
CA THR B 44 9.83 6.74 -19.04
C THR B 44 10.64 6.39 -17.79
N ASP B 45 11.66 7.18 -17.51
CA ASP B 45 12.52 6.93 -16.35
C ASP B 45 11.81 7.26 -15.05
N GLN B 46 11.10 8.38 -15.02
CA GLN B 46 10.38 8.79 -13.82
C GLN B 46 9.03 8.09 -13.72
N LEU B 47 8.78 7.16 -14.64
CA LEU B 47 7.52 6.42 -14.66
C LEU B 47 7.63 5.19 -13.76
N VAL B 48 7.14 5.30 -12.54
CA VAL B 48 7.22 4.18 -11.60
C VAL B 48 5.83 3.63 -11.28
N LEU B 49 5.70 2.32 -11.34
CA LEU B 49 4.43 1.66 -11.05
C LEU B 49 4.37 1.34 -9.56
N ILE B 50 3.19 1.41 -8.98
CA ILE B 50 3.02 1.13 -7.56
C ILE B 50 2.01 0.03 -7.32
N PHE B 51 2.43 -0.99 -6.57
CA PHE B 51 1.54 -2.11 -6.26
C PHE B 51 1.33 -2.20 -4.75
N ALA B 52 0.44 -1.34 -4.24
CA ALA B 52 0.08 -1.32 -2.83
C ALA B 52 1.29 -1.06 -1.94
N GLY B 53 1.83 0.15 -2.02
CA GLY B 53 2.97 0.50 -1.22
C GLY B 53 4.25 -0.16 -1.66
N LYS B 54 4.38 -0.43 -2.95
CA LYS B 54 5.56 -1.08 -3.49
C LYS B 54 5.98 -0.44 -4.81
N ILE B 55 7.25 -0.09 -4.90
CA ILE B 55 7.80 0.53 -6.10
C ILE B 55 8.16 -0.51 -7.15
N LEU B 56 7.32 -0.63 -8.17
CA LEU B 56 7.55 -1.57 -9.23
C LEU B 56 8.43 -0.94 -10.29
N LYS B 57 9.61 -1.51 -10.49
CA LYS B 57 10.55 -0.99 -11.46
C LYS B 57 11.22 -2.12 -12.22
N ASP B 58 12.35 -1.81 -12.85
CA ASP B 58 13.10 -2.79 -13.63
C ASP B 58 13.91 -3.69 -12.69
N GLN B 59 14.01 -3.28 -11.44
CA GLN B 59 14.75 -4.03 -10.44
C GLN B 59 14.01 -5.32 -10.09
N ASP B 60 12.71 -5.20 -9.84
CA ASP B 60 11.88 -6.34 -9.52
C ASP B 60 11.16 -6.81 -10.78
N THR B 61 10.10 -7.60 -10.62
CA THR B 61 9.38 -8.10 -11.77
C THR B 61 7.86 -8.03 -11.58
N LEU B 62 7.19 -7.44 -12.56
CA LEU B 62 5.74 -7.29 -12.55
C LEU B 62 5.06 -8.65 -12.51
N ILE B 63 5.61 -9.59 -13.27
CA ILE B 63 5.07 -10.94 -13.36
C ILE B 63 5.62 -11.84 -12.24
N GLN B 64 5.97 -11.23 -11.12
CA GLN B 64 6.51 -11.97 -10.00
C GLN B 64 5.84 -11.55 -8.69
N HIS B 65 5.90 -10.27 -8.37
CA HIS B 65 5.31 -9.77 -7.14
C HIS B 65 4.21 -8.74 -7.42
N GLY B 66 4.10 -8.33 -8.67
CA GLY B 66 3.09 -7.34 -9.02
C GLY B 66 1.77 -7.96 -9.45
N ILE B 67 1.48 -7.85 -10.73
CA ILE B 67 0.24 -8.37 -11.28
C ILE B 67 0.30 -9.88 -11.40
N HIS B 68 -0.30 -10.56 -10.43
CA HIS B 68 -0.33 -12.02 -10.43
C HIS B 68 -1.39 -12.53 -11.39
N ASP B 69 -2.64 -12.19 -11.12
CA ASP B 69 -3.75 -12.59 -11.97
C ASP B 69 -4.80 -11.48 -12.04
N GLY B 70 -4.43 -10.38 -12.70
CA GLY B 70 -5.32 -9.25 -12.84
C GLY B 70 -5.40 -8.41 -11.59
N LEU B 71 -4.74 -7.26 -11.58
CA LEU B 71 -4.74 -6.38 -10.43
C LEU B 71 -4.63 -4.92 -10.85
N THR B 72 -4.82 -4.02 -9.90
CA THR B 72 -4.75 -2.59 -10.15
C THR B 72 -3.51 -1.96 -9.54
N VAL B 73 -2.69 -1.31 -10.37
CA VAL B 73 -1.48 -0.66 -9.91
C VAL B 73 -1.58 0.84 -10.10
N HIS B 74 -0.74 1.58 -9.38
CA HIS B 74 -0.73 3.03 -9.48
C HIS B 74 0.48 3.49 -10.27
N LEU B 75 0.58 4.78 -10.52
CA LEU B 75 1.69 5.33 -11.28
C LEU B 75 2.16 6.64 -10.67
N VAL B 76 3.39 6.67 -10.19
CA VAL B 76 3.95 7.87 -9.57
C VAL B 76 5.18 8.33 -10.33
N ILE B 77 5.69 9.50 -9.95
CA ILE B 77 6.86 10.06 -10.59
C ILE B 77 7.91 10.44 -9.54
N LYS B 78 8.09 9.55 -8.57
CA LYS B 78 9.05 9.78 -7.50
C LYS B 78 10.13 8.71 -7.52
N LYS A 21 11.44 13.36 11.89
CA LYS A 21 10.60 13.01 13.06
C LYS A 21 9.31 12.32 12.61
N TYR A 22 8.47 11.95 13.56
CA TYR A 22 7.21 11.30 13.25
C TYR A 22 6.10 12.35 13.12
N LEU A 23 5.46 12.39 11.97
CA LEU A 23 4.38 13.34 11.73
C LEU A 23 3.14 12.93 12.52
N VAL A 24 2.66 11.73 12.24
CA VAL A 24 1.49 11.20 12.93
C VAL A 24 1.92 9.96 13.72
N GLU A 25 1.45 9.86 14.95
CA GLU A 25 1.80 8.73 15.80
C GLU A 25 0.73 8.48 16.86
N PHE A 26 0.45 7.21 17.12
CA PHE A 26 -0.52 6.81 18.11
C PHE A 26 -0.33 5.36 18.51
N ARG A 27 -0.83 5.00 19.68
CA ARG A 27 -0.70 3.63 20.17
C ARG A 27 -1.81 2.73 19.63
N ALA A 28 -1.41 1.66 18.97
CA ALA A 28 -2.36 0.71 18.39
C ALA A 28 -1.70 -0.64 18.16
N GLY A 29 -2.45 -1.70 18.39
CA GLY A 29 -1.94 -3.05 18.19
C GLY A 29 -2.19 -3.54 16.80
N LYS A 30 -1.30 -4.36 16.28
CA LYS A 30 -1.43 -4.91 14.94
C LYS A 30 -2.17 -6.24 14.96
N MET A 31 -2.63 -6.66 13.79
CA MET A 31 -3.33 -7.91 13.66
C MET A 31 -2.68 -8.75 12.56
N SER A 32 -2.36 -9.99 12.87
CA SER A 32 -1.70 -10.87 11.91
C SER A 32 -2.68 -11.90 11.37
N LEU A 33 -2.54 -12.21 10.08
CA LEU A 33 -3.40 -13.19 9.43
C LEU A 33 -2.80 -14.58 9.59
N LYS A 34 -3.29 -15.32 10.58
CA LYS A 34 -2.80 -16.66 10.84
C LYS A 34 -3.66 -17.68 10.10
N GLY A 35 -3.14 -18.16 8.98
CA GLY A 35 -3.85 -19.13 8.18
C GLY A 35 -4.94 -18.49 7.37
N THR A 36 -6.06 -18.21 8.02
CA THR A 36 -7.19 -17.57 7.36
C THR A 36 -7.97 -16.71 8.35
N THR A 37 -7.45 -16.62 9.58
CA THR A 37 -8.09 -15.84 10.63
C THR A 37 -7.19 -14.70 11.07
N VAL A 38 -7.79 -13.54 11.31
CA VAL A 38 -7.06 -12.37 11.75
C VAL A 38 -6.96 -12.34 13.27
N THR A 39 -5.78 -12.62 13.78
CA THR A 39 -5.54 -12.64 15.22
C THR A 39 -4.83 -11.36 15.66
N PRO A 40 -5.45 -10.57 16.54
CA PRO A 40 -4.86 -9.34 17.04
C PRO A 40 -3.72 -9.61 18.00
N ASP A 41 -2.64 -8.85 17.87
CA ASP A 41 -1.50 -9.02 18.74
C ASP A 41 -1.74 -8.23 20.02
N LYS A 42 -1.38 -8.83 21.16
CA LYS A 42 -1.58 -8.19 22.44
C LYS A 42 -0.42 -7.26 22.78
N ARG A 43 0.59 -7.23 21.91
CA ARG A 43 1.75 -6.39 22.13
C ARG A 43 1.40 -4.91 21.95
N LYS A 44 2.14 -4.07 22.62
CA LYS A 44 1.95 -2.64 22.54
C LYS A 44 2.68 -2.11 21.31
N GLY A 45 1.95 -1.40 20.45
CA GLY A 45 2.57 -0.88 19.26
C GLY A 45 2.32 0.59 19.04
N LEU A 46 3.21 1.20 18.29
CA LEU A 46 3.11 2.62 17.98
C LEU A 46 3.08 2.81 16.46
N VAL A 47 1.94 3.22 15.95
CA VAL A 47 1.80 3.46 14.53
C VAL A 47 2.29 4.87 14.21
N TYR A 48 3.32 4.96 13.40
CA TYR A 48 3.89 6.25 13.06
C TYR A 48 4.06 6.41 11.55
N ILE A 49 3.94 7.65 11.09
CA ILE A 49 4.10 7.98 9.69
C ILE A 49 5.21 8.99 9.51
N GLN A 50 6.08 8.77 8.55
CA GLN A 50 7.21 9.65 8.29
C GLN A 50 7.49 9.74 6.80
N GLN A 51 7.85 10.94 6.35
CA GLN A 51 8.17 11.16 4.94
C GLN A 51 9.67 11.42 4.81
N THR A 52 10.36 10.52 4.14
CA THR A 52 11.81 10.63 3.97
C THR A 52 12.20 11.60 2.85
N ASP A 53 13.50 11.62 2.54
CA ASP A 53 14.04 12.50 1.49
C ASP A 53 13.50 12.11 0.12
N ASP A 54 13.11 10.85 0.01
CA ASP A 54 12.55 10.32 -1.24
C ASP A 54 11.16 10.90 -1.51
N SER A 55 10.66 11.65 -0.52
CA SER A 55 9.35 12.28 -0.60
C SER A 55 8.26 11.22 -0.62
N LEU A 56 8.59 10.05 -0.10
CA LEU A 56 7.65 8.94 -0.05
C LEU A 56 7.11 8.76 1.37
N ILE A 57 5.80 8.68 1.46
CA ILE A 57 5.12 8.50 2.74
C ILE A 57 5.33 7.07 3.25
N HIS A 58 5.83 6.93 4.47
CA HIS A 58 6.07 5.61 5.02
C HIS A 58 5.16 5.33 6.22
N PHE A 59 4.39 4.26 6.11
CA PHE A 59 3.48 3.83 7.17
C PHE A 59 4.07 2.61 7.84
N CYS A 60 4.52 2.74 9.08
CA CYS A 60 5.15 1.63 9.77
C CYS A 60 4.60 1.41 11.18
N TRP A 61 4.71 0.16 11.63
CA TRP A 61 4.27 -0.22 12.97
C TRP A 61 5.51 -0.48 13.82
N LYS A 62 5.66 0.27 14.90
CA LYS A 62 6.81 0.14 15.78
C LYS A 62 6.46 -0.58 17.07
N ASP A 63 7.25 -1.59 17.41
CA ASP A 63 7.07 -2.37 18.63
C ASP A 63 7.48 -1.48 19.82
N ARG A 64 6.61 -1.33 20.80
CA ARG A 64 6.90 -0.47 21.95
C ARG A 64 7.79 -1.14 22.99
N THR A 65 8.01 -2.43 22.86
CA THR A 65 8.83 -3.14 23.82
C THR A 65 10.29 -3.20 23.38
N SER A 66 10.51 -3.56 22.12
CA SER A 66 11.85 -3.66 21.58
C SER A 66 12.27 -2.37 20.87
N GLY A 67 11.30 -1.72 20.25
CA GLY A 67 11.59 -0.51 19.51
C GLY A 67 11.92 -0.81 18.06
N ASN A 68 11.58 -2.02 17.65
CA ASN A 68 11.84 -2.47 16.29
C ASN A 68 10.63 -2.23 15.40
N VAL A 69 10.88 -1.96 14.13
CA VAL A 69 9.82 -1.74 13.17
C VAL A 69 9.55 -3.01 12.38
N GLU A 70 8.37 -3.59 12.54
CA GLU A 70 8.02 -4.81 11.85
C GLU A 70 7.50 -4.54 10.46
N ASP A 71 6.41 -3.78 10.39
CA ASP A 71 5.79 -3.46 9.11
C ASP A 71 6.20 -2.07 8.64
N ASP A 72 6.50 -1.98 7.35
CA ASP A 72 6.90 -0.71 6.74
C ASP A 72 6.40 -0.69 5.29
N LEU A 73 5.46 0.19 5.01
CA LEU A 73 4.89 0.28 3.66
C LEU A 73 4.89 1.72 3.17
N ILE A 74 5.15 1.90 1.88
CA ILE A 74 5.15 3.22 1.26
C ILE A 74 3.73 3.57 0.80
N ILE A 75 3.18 4.61 1.37
CA ILE A 75 1.83 5.03 1.04
C ILE A 75 1.82 6.05 -0.08
N PHE A 76 0.84 5.93 -0.99
CA PHE A 76 0.71 6.84 -2.11
C PHE A 76 -0.74 7.32 -2.20
N PRO A 77 -0.95 8.55 -2.68
CA PRO A 77 -2.29 9.14 -2.83
C PRO A 77 -3.15 8.40 -3.86
N ASP A 78 -4.47 8.64 -3.77
CA ASP A 78 -5.47 8.00 -4.66
C ASP A 78 -5.29 6.49 -4.70
N ASP A 79 -4.74 5.92 -3.64
CA ASP A 79 -4.50 4.48 -3.61
C ASP A 79 -4.62 3.88 -2.21
N CYS A 80 -4.92 4.69 -1.22
CA CYS A 80 -5.02 4.19 0.15
C CYS A 80 -6.26 4.72 0.86
N GLU A 81 -6.80 3.92 1.77
CA GLU A 81 -7.99 4.29 2.53
C GLU A 81 -7.94 3.70 3.94
N PHE A 82 -7.94 4.56 4.94
CA PHE A 82 -7.90 4.13 6.34
C PHE A 82 -9.22 4.48 7.02
N LYS A 83 -9.90 3.48 7.56
CA LYS A 83 -11.18 3.72 8.22
C LYS A 83 -11.40 2.75 9.37
N ARG A 84 -12.51 2.92 10.06
CA ARG A 84 -12.85 2.09 11.20
C ARG A 84 -13.92 1.08 10.82
N VAL A 85 -13.89 -0.07 11.48
CA VAL A 85 -14.88 -1.12 11.25
C VAL A 85 -15.89 -1.13 12.37
N PRO A 86 -17.11 -0.60 12.11
CA PRO A 86 -18.18 -0.55 13.11
C PRO A 86 -18.91 -1.87 13.25
N GLN A 87 -18.42 -2.90 12.56
CA GLN A 87 -19.03 -4.22 12.60
C GLN A 87 -18.48 -5.03 13.77
N CYS A 88 -17.54 -4.43 14.49
CA CYS A 88 -16.92 -5.07 15.64
C CYS A 88 -17.45 -4.44 16.94
N PRO A 89 -17.84 -5.27 17.91
CA PRO A 89 -18.36 -4.80 19.21
C PRO A 89 -17.46 -3.78 19.89
N SER A 90 -16.14 -4.01 19.82
CA SER A 90 -15.16 -3.11 20.43
C SER A 90 -15.34 -1.68 19.96
N GLY A 91 -15.51 -1.51 18.64
CA GLY A 91 -15.69 -0.19 18.08
C GLY A 91 -14.40 0.58 17.93
N ARG A 92 -13.27 -0.08 18.19
CA ARG A 92 -11.96 0.54 18.08
C ARG A 92 -11.07 -0.17 17.07
N VAL A 93 -11.70 -0.97 16.22
CA VAL A 93 -10.97 -1.71 15.20
C VAL A 93 -10.89 -0.90 13.91
N TYR A 94 -9.68 -0.51 13.55
CA TYR A 94 -9.45 0.26 12.33
C TYR A 94 -8.76 -0.62 11.31
N VAL A 95 -8.91 -0.29 10.03
CA VAL A 95 -8.30 -1.09 8.99
C VAL A 95 -7.74 -0.23 7.86
N LEU A 96 -6.53 -0.57 7.44
CA LEU A 96 -5.88 0.12 6.34
C LEU A 96 -6.10 -0.68 5.07
N LYS A 97 -6.99 -0.19 4.23
CA LYS A 97 -7.31 -0.88 3.00
C LYS A 97 -6.72 -0.18 1.79
N PHE A 98 -5.87 -0.88 1.07
CA PHE A 98 -5.24 -0.34 -0.11
C PHE A 98 -6.20 -0.43 -1.30
N LYS A 99 -6.14 0.55 -2.18
CA LYS A 99 -7.02 0.57 -3.34
C LYS A 99 -6.30 0.01 -4.57
N ALA A 100 -5.21 -0.69 -4.31
CA ALA A 100 -4.42 -1.31 -5.37
C ALA A 100 -4.67 -2.81 -5.39
N GLY A 101 -4.06 -3.51 -4.45
CA GLY A 101 -4.22 -4.95 -4.36
C GLY A 101 -4.99 -5.36 -3.13
N SER A 102 -5.13 -6.66 -2.93
CA SER A 102 -5.85 -7.19 -1.77
C SER A 102 -4.99 -7.10 -0.51
N LYS A 103 -4.82 -5.88 -0.03
CA LYS A 103 -4.03 -5.62 1.18
C LYS A 103 -4.89 -4.92 2.21
N ARG A 104 -5.15 -5.59 3.32
CA ARG A 104 -5.96 -5.03 4.39
C ARG A 104 -5.32 -5.33 5.75
N LEU A 105 -4.80 -4.29 6.39
CA LEU A 105 -4.16 -4.46 7.69
C LEU A 105 -5.03 -3.88 8.79
N PHE A 106 -5.38 -4.71 9.76
CA PHE A 106 -6.23 -4.29 10.86
C PHE A 106 -5.39 -3.82 12.05
N PHE A 107 -5.85 -2.76 12.70
CA PHE A 107 -5.18 -2.19 13.87
C PHE A 107 -6.21 -1.81 14.92
N TRP A 108 -5.92 -2.11 16.18
CA TRP A 108 -6.84 -1.75 17.24
C TRP A 108 -6.22 -0.71 18.15
N MET A 109 -6.94 0.40 18.34
CA MET A 109 -6.48 1.52 19.15
C MET A 109 -6.13 1.10 20.59
N GLN A 110 -4.91 1.41 21.00
CA GLN A 110 -4.45 1.09 22.34
C GLN A 110 -4.42 2.33 23.22
N GLU A 111 -4.91 3.44 22.66
CA GLU A 111 -4.96 4.70 23.39
C GLU A 111 -5.92 4.59 24.57
N PRO A 112 -5.54 5.12 25.74
CA PRO A 112 -6.40 5.07 26.93
C PRO A 112 -7.74 5.76 26.72
N LYS A 113 -7.71 6.92 26.06
CA LYS A 113 -8.93 7.66 25.78
C LYS A 113 -9.32 7.55 24.31
N THR A 114 -10.62 7.56 24.05
CA THR A 114 -11.14 7.47 22.70
C THR A 114 -11.34 8.85 22.10
N ASP A 115 -10.94 9.86 22.87
CA ASP A 115 -11.07 11.27 22.49
C ASP A 115 -10.33 11.61 21.20
N GLN A 116 -9.33 10.82 20.85
CA GLN A 116 -8.55 11.09 19.64
C GLN A 116 -8.60 9.92 18.66
N ASP A 117 -9.59 9.04 18.82
CA ASP A 117 -9.72 7.87 17.95
C ASP A 117 -9.91 8.29 16.50
N GLU A 118 -10.98 9.02 16.23
CA GLU A 118 -11.28 9.48 14.87
C GLU A 118 -10.26 10.51 14.40
N GLU A 119 -9.80 11.35 15.32
CA GLU A 119 -8.83 12.37 15.02
C GLU A 119 -7.56 11.74 14.44
N HIS A 120 -7.12 10.65 15.05
CA HIS A 120 -5.94 9.93 14.58
C HIS A 120 -6.19 9.38 13.19
N CYS A 121 -7.38 8.82 12.99
CA CYS A 121 -7.76 8.25 11.71
C CYS A 121 -7.77 9.34 10.62
N ARG A 122 -8.31 10.50 10.98
CA ARG A 122 -8.39 11.62 10.05
C ARG A 122 -6.99 12.10 9.67
N LYS A 123 -6.14 12.26 10.69
CA LYS A 123 -4.77 12.71 10.47
C LYS A 123 -4.06 11.76 9.51
N VAL A 124 -4.17 10.47 9.78
CA VAL A 124 -3.56 9.44 8.95
C VAL A 124 -4.02 9.58 7.50
N ASN A 125 -5.33 9.60 7.30
CA ASN A 125 -5.91 9.71 5.96
C ASN A 125 -5.41 10.93 5.21
N GLU A 126 -5.47 12.09 5.86
CA GLU A 126 -5.05 13.34 5.25
C GLU A 126 -3.56 13.34 4.91
N TYR A 127 -2.73 12.85 5.81
CA TYR A 127 -1.29 12.83 5.59
C TYR A 127 -0.86 11.74 4.61
N LEU A 128 -1.70 10.74 4.43
CA LEU A 128 -1.38 9.64 3.51
C LEU A 128 -1.78 9.99 2.07
N ASN A 129 -2.97 10.56 1.91
CA ASN A 129 -3.48 10.90 0.58
C ASN A 129 -3.09 12.32 0.15
N ASN A 130 -2.64 13.14 1.08
CA ASN A 130 -2.25 14.51 0.75
C ASN A 130 -1.01 14.92 1.54
N ALA B 1 6.52 -22.29 -32.82
CA ALA B 1 7.25 -21.97 -31.58
C ALA B 1 6.40 -21.11 -30.66
N PRO B 2 5.92 -21.68 -29.55
CA PRO B 2 5.08 -20.96 -28.59
C PRO B 2 5.89 -20.06 -27.67
N ALA B 3 5.25 -19.04 -27.14
CA ALA B 3 5.92 -18.11 -26.23
C ALA B 3 5.09 -17.89 -24.98
N GLU B 4 4.32 -18.91 -24.61
CA GLU B 4 3.44 -18.88 -23.45
C GLU B 4 2.35 -17.81 -23.61
N PRO B 5 1.20 -18.18 -24.18
CA PRO B 5 0.08 -17.25 -24.40
C PRO B 5 -0.64 -16.89 -23.10
N LYS B 6 0.12 -16.69 -22.04
CA LYS B 6 -0.41 -16.33 -20.74
C LYS B 6 -0.43 -14.81 -20.61
N ILE B 7 -1.56 -14.20 -20.87
CA ILE B 7 -1.70 -12.76 -20.79
C ILE B 7 -2.42 -12.35 -19.52
N ILE B 8 -1.78 -11.51 -18.73
CA ILE B 8 -2.36 -11.03 -17.48
C ILE B 8 -2.95 -9.65 -17.67
N LYS B 9 -4.06 -9.40 -16.99
CA LYS B 9 -4.74 -8.11 -17.08
C LYS B 9 -4.26 -7.18 -15.96
N VAL B 10 -3.39 -6.26 -16.33
CA VAL B 10 -2.85 -5.30 -15.37
C VAL B 10 -3.55 -3.95 -15.54
N THR B 11 -4.20 -3.51 -14.48
CA THR B 11 -4.91 -2.24 -14.52
C THR B 11 -4.09 -1.15 -13.86
N VAL B 12 -3.67 -0.18 -14.64
CA VAL B 12 -2.85 0.92 -14.15
C VAL B 12 -3.70 2.14 -13.81
N LYS B 13 -3.54 2.63 -12.59
CA LYS B 13 -4.26 3.81 -12.14
C LYS B 13 -3.37 5.04 -12.35
N THR B 14 -3.84 5.95 -13.17
CA THR B 14 -3.08 7.15 -13.48
C THR B 14 -3.86 8.39 -13.08
N PRO B 15 -3.18 9.54 -12.95
CA PRO B 15 -3.85 10.81 -12.61
C PRO B 15 -4.65 11.34 -13.79
N LYS B 16 -5.54 10.49 -14.30
CA LYS B 16 -6.38 10.81 -15.44
C LYS B 16 -7.54 9.82 -15.53
N GLU B 17 -7.20 8.55 -15.68
CA GLU B 17 -8.18 7.49 -15.78
C GLU B 17 -7.60 6.18 -15.28
N LYS B 18 -8.31 5.10 -15.53
CA LYS B 18 -7.87 3.77 -15.12
C LYS B 18 -7.93 2.82 -16.30
N GLU B 19 -6.92 2.90 -17.16
CA GLU B 19 -6.85 2.05 -18.34
C GLU B 19 -6.21 0.71 -18.00
N GLU B 20 -6.64 -0.32 -18.70
CA GLU B 20 -6.11 -1.66 -18.48
C GLU B 20 -5.10 -2.02 -19.57
N PHE B 21 -4.09 -2.78 -19.20
CA PHE B 21 -3.06 -3.20 -20.14
C PHE B 21 -2.95 -4.72 -20.15
N ALA B 22 -2.52 -5.27 -21.27
CA ALA B 22 -2.37 -6.71 -21.41
C ALA B 22 -0.93 -7.07 -21.73
N VAL B 23 -0.31 -7.83 -20.85
CA VAL B 23 1.08 -8.25 -21.03
C VAL B 23 1.24 -9.74 -20.70
N PRO B 24 2.23 -10.41 -21.30
CA PRO B 24 2.48 -11.84 -21.05
C PRO B 24 3.11 -12.06 -19.68
N GLU B 25 2.88 -13.24 -19.12
CA GLU B 25 3.40 -13.60 -17.81
C GLU B 25 4.90 -13.94 -17.85
N ASN B 26 5.57 -13.53 -18.92
CA ASN B 26 7.00 -13.77 -19.08
C ASN B 26 7.72 -12.54 -19.64
N SER B 27 7.23 -11.37 -19.25
CA SER B 27 7.82 -10.12 -19.70
C SER B 27 8.27 -9.28 -18.50
N SER B 28 9.28 -8.45 -18.70
CA SER B 28 9.80 -7.61 -17.64
C SER B 28 9.17 -6.21 -17.68
N VAL B 29 9.25 -5.49 -16.57
CA VAL B 29 8.67 -4.16 -16.46
C VAL B 29 9.43 -3.15 -17.33
N GLN B 30 10.70 -3.44 -17.60
CA GLN B 30 11.52 -2.55 -18.41
C GLN B 30 10.84 -2.25 -19.74
N GLN B 31 10.31 -3.29 -20.38
CA GLN B 31 9.62 -3.13 -21.65
C GLN B 31 8.25 -2.48 -21.45
N PHE B 32 7.62 -2.81 -20.33
CA PHE B 32 6.31 -2.25 -20.01
C PHE B 32 6.39 -0.73 -19.89
N LYS B 33 7.48 -0.25 -19.30
CA LYS B 33 7.70 1.18 -19.15
C LYS B 33 7.70 1.87 -20.51
N GLU B 34 8.35 1.22 -21.46
CA GLU B 34 8.45 1.74 -22.82
C GLU B 34 7.08 1.70 -23.51
N ALA B 35 6.31 0.67 -23.21
CA ALA B 35 4.98 0.50 -23.80
C ALA B 35 4.02 1.58 -23.31
N ILE B 36 3.98 1.80 -22.00
CA ILE B 36 3.10 2.79 -21.42
C ILE B 36 3.41 4.19 -21.93
N SER B 37 4.68 4.53 -22.00
CA SER B 37 5.10 5.86 -22.46
C SER B 37 4.79 6.07 -23.93
N LYS B 38 4.74 4.99 -24.70
CA LYS B 38 4.47 5.07 -26.12
C LYS B 38 2.97 5.02 -26.42
N ARG B 39 2.17 4.73 -25.41
CA ARG B 39 0.72 4.66 -25.58
C ARG B 39 0.02 5.80 -24.85
N PHE B 40 0.39 6.01 -23.60
CA PHE B 40 -0.20 7.07 -22.79
C PHE B 40 0.48 8.41 -23.08
N LYS B 41 1.69 8.33 -23.62
CA LYS B 41 2.49 9.51 -23.97
C LYS B 41 2.76 10.36 -22.73
N SER B 42 3.86 10.05 -22.05
CA SER B 42 4.24 10.78 -20.85
C SER B 42 5.75 10.68 -20.61
N GLN B 43 6.16 9.83 -19.67
CA GLN B 43 7.56 9.66 -19.34
C GLN B 43 7.93 8.18 -19.32
N THR B 44 9.22 7.90 -19.28
CA THR B 44 9.69 6.52 -19.26
C THR B 44 10.68 6.27 -18.12
N ASP B 45 11.53 7.27 -17.85
CA ASP B 45 12.53 7.15 -16.79
C ASP B 45 11.87 7.24 -15.41
N GLN B 46 11.12 8.31 -15.19
CA GLN B 46 10.45 8.52 -13.90
C GLN B 46 9.11 7.81 -13.85
N LEU B 47 8.91 6.87 -14.76
CA LEU B 47 7.67 6.11 -14.80
C LEU B 47 7.73 5.00 -13.75
N VAL B 48 7.23 5.29 -12.56
CA VAL B 48 7.25 4.33 -11.47
C VAL B 48 5.86 3.76 -11.20
N LEU B 49 5.77 2.43 -11.14
CA LEU B 49 4.52 1.76 -10.87
C LEU B 49 4.44 1.45 -9.39
N ILE B 50 3.24 1.44 -8.83
CA ILE B 50 3.07 1.17 -7.41
C ILE B 50 2.14 -0.01 -7.17
N PHE B 51 2.54 -0.90 -6.26
CA PHE B 51 1.72 -2.05 -5.92
C PHE B 51 1.54 -2.17 -4.41
N ALA B 52 0.75 -1.25 -3.85
CA ALA B 52 0.43 -1.24 -2.42
C ALA B 52 1.68 -1.25 -1.55
N GLY B 53 2.27 -0.07 -1.34
CA GLY B 53 3.46 0.03 -0.53
C GLY B 53 4.66 -0.64 -1.17
N LYS B 54 4.78 -0.52 -2.48
CA LYS B 54 5.88 -1.11 -3.22
C LYS B 54 6.15 -0.35 -4.50
N ILE B 55 7.41 -0.02 -4.73
CA ILE B 55 7.81 0.71 -5.93
C ILE B 55 8.26 -0.25 -7.02
N LEU B 56 7.44 -0.36 -8.06
CA LEU B 56 7.73 -1.26 -9.16
C LEU B 56 8.49 -0.53 -10.28
N LYS B 57 9.52 -1.18 -10.78
CA LYS B 57 10.35 -0.63 -11.83
C LYS B 57 11.06 -1.76 -12.57
N ASP B 58 12.11 -1.42 -13.29
CA ASP B 58 12.88 -2.42 -14.03
C ASP B 58 13.87 -3.12 -13.11
N GLN B 59 13.77 -2.84 -11.82
CA GLN B 59 14.64 -3.44 -10.82
C GLN B 59 14.00 -4.72 -10.29
N ASP B 60 12.68 -4.79 -10.34
CA ASP B 60 11.94 -5.95 -9.89
C ASP B 60 11.23 -6.60 -11.06
N THR B 61 10.29 -7.49 -10.79
CA THR B 61 9.55 -8.15 -11.87
C THR B 61 8.06 -8.18 -11.57
N LEU B 62 7.28 -7.52 -12.44
CA LEU B 62 5.83 -7.44 -12.30
C LEU B 62 5.20 -8.82 -12.20
N ILE B 63 5.70 -9.75 -13.00
CA ILE B 63 5.19 -11.12 -13.02
C ILE B 63 5.78 -11.97 -11.89
N GLN B 64 6.39 -11.32 -10.92
CA GLN B 64 6.99 -12.03 -9.80
C GLN B 64 6.28 -11.70 -8.48
N HIS B 65 5.99 -10.43 -8.26
CA HIS B 65 5.34 -10.01 -7.03
C HIS B 65 4.17 -9.08 -7.29
N GLY B 66 4.29 -8.23 -8.30
CA GLY B 66 3.23 -7.29 -8.62
C GLY B 66 1.92 -7.95 -9.06
N ILE B 67 1.75 -8.10 -10.36
CA ILE B 67 0.54 -8.69 -10.89
C ILE B 67 0.61 -10.21 -10.85
N HIS B 68 -0.17 -10.79 -9.96
CA HIS B 68 -0.21 -12.24 -9.81
C HIS B 68 -1.20 -12.85 -10.79
N ASP B 69 -2.40 -12.28 -10.86
CA ASP B 69 -3.43 -12.77 -11.77
C ASP B 69 -4.49 -11.70 -12.00
N GLY B 70 -4.04 -10.50 -12.32
CA GLY B 70 -4.97 -9.40 -12.54
C GLY B 70 -5.19 -8.56 -11.30
N LEU B 71 -4.53 -7.40 -11.26
CA LEU B 71 -4.65 -6.49 -10.11
C LEU B 71 -4.52 -5.04 -10.57
N THR B 72 -4.59 -4.12 -9.61
CA THR B 72 -4.49 -2.70 -9.90
C THR B 72 -3.20 -2.11 -9.34
N VAL B 73 -2.54 -1.27 -10.14
CA VAL B 73 -1.30 -0.63 -9.72
C VAL B 73 -1.41 0.88 -9.91
N HIS B 74 -0.54 1.63 -9.26
CA HIS B 74 -0.57 3.10 -9.37
C HIS B 74 0.64 3.59 -10.17
N LEU B 75 0.57 4.82 -10.64
CA LEU B 75 1.68 5.41 -11.39
C LEU B 75 2.11 6.72 -10.77
N VAL B 76 3.39 6.81 -10.42
CA VAL B 76 3.95 8.01 -9.81
C VAL B 76 5.24 8.40 -10.53
N ILE B 77 5.83 9.53 -10.15
CA ILE B 77 7.05 9.99 -10.77
C ILE B 77 8.09 10.39 -9.73
N LYS B 78 8.47 9.44 -8.91
CA LYS B 78 9.44 9.67 -7.85
C LYS B 78 10.79 9.08 -8.24
N LYS A 21 12.22 12.64 12.19
CA LYS A 21 11.11 12.42 13.14
C LYS A 21 9.85 12.01 12.40
N TYR A 22 8.78 11.76 13.15
CA TYR A 22 7.52 11.37 12.55
C TYR A 22 6.53 12.52 12.62
N LEU A 23 5.54 12.49 11.74
CA LEU A 23 4.52 13.53 11.72
C LEU A 23 3.53 13.31 12.85
N VAL A 24 2.96 12.11 12.89
CA VAL A 24 2.01 11.73 13.92
C VAL A 24 2.34 10.33 14.40
N GLU A 25 2.26 10.12 15.71
CA GLU A 25 2.55 8.81 16.28
C GLU A 25 1.56 8.50 17.40
N PHE A 26 1.00 7.30 17.39
CA PHE A 26 0.05 6.88 18.40
C PHE A 26 0.22 5.41 18.72
N ARG A 27 -0.23 5.00 19.89
CA ARG A 27 -0.12 3.61 20.32
C ARG A 27 -1.30 2.78 19.82
N ALA A 28 -0.99 1.76 19.03
CA ALA A 28 -2.01 0.89 18.47
C ALA A 28 -1.42 -0.49 18.17
N GLY A 29 -2.21 -1.52 18.43
CA GLY A 29 -1.75 -2.88 18.20
C GLY A 29 -2.11 -3.37 16.81
N LYS A 30 -1.21 -4.15 16.22
CA LYS A 30 -1.44 -4.70 14.89
C LYS A 30 -2.20 -6.01 14.97
N MET A 31 -2.57 -6.55 13.81
CA MET A 31 -3.29 -7.82 13.75
C MET A 31 -2.66 -8.70 12.68
N SER A 32 -2.53 -9.99 12.95
CA SER A 32 -1.93 -10.91 12.01
C SER A 32 -2.95 -11.92 11.48
N LEU A 33 -2.90 -12.16 10.16
CA LEU A 33 -3.80 -13.10 9.52
C LEU A 33 -3.18 -14.50 9.54
N LYS A 34 -3.64 -15.33 10.47
CA LYS A 34 -3.14 -16.68 10.60
C LYS A 34 -4.02 -17.64 9.81
N GLY A 35 -3.60 -17.93 8.58
CA GLY A 35 -4.37 -18.84 7.73
C GLY A 35 -5.62 -18.20 7.19
N THR A 36 -6.55 -17.92 8.07
CA THR A 36 -7.81 -17.28 7.71
C THR A 36 -8.36 -16.48 8.89
N THR A 37 -7.79 -16.70 10.06
CA THR A 37 -8.23 -16.02 11.27
C THR A 37 -7.31 -14.85 11.61
N VAL A 38 -7.86 -13.65 11.62
CA VAL A 38 -7.10 -12.45 11.95
C VAL A 38 -7.08 -12.26 13.46
N THR A 39 -5.91 -12.41 14.06
CA THR A 39 -5.77 -12.26 15.50
C THR A 39 -4.97 -11.00 15.85
N PRO A 40 -5.51 -10.15 16.73
CA PRO A 40 -4.84 -8.92 17.16
C PRO A 40 -3.68 -9.20 18.09
N ASP A 41 -2.56 -8.53 17.86
CA ASP A 41 -1.38 -8.68 18.68
C ASP A 41 -1.59 -8.02 20.04
N LYS A 42 -0.94 -8.55 21.06
CA LYS A 42 -1.07 -8.03 22.42
C LYS A 42 0.06 -7.05 22.74
N ARG A 43 1.09 -7.05 21.91
CA ARG A 43 2.24 -6.18 22.11
C ARG A 43 1.87 -4.72 21.97
N LYS A 44 2.59 -3.87 22.69
CA LYS A 44 2.37 -2.44 22.63
C LYS A 44 3.08 -1.90 21.41
N GLY A 45 2.31 -1.45 20.43
CA GLY A 45 2.90 -0.95 19.21
C GLY A 45 2.70 0.53 19.02
N LEU A 46 3.55 1.11 18.19
CA LEU A 46 3.48 2.53 17.89
C LEU A 46 3.32 2.72 16.38
N VAL A 47 2.22 3.33 15.99
CA VAL A 47 1.95 3.59 14.59
C VAL A 47 2.27 5.05 14.28
N TYR A 48 3.10 5.26 13.27
CA TYR A 48 3.49 6.61 12.89
C TYR A 48 3.65 6.74 11.39
N ILE A 49 3.66 7.98 10.94
CA ILE A 49 3.82 8.31 9.53
C ILE A 49 5.04 9.19 9.36
N GLN A 50 5.92 8.81 8.44
CA GLN A 50 7.14 9.58 8.21
C GLN A 50 7.43 9.72 6.72
N GLN A 51 7.96 10.88 6.34
CA GLN A 51 8.31 11.14 4.97
C GLN A 51 9.81 11.43 4.87
N THR A 52 10.48 10.76 3.96
CA THR A 52 11.91 10.94 3.80
C THR A 52 12.24 11.81 2.59
N ASP A 53 13.52 11.89 2.22
CA ASP A 53 13.95 12.69 1.07
C ASP A 53 13.37 12.13 -0.22
N ASP A 54 12.94 10.88 -0.16
CA ASP A 54 12.34 10.20 -1.32
C ASP A 54 10.97 10.78 -1.63
N SER A 55 10.48 11.62 -0.71
CA SER A 55 9.17 12.26 -0.84
C SER A 55 8.06 11.23 -0.79
N LEU A 56 8.39 10.04 -0.30
CA LEU A 56 7.44 8.95 -0.20
C LEU A 56 6.93 8.83 1.22
N ILE A 57 5.64 8.60 1.35
CA ILE A 57 5.00 8.46 2.64
C ILE A 57 5.24 7.05 3.18
N HIS A 58 5.79 6.95 4.38
CA HIS A 58 6.07 5.65 4.98
C HIS A 58 5.19 5.39 6.19
N PHE A 59 4.42 4.32 6.10
CA PHE A 59 3.54 3.90 7.17
C PHE A 59 4.20 2.71 7.87
N CYS A 60 4.74 2.92 9.05
CA CYS A 60 5.45 1.87 9.75
C CYS A 60 4.86 1.56 11.13
N TRP A 61 4.98 0.30 11.52
CA TRP A 61 4.53 -0.17 12.81
C TRP A 61 5.76 -0.55 13.63
N LYS A 62 5.97 0.14 14.72
CA LYS A 62 7.13 -0.11 15.56
C LYS A 62 6.75 -0.73 16.90
N ASP A 63 7.52 -1.73 17.31
CA ASP A 63 7.30 -2.40 18.59
C ASP A 63 7.87 -1.51 19.69
N ARG A 64 7.04 -1.17 20.68
CA ARG A 64 7.46 -0.28 21.76
C ARG A 64 8.35 -0.96 22.80
N THR A 65 8.57 -2.25 22.65
CA THR A 65 9.41 -2.98 23.60
C THR A 65 10.80 -3.20 23.04
N SER A 66 10.89 -3.79 21.86
CA SER A 66 12.18 -4.05 21.22
C SER A 66 12.69 -2.82 20.49
N GLY A 67 11.76 -2.00 20.01
CA GLY A 67 12.13 -0.80 19.29
C GLY A 67 12.42 -1.09 17.84
N ASN A 68 11.95 -2.23 17.35
CA ASN A 68 12.18 -2.63 15.97
C ASN A 68 10.95 -2.32 15.12
N VAL A 69 11.20 -1.95 13.88
CA VAL A 69 10.12 -1.65 12.95
C VAL A 69 9.76 -2.90 12.16
N GLU A 70 8.57 -3.41 12.39
CA GLU A 70 8.13 -4.64 11.72
C GLU A 70 7.64 -4.35 10.31
N ASP A 71 6.62 -3.54 10.21
CA ASP A 71 6.04 -3.22 8.91
C ASP A 71 6.37 -1.80 8.47
N ASP A 72 6.63 -1.64 7.17
CA ASP A 72 6.93 -0.35 6.57
C ASP A 72 6.41 -0.35 5.15
N LEU A 73 5.34 0.39 4.90
CA LEU A 73 4.76 0.45 3.57
C LEU A 73 4.75 1.86 3.02
N ILE A 74 4.92 1.97 1.71
CA ILE A 74 4.91 3.26 1.04
C ILE A 74 3.49 3.64 0.67
N ILE A 75 3.02 4.74 1.20
CA ILE A 75 1.66 5.18 0.96
C ILE A 75 1.57 6.24 -0.15
N PHE A 76 0.52 6.13 -0.95
CA PHE A 76 0.25 7.05 -2.05
C PHE A 76 -1.25 7.39 -2.07
N PRO A 77 -1.62 8.57 -2.57
CA PRO A 77 -3.03 8.99 -2.63
C PRO A 77 -3.83 8.19 -3.66
N ASP A 78 -5.10 8.55 -3.80
CA ASP A 78 -6.04 7.91 -4.75
C ASP A 78 -6.00 6.38 -4.63
N ASP A 79 -5.77 5.86 -3.43
CA ASP A 79 -5.70 4.42 -3.24
C ASP A 79 -5.87 4.03 -1.78
N CYS A 80 -4.88 4.38 -0.98
CA CYS A 80 -4.87 4.06 0.44
C CYS A 80 -6.01 4.76 1.19
N GLU A 81 -6.57 4.07 2.17
CA GLU A 81 -7.67 4.61 2.96
C GLU A 81 -7.71 3.96 4.34
N PHE A 82 -7.86 4.79 5.37
CA PHE A 82 -7.92 4.33 6.75
C PHE A 82 -9.30 4.64 7.33
N LYS A 83 -9.97 3.63 7.86
CA LYS A 83 -11.29 3.83 8.44
C LYS A 83 -11.50 2.94 9.66
N ARG A 84 -12.63 3.13 10.33
CA ARG A 84 -12.95 2.36 11.52
C ARG A 84 -14.05 1.34 11.21
N VAL A 85 -13.90 0.13 11.74
CA VAL A 85 -14.89 -0.92 11.52
C VAL A 85 -16.10 -0.68 12.42
N PRO A 86 -17.30 -0.48 11.83
CA PRO A 86 -18.51 -0.23 12.60
C PRO A 86 -19.01 -1.48 13.35
N GLN A 87 -18.70 -2.65 12.83
CA GLN A 87 -19.14 -3.89 13.46
C GLN A 87 -18.09 -4.40 14.46
N CYS A 88 -18.07 -3.78 15.63
CA CYS A 88 -17.12 -4.15 16.67
C CYS A 88 -17.62 -3.65 18.03
N PRO A 89 -17.75 -4.57 19.01
CA PRO A 89 -18.21 -4.22 20.36
C PRO A 89 -17.33 -3.16 21.02
N SER A 90 -16.03 -3.26 20.80
CA SER A 90 -15.08 -2.31 21.34
C SER A 90 -15.18 -0.98 20.60
N GLY A 91 -15.33 -1.07 19.27
CA GLY A 91 -15.45 0.12 18.45
C GLY A 91 -14.15 0.90 18.33
N ARG A 92 -13.04 0.24 18.58
CA ARG A 92 -11.73 0.90 18.51
C ARG A 92 -10.83 0.18 17.50
N VAL A 93 -11.44 -0.68 16.70
CA VAL A 93 -10.72 -1.43 15.70
C VAL A 93 -10.76 -0.69 14.37
N TYR A 94 -9.60 -0.32 13.88
CA TYR A 94 -9.49 0.41 12.63
C TYR A 94 -8.88 -0.47 11.56
N VAL A 95 -9.17 -0.18 10.30
CA VAL A 95 -8.67 -0.97 9.20
C VAL A 95 -8.10 -0.10 8.09
N LEU A 96 -6.90 -0.45 7.66
CA LEU A 96 -6.21 0.23 6.59
C LEU A 96 -6.27 -0.64 5.35
N LYS A 97 -7.22 -0.34 4.48
CA LYS A 97 -7.39 -1.13 3.26
C LYS A 97 -7.11 -0.31 2.03
N PHE A 98 -6.27 -0.86 1.15
CA PHE A 98 -5.92 -0.20 -0.09
C PHE A 98 -7.02 -0.45 -1.12
N LYS A 99 -6.97 0.28 -2.23
CA LYS A 99 -7.99 0.11 -3.27
C LYS A 99 -7.43 -0.74 -4.40
N ALA A 100 -6.12 -0.71 -4.56
CA ALA A 100 -5.46 -1.53 -5.58
C ALA A 100 -4.95 -2.83 -4.97
N GLY A 101 -5.80 -3.84 -4.95
CA GLY A 101 -5.41 -5.12 -4.39
C GLY A 101 -6.31 -5.57 -3.27
N SER A 102 -5.90 -6.61 -2.56
CA SER A 102 -6.67 -7.16 -1.44
C SER A 102 -5.89 -7.01 -0.14
N LYS A 103 -5.15 -5.92 -0.01
CA LYS A 103 -4.35 -5.66 1.17
C LYS A 103 -5.20 -5.00 2.25
N ARG A 104 -5.38 -5.69 3.37
CA ARG A 104 -6.17 -5.18 4.49
C ARG A 104 -5.40 -5.32 5.79
N LEU A 105 -5.11 -4.20 6.44
CA LEU A 105 -4.39 -4.22 7.70
C LEU A 105 -5.28 -3.73 8.83
N PHE A 106 -5.38 -4.50 9.90
CA PHE A 106 -6.22 -4.13 11.04
C PHE A 106 -5.37 -3.67 12.21
N PHE A 107 -5.82 -2.61 12.88
CA PHE A 107 -5.12 -2.05 14.03
C PHE A 107 -6.12 -1.64 15.11
N TRP A 108 -5.76 -1.85 16.37
CA TRP A 108 -6.65 -1.46 17.46
C TRP A 108 -5.96 -0.42 18.34
N MET A 109 -6.66 0.68 18.59
CA MET A 109 -6.13 1.79 19.38
C MET A 109 -5.78 1.36 20.81
N GLN A 110 -4.58 1.71 21.24
CA GLN A 110 -4.12 1.37 22.59
C GLN A 110 -4.10 2.61 23.47
N GLU A 111 -4.59 3.72 22.92
CA GLU A 111 -4.63 4.98 23.66
C GLU A 111 -5.61 4.87 24.83
N PRO A 112 -5.28 5.47 25.99
CA PRO A 112 -6.13 5.43 27.19
C PRO A 112 -7.54 5.97 26.97
N LYS A 113 -7.65 7.05 26.20
CA LYS A 113 -8.95 7.65 25.93
C LYS A 113 -9.35 7.49 24.47
N THR A 114 -10.66 7.34 24.26
CA THR A 114 -11.22 7.18 22.92
C THR A 114 -11.49 8.54 22.27
N ASP A 115 -11.12 9.60 22.97
CA ASP A 115 -11.33 10.97 22.50
C ASP A 115 -10.55 11.29 21.24
N GLN A 116 -9.36 10.72 21.11
CA GLN A 116 -8.52 11.00 19.96
C GLN A 116 -8.54 9.87 18.94
N ASP A 117 -9.48 8.95 19.09
CA ASP A 117 -9.60 7.82 18.18
C ASP A 117 -9.85 8.26 16.74
N GLU A 118 -10.99 8.91 16.51
CA GLU A 118 -11.35 9.37 15.17
C GLU A 118 -10.39 10.44 14.70
N GLU A 119 -9.88 11.24 15.63
CA GLU A 119 -8.94 12.30 15.30
C GLU A 119 -7.66 11.69 14.71
N HIS A 120 -7.21 10.59 15.30
CA HIS A 120 -6.02 9.90 14.82
C HIS A 120 -6.24 9.37 13.42
N CYS A 121 -7.43 8.81 13.19
CA CYS A 121 -7.79 8.26 11.90
C CYS A 121 -7.77 9.33 10.81
N ARG A 122 -8.26 10.51 11.15
CA ARG A 122 -8.31 11.63 10.21
C ARG A 122 -6.89 12.11 9.90
N LYS A 123 -6.06 12.16 10.93
CA LYS A 123 -4.67 12.57 10.77
C LYS A 123 -3.97 11.64 9.78
N VAL A 124 -4.25 10.34 9.94
CA VAL A 124 -3.68 9.33 9.06
C VAL A 124 -4.14 9.55 7.62
N ASN A 125 -5.45 9.61 7.42
CA ASN A 125 -6.03 9.80 6.09
C ASN A 125 -5.47 11.04 5.41
N GLU A 126 -5.35 12.13 6.16
CA GLU A 126 -4.84 13.39 5.62
C GLU A 126 -3.40 13.24 5.14
N TYR A 127 -2.54 12.71 5.99
CA TYR A 127 -1.13 12.54 5.65
C TYR A 127 -0.92 11.45 4.60
N LEU A 128 -1.90 10.56 4.43
CA LEU A 128 -1.77 9.48 3.46
C LEU A 128 -2.34 9.88 2.10
N ASN A 129 -2.88 11.09 2.02
CA ASN A 129 -3.45 11.56 0.76
C ASN A 129 -2.92 12.94 0.38
N ASN A 130 -2.79 13.81 1.36
CA ASN A 130 -2.30 15.16 1.12
C ASN A 130 -1.03 15.41 1.92
N ALA B 1 7.78 -22.49 -32.30
CA ALA B 1 8.41 -22.21 -30.99
C ALA B 1 7.47 -21.40 -30.10
N PRO B 2 6.92 -22.02 -29.06
CA PRO B 2 5.98 -21.36 -28.15
C PRO B 2 6.61 -20.17 -27.43
N ALA B 3 5.82 -19.13 -27.25
CA ALA B 3 6.29 -17.92 -26.59
C ALA B 3 5.47 -17.63 -25.35
N GLU B 4 4.72 -18.64 -24.91
CA GLU B 4 3.85 -18.54 -23.74
C GLU B 4 2.77 -17.47 -23.96
N PRO B 5 1.62 -17.87 -24.50
CA PRO B 5 0.51 -16.96 -24.78
C PRO B 5 -0.34 -16.65 -23.56
N LYS B 6 0.28 -16.66 -22.39
CA LYS B 6 -0.42 -16.38 -21.15
C LYS B 6 -0.41 -14.88 -20.89
N ILE B 7 -1.36 -14.18 -21.49
CA ILE B 7 -1.48 -12.73 -21.34
C ILE B 7 -2.18 -12.40 -20.02
N ILE B 8 -1.54 -11.57 -19.22
CA ILE B 8 -2.10 -11.15 -17.94
C ILE B 8 -2.77 -9.80 -18.07
N LYS B 9 -3.77 -9.56 -17.24
CA LYS B 9 -4.50 -8.30 -17.27
C LYS B 9 -4.00 -7.37 -16.18
N VAL B 10 -3.31 -6.31 -16.59
CA VAL B 10 -2.77 -5.35 -15.65
C VAL B 10 -3.47 -4.00 -15.82
N THR B 11 -4.26 -3.62 -14.82
CA THR B 11 -4.97 -2.37 -14.86
C THR B 11 -4.13 -1.26 -14.22
N VAL B 12 -3.76 -0.26 -15.01
CA VAL B 12 -2.94 0.83 -14.52
C VAL B 12 -3.79 2.05 -14.17
N LYS B 13 -3.64 2.52 -12.94
CA LYS B 13 -4.35 3.69 -12.47
C LYS B 13 -3.51 4.92 -12.75
N THR B 14 -4.10 5.91 -13.37
CA THR B 14 -3.37 7.13 -13.69
C THR B 14 -4.18 8.35 -13.26
N PRO B 15 -3.52 9.51 -13.10
CA PRO B 15 -4.20 10.77 -12.73
C PRO B 15 -5.00 11.31 -13.91
N LYS B 16 -5.90 10.49 -14.42
CA LYS B 16 -6.72 10.85 -15.57
C LYS B 16 -7.79 9.79 -15.82
N GLU B 17 -7.36 8.54 -15.96
CA GLU B 17 -8.27 7.42 -16.22
C GLU B 17 -7.69 6.11 -15.70
N LYS B 18 -8.26 5.00 -16.11
CA LYS B 18 -7.80 3.69 -15.70
C LYS B 18 -7.82 2.74 -16.90
N GLU B 19 -6.68 2.62 -17.57
CA GLU B 19 -6.55 1.76 -18.73
C GLU B 19 -5.90 0.44 -18.34
N GLU B 20 -6.24 -0.62 -19.07
CA GLU B 20 -5.70 -1.94 -18.79
C GLU B 20 -4.85 -2.42 -19.95
N PHE B 21 -3.64 -2.85 -19.64
CA PHE B 21 -2.71 -3.34 -20.65
C PHE B 21 -2.76 -4.86 -20.75
N ALA B 22 -2.17 -5.40 -21.81
CA ALA B 22 -2.16 -6.84 -22.04
C ALA B 22 -0.74 -7.30 -22.38
N VAL B 23 -0.08 -7.92 -21.42
CA VAL B 23 1.28 -8.41 -21.61
C VAL B 23 1.38 -9.88 -21.22
N PRO B 24 2.31 -10.63 -21.84
CA PRO B 24 2.50 -12.04 -21.53
C PRO B 24 3.18 -12.24 -20.17
N GLU B 25 3.11 -13.46 -19.65
CA GLU B 25 3.72 -13.78 -18.36
C GLU B 25 5.24 -13.78 -18.44
N ASN B 26 5.78 -13.80 -19.65
CA ASN B 26 7.22 -13.79 -19.85
C ASN B 26 7.66 -12.46 -20.43
N SER B 27 7.88 -11.49 -19.56
CA SER B 27 8.32 -10.17 -19.99
C SER B 27 9.05 -9.46 -18.85
N SER B 28 9.65 -8.31 -19.17
CA SER B 28 10.39 -7.53 -18.18
C SER B 28 9.67 -6.22 -17.89
N VAL B 29 9.95 -5.64 -16.72
CA VAL B 29 9.33 -4.40 -16.29
C VAL B 29 9.74 -3.24 -17.20
N GLN B 30 11.01 -3.20 -17.58
CA GLN B 30 11.51 -2.15 -18.45
C GLN B 30 10.74 -2.12 -19.77
N GLN B 31 10.32 -3.30 -20.22
CA GLN B 31 9.56 -3.44 -21.45
C GLN B 31 8.16 -2.86 -21.27
N PHE B 32 7.59 -3.06 -20.09
CA PHE B 32 6.27 -2.57 -19.76
C PHE B 32 6.29 -1.04 -19.67
N LYS B 33 7.28 -0.52 -18.98
CA LYS B 33 7.44 0.93 -18.82
C LYS B 33 7.58 1.60 -20.18
N GLU B 34 8.39 1.00 -21.04
CA GLU B 34 8.63 1.53 -22.39
C GLU B 34 7.35 1.54 -23.22
N ALA B 35 6.39 0.70 -22.84
CA ALA B 35 5.13 0.62 -23.55
C ALA B 35 4.20 1.75 -23.10
N ILE B 36 4.13 1.95 -21.79
CA ILE B 36 3.28 2.98 -21.22
C ILE B 36 3.74 4.37 -21.64
N SER B 37 5.05 4.58 -21.67
CA SER B 37 5.61 5.88 -22.05
C SER B 37 5.37 6.17 -23.53
N LYS B 38 5.08 5.13 -24.30
CA LYS B 38 4.83 5.29 -25.72
C LYS B 38 3.34 5.44 -26.00
N ARG B 39 2.52 4.66 -25.29
CA ARG B 39 1.08 4.71 -25.45
C ARG B 39 0.48 5.92 -24.74
N PHE B 40 0.70 6.02 -23.44
CA PHE B 40 0.18 7.13 -22.65
C PHE B 40 0.96 8.40 -22.95
N LYS B 41 2.26 8.24 -23.16
CA LYS B 41 3.17 9.35 -23.46
C LYS B 41 3.27 10.31 -22.28
N SER B 42 4.24 10.05 -21.41
CA SER B 42 4.48 10.86 -20.23
C SER B 42 5.97 10.85 -19.88
N GLN B 43 6.40 9.79 -19.21
CA GLN B 43 7.79 9.63 -18.80
C GLN B 43 8.13 8.14 -18.76
N THR B 44 9.40 7.84 -18.66
CA THR B 44 9.84 6.44 -18.62
C THR B 44 10.60 6.14 -17.33
N ASP B 45 11.70 6.84 -17.11
CA ASP B 45 12.53 6.61 -15.92
C ASP B 45 11.77 6.96 -14.65
N GLN B 46 11.00 8.03 -14.71
CA GLN B 46 10.23 8.49 -13.56
C GLN B 46 8.89 7.76 -13.44
N LEU B 47 8.62 6.88 -14.39
CA LEU B 47 7.36 6.13 -14.38
C LEU B 47 7.47 4.95 -13.41
N VAL B 48 6.93 5.12 -12.22
CA VAL B 48 6.98 4.08 -11.21
C VAL B 48 5.59 3.48 -10.96
N LEU B 49 5.53 2.15 -11.00
CA LEU B 49 4.28 1.44 -10.76
C LEU B 49 4.21 1.03 -9.29
N ILE B 50 3.09 1.31 -8.65
CA ILE B 50 2.92 0.98 -7.24
C ILE B 50 1.91 -0.14 -7.04
N PHE B 51 2.24 -1.09 -6.19
CA PHE B 51 1.35 -2.20 -5.88
C PHE B 51 1.04 -2.21 -4.39
N ALA B 52 0.53 -1.09 -3.90
CA ALA B 52 0.15 -0.94 -2.49
C ALA B 52 1.36 -1.07 -1.57
N GLY B 53 2.05 0.05 -1.35
CA GLY B 53 3.22 0.04 -0.49
C GLY B 53 4.42 -0.61 -1.14
N LYS B 54 4.41 -0.71 -2.46
CA LYS B 54 5.51 -1.32 -3.19
C LYS B 54 5.85 -0.54 -4.46
N ILE B 55 7.12 -0.21 -4.64
CA ILE B 55 7.58 0.53 -5.81
C ILE B 55 8.19 -0.42 -6.84
N LEU B 56 7.44 -0.71 -7.88
CA LEU B 56 7.91 -1.61 -8.93
C LEU B 56 8.82 -0.88 -9.90
N LYS B 57 9.97 -1.49 -10.21
CA LYS B 57 10.93 -0.89 -11.12
C LYS B 57 11.88 -1.96 -11.67
N ASP B 58 13.16 -1.60 -11.83
CA ASP B 58 14.17 -2.51 -12.36
C ASP B 58 14.74 -3.39 -11.25
N GLN B 59 14.13 -3.32 -10.07
CA GLN B 59 14.58 -4.10 -8.93
C GLN B 59 13.68 -5.31 -8.72
N ASP B 60 12.63 -5.43 -9.51
CA ASP B 60 11.70 -6.53 -9.37
C ASP B 60 11.10 -6.92 -10.72
N THR B 61 10.23 -7.91 -10.70
CA THR B 61 9.57 -8.38 -11.91
C THR B 61 8.05 -8.32 -11.72
N LEU B 62 7.39 -7.58 -12.61
CA LEU B 62 5.94 -7.40 -12.57
C LEU B 62 5.20 -8.74 -12.55
N ILE B 63 5.67 -9.69 -13.35
CA ILE B 63 5.05 -11.00 -13.44
C ILE B 63 5.54 -11.98 -12.38
N GLN B 64 6.25 -11.48 -11.38
CA GLN B 64 6.78 -12.33 -10.32
C GLN B 64 6.17 -11.97 -8.97
N HIS B 65 5.52 -10.81 -8.88
CA HIS B 65 4.92 -10.39 -7.62
C HIS B 65 3.79 -9.38 -7.83
N GLY B 66 4.08 -8.35 -8.62
CA GLY B 66 3.11 -7.30 -8.89
C GLY B 66 1.76 -7.81 -9.41
N ILE B 67 1.74 -8.30 -10.64
CA ILE B 67 0.50 -8.79 -11.22
C ILE B 67 0.51 -10.30 -11.31
N HIS B 68 -0.22 -10.95 -10.41
CA HIS B 68 -0.32 -12.40 -10.40
C HIS B 68 -1.35 -12.85 -11.43
N ASP B 69 -2.52 -12.24 -11.38
CA ASP B 69 -3.60 -12.54 -12.32
C ASP B 69 -4.72 -11.53 -12.18
N GLY B 70 -4.60 -10.42 -12.90
CA GLY B 70 -5.61 -9.37 -12.84
C GLY B 70 -5.52 -8.56 -11.56
N LEU B 71 -4.86 -7.42 -11.63
CA LEU B 71 -4.70 -6.54 -10.49
C LEU B 71 -4.56 -5.09 -10.92
N THR B 72 -4.58 -4.18 -9.95
CA THR B 72 -4.47 -2.76 -10.22
C THR B 72 -3.17 -2.19 -9.64
N VAL B 73 -2.55 -1.27 -10.38
CA VAL B 73 -1.32 -0.64 -9.94
C VAL B 73 -1.43 0.87 -10.04
N HIS B 74 -0.65 1.57 -9.22
CA HIS B 74 -0.65 3.03 -9.22
C HIS B 74 0.52 3.55 -10.03
N LEU B 75 0.39 4.75 -10.60
CA LEU B 75 1.45 5.32 -11.41
C LEU B 75 1.93 6.64 -10.81
N VAL B 76 3.18 6.68 -10.37
CA VAL B 76 3.75 7.89 -9.78
C VAL B 76 5.05 8.27 -10.49
N ILE B 77 5.56 9.45 -10.17
CA ILE B 77 6.80 9.95 -10.79
C ILE B 77 7.85 10.26 -9.74
N LYS B 78 8.22 9.25 -8.95
CA LYS B 78 9.21 9.42 -7.90
C LYS B 78 10.46 8.59 -8.19
N LYS A 21 11.89 13.57 12.32
CA LYS A 21 10.96 13.24 13.42
C LYS A 21 9.69 12.59 12.87
N TYR A 22 8.81 12.17 13.75
CA TYR A 22 7.55 11.54 13.33
C TYR A 22 6.46 12.58 13.16
N LEU A 23 5.70 12.46 12.09
CA LEU A 23 4.62 13.39 11.82
C LEU A 23 3.41 13.05 12.68
N VAL A 24 2.94 11.82 12.55
CA VAL A 24 1.80 11.35 13.33
C VAL A 24 2.16 10.04 14.01
N GLU A 25 1.98 9.97 15.32
CA GLU A 25 2.30 8.76 16.08
C GLU A 25 1.26 8.53 17.19
N PHE A 26 0.89 7.27 17.37
CA PHE A 26 -0.07 6.90 18.41
C PHE A 26 0.10 5.42 18.77
N ARG A 27 -0.41 5.04 19.92
CA ARG A 27 -0.30 3.67 20.39
C ARG A 27 -1.43 2.82 19.83
N ALA A 28 -1.07 1.78 19.09
CA ALA A 28 -2.04 0.89 18.50
C ALA A 28 -1.43 -0.49 18.27
N GLY A 29 -2.24 -1.52 18.46
CA GLY A 29 -1.78 -2.87 18.26
C GLY A 29 -2.02 -3.34 16.86
N LYS A 30 -1.15 -4.19 16.35
CA LYS A 30 -1.30 -4.71 15.00
C LYS A 30 -2.05 -6.03 15.01
N MET A 31 -2.49 -6.45 13.84
CA MET A 31 -3.20 -7.71 13.69
C MET A 31 -2.51 -8.52 12.60
N SER A 32 -2.32 -9.80 12.86
CA SER A 32 -1.64 -10.66 11.90
C SER A 32 -2.59 -11.72 11.33
N LEU A 33 -2.49 -11.93 10.03
CA LEU A 33 -3.31 -12.93 9.36
C LEU A 33 -2.67 -14.30 9.54
N LYS A 34 -3.04 -14.99 10.60
CA LYS A 34 -2.50 -16.31 10.88
C LYS A 34 -3.29 -17.36 10.11
N GLY A 35 -2.70 -17.85 9.04
CA GLY A 35 -3.34 -18.85 8.22
C GLY A 35 -4.47 -18.25 7.40
N THR A 36 -5.65 -18.19 8.01
CA THR A 36 -6.82 -17.65 7.34
C THR A 36 -7.68 -16.88 8.33
N THR A 37 -7.10 -16.53 9.48
CA THR A 37 -7.82 -15.79 10.50
C THR A 37 -6.98 -14.64 11.04
N VAL A 38 -7.54 -13.44 11.00
CA VAL A 38 -6.85 -12.26 11.50
C VAL A 38 -6.84 -12.26 13.02
N THR A 39 -5.69 -12.52 13.60
CA THR A 39 -5.54 -12.58 15.04
C THR A 39 -4.77 -11.35 15.53
N PRO A 40 -5.37 -10.55 16.44
CA PRO A 40 -4.72 -9.36 16.99
C PRO A 40 -3.49 -9.67 17.82
N ASP A 41 -2.51 -8.78 17.77
CA ASP A 41 -1.28 -8.92 18.52
C ASP A 41 -1.49 -8.31 19.91
N LYS A 42 -0.89 -8.93 20.91
CA LYS A 42 -1.03 -8.44 22.29
C LYS A 42 0.12 -7.53 22.68
N ARG A 43 1.01 -7.24 21.73
CA ARG A 43 2.14 -6.37 21.98
C ARG A 43 1.74 -4.90 21.93
N LYS A 44 2.58 -4.05 22.48
CA LYS A 44 2.34 -2.61 22.48
C LYS A 44 3.03 -2.00 21.27
N GLY A 45 2.26 -1.40 20.37
CA GLY A 45 2.84 -0.84 19.19
C GLY A 45 2.63 0.65 19.04
N LEU A 46 3.53 1.26 18.29
CA LEU A 46 3.45 2.67 18.02
C LEU A 46 3.40 2.90 16.52
N VAL A 47 2.25 3.32 16.03
CA VAL A 47 2.07 3.57 14.62
C VAL A 47 2.57 4.98 14.30
N TYR A 48 3.59 5.08 13.46
CA TYR A 48 4.15 6.37 13.12
C TYR A 48 4.29 6.55 11.62
N ILE A 49 4.08 7.78 11.17
CA ILE A 49 4.20 8.14 9.76
C ILE A 49 5.38 9.08 9.60
N GLN A 50 6.18 8.85 8.57
CA GLN A 50 7.34 9.68 8.32
C GLN A 50 7.51 9.98 6.83
N GLN A 51 8.10 11.13 6.52
CA GLN A 51 8.33 11.53 5.15
C GLN A 51 9.82 11.82 4.95
N THR A 52 10.42 11.11 4.01
CA THR A 52 11.85 11.28 3.74
C THR A 52 12.09 12.17 2.52
N ASP A 53 13.34 12.22 2.08
CA ASP A 53 13.73 13.03 0.92
C ASP A 53 13.43 12.30 -0.38
N ASP A 54 12.74 11.18 -0.26
CA ASP A 54 12.36 10.38 -1.41
C ASP A 54 10.98 10.83 -1.89
N SER A 55 10.41 11.77 -1.15
CA SER A 55 9.10 12.34 -1.43
C SER A 55 8.01 11.27 -1.33
N LEU A 56 8.26 10.26 -0.51
CA LEU A 56 7.30 9.19 -0.32
C LEU A 56 6.85 9.11 1.13
N ILE A 57 5.56 8.88 1.33
CA ILE A 57 5.02 8.74 2.67
C ILE A 57 5.31 7.35 3.19
N HIS A 58 5.93 7.26 4.36
CA HIS A 58 6.28 5.98 4.93
C HIS A 58 5.42 5.66 6.14
N PHE A 59 4.75 4.52 6.07
CA PHE A 59 3.89 4.05 7.16
C PHE A 59 4.57 2.86 7.81
N CYS A 60 4.87 2.96 9.10
CA CYS A 60 5.55 1.87 9.79
C CYS A 60 5.00 1.65 11.20
N TRP A 61 5.17 0.42 11.68
CA TRP A 61 4.73 0.04 13.02
C TRP A 61 5.95 -0.31 13.86
N LYS A 62 6.12 0.38 14.98
CA LYS A 62 7.25 0.13 15.85
C LYS A 62 6.80 -0.48 17.17
N ASP A 63 7.53 -1.49 17.61
CA ASP A 63 7.23 -2.14 18.89
C ASP A 63 7.71 -1.24 20.02
N ARG A 64 6.87 -1.05 21.03
CA ARG A 64 7.20 -0.15 22.15
C ARG A 64 8.09 -0.80 23.19
N THR A 65 8.41 -2.07 23.03
CA THR A 65 9.25 -2.77 23.98
C THR A 65 10.68 -2.90 23.46
N SER A 66 10.83 -3.46 22.27
CA SER A 66 12.14 -3.62 21.67
C SER A 66 12.56 -2.36 20.93
N GLY A 67 11.59 -1.65 20.38
CA GLY A 67 11.88 -0.45 19.64
C GLY A 67 12.16 -0.77 18.18
N ASN A 68 11.86 -1.99 17.80
CA ASN A 68 12.08 -2.48 16.44
C ASN A 68 10.92 -2.10 15.54
N VAL A 69 11.22 -1.77 14.30
CA VAL A 69 10.21 -1.42 13.32
C VAL A 69 9.93 -2.62 12.43
N GLU A 70 8.74 -3.18 12.54
CA GLU A 70 8.38 -4.35 11.74
C GLU A 70 7.75 -3.95 10.42
N ASP A 71 6.46 -3.64 10.46
CA ASP A 71 5.71 -3.25 9.27
C ASP A 71 6.26 -1.96 8.68
N ASP A 72 6.50 -1.98 7.37
CA ASP A 72 7.03 -0.83 6.66
C ASP A 72 6.48 -0.82 5.23
N LEU A 73 5.61 0.14 4.94
CA LEU A 73 5.00 0.25 3.61
C LEU A 73 4.96 1.70 3.13
N ILE A 74 5.14 1.89 1.83
CA ILE A 74 5.12 3.21 1.24
C ILE A 74 3.69 3.58 0.82
N ILE A 75 3.20 4.70 1.33
CA ILE A 75 1.84 5.15 1.06
C ILE A 75 1.78 6.16 -0.09
N PHE A 76 0.68 6.10 -0.84
CA PHE A 76 0.45 6.99 -1.96
C PHE A 76 -1.01 7.45 -1.99
N PRO A 77 -1.30 8.62 -2.58
CA PRO A 77 -2.66 9.16 -2.68
C PRO A 77 -3.51 8.39 -3.68
N ASP A 78 -4.79 8.77 -3.80
CA ASP A 78 -5.75 8.14 -4.72
C ASP A 78 -5.77 6.62 -4.56
N ASP A 79 -5.46 6.13 -3.35
CA ASP A 79 -5.43 4.68 -3.13
C ASP A 79 -5.67 4.32 -1.66
N CYS A 80 -4.67 4.59 -0.82
CA CYS A 80 -4.73 4.26 0.60
C CYS A 80 -5.89 4.98 1.30
N GLU A 81 -6.58 4.23 2.17
CA GLU A 81 -7.71 4.76 2.90
C GLU A 81 -7.82 4.11 4.29
N PHE A 82 -7.89 4.93 5.32
CA PHE A 82 -7.98 4.44 6.69
C PHE A 82 -9.44 4.52 7.17
N LYS A 83 -9.99 3.39 7.58
CA LYS A 83 -11.37 3.35 8.04
C LYS A 83 -11.47 2.65 9.39
N ARG A 84 -12.68 2.63 9.94
CA ARG A 84 -12.93 1.97 11.21
C ARG A 84 -13.96 0.87 11.00
N VAL A 85 -13.82 -0.24 11.71
CA VAL A 85 -14.75 -1.35 11.59
C VAL A 85 -15.92 -1.17 12.56
N PRO A 86 -17.11 -0.86 12.02
CA PRO A 86 -18.30 -0.64 12.85
C PRO A 86 -19.04 -1.95 13.17
N GLN A 87 -18.46 -3.06 12.74
CA GLN A 87 -19.05 -4.36 12.99
C GLN A 87 -18.55 -4.95 14.30
N CYS A 88 -17.39 -4.49 14.73
CA CYS A 88 -16.80 -4.98 15.97
C CYS A 88 -17.51 -4.36 17.18
N PRO A 89 -17.75 -5.16 18.23
CA PRO A 89 -18.43 -4.68 19.44
C PRO A 89 -17.67 -3.54 20.11
N SER A 90 -16.35 -3.66 20.16
CA SER A 90 -15.51 -2.63 20.77
C SER A 90 -15.59 -1.33 19.98
N GLY A 91 -15.45 -1.43 18.67
CA GLY A 91 -15.52 -0.26 17.82
C GLY A 91 -14.23 0.54 17.81
N ARG A 92 -13.16 -0.06 18.30
CA ARG A 92 -11.85 0.61 18.33
C ARG A 92 -10.90 -0.04 17.35
N VAL A 93 -11.47 -0.85 16.46
CA VAL A 93 -10.70 -1.54 15.45
C VAL A 93 -10.69 -0.75 14.15
N TYR A 94 -9.52 -0.31 13.74
CA TYR A 94 -9.37 0.47 12.53
C TYR A 94 -8.69 -0.38 11.47
N VAL A 95 -8.88 -0.03 10.21
CA VAL A 95 -8.29 -0.80 9.13
C VAL A 95 -7.75 0.11 8.02
N LEU A 96 -6.53 -0.19 7.60
CA LEU A 96 -5.88 0.53 6.52
C LEU A 96 -6.05 -0.26 5.24
N LYS A 97 -7.02 0.14 4.45
CA LYS A 97 -7.32 -0.56 3.21
C LYS A 97 -6.76 0.17 2.00
N PHE A 98 -6.17 -0.59 1.10
CA PHE A 98 -5.62 -0.04 -0.12
C PHE A 98 -6.66 -0.14 -1.21
N LYS A 99 -6.49 0.62 -2.29
CA LYS A 99 -7.44 0.59 -3.39
C LYS A 99 -6.96 -0.35 -4.48
N ALA A 100 -5.66 -0.32 -4.76
CA ALA A 100 -5.07 -1.18 -5.76
C ALA A 100 -4.61 -2.49 -5.13
N GLY A 101 -5.55 -3.43 -5.03
CA GLY A 101 -5.24 -4.72 -4.45
C GLY A 101 -6.26 -5.12 -3.40
N SER A 102 -5.93 -6.12 -2.61
CA SER A 102 -6.82 -6.60 -1.57
C SER A 102 -6.14 -6.55 -0.21
N LYS A 103 -5.12 -5.70 -0.10
CA LYS A 103 -4.37 -5.58 1.14
C LYS A 103 -5.19 -4.85 2.20
N ARG A 104 -5.52 -5.55 3.27
CA ARG A 104 -6.29 -5.01 4.38
C ARG A 104 -5.52 -5.19 5.68
N LEU A 105 -5.09 -4.09 6.28
CA LEU A 105 -4.33 -4.15 7.53
C LEU A 105 -5.19 -3.66 8.69
N PHE A 106 -5.36 -4.49 9.70
CA PHE A 106 -6.19 -4.13 10.85
C PHE A 106 -5.34 -3.73 12.05
N PHE A 107 -5.77 -2.68 12.75
CA PHE A 107 -5.09 -2.17 13.93
C PHE A 107 -6.09 -1.78 15.00
N TRP A 108 -5.77 -2.05 16.26
CA TRP A 108 -6.66 -1.70 17.36
C TRP A 108 -6.04 -0.62 18.23
N MET A 109 -6.82 0.42 18.53
CA MET A 109 -6.35 1.54 19.33
C MET A 109 -5.98 1.12 20.75
N GLN A 110 -4.79 1.52 21.18
CA GLN A 110 -4.30 1.21 22.51
C GLN A 110 -4.29 2.48 23.37
N GLU A 111 -4.81 3.56 22.79
CA GLU A 111 -4.87 4.84 23.49
C GLU A 111 -5.86 4.78 24.65
N PRO A 112 -5.56 5.47 25.76
CA PRO A 112 -6.41 5.47 26.96
C PRO A 112 -7.84 5.95 26.73
N LYS A 113 -8.00 7.05 26.02
CA LYS A 113 -9.33 7.60 25.77
C LYS A 113 -9.72 7.52 24.30
N THR A 114 -11.00 7.24 24.05
CA THR A 114 -11.55 7.15 22.70
C THR A 114 -11.84 8.54 22.14
N ASP A 115 -11.60 9.55 22.97
CA ASP A 115 -11.83 10.94 22.61
C ASP A 115 -11.10 11.35 21.33
N GLN A 116 -9.85 10.90 21.18
CA GLN A 116 -9.05 11.25 20.03
C GLN A 116 -8.87 10.07 19.06
N ASP A 117 -9.78 9.12 19.11
CA ASP A 117 -9.71 7.95 18.24
C ASP A 117 -9.95 8.35 16.79
N GLU A 118 -11.10 8.96 16.55
CA GLU A 118 -11.47 9.41 15.22
C GLU A 118 -10.54 10.50 14.72
N GLU A 119 -10.09 11.34 15.66
CA GLU A 119 -9.18 12.44 15.32
C GLU A 119 -7.88 11.88 14.74
N HIS A 120 -7.36 10.82 15.36
CA HIS A 120 -6.14 10.18 14.90
C HIS A 120 -6.36 9.59 13.51
N CYS A 121 -7.54 9.00 13.31
CA CYS A 121 -7.88 8.40 12.03
C CYS A 121 -7.92 9.46 10.93
N ARG A 122 -8.47 10.62 11.26
CA ARG A 122 -8.57 11.72 10.31
C ARG A 122 -7.18 12.22 9.93
N LYS A 123 -6.34 12.43 10.94
CA LYS A 123 -4.97 12.89 10.69
C LYS A 123 -4.26 11.96 9.74
N VAL A 124 -4.34 10.67 10.01
CA VAL A 124 -3.70 9.66 9.18
C VAL A 124 -4.26 9.73 7.74
N ASN A 125 -5.58 9.75 7.63
CA ASN A 125 -6.25 9.81 6.33
C ASN A 125 -5.79 11.02 5.52
N GLU A 126 -5.80 12.19 6.16
CA GLU A 126 -5.40 13.42 5.50
C GLU A 126 -3.92 13.43 5.15
N TYR A 127 -3.09 12.98 6.06
CA TYR A 127 -1.64 12.97 5.85
C TYR A 127 -1.20 11.95 4.81
N LEU A 128 -1.98 10.90 4.62
CA LEU A 128 -1.63 9.86 3.65
C LEU A 128 -2.04 10.24 2.23
N ASN A 129 -3.03 11.12 2.10
CA ASN A 129 -3.51 11.51 0.77
C ASN A 129 -3.08 12.93 0.40
N ASN A 130 -2.93 13.79 1.39
CA ASN A 130 -2.53 15.18 1.13
C ASN A 130 -1.28 15.51 1.93
N ALA B 1 7.51 -22.03 -33.35
CA ALA B 1 8.09 -21.89 -32.00
C ALA B 1 7.17 -21.06 -31.12
N PRO B 2 6.62 -21.65 -30.05
CA PRO B 2 5.74 -20.95 -29.12
C PRO B 2 6.44 -19.82 -28.38
N ALA B 3 5.67 -18.88 -27.86
CA ALA B 3 6.23 -17.74 -27.14
C ALA B 3 5.44 -17.45 -25.87
N GLU B 4 4.87 -18.50 -25.29
CA GLU B 4 4.07 -18.39 -24.06
C GLU B 4 2.94 -17.38 -24.22
N PRO B 5 1.81 -17.82 -24.80
CA PRO B 5 0.65 -16.96 -25.03
C PRO B 5 -0.18 -16.72 -23.78
N LYS B 6 0.44 -16.88 -22.61
CA LYS B 6 -0.26 -16.65 -21.35
C LYS B 6 -0.28 -15.17 -21.05
N ILE B 7 -1.15 -14.45 -21.74
CA ILE B 7 -1.28 -13.02 -21.58
C ILE B 7 -2.15 -12.69 -20.38
N ILE B 8 -1.61 -11.87 -19.49
CA ILE B 8 -2.33 -11.45 -18.30
C ILE B 8 -2.81 -10.02 -18.44
N LYS B 9 -3.79 -9.65 -17.62
CA LYS B 9 -4.37 -8.32 -17.67
C LYS B 9 -3.82 -7.46 -16.54
N VAL B 10 -3.44 -6.23 -16.86
CA VAL B 10 -2.90 -5.31 -15.87
C VAL B 10 -3.66 -3.98 -15.92
N THR B 11 -4.34 -3.67 -14.84
CA THR B 11 -5.09 -2.43 -14.73
C THR B 11 -4.24 -1.35 -14.08
N VAL B 12 -3.87 -0.35 -14.87
CA VAL B 12 -3.02 0.73 -14.38
C VAL B 12 -3.83 1.96 -14.00
N LYS B 13 -3.59 2.44 -12.78
CA LYS B 13 -4.26 3.63 -12.28
C LYS B 13 -3.41 4.86 -12.55
N THR B 14 -3.93 5.79 -13.33
CA THR B 14 -3.20 6.99 -13.69
C THR B 14 -3.95 8.24 -13.25
N PRO B 15 -3.26 9.40 -13.17
CA PRO B 15 -3.89 10.66 -12.80
C PRO B 15 -4.79 11.20 -13.91
N LYS B 16 -5.73 10.35 -14.34
CA LYS B 16 -6.66 10.69 -15.41
C LYS B 16 -7.73 9.62 -15.54
N GLU B 17 -7.29 8.39 -15.82
CA GLU B 17 -8.20 7.26 -16.01
C GLU B 17 -7.62 5.99 -15.41
N LYS B 18 -8.20 4.86 -15.78
CA LYS B 18 -7.76 3.56 -15.30
C LYS B 18 -7.75 2.57 -16.47
N GLU B 19 -6.82 2.77 -17.38
CA GLU B 19 -6.69 1.92 -18.56
C GLU B 19 -6.11 0.55 -18.20
N GLU B 20 -6.55 -0.48 -18.92
CA GLU B 20 -6.07 -1.83 -18.69
C GLU B 20 -5.32 -2.33 -19.91
N PHE B 21 -4.17 -2.96 -19.67
CA PHE B 21 -3.34 -3.47 -20.76
C PHE B 21 -3.21 -4.99 -20.66
N ALA B 22 -2.68 -5.59 -21.70
CA ALA B 22 -2.47 -7.03 -21.74
C ALA B 22 -1.02 -7.35 -22.10
N VAL B 23 -0.35 -8.10 -21.23
CA VAL B 23 1.05 -8.45 -21.44
C VAL B 23 1.30 -9.94 -21.17
N PRO B 24 2.29 -10.54 -21.84
CA PRO B 24 2.64 -11.95 -21.66
C PRO B 24 3.28 -12.22 -20.29
N GLU B 25 3.27 -13.49 -19.89
CA GLU B 25 3.85 -13.91 -18.61
C GLU B 25 5.38 -13.89 -18.64
N ASN B 26 5.95 -14.08 -19.81
CA ASN B 26 7.40 -14.10 -19.97
C ASN B 26 7.94 -12.76 -20.44
N SER B 27 7.45 -11.69 -19.84
CA SER B 27 7.88 -10.34 -20.21
C SER B 27 8.73 -9.71 -19.11
N SER B 28 9.35 -8.58 -19.45
CA SER B 28 10.19 -7.86 -18.51
C SER B 28 9.54 -6.53 -18.12
N VAL B 29 9.98 -5.95 -17.02
CA VAL B 29 9.44 -4.70 -16.53
C VAL B 29 9.81 -3.53 -17.44
N GLN B 30 11.09 -3.50 -17.83
CA GLN B 30 11.60 -2.44 -18.70
C GLN B 30 10.76 -2.31 -19.97
N GLN B 31 10.36 -3.45 -20.52
CA GLN B 31 9.56 -3.49 -21.74
C GLN B 31 8.22 -2.78 -21.54
N PHE B 32 7.54 -3.12 -20.46
CA PHE B 32 6.24 -2.54 -20.15
C PHE B 32 6.36 -1.05 -19.82
N LYS B 33 7.42 -0.70 -19.09
CA LYS B 33 7.63 0.71 -18.71
C LYS B 33 7.73 1.59 -19.95
N GLU B 34 8.48 1.12 -20.93
CA GLU B 34 8.64 1.86 -22.19
C GLU B 34 7.34 1.88 -22.96
N ALA B 35 6.60 0.79 -22.89
CA ALA B 35 5.31 0.67 -23.58
C ALA B 35 4.33 1.73 -23.09
N ILE B 36 4.31 1.95 -21.78
CA ILE B 36 3.41 2.93 -21.19
C ILE B 36 3.72 4.34 -21.69
N SER B 37 5.00 4.69 -21.73
CA SER B 37 5.41 6.01 -22.19
C SER B 37 5.18 6.17 -23.69
N LYS B 38 5.18 5.05 -24.41
CA LYS B 38 5.01 5.07 -25.85
C LYS B 38 3.51 5.08 -26.25
N ARG B 39 2.66 4.60 -25.35
CA ARG B 39 1.22 4.55 -25.63
C ARG B 39 0.47 5.65 -24.90
N PHE B 40 0.72 5.81 -23.61
CA PHE B 40 0.03 6.82 -22.81
C PHE B 40 0.77 8.16 -22.88
N LYS B 41 2.07 8.09 -23.16
CA LYS B 41 2.91 9.29 -23.27
C LYS B 41 2.98 10.04 -21.94
N SER B 42 3.81 9.54 -21.04
CA SER B 42 3.98 10.16 -19.73
C SER B 42 5.46 10.32 -19.39
N GLN B 43 6.10 9.21 -19.05
CA GLN B 43 7.51 9.18 -18.69
C GLN B 43 7.99 7.74 -18.69
N THR B 44 9.30 7.53 -18.60
CA THR B 44 9.83 6.18 -18.59
C THR B 44 10.70 5.91 -17.37
N ASP B 45 11.66 6.78 -17.10
CA ASP B 45 12.56 6.61 -15.95
C ASP B 45 11.84 6.88 -14.63
N GLN B 46 11.14 8.01 -14.55
CA GLN B 46 10.41 8.36 -13.34
C GLN B 46 9.07 7.64 -13.25
N LEU B 47 8.79 6.81 -14.24
CA LEU B 47 7.56 6.05 -14.28
C LEU B 47 7.65 4.85 -13.35
N VAL B 48 7.05 4.96 -12.18
CA VAL B 48 7.10 3.88 -11.21
C VAL B 48 5.70 3.33 -10.93
N LEU B 49 5.58 2.01 -10.98
CA LEU B 49 4.31 1.36 -10.70
C LEU B 49 4.30 0.89 -9.26
N ILE B 50 3.20 1.16 -8.56
CA ILE B 50 3.08 0.78 -7.16
C ILE B 50 2.01 -0.29 -6.98
N PHE B 51 2.31 -1.27 -6.14
CA PHE B 51 1.36 -2.34 -5.86
C PHE B 51 0.94 -2.29 -4.39
N ALA B 52 0.58 -1.08 -3.95
CA ALA B 52 0.11 -0.85 -2.58
C ALA B 52 1.21 -1.07 -1.54
N GLY B 53 1.89 0.02 -1.17
CA GLY B 53 2.94 -0.07 -0.17
C GLY B 53 4.28 -0.52 -0.73
N LYS B 54 4.30 -1.01 -1.96
CA LYS B 54 5.53 -1.49 -2.56
C LYS B 54 5.70 -0.93 -3.97
N ILE B 55 6.90 -0.45 -4.27
CA ILE B 55 7.20 0.11 -5.57
C ILE B 55 7.82 -0.93 -6.50
N LEU B 56 7.50 -0.83 -7.79
CA LEU B 56 8.03 -1.74 -8.79
C LEU B 56 8.89 -0.97 -9.79
N LYS B 57 10.03 -1.54 -10.15
CA LYS B 57 10.95 -0.91 -11.08
C LYS B 57 11.87 -1.96 -11.70
N ASP B 58 13.05 -1.54 -12.12
CA ASP B 58 14.03 -2.42 -12.74
C ASP B 58 14.74 -3.30 -11.71
N GLN B 59 14.09 -3.52 -10.57
CA GLN B 59 14.66 -4.33 -9.50
C GLN B 59 13.90 -5.65 -9.36
N ASP B 60 12.60 -5.61 -9.62
CA ASP B 60 11.76 -6.79 -9.51
C ASP B 60 10.97 -7.03 -10.78
N THR B 61 10.26 -8.15 -10.83
CA THR B 61 9.44 -8.48 -12.00
C THR B 61 7.95 -8.32 -11.69
N LEU B 62 7.24 -7.63 -12.57
CA LEU B 62 5.82 -7.38 -12.41
C LEU B 62 5.02 -8.68 -12.28
N ILE B 63 5.31 -9.64 -13.16
CA ILE B 63 4.60 -10.92 -13.17
C ILE B 63 4.94 -11.80 -11.96
N GLN B 64 5.86 -11.35 -11.11
CA GLN B 64 6.26 -12.16 -9.97
C GLN B 64 5.42 -11.84 -8.73
N HIS B 65 4.90 -10.62 -8.65
CA HIS B 65 4.12 -10.21 -7.50
C HIS B 65 3.11 -9.12 -7.84
N GLY B 66 3.60 -8.10 -8.55
CA GLY B 66 2.75 -6.97 -8.93
C GLY B 66 1.45 -7.39 -9.60
N ILE B 67 1.56 -8.10 -10.72
CA ILE B 67 0.38 -8.55 -11.45
C ILE B 67 0.43 -10.06 -11.65
N HIS B 68 -0.55 -10.75 -11.10
CA HIS B 68 -0.63 -12.20 -11.24
C HIS B 68 -1.66 -12.56 -12.29
N ASP B 69 -2.88 -12.10 -12.09
CA ASP B 69 -3.98 -12.37 -13.02
C ASP B 69 -5.08 -11.32 -12.86
N GLY B 70 -4.85 -10.13 -13.41
CA GLY B 70 -5.83 -9.08 -13.32
C GLY B 70 -5.78 -8.33 -12.00
N LEU B 71 -4.84 -7.42 -11.87
CA LEU B 71 -4.69 -6.64 -10.64
C LEU B 71 -4.53 -5.16 -10.98
N THR B 72 -4.54 -4.32 -9.95
CA THR B 72 -4.40 -2.88 -10.15
C THR B 72 -3.07 -2.35 -9.61
N VAL B 73 -2.47 -1.45 -10.36
CA VAL B 73 -1.21 -0.83 -9.97
C VAL B 73 -1.32 0.69 -10.03
N HIS B 74 -0.63 1.36 -9.14
CA HIS B 74 -0.65 2.82 -9.08
C HIS B 74 0.54 3.41 -9.81
N LEU B 75 0.28 4.30 -10.76
CA LEU B 75 1.36 4.94 -11.51
C LEU B 75 1.77 6.26 -10.87
N VAL B 76 3.05 6.34 -10.50
CA VAL B 76 3.59 7.56 -9.89
C VAL B 76 4.84 8.03 -10.64
N ILE B 77 5.36 9.18 -10.24
CA ILE B 77 6.54 9.74 -10.89
C ILE B 77 7.50 10.30 -9.84
N LYS B 78 8.21 9.40 -9.18
CA LYS B 78 9.16 9.77 -8.15
C LYS B 78 10.51 9.13 -8.44
N LYS A 21 11.55 13.63 12.35
CA LYS A 21 10.44 13.35 13.28
C LYS A 21 9.26 12.76 12.54
N TYR A 22 8.30 12.21 13.28
CA TYR A 22 7.12 11.62 12.67
C TYR A 22 6.00 12.64 12.60
N LEU A 23 5.17 12.54 11.57
CA LEU A 23 4.06 13.46 11.38
C LEU A 23 2.92 13.05 12.31
N VAL A 24 2.66 11.76 12.35
CA VAL A 24 1.60 11.21 13.20
C VAL A 24 2.12 9.97 13.91
N GLU A 25 1.78 9.83 15.18
CA GLU A 25 2.21 8.68 15.98
C GLU A 25 1.24 8.44 17.12
N PHE A 26 0.93 7.17 17.38
CA PHE A 26 0.02 6.80 18.46
C PHE A 26 0.16 5.32 18.78
N ARG A 27 -0.31 4.93 19.96
CA ARG A 27 -0.23 3.54 20.38
C ARG A 27 -1.39 2.75 19.78
N ALA A 28 -1.06 1.68 19.06
CA ALA A 28 -2.06 0.84 18.42
C ALA A 28 -1.49 -0.54 18.13
N GLY A 29 -2.30 -1.56 18.34
CA GLY A 29 -1.85 -2.91 18.08
C GLY A 29 -2.26 -3.38 16.70
N LYS A 30 -1.47 -4.26 16.13
CA LYS A 30 -1.75 -4.78 14.80
C LYS A 30 -2.52 -6.10 14.88
N MET A 31 -2.94 -6.58 13.73
CA MET A 31 -3.66 -7.84 13.65
C MET A 31 -3.02 -8.73 12.59
N SER A 32 -2.78 -9.98 12.95
CA SER A 32 -2.15 -10.92 12.04
C SER A 32 -3.18 -11.87 11.44
N LEU A 33 -3.07 -12.13 10.14
CA LEU A 33 -3.98 -13.03 9.48
C LEU A 33 -3.46 -14.46 9.58
N LYS A 34 -3.71 -15.09 10.72
CA LYS A 34 -3.27 -16.45 10.96
C LYS A 34 -4.09 -17.41 10.11
N GLY A 35 -3.52 -17.82 8.98
CA GLY A 35 -4.22 -18.71 8.09
C GLY A 35 -5.30 -17.96 7.35
N THR A 36 -6.52 -18.01 7.88
CA THR A 36 -7.65 -17.32 7.29
C THR A 36 -8.47 -16.63 8.37
N THR A 37 -7.88 -16.48 9.55
CA THR A 37 -8.56 -15.85 10.66
C THR A 37 -7.77 -14.65 11.17
N VAL A 38 -8.39 -13.47 11.16
CA VAL A 38 -7.74 -12.25 11.62
C VAL A 38 -7.61 -12.28 13.13
N THR A 39 -6.40 -12.50 13.60
CA THR A 39 -6.13 -12.57 15.03
C THR A 39 -5.28 -11.39 15.48
N PRO A 40 -5.82 -10.56 16.39
CA PRO A 40 -5.10 -9.37 16.89
C PRO A 40 -3.86 -9.73 17.70
N ASP A 41 -2.88 -8.82 17.69
CA ASP A 41 -1.66 -9.01 18.44
C ASP A 41 -1.87 -8.51 19.86
N LYS A 42 -0.98 -8.89 20.77
CA LYS A 42 -1.09 -8.48 22.16
C LYS A 42 0.10 -7.63 22.57
N ARG A 43 0.96 -7.35 21.60
CA ARG A 43 2.14 -6.54 21.84
C ARG A 43 1.80 -5.06 21.77
N LYS A 44 2.52 -4.25 22.53
CA LYS A 44 2.32 -2.81 22.52
C LYS A 44 3.03 -2.25 21.31
N GLY A 45 2.29 -1.63 20.41
CA GLY A 45 2.89 -1.10 19.23
C GLY A 45 2.65 0.37 19.03
N LEU A 46 3.47 0.98 18.20
CA LEU A 46 3.36 2.39 17.90
C LEU A 46 3.25 2.60 16.40
N VAL A 47 2.13 3.15 15.97
CA VAL A 47 1.89 3.42 14.57
C VAL A 47 2.38 4.83 14.28
N TYR A 48 3.32 4.96 13.36
CA TYR A 48 3.85 6.28 13.03
C TYR A 48 3.95 6.49 11.53
N ILE A 49 3.84 7.75 11.13
CA ILE A 49 3.93 8.14 9.74
C ILE A 49 5.12 9.05 9.54
N GLN A 50 6.10 8.60 8.78
CA GLN A 50 7.30 9.38 8.53
C GLN A 50 7.45 9.65 7.03
N GLN A 51 8.17 10.71 6.69
CA GLN A 51 8.39 11.07 5.30
C GLN A 51 9.88 11.23 5.04
N THR A 52 10.40 10.48 4.08
CA THR A 52 11.82 10.54 3.75
C THR A 52 12.12 11.68 2.77
N ASP A 53 13.39 11.80 2.41
CA ASP A 53 13.85 12.85 1.49
C ASP A 53 13.18 12.74 0.12
N ASP A 54 12.77 11.53 -0.23
CA ASP A 54 12.12 11.26 -1.50
C ASP A 54 10.66 11.71 -1.48
N SER A 55 10.25 12.28 -0.35
CA SER A 55 8.88 12.77 -0.16
C SER A 55 7.87 11.62 -0.11
N LEU A 56 8.37 10.41 0.13
CA LEU A 56 7.49 9.25 0.20
C LEU A 56 7.00 9.04 1.63
N ILE A 57 5.70 8.84 1.78
CA ILE A 57 5.09 8.62 3.07
C ILE A 57 5.27 7.18 3.52
N HIS A 58 5.85 7.00 4.70
CA HIS A 58 6.08 5.66 5.24
C HIS A 58 5.16 5.37 6.41
N PHE A 59 4.33 4.36 6.24
CA PHE A 59 3.42 3.91 7.29
C PHE A 59 4.04 2.67 7.91
N CYS A 60 4.56 2.81 9.11
CA CYS A 60 5.21 1.68 9.76
C CYS A 60 4.71 1.43 11.18
N TRP A 61 4.85 0.19 11.61
CA TRP A 61 4.46 -0.24 12.94
C TRP A 61 5.70 -0.69 13.70
N LYS A 62 5.96 -0.06 14.83
CA LYS A 62 7.13 -0.40 15.61
C LYS A 62 6.75 -1.07 16.93
N ASP A 63 7.48 -2.13 17.26
CA ASP A 63 7.28 -2.87 18.50
C ASP A 63 7.80 -2.03 19.66
N ARG A 64 6.97 -1.75 20.64
CA ARG A 64 7.37 -0.93 21.78
C ARG A 64 8.22 -1.70 22.78
N THR A 65 8.39 -3.00 22.57
CA THR A 65 9.19 -3.80 23.48
C THR A 65 10.66 -3.82 23.07
N SER A 66 10.90 -4.07 21.79
CA SER A 66 12.27 -4.14 21.28
C SER A 66 12.65 -2.86 20.55
N GLY A 67 11.66 -2.13 20.06
CA GLY A 67 11.94 -0.92 19.31
C GLY A 67 12.26 -1.25 17.87
N ASN A 68 11.86 -2.44 17.47
CA ASN A 68 12.11 -2.93 16.13
C ASN A 68 10.92 -2.65 15.22
N VAL A 69 11.18 -2.17 14.01
CA VAL A 69 10.13 -1.88 13.05
C VAL A 69 9.73 -3.15 12.34
N GLU A 70 8.48 -3.57 12.56
CA GLU A 70 7.97 -4.80 11.97
C GLU A 70 7.49 -4.60 10.54
N ASP A 71 6.63 -3.62 10.33
CA ASP A 71 6.07 -3.36 9.02
C ASP A 71 6.43 -1.97 8.53
N ASP A 72 6.62 -1.83 7.22
CA ASP A 72 6.96 -0.55 6.61
C ASP A 72 6.40 -0.50 5.19
N LEU A 73 5.44 0.39 4.95
CA LEU A 73 4.84 0.52 3.63
C LEU A 73 4.86 1.96 3.17
N ILE A 74 4.94 2.15 1.86
CA ILE A 74 4.95 3.48 1.27
C ILE A 74 3.55 3.86 0.80
N ILE A 75 2.98 4.90 1.38
CA ILE A 75 1.62 5.31 1.05
C ILE A 75 1.56 6.39 -0.02
N PHE A 76 0.58 6.27 -0.91
CA PHE A 76 0.35 7.22 -1.99
C PHE A 76 -1.13 7.60 -2.04
N PRO A 77 -1.46 8.78 -2.59
CA PRO A 77 -2.85 9.23 -2.73
C PRO A 77 -3.63 8.40 -3.75
N ASP A 78 -4.96 8.57 -3.78
CA ASP A 78 -5.87 7.86 -4.69
C ASP A 78 -5.59 6.35 -4.67
N ASP A 79 -5.15 5.83 -3.52
CA ASP A 79 -4.83 4.42 -3.42
C ASP A 79 -4.95 3.88 -1.99
N CYS A 80 -5.28 4.73 -1.02
CA CYS A 80 -5.35 4.26 0.37
C CYS A 80 -6.55 4.85 1.11
N GLU A 81 -6.98 4.14 2.16
CA GLU A 81 -8.10 4.57 2.99
C GLU A 81 -7.99 3.95 4.39
N PHE A 82 -8.29 4.74 5.40
CA PHE A 82 -8.24 4.29 6.78
C PHE A 82 -9.55 4.62 7.48
N LYS A 83 -10.27 3.60 7.93
CA LYS A 83 -11.55 3.82 8.60
C LYS A 83 -11.69 2.93 9.82
N ARG A 84 -12.81 3.07 10.51
CA ARG A 84 -13.09 2.30 11.71
C ARG A 84 -14.14 1.24 11.43
N VAL A 85 -14.13 0.17 12.22
CA VAL A 85 -15.10 -0.90 12.10
C VAL A 85 -16.17 -0.75 13.17
N PRO A 86 -17.35 -0.21 12.82
CA PRO A 86 -18.44 0.01 13.77
C PRO A 86 -19.13 -1.29 14.19
N GLN A 87 -18.85 -2.37 13.47
CA GLN A 87 -19.45 -3.66 13.77
C GLN A 87 -18.84 -4.25 15.04
N CYS A 88 -17.62 -3.84 15.36
CA CYS A 88 -16.96 -4.33 16.55
C CYS A 88 -17.52 -3.62 17.78
N PRO A 89 -17.97 -4.40 18.79
CA PRO A 89 -18.55 -3.86 20.03
C PRO A 89 -17.67 -2.82 20.71
N SER A 90 -16.36 -3.00 20.62
CA SER A 90 -15.42 -2.06 21.22
C SER A 90 -15.48 -0.71 20.52
N GLY A 91 -15.53 -0.74 19.20
CA GLY A 91 -15.60 0.48 18.42
C GLY A 91 -14.25 1.17 18.33
N ARG A 92 -13.19 0.43 18.61
CA ARG A 92 -11.85 1.00 18.54
C ARG A 92 -10.98 0.24 17.55
N VAL A 93 -11.62 -0.63 16.80
CA VAL A 93 -10.93 -1.41 15.78
C VAL A 93 -10.97 -0.67 14.46
N TYR A 94 -9.80 -0.29 13.98
CA TYR A 94 -9.68 0.44 12.72
C TYR A 94 -9.06 -0.45 11.66
N VAL A 95 -9.27 -0.12 10.40
CA VAL A 95 -8.74 -0.92 9.32
C VAL A 95 -8.17 -0.05 8.19
N LEU A 96 -6.95 -0.39 7.79
CA LEU A 96 -6.28 0.30 6.70
C LEU A 96 -6.31 -0.58 5.47
N LYS A 97 -6.98 -0.12 4.44
CA LYS A 97 -7.09 -0.89 3.21
C LYS A 97 -6.66 -0.09 2.00
N PHE A 98 -5.96 -0.74 1.10
CA PHE A 98 -5.50 -0.11 -0.12
C PHE A 98 -6.57 -0.20 -1.19
N LYS A 99 -6.50 0.69 -2.17
CA LYS A 99 -7.46 0.69 -3.26
C LYS A 99 -6.84 0.10 -4.51
N ALA A 100 -5.75 -0.63 -4.31
CA ALA A 100 -5.03 -1.28 -5.39
C ALA A 100 -4.39 -2.56 -4.87
N GLY A 101 -4.77 -3.69 -5.45
CA GLY A 101 -4.23 -4.96 -5.04
C GLY A 101 -5.14 -5.67 -4.07
N SER A 102 -4.55 -6.27 -3.05
CA SER A 102 -5.32 -7.00 -2.04
C SER A 102 -4.61 -6.97 -0.70
N LYS A 103 -4.78 -5.88 0.04
CA LYS A 103 -4.15 -5.74 1.35
C LYS A 103 -5.12 -5.10 2.34
N ARG A 104 -5.29 -5.75 3.47
CA ARG A 104 -6.20 -5.27 4.51
C ARG A 104 -5.58 -5.49 5.89
N LEU A 105 -5.17 -4.39 6.53
CA LEU A 105 -4.56 -4.48 7.85
C LEU A 105 -5.47 -3.84 8.90
N PHE A 106 -5.66 -4.56 10.00
CA PHE A 106 -6.49 -4.07 11.09
C PHE A 106 -5.63 -3.59 12.25
N PHE A 107 -6.05 -2.51 12.89
CA PHE A 107 -5.32 -1.93 14.02
C PHE A 107 -6.28 -1.53 15.12
N TRP A 108 -5.97 -1.93 16.35
CA TRP A 108 -6.81 -1.57 17.48
C TRP A 108 -6.10 -0.52 18.32
N MET A 109 -6.81 0.58 18.59
CA MET A 109 -6.26 1.69 19.36
C MET A 109 -5.88 1.28 20.77
N GLN A 110 -4.65 1.55 21.15
CA GLN A 110 -4.16 1.21 22.49
C GLN A 110 -4.14 2.42 23.40
N GLU A 111 -4.54 3.58 22.87
CA GLU A 111 -4.59 4.81 23.67
C GLU A 111 -5.61 4.66 24.79
N PRO A 112 -5.32 5.21 25.98
CA PRO A 112 -6.23 5.14 27.13
C PRO A 112 -7.62 5.71 26.82
N LYS A 113 -7.66 6.91 26.28
CA LYS A 113 -8.92 7.56 25.97
C LYS A 113 -9.28 7.43 24.50
N THR A 114 -10.56 7.58 24.19
CA THR A 114 -11.05 7.49 22.82
C THR A 114 -11.28 8.89 22.25
N ASP A 115 -10.91 9.90 23.04
CA ASP A 115 -11.08 11.30 22.67
C ASP A 115 -10.36 11.65 21.37
N GLN A 116 -9.17 11.08 21.19
CA GLN A 116 -8.38 11.38 19.99
C GLN A 116 -8.38 10.20 19.03
N ASP A 117 -9.32 9.28 19.21
CA ASP A 117 -9.43 8.11 18.35
C ASP A 117 -9.66 8.50 16.90
N GLU A 118 -10.75 9.23 16.66
CA GLU A 118 -11.08 9.68 15.32
C GLU A 118 -10.07 10.73 14.86
N GLU A 119 -9.56 11.53 15.79
CA GLU A 119 -8.58 12.55 15.46
C GLU A 119 -7.33 11.90 14.88
N HIS A 120 -6.95 10.76 15.45
CA HIS A 120 -5.78 10.02 14.98
C HIS A 120 -6.05 9.47 13.59
N CYS A 121 -7.25 8.89 13.42
CA CYS A 121 -7.65 8.34 12.15
C CYS A 121 -7.70 9.42 11.08
N ARG A 122 -8.17 10.59 11.49
CA ARG A 122 -8.29 11.75 10.62
C ARG A 122 -6.91 12.16 10.10
N LYS A 123 -5.98 12.40 11.02
CA LYS A 123 -4.62 12.81 10.68
C LYS A 123 -3.99 11.81 9.71
N VAL A 124 -4.20 10.52 9.98
CA VAL A 124 -3.66 9.45 9.14
C VAL A 124 -4.17 9.60 7.71
N ASN A 125 -5.49 9.66 7.55
CA ASN A 125 -6.11 9.79 6.23
C ASN A 125 -5.60 11.03 5.51
N GLU A 126 -5.44 12.12 6.25
CA GLU A 126 -4.96 13.38 5.69
C GLU A 126 -3.56 13.27 5.12
N TYR A 127 -2.61 12.88 5.95
CA TYR A 127 -1.21 12.78 5.54
C TYR A 127 -0.97 11.67 4.50
N LEU A 128 -1.85 10.68 4.47
CA LEU A 128 -1.68 9.57 3.54
C LEU A 128 -2.12 9.91 2.12
N ASN A 129 -3.24 10.62 1.98
CA ASN A 129 -3.74 10.97 0.65
C ASN A 129 -3.44 12.40 0.25
N ASN A 130 -2.71 13.14 1.08
CA ASN A 130 -2.38 14.51 0.76
C ASN A 130 -0.89 14.78 0.97
N ALA B 1 7.81 -22.79 -32.52
CA ALA B 1 8.31 -22.53 -31.16
C ALA B 1 7.38 -21.57 -30.43
N PRO B 2 6.73 -22.06 -29.36
CA PRO B 2 5.81 -21.24 -28.56
C PRO B 2 6.55 -20.24 -27.68
N ALA B 3 5.87 -19.17 -27.31
CA ALA B 3 6.46 -18.15 -26.45
C ALA B 3 5.65 -18.00 -25.18
N GLU B 4 4.78 -18.99 -24.93
CA GLU B 4 3.90 -19.02 -23.76
C GLU B 4 2.96 -17.82 -23.77
N PRO B 5 1.82 -17.94 -24.48
CA PRO B 5 0.83 -16.87 -24.61
C PRO B 5 0.01 -16.64 -23.34
N LYS B 6 0.66 -16.69 -22.19
CA LYS B 6 -0.01 -16.47 -20.91
C LYS B 6 -0.06 -14.99 -20.63
N ILE B 7 -1.00 -14.29 -21.25
CA ILE B 7 -1.15 -12.87 -21.07
C ILE B 7 -1.92 -12.55 -19.80
N ILE B 8 -1.35 -11.68 -18.97
CA ILE B 8 -1.96 -11.27 -17.73
C ILE B 8 -2.58 -9.88 -17.89
N LYS B 9 -3.55 -9.57 -17.04
CA LYS B 9 -4.23 -8.28 -17.10
C LYS B 9 -3.70 -7.34 -16.02
N VAL B 10 -2.97 -6.32 -16.43
CA VAL B 10 -2.42 -5.35 -15.50
C VAL B 10 -3.15 -4.02 -15.64
N THR B 11 -3.94 -3.68 -14.64
CA THR B 11 -4.70 -2.44 -14.63
C THR B 11 -3.87 -1.30 -14.07
N VAL B 12 -3.71 -0.24 -14.85
CA VAL B 12 -2.92 0.91 -14.44
C VAL B 12 -3.80 2.08 -14.02
N LYS B 13 -3.61 2.54 -12.78
CA LYS B 13 -4.36 3.68 -12.26
C LYS B 13 -3.55 4.95 -12.49
N THR B 14 -4.12 5.88 -13.25
CA THR B 14 -3.44 7.13 -13.58
C THR B 14 -4.30 8.33 -13.20
N PRO B 15 -3.71 9.54 -13.16
CA PRO B 15 -4.43 10.77 -12.84
C PRO B 15 -5.29 11.21 -14.02
N LYS B 16 -6.20 10.34 -14.42
CA LYS B 16 -7.08 10.59 -15.55
C LYS B 16 -8.15 9.52 -15.62
N GLU B 17 -7.71 8.27 -15.77
CA GLU B 17 -8.61 7.13 -15.86
C GLU B 17 -7.89 5.85 -15.44
N LYS B 18 -8.49 4.71 -15.71
CA LYS B 18 -7.90 3.43 -15.35
C LYS B 18 -7.91 2.47 -16.54
N GLU B 19 -6.77 2.36 -17.20
CA GLU B 19 -6.64 1.49 -18.37
C GLU B 19 -6.07 0.14 -17.94
N GLU B 20 -6.21 -0.86 -18.81
CA GLU B 20 -5.70 -2.18 -18.52
C GLU B 20 -4.85 -2.68 -19.67
N PHE B 21 -3.60 -3.02 -19.36
CA PHE B 21 -2.66 -3.51 -20.36
C PHE B 21 -2.62 -5.02 -20.35
N ALA B 22 -2.29 -5.61 -21.49
CA ALA B 22 -2.21 -7.05 -21.62
C ALA B 22 -0.81 -7.46 -22.04
N VAL B 23 -0.08 -8.10 -21.14
CA VAL B 23 1.29 -8.52 -21.41
C VAL B 23 1.50 -9.97 -20.99
N PRO B 24 2.42 -10.69 -21.68
CA PRO B 24 2.73 -12.09 -21.34
C PRO B 24 3.37 -12.21 -19.95
N GLU B 25 3.24 -13.40 -19.36
CA GLU B 25 3.77 -13.68 -18.02
C GLU B 25 5.30 -13.89 -18.04
N ASN B 26 5.95 -13.44 -19.09
CA ASN B 26 7.40 -13.60 -19.22
C ASN B 26 8.02 -12.36 -19.86
N SER B 27 7.54 -11.20 -19.46
CA SER B 27 8.04 -9.95 -20.00
C SER B 27 8.73 -9.13 -18.90
N SER B 28 9.76 -8.39 -19.28
CA SER B 28 10.49 -7.56 -18.34
C SER B 28 9.78 -6.22 -18.15
N VAL B 29 9.96 -5.61 -16.98
CA VAL B 29 9.34 -4.33 -16.69
C VAL B 29 9.80 -3.25 -17.67
N GLN B 30 11.06 -3.34 -18.08
CA GLN B 30 11.64 -2.38 -19.02
C GLN B 30 10.78 -2.23 -20.27
N GLN B 31 10.43 -3.35 -20.89
CA GLN B 31 9.61 -3.35 -22.10
C GLN B 31 8.21 -2.81 -21.80
N PHE B 32 7.69 -3.19 -20.65
CA PHE B 32 6.35 -2.75 -20.23
C PHE B 32 6.32 -1.24 -20.04
N LYS B 33 7.34 -0.71 -19.37
CA LYS B 33 7.43 0.73 -19.11
C LYS B 33 7.40 1.52 -20.41
N GLU B 34 8.27 1.15 -21.35
CA GLU B 34 8.34 1.83 -22.64
C GLU B 34 7.04 1.68 -23.41
N ALA B 35 6.39 0.54 -23.25
CA ALA B 35 5.13 0.28 -23.92
C ALA B 35 4.07 1.29 -23.48
N ILE B 36 4.03 1.55 -22.18
CA ILE B 36 3.08 2.49 -21.63
C ILE B 36 3.34 3.89 -22.18
N SER B 37 4.59 4.33 -22.15
CA SER B 37 4.95 5.66 -22.64
C SER B 37 4.67 5.80 -24.13
N LYS B 38 4.83 4.73 -24.88
CA LYS B 38 4.61 4.76 -26.32
C LYS B 38 3.12 4.81 -26.66
N ARG B 39 2.26 4.43 -25.73
CA ARG B 39 0.82 4.44 -25.97
C ARG B 39 0.15 5.59 -25.24
N PHE B 40 0.51 5.78 -23.98
CA PHE B 40 -0.05 6.85 -23.14
C PHE B 40 0.57 8.19 -23.46
N LYS B 41 1.83 8.17 -23.90
CA LYS B 41 2.57 9.38 -24.23
C LYS B 41 2.77 10.25 -22.99
N SER B 42 3.80 9.93 -22.22
CA SER B 42 4.10 10.67 -20.99
C SER B 42 5.60 10.63 -20.67
N GLN B 43 6.02 9.63 -19.92
CA GLN B 43 7.42 9.48 -19.54
C GLN B 43 7.81 8.00 -19.47
N THR B 44 9.10 7.73 -19.44
CA THR B 44 9.59 6.35 -19.37
C THR B 44 10.51 6.14 -18.17
N ASP B 45 11.48 7.02 -17.99
CA ASP B 45 12.42 6.90 -16.88
C ASP B 45 11.74 7.22 -15.55
N GLN B 46 10.87 8.23 -15.57
CA GLN B 46 10.16 8.65 -14.38
C GLN B 46 8.86 7.86 -14.20
N LEU B 47 8.62 6.91 -15.10
CA LEU B 47 7.41 6.11 -15.04
C LEU B 47 7.58 4.96 -14.04
N VAL B 48 7.10 5.16 -12.84
CA VAL B 48 7.20 4.15 -11.80
C VAL B 48 5.82 3.63 -11.41
N LEU B 49 5.71 2.33 -11.25
CA LEU B 49 4.43 1.73 -10.86
C LEU B 49 4.49 1.33 -9.40
N ILE B 50 3.33 1.27 -8.76
CA ILE B 50 3.23 0.90 -7.35
C ILE B 50 2.19 -0.18 -7.14
N PHE B 51 2.50 -1.15 -6.30
CA PHE B 51 1.56 -2.21 -6.00
C PHE B 51 1.33 -2.33 -4.50
N ALA B 52 0.53 -1.41 -3.96
CA ALA B 52 0.18 -1.40 -2.54
C ALA B 52 1.39 -1.19 -1.63
N GLY B 53 1.80 0.08 -1.52
CA GLY B 53 2.93 0.43 -0.67
C GLY B 53 4.26 -0.14 -1.10
N LYS B 54 4.38 -0.56 -2.36
CA LYS B 54 5.64 -1.13 -2.86
C LYS B 54 5.90 -0.70 -4.29
N ILE B 55 7.14 -0.31 -4.56
CA ILE B 55 7.56 0.15 -5.88
C ILE B 55 7.64 -0.99 -6.91
N LEU B 56 7.55 -0.61 -8.18
CA LEU B 56 7.63 -1.53 -9.29
C LEU B 56 8.48 -0.91 -10.39
N LYS B 57 9.59 -1.56 -10.73
CA LYS B 57 10.48 -1.04 -11.76
C LYS B 57 11.42 -2.13 -12.27
N ASP B 58 12.50 -1.70 -12.90
CA ASP B 58 13.50 -2.62 -13.44
C ASP B 58 14.25 -3.35 -12.33
N GLN B 59 14.05 -2.88 -11.10
CA GLN B 59 14.68 -3.48 -9.94
C GLN B 59 14.04 -4.82 -9.60
N ASP B 60 12.81 -4.99 -10.05
CA ASP B 60 12.07 -6.22 -9.81
C ASP B 60 11.41 -6.70 -11.09
N THR B 61 10.36 -7.51 -10.97
CA THR B 61 9.67 -8.02 -12.14
C THR B 61 8.14 -7.97 -11.92
N LEU B 62 7.45 -7.39 -12.89
CA LEU B 62 5.99 -7.25 -12.83
C LEU B 62 5.29 -8.59 -12.63
N ILE B 63 5.75 -9.61 -13.35
CA ILE B 63 5.14 -10.93 -13.26
C ILE B 63 5.60 -11.70 -12.02
N GLN B 64 6.45 -11.09 -11.23
CA GLN B 64 6.95 -11.74 -10.01
C GLN B 64 6.19 -11.28 -8.78
N HIS B 65 6.20 -9.98 -8.51
CA HIS B 65 5.52 -9.45 -7.34
C HIS B 65 4.47 -8.42 -7.73
N GLY B 66 4.57 -7.88 -8.94
CA GLY B 66 3.62 -6.88 -9.39
C GLY B 66 2.21 -7.42 -9.58
N ILE B 67 2.04 -8.27 -10.57
CA ILE B 67 0.73 -8.84 -10.87
C ILE B 67 0.78 -10.36 -10.86
N HIS B 68 -0.06 -10.96 -10.03
CA HIS B 68 -0.13 -12.42 -9.92
C HIS B 68 -1.05 -12.98 -11.00
N ASP B 69 -1.92 -12.13 -11.53
CA ASP B 69 -2.86 -12.54 -12.58
C ASP B 69 -3.59 -11.33 -13.14
N GLY B 70 -4.24 -10.59 -12.25
CA GLY B 70 -4.97 -9.40 -12.67
C GLY B 70 -5.23 -8.46 -11.51
N LEU B 71 -4.38 -7.47 -11.36
CA LEU B 71 -4.52 -6.51 -10.26
C LEU B 71 -4.28 -5.08 -10.75
N THR B 72 -4.58 -4.13 -9.88
CA THR B 72 -4.42 -2.72 -10.21
C THR B 72 -3.13 -2.15 -9.60
N VAL B 73 -2.43 -1.33 -10.38
CA VAL B 73 -1.21 -0.70 -9.91
C VAL B 73 -1.33 0.82 -10.00
N HIS B 74 -0.54 1.54 -9.21
CA HIS B 74 -0.59 2.99 -9.22
C HIS B 74 0.60 3.59 -9.96
N LEU B 75 0.34 4.60 -10.77
CA LEU B 75 1.41 5.25 -11.52
C LEU B 75 1.93 6.47 -10.76
N VAL B 76 3.23 6.51 -10.52
CA VAL B 76 3.86 7.62 -9.83
C VAL B 76 5.09 8.09 -10.60
N ILE B 77 5.67 9.21 -10.18
CA ILE B 77 6.85 9.76 -10.84
C ILE B 77 7.98 10.00 -9.85
N LYS B 78 7.86 9.40 -8.67
CA LYS B 78 8.86 9.56 -7.62
C LYS B 78 9.99 8.58 -7.81
N LYS A 21 11.86 13.48 12.32
CA LYS A 21 10.71 13.18 13.19
C LYS A 21 9.60 12.53 12.38
N TYR A 22 8.52 12.15 13.05
CA TYR A 22 7.39 11.54 12.38
C TYR A 22 6.30 12.57 12.18
N LEU A 23 5.37 12.30 11.27
CA LEU A 23 4.28 13.21 11.01
C LEU A 23 3.20 13.03 12.07
N VAL A 24 2.80 11.79 12.27
CA VAL A 24 1.79 11.44 13.26
C VAL A 24 2.19 10.14 13.95
N GLU A 25 2.05 10.09 15.26
CA GLU A 25 2.40 8.90 16.04
C GLU A 25 1.36 8.66 17.13
N PHE A 26 1.01 7.39 17.33
CA PHE A 26 0.04 7.03 18.36
C PHE A 26 0.19 5.57 18.76
N ARG A 27 -0.46 5.18 19.84
CA ARG A 27 -0.37 3.81 20.33
C ARG A 27 -1.53 2.97 19.80
N ALA A 28 -1.19 1.90 19.08
CA ALA A 28 -2.20 1.00 18.52
C ALA A 28 -1.58 -0.35 18.19
N GLY A 29 -2.32 -1.41 18.50
CA GLY A 29 -1.85 -2.74 18.23
C GLY A 29 -2.27 -3.20 16.85
N LYS A 30 -1.42 -3.97 16.19
CA LYS A 30 -1.73 -4.46 14.86
C LYS A 30 -2.35 -5.84 14.93
N MET A 31 -2.59 -6.45 13.78
CA MET A 31 -3.15 -7.78 13.71
C MET A 31 -2.44 -8.56 12.62
N SER A 32 -2.34 -9.87 12.77
CA SER A 32 -1.67 -10.70 11.79
C SER A 32 -2.58 -11.82 11.31
N LEU A 33 -2.53 -12.11 10.02
CA LEU A 33 -3.33 -13.18 9.44
C LEU A 33 -2.66 -14.51 9.67
N LYS A 34 -3.16 -15.26 10.65
CA LYS A 34 -2.61 -16.57 10.97
C LYS A 34 -3.45 -17.66 10.32
N GLY A 35 -2.86 -18.35 9.36
CA GLY A 35 -3.57 -19.40 8.65
C GLY A 35 -4.63 -18.84 7.72
N THR A 36 -5.76 -18.48 8.30
CA THR A 36 -6.86 -17.91 7.55
C THR A 36 -7.71 -17.04 8.48
N THR A 37 -7.18 -16.77 9.67
CA THR A 37 -7.89 -15.97 10.66
C THR A 37 -7.03 -14.80 11.15
N VAL A 38 -7.59 -13.60 11.11
CA VAL A 38 -6.88 -12.41 11.56
C VAL A 38 -6.83 -12.39 13.08
N THR A 39 -5.64 -12.52 13.64
CA THR A 39 -5.47 -12.52 15.08
C THR A 39 -4.78 -11.24 15.54
N PRO A 40 -5.41 -10.48 16.44
CA PRO A 40 -4.85 -9.22 16.95
C PRO A 40 -3.57 -9.44 17.76
N ASP A 41 -2.66 -8.48 17.67
CA ASP A 41 -1.41 -8.53 18.40
C ASP A 41 -1.60 -7.90 19.77
N LYS A 42 -1.08 -8.55 20.81
CA LYS A 42 -1.23 -8.06 22.17
C LYS A 42 -0.03 -7.23 22.61
N ARG A 43 0.84 -6.90 21.68
CA ARG A 43 2.02 -6.10 21.99
C ARG A 43 1.71 -4.62 21.81
N LYS A 44 2.35 -3.79 22.62
CA LYS A 44 2.16 -2.34 22.55
C LYS A 44 3.00 -1.77 21.42
N GLY A 45 2.38 -1.54 20.28
CA GLY A 45 3.09 -1.02 19.15
C GLY A 45 2.81 0.45 18.91
N LEU A 46 3.75 1.10 18.26
CA LEU A 46 3.64 2.51 17.94
C LEU A 46 3.41 2.68 16.45
N VAL A 47 2.26 3.23 16.10
CA VAL A 47 1.93 3.47 14.71
C VAL A 47 2.37 4.87 14.32
N TYR A 48 3.28 4.96 13.39
CA TYR A 48 3.78 6.24 12.96
C TYR A 48 3.92 6.32 11.45
N ILE A 49 3.93 7.56 10.96
CA ILE A 49 4.07 7.83 9.54
C ILE A 49 5.17 8.86 9.35
N GLN A 50 6.16 8.54 8.52
CA GLN A 50 7.28 9.44 8.28
C GLN A 50 7.59 9.57 6.80
N GLN A 51 8.07 10.73 6.40
CA GLN A 51 8.43 10.97 5.01
C GLN A 51 9.92 11.30 4.92
N THR A 52 10.64 10.58 4.08
CA THR A 52 12.06 10.80 3.92
C THR A 52 12.38 11.67 2.72
N ASP A 53 13.65 11.76 2.36
CA ASP A 53 14.09 12.57 1.22
C ASP A 53 13.61 11.95 -0.08
N ASP A 54 13.16 10.70 0.00
CA ASP A 54 12.65 9.97 -1.15
C ASP A 54 11.29 10.53 -1.54
N SER A 55 10.75 11.37 -0.67
CA SER A 55 9.44 12.01 -0.87
C SER A 55 8.34 10.96 -0.87
N LEU A 56 8.59 9.87 -0.17
CA LEU A 56 7.65 8.77 -0.08
C LEU A 56 7.11 8.66 1.34
N ILE A 57 5.81 8.47 1.46
CA ILE A 57 5.16 8.33 2.75
C ILE A 57 5.39 6.93 3.30
N HIS A 58 6.07 6.85 4.44
CA HIS A 58 6.36 5.56 5.05
C HIS A 58 5.45 5.29 6.24
N PHE A 59 4.65 4.26 6.10
CA PHE A 59 3.75 3.82 7.15
C PHE A 59 4.34 2.57 7.78
N CYS A 60 4.80 2.68 9.01
CA CYS A 60 5.44 1.54 9.66
C CYS A 60 4.87 1.28 11.05
N TRP A 61 5.12 0.07 11.55
CA TRP A 61 4.68 -0.35 12.87
C TRP A 61 5.90 -0.70 13.70
N LYS A 62 6.20 0.14 14.66
CA LYS A 62 7.36 -0.05 15.52
C LYS A 62 6.95 -0.55 16.89
N ASP A 63 7.56 -1.64 17.33
CA ASP A 63 7.28 -2.19 18.64
C ASP A 63 7.87 -1.29 19.72
N ARG A 64 7.07 -0.93 20.71
CA ARG A 64 7.52 -0.06 21.79
C ARG A 64 8.31 -0.82 22.82
N THR A 65 8.36 -2.13 22.69
CA THR A 65 9.10 -2.96 23.62
C THR A 65 10.55 -3.14 23.17
N SER A 66 10.74 -3.76 22.00
CA SER A 66 12.07 -4.00 21.46
C SER A 66 12.63 -2.78 20.74
N GLY A 67 11.74 -2.00 20.13
CA GLY A 67 12.17 -0.83 19.38
C GLY A 67 12.49 -1.17 17.95
N ASN A 68 11.97 -2.31 17.49
CA ASN A 68 12.20 -2.75 16.12
C ASN A 68 10.99 -2.43 15.24
N VAL A 69 11.25 -2.11 14.00
CA VAL A 69 10.20 -1.81 13.04
C VAL A 69 9.87 -3.05 12.24
N GLU A 70 8.79 -3.72 12.62
CA GLU A 70 8.38 -4.95 11.95
C GLU A 70 7.80 -4.67 10.57
N ASP A 71 6.77 -3.87 10.54
CA ASP A 71 6.10 -3.53 9.29
C ASP A 71 6.53 -2.17 8.80
N ASP A 72 6.70 -2.06 7.49
CA ASP A 72 7.10 -0.81 6.85
C ASP A 72 6.65 -0.83 5.40
N LEU A 73 5.76 0.09 5.05
CA LEU A 73 5.22 0.18 3.70
C LEU A 73 5.20 1.63 3.22
N ILE A 74 5.25 1.81 1.92
CA ILE A 74 5.24 3.14 1.33
C ILE A 74 3.84 3.43 0.76
N ILE A 75 3.12 4.32 1.42
CA ILE A 75 1.77 4.66 1.00
C ILE A 75 1.77 5.73 -0.09
N PHE A 76 0.86 5.61 -1.03
CA PHE A 76 0.74 6.55 -2.12
C PHE A 76 -0.67 7.13 -2.17
N PRO A 77 -0.83 8.38 -2.63
CA PRO A 77 -2.14 9.03 -2.73
C PRO A 77 -3.05 8.33 -3.74
N ASP A 78 -4.36 8.61 -3.61
CA ASP A 78 -5.41 8.03 -4.48
C ASP A 78 -5.33 6.51 -4.53
N ASP A 79 -4.72 5.91 -3.51
CA ASP A 79 -4.58 4.45 -3.49
C ASP A 79 -4.73 3.87 -2.09
N CYS A 80 -5.23 4.64 -1.14
CA CYS A 80 -5.40 4.13 0.23
C CYS A 80 -6.60 4.77 0.92
N GLU A 81 -7.17 4.01 1.86
CA GLU A 81 -8.32 4.46 2.64
C GLU A 81 -8.29 3.82 4.03
N PHE A 82 -8.30 4.66 5.05
CA PHE A 82 -8.27 4.18 6.43
C PHE A 82 -9.61 4.49 7.11
N LYS A 83 -10.34 3.45 7.48
CA LYS A 83 -11.63 3.64 8.13
C LYS A 83 -11.80 2.73 9.34
N ARG A 84 -12.89 2.91 10.06
CA ARG A 84 -13.18 2.12 11.24
C ARG A 84 -14.09 0.94 10.91
N VAL A 85 -14.07 -0.07 11.78
CA VAL A 85 -14.91 -1.24 11.62
C VAL A 85 -16.09 -1.15 12.58
N PRO A 86 -17.27 -0.72 12.09
CA PRO A 86 -18.45 -0.55 12.92
C PRO A 86 -19.08 -1.88 13.33
N GLN A 87 -18.61 -2.96 12.73
CA GLN A 87 -19.13 -4.28 13.04
C GLN A 87 -18.47 -4.84 14.30
N CYS A 88 -17.40 -4.21 14.74
CA CYS A 88 -16.69 -4.66 15.93
C CYS A 88 -17.32 -4.04 17.17
N PRO A 89 -17.62 -4.87 18.19
CA PRO A 89 -18.25 -4.43 19.44
C PRO A 89 -17.47 -3.33 20.16
N SER A 90 -16.14 -3.44 20.16
CA SER A 90 -15.29 -2.45 20.81
C SER A 90 -15.34 -1.12 20.08
N GLY A 91 -15.36 -1.19 18.75
CA GLY A 91 -15.42 0.01 17.94
C GLY A 91 -14.08 0.73 17.86
N ARG A 92 -13.04 0.12 18.41
CA ARG A 92 -11.71 0.73 18.39
C ARG A 92 -10.83 0.06 17.35
N VAL A 93 -11.45 -0.82 16.58
CA VAL A 93 -10.75 -1.53 15.53
C VAL A 93 -10.89 -0.78 14.21
N TYR A 94 -9.76 -0.41 13.64
CA TYR A 94 -9.72 0.31 12.38
C TYR A 94 -9.03 -0.54 11.33
N VAL A 95 -9.24 -0.22 10.07
CA VAL A 95 -8.64 -0.99 8.99
C VAL A 95 -8.16 -0.09 7.85
N LEU A 96 -6.93 -0.33 7.43
CA LEU A 96 -6.32 0.40 6.33
C LEU A 96 -6.30 -0.51 5.11
N LYS A 97 -7.05 -0.14 4.08
CA LYS A 97 -7.11 -0.93 2.88
C LYS A 97 -6.57 -0.16 1.69
N PHE A 98 -5.82 -0.85 0.86
CA PHE A 98 -5.25 -0.25 -0.34
C PHE A 98 -6.32 -0.24 -1.42
N LYS A 99 -6.36 0.81 -2.22
CA LYS A 99 -7.35 0.93 -3.28
C LYS A 99 -6.87 0.26 -4.57
N ALA A 100 -5.79 -0.50 -4.44
CA ALA A 100 -5.22 -1.23 -5.57
C ALA A 100 -4.58 -2.51 -5.04
N GLY A 101 -5.11 -2.98 -3.92
CA GLY A 101 -4.60 -4.18 -3.30
C GLY A 101 -5.62 -4.84 -2.40
N SER A 102 -5.49 -6.14 -2.21
CA SER A 102 -6.41 -6.89 -1.38
C SER A 102 -5.93 -6.94 0.06
N LYS A 103 -4.81 -6.26 0.32
CA LYS A 103 -4.22 -6.21 1.64
C LYS A 103 -5.04 -5.35 2.59
N ARG A 104 -5.40 -5.93 3.74
CA ARG A 104 -6.18 -5.23 4.74
C ARG A 104 -5.42 -5.20 6.07
N LEU A 105 -5.08 -4.01 6.53
CA LEU A 105 -4.35 -3.87 7.79
C LEU A 105 -5.29 -3.48 8.92
N PHE A 106 -5.44 -4.36 9.90
CA PHE A 106 -6.32 -4.11 11.03
C PHE A 106 -5.52 -3.65 12.25
N PHE A 107 -6.02 -2.61 12.93
CA PHE A 107 -5.35 -2.08 14.11
C PHE A 107 -6.36 -1.73 15.19
N TRP A 108 -5.98 -1.88 16.45
CA TRP A 108 -6.85 -1.55 17.56
C TRP A 108 -6.19 -0.45 18.40
N MET A 109 -6.93 0.63 18.63
CA MET A 109 -6.42 1.78 19.38
C MET A 109 -6.04 1.41 20.81
N GLN A 110 -4.87 1.86 21.23
CA GLN A 110 -4.39 1.60 22.58
C GLN A 110 -4.42 2.89 23.40
N GLU A 111 -4.91 3.96 22.78
CA GLU A 111 -5.02 5.25 23.43
C GLU A 111 -5.95 5.17 24.64
N PRO A 112 -5.68 5.92 25.72
CA PRO A 112 -6.50 5.90 26.93
C PRO A 112 -7.94 6.36 26.70
N LYS A 113 -8.12 7.32 25.81
CA LYS A 113 -9.47 7.84 25.54
C LYS A 113 -9.84 7.69 24.07
N THR A 114 -11.13 7.55 23.81
CA THR A 114 -11.65 7.39 22.46
C THR A 114 -11.91 8.74 21.81
N ASP A 115 -11.71 9.79 22.57
CA ASP A 115 -11.93 11.16 22.08
C ASP A 115 -10.99 11.50 20.95
N GLN A 116 -9.87 10.80 20.87
CA GLN A 116 -8.87 11.07 19.83
C GLN A 116 -8.78 9.91 18.84
N ASP A 117 -9.76 9.02 18.85
CA ASP A 117 -9.77 7.88 17.94
C ASP A 117 -10.02 8.34 16.50
N GLU A 118 -11.20 8.93 16.28
CA GLU A 118 -11.58 9.42 14.95
C GLU A 118 -10.62 10.50 14.46
N GLU A 119 -10.16 11.35 15.36
CA GLU A 119 -9.24 12.43 14.99
C GLU A 119 -7.93 11.85 14.44
N HIS A 120 -7.45 10.77 15.05
CA HIS A 120 -6.22 10.14 14.60
C HIS A 120 -6.44 9.50 13.24
N CYS A 121 -7.62 8.90 13.07
CA CYS A 121 -7.98 8.27 11.81
C CYS A 121 -8.00 9.32 10.70
N ARG A 122 -8.52 10.49 11.04
CA ARG A 122 -8.61 11.61 10.12
C ARG A 122 -7.21 12.04 9.68
N LYS A 123 -6.34 12.25 10.66
CA LYS A 123 -4.96 12.66 10.39
C LYS A 123 -4.24 11.63 9.51
N VAL A 124 -4.50 10.36 9.76
CA VAL A 124 -3.89 9.29 8.97
C VAL A 124 -4.26 9.44 7.50
N ASN A 125 -5.55 9.51 7.23
CA ASN A 125 -6.05 9.66 5.87
C ASN A 125 -5.50 10.93 5.22
N GLU A 126 -5.45 12.00 6.00
CA GLU A 126 -4.97 13.29 5.53
C GLU A 126 -3.53 13.23 5.01
N TYR A 127 -2.63 12.67 5.81
CA TYR A 127 -1.22 12.59 5.43
C TYR A 127 -0.96 11.53 4.37
N LEU A 128 -1.71 10.44 4.40
CA LEU A 128 -1.51 9.36 3.43
C LEU A 128 -1.94 9.77 2.02
N ASN A 129 -3.05 10.50 1.91
CA ASN A 129 -3.56 10.90 0.61
C ASN A 129 -3.09 12.30 0.20
N ASN A 130 -2.67 13.10 1.18
CA ASN A 130 -2.22 14.45 0.89
C ASN A 130 -0.76 14.61 1.30
N ALA B 1 7.06 -21.12 -33.06
CA ALA B 1 7.71 -21.27 -31.74
C ALA B 1 6.85 -20.66 -30.64
N PRO B 2 6.34 -21.50 -29.72
CA PRO B 2 5.52 -21.05 -28.60
C PRO B 2 6.28 -20.09 -27.69
N ALA B 3 5.65 -18.96 -27.36
CA ALA B 3 6.30 -17.97 -26.52
C ALA B 3 5.46 -17.65 -25.29
N GLU B 4 4.80 -18.67 -24.74
CA GLU B 4 3.95 -18.52 -23.55
C GLU B 4 2.93 -17.40 -23.75
N PRO B 5 1.82 -17.70 -24.45
CA PRO B 5 0.77 -16.71 -24.74
C PRO B 5 -0.13 -16.42 -23.54
N LYS B 6 0.44 -16.46 -22.35
CA LYS B 6 -0.32 -16.18 -21.15
C LYS B 6 -0.26 -14.69 -20.84
N ILE B 7 -1.25 -13.96 -21.32
CA ILE B 7 -1.33 -12.53 -21.11
C ILE B 7 -2.00 -12.21 -19.78
N ILE B 8 -1.44 -11.28 -19.05
CA ILE B 8 -2.00 -10.88 -17.77
C ILE B 8 -2.74 -9.56 -17.92
N LYS B 9 -3.86 -9.45 -17.23
CA LYS B 9 -4.66 -8.24 -17.29
C LYS B 9 -4.29 -7.29 -16.16
N VAL B 10 -3.34 -6.41 -16.44
CA VAL B 10 -2.88 -5.45 -15.46
C VAL B 10 -3.60 -4.12 -15.64
N THR B 11 -4.30 -3.69 -14.60
CA THR B 11 -5.03 -2.44 -14.62
C THR B 11 -4.18 -1.34 -14.00
N VAL B 12 -3.90 -0.28 -14.75
CA VAL B 12 -3.08 0.81 -14.28
C VAL B 12 -3.91 2.04 -13.94
N LYS B 13 -3.75 2.54 -12.72
CA LYS B 13 -4.45 3.72 -12.27
C LYS B 13 -3.58 4.95 -12.53
N THR B 14 -4.17 5.97 -13.13
CA THR B 14 -3.44 7.19 -13.43
C THR B 14 -4.20 8.41 -12.93
N PRO B 15 -3.54 9.57 -12.81
CA PRO B 15 -4.19 10.81 -12.36
C PRO B 15 -5.07 11.38 -13.46
N LYS B 16 -5.87 10.52 -14.07
CA LYS B 16 -6.74 10.91 -15.17
C LYS B 16 -7.83 9.87 -15.35
N GLU B 17 -7.44 8.60 -15.40
CA GLU B 17 -8.39 7.51 -15.57
C GLU B 17 -7.75 6.19 -15.15
N LYS B 18 -8.38 5.09 -15.55
CA LYS B 18 -7.88 3.75 -15.23
C LYS B 18 -7.92 2.89 -16.48
N GLU B 19 -6.76 2.65 -17.06
CA GLU B 19 -6.67 1.84 -18.27
C GLU B 19 -6.10 0.46 -17.96
N GLU B 20 -6.39 -0.50 -18.82
CA GLU B 20 -5.90 -1.86 -18.63
C GLU B 20 -4.98 -2.25 -19.78
N PHE B 21 -3.88 -2.91 -19.46
CA PHE B 21 -2.92 -3.35 -20.45
C PHE B 21 -2.97 -4.87 -20.58
N ALA B 22 -2.35 -5.38 -21.63
CA ALA B 22 -2.30 -6.83 -21.88
C ALA B 22 -0.90 -7.25 -22.30
N VAL B 23 -0.12 -7.74 -21.35
CA VAL B 23 1.24 -8.17 -21.63
C VAL B 23 1.45 -9.63 -21.21
N PRO B 24 2.28 -10.37 -21.96
CA PRO B 24 2.58 -11.77 -21.65
C PRO B 24 3.35 -11.93 -20.34
N GLU B 25 3.11 -13.06 -19.69
CA GLU B 25 3.73 -13.40 -18.40
C GLU B 25 5.24 -13.63 -18.51
N ASN B 26 5.79 -13.60 -19.71
CA ASN B 26 7.22 -13.82 -19.89
C ASN B 26 7.93 -12.56 -20.38
N SER B 27 7.45 -11.40 -19.94
CA SER B 27 8.07 -10.13 -20.32
C SER B 27 8.59 -9.39 -19.09
N SER B 28 9.67 -8.66 -19.26
CA SER B 28 10.29 -7.91 -18.17
C SER B 28 9.57 -6.58 -17.92
N VAL B 29 9.99 -5.87 -16.88
CA VAL B 29 9.37 -4.61 -16.50
C VAL B 29 9.71 -3.49 -17.48
N GLN B 30 10.96 -3.47 -17.95
CA GLN B 30 11.42 -2.45 -18.89
C GLN B 30 10.49 -2.35 -20.10
N GLN B 31 10.13 -3.50 -20.65
CA GLN B 31 9.24 -3.55 -21.81
C GLN B 31 7.90 -2.92 -21.51
N PHE B 32 7.37 -3.20 -20.31
CA PHE B 32 6.09 -2.67 -19.88
C PHE B 32 6.16 -1.16 -19.66
N LYS B 33 7.23 -0.72 -19.01
CA LYS B 33 7.41 0.70 -18.74
C LYS B 33 7.45 1.51 -20.03
N GLU B 34 8.32 1.11 -20.95
CA GLU B 34 8.45 1.80 -22.22
C GLU B 34 7.15 1.72 -23.02
N ALA B 35 6.37 0.66 -22.78
CA ALA B 35 5.10 0.49 -23.47
C ALA B 35 4.12 1.56 -23.04
N ILE B 36 4.00 1.76 -21.72
CA ILE B 36 3.10 2.77 -21.18
C ILE B 36 3.46 4.16 -21.70
N SER B 37 4.75 4.43 -21.79
CA SER B 37 5.24 5.71 -22.28
C SER B 37 4.80 5.96 -23.72
N LYS B 38 4.83 4.91 -24.53
CA LYS B 38 4.46 5.01 -25.93
C LYS B 38 2.95 5.10 -26.12
N ARG B 39 2.20 4.51 -25.19
CA ARG B 39 0.74 4.52 -25.29
C ARG B 39 0.11 5.72 -24.58
N PHE B 40 0.48 5.95 -23.33
CA PHE B 40 -0.09 7.05 -22.55
C PHE B 40 0.62 8.37 -22.81
N LYS B 41 1.90 8.29 -23.19
CA LYS B 41 2.71 9.47 -23.46
C LYS B 41 2.86 10.33 -22.20
N SER B 42 3.86 10.01 -21.40
CA SER B 42 4.10 10.75 -20.17
C SER B 42 5.59 10.79 -19.83
N GLN B 43 6.11 9.68 -19.31
CA GLN B 43 7.52 9.57 -18.96
C GLN B 43 7.91 8.11 -18.90
N THR B 44 9.19 7.84 -18.72
CA THR B 44 9.67 6.46 -18.65
C THR B 44 10.61 6.25 -17.45
N ASP B 45 11.49 7.21 -17.24
CA ASP B 45 12.45 7.13 -16.15
C ASP B 45 11.78 7.30 -14.79
N GLN B 46 11.07 8.41 -14.62
CA GLN B 46 10.41 8.70 -13.35
C GLN B 46 9.08 7.95 -13.20
N LEU B 47 8.56 7.41 -14.30
CA LEU B 47 7.30 6.68 -14.25
C LEU B 47 7.51 5.36 -13.54
N VAL B 48 6.85 5.20 -12.41
CA VAL B 48 6.97 3.99 -11.60
C VAL B 48 5.61 3.43 -11.22
N LEU B 49 5.47 2.12 -11.28
CA LEU B 49 4.22 1.46 -10.90
C LEU B 49 4.24 1.15 -9.41
N ILE B 50 3.10 0.76 -8.85
CA ILE B 50 3.02 0.49 -7.41
C ILE B 50 2.23 -0.78 -7.11
N PHE B 51 2.72 -1.57 -6.17
CA PHE B 51 2.08 -2.80 -5.73
C PHE B 51 1.77 -2.73 -4.23
N ALA B 52 0.77 -1.93 -3.89
CA ALA B 52 0.30 -1.77 -2.51
C ALA B 52 1.45 -1.51 -1.52
N GLY B 53 2.01 -0.31 -1.56
CA GLY B 53 3.09 0.04 -0.65
C GLY B 53 4.47 -0.33 -1.17
N LYS B 54 4.53 -0.93 -2.35
CA LYS B 54 5.80 -1.33 -2.94
C LYS B 54 5.97 -0.75 -4.33
N ILE B 55 7.15 -0.20 -4.61
CA ILE B 55 7.44 0.39 -5.91
C ILE B 55 7.77 -0.69 -6.93
N LEU B 56 7.20 -0.57 -8.11
CA LEU B 56 7.43 -1.52 -9.18
C LEU B 56 8.38 -0.91 -10.20
N LYS B 57 9.62 -1.35 -10.17
CA LYS B 57 10.64 -0.85 -11.07
C LYS B 57 11.37 -2.02 -11.72
N ASP B 58 12.54 -1.74 -12.29
CA ASP B 58 13.33 -2.79 -12.94
C ASP B 58 14.02 -3.66 -11.88
N GLN B 59 13.93 -3.23 -10.63
CA GLN B 59 14.51 -3.96 -9.51
C GLN B 59 13.77 -5.28 -9.31
N ASP B 60 12.46 -5.18 -9.27
CA ASP B 60 11.61 -6.34 -9.11
C ASP B 60 11.00 -6.72 -10.46
N THR B 61 9.95 -7.53 -10.45
CA THR B 61 9.31 -7.94 -11.68
C THR B 61 7.79 -7.93 -11.55
N LEU B 62 7.14 -7.24 -12.49
CA LEU B 62 5.69 -7.12 -12.51
C LEU B 62 5.02 -8.49 -12.58
N ILE B 63 5.48 -9.33 -13.50
CA ILE B 63 4.90 -10.66 -13.68
C ILE B 63 5.29 -11.63 -12.56
N GLN B 64 6.05 -11.16 -11.60
CA GLN B 64 6.50 -12.02 -10.51
C GLN B 64 5.84 -11.64 -9.18
N HIS B 65 5.86 -10.36 -8.85
CA HIS B 65 5.28 -9.92 -7.58
C HIS B 65 4.09 -8.98 -7.78
N GLY B 66 4.23 -8.02 -8.69
CA GLY B 66 3.18 -7.05 -8.95
C GLY B 66 1.87 -7.66 -9.41
N ILE B 67 1.85 -8.20 -10.61
CA ILE B 67 0.64 -8.79 -11.16
C ILE B 67 0.82 -10.30 -11.34
N HIS B 68 0.07 -11.06 -10.55
CA HIS B 68 0.14 -12.51 -10.63
C HIS B 68 -0.81 -13.02 -11.70
N ASP B 69 -1.85 -12.24 -11.96
CA ASP B 69 -2.85 -12.59 -12.98
C ASP B 69 -3.63 -11.35 -13.38
N GLY B 70 -4.22 -10.70 -12.39
CA GLY B 70 -5.00 -9.50 -12.64
C GLY B 70 -5.13 -8.65 -11.40
N LEU B 71 -4.40 -7.55 -11.35
CA LEU B 71 -4.44 -6.64 -10.21
C LEU B 71 -4.34 -5.19 -10.68
N THR B 72 -4.37 -4.27 -9.73
CA THR B 72 -4.30 -2.84 -10.05
C THR B 72 -3.01 -2.22 -9.52
N VAL B 73 -2.45 -1.29 -10.27
CA VAL B 73 -1.22 -0.61 -9.87
C VAL B 73 -1.38 0.91 -9.98
N HIS B 74 -0.51 1.65 -9.30
CA HIS B 74 -0.55 3.10 -9.33
C HIS B 74 0.58 3.64 -10.20
N LEU B 75 0.42 4.85 -10.72
CA LEU B 75 1.42 5.47 -11.57
C LEU B 75 1.92 6.79 -10.97
N VAL B 76 3.16 6.80 -10.48
CA VAL B 76 3.74 8.00 -9.87
C VAL B 76 5.05 8.36 -10.55
N ILE B 77 5.66 9.46 -10.09
CA ILE B 77 6.92 9.92 -10.64
C ILE B 77 7.95 10.13 -9.54
N LYS B 78 8.32 9.03 -8.89
CA LYS B 78 9.29 9.08 -7.80
C LYS B 78 10.43 8.10 -8.05
N LYS A 21 11.61 13.28 12.43
CA LYS A 21 10.44 13.04 13.30
C LYS A 21 9.29 12.47 12.48
N TYR A 22 8.15 12.24 13.12
CA TYR A 22 6.99 11.70 12.43
C TYR A 22 5.91 12.75 12.27
N LEU A 23 5.13 12.64 11.21
CA LEU A 23 4.05 13.57 10.95
C LEU A 23 2.89 13.31 11.90
N VAL A 24 2.54 12.03 12.02
CA VAL A 24 1.47 11.58 12.90
C VAL A 24 1.95 10.37 13.68
N GLU A 25 1.61 10.30 14.97
CA GLU A 25 2.02 9.17 15.80
C GLU A 25 0.99 8.90 16.89
N PHE A 26 0.73 7.63 17.13
CA PHE A 26 -0.22 7.22 18.16
C PHE A 26 0.01 5.75 18.54
N ARG A 27 -0.52 5.35 19.69
CA ARG A 27 -0.36 3.99 20.17
C ARG A 27 -1.47 3.08 19.64
N ALA A 28 -1.06 2.04 18.93
CA ALA A 28 -2.01 1.08 18.35
C ALA A 28 -1.34 -0.26 18.12
N GLY A 29 -2.10 -1.33 18.34
CA GLY A 29 -1.58 -2.66 18.16
C GLY A 29 -1.86 -3.21 16.77
N LYS A 30 -1.00 -4.10 16.30
CA LYS A 30 -1.14 -4.70 14.98
C LYS A 30 -1.88 -6.03 15.07
N MET A 31 -2.12 -6.65 13.92
CA MET A 31 -2.80 -7.94 13.86
C MET A 31 -2.09 -8.82 12.82
N SER A 32 -1.88 -10.07 13.17
CA SER A 32 -1.20 -11.01 12.29
C SER A 32 -2.18 -12.04 11.72
N LEU A 33 -2.03 -12.35 10.44
CA LEU A 33 -2.89 -13.32 9.78
C LEU A 33 -2.29 -14.73 9.90
N LYS A 34 -2.78 -15.50 10.86
CA LYS A 34 -2.30 -16.85 11.06
C LYS A 34 -3.14 -17.83 10.27
N GLY A 35 -2.59 -18.32 9.17
CA GLY A 35 -3.29 -19.26 8.32
C GLY A 35 -4.38 -18.57 7.52
N THR A 36 -5.51 -18.34 8.16
CA THR A 36 -6.64 -17.69 7.51
C THR A 36 -7.45 -16.92 8.55
N THR A 37 -6.91 -16.82 9.76
CA THR A 37 -7.58 -16.13 10.84
C THR A 37 -6.74 -14.96 11.34
N VAL A 38 -7.33 -13.77 11.36
CA VAL A 38 -6.63 -12.58 11.82
C VAL A 38 -6.56 -12.58 13.34
N THR A 39 -5.35 -12.69 13.87
CA THR A 39 -5.14 -12.71 15.30
C THR A 39 -4.44 -11.42 15.76
N PRO A 40 -5.12 -10.61 16.58
CA PRO A 40 -4.56 -9.35 17.08
C PRO A 40 -3.35 -9.56 17.99
N ASP A 41 -2.37 -8.69 17.87
CA ASP A 41 -1.17 -8.76 18.69
C ASP A 41 -1.47 -8.17 20.07
N LYS A 42 -0.70 -8.56 21.07
CA LYS A 42 -0.92 -8.06 22.42
C LYS A 42 0.20 -7.11 22.84
N ARG A 43 1.07 -6.78 21.89
CA ARG A 43 2.18 -5.89 22.17
C ARG A 43 1.81 -4.44 21.90
N LYS A 44 2.44 -3.53 22.63
CA LYS A 44 2.20 -2.12 22.46
C LYS A 44 3.01 -1.61 21.28
N GLY A 45 2.34 -1.14 20.25
CA GLY A 45 3.03 -0.66 19.08
C GLY A 45 2.80 0.80 18.81
N LEU A 46 3.75 1.42 18.14
CA LEU A 46 3.66 2.83 17.81
C LEU A 46 3.46 3.00 16.32
N VAL A 47 2.26 3.41 15.93
CA VAL A 47 1.95 3.65 14.54
C VAL A 47 2.29 5.09 14.19
N TYR A 48 3.15 5.29 13.21
CA TYR A 48 3.55 6.63 12.83
C TYR A 48 3.70 6.76 11.32
N ILE A 49 3.52 7.99 10.87
CA ILE A 49 3.65 8.32 9.46
C ILE A 49 4.87 9.20 9.26
N GLN A 50 5.86 8.72 8.53
CA GLN A 50 7.07 9.49 8.32
C GLN A 50 7.39 9.61 6.82
N GLN A 51 7.89 10.76 6.42
CA GLN A 51 8.23 11.00 5.03
C GLN A 51 9.74 11.00 4.88
N THR A 52 10.25 10.16 3.99
CA THR A 52 11.68 10.08 3.76
C THR A 52 12.13 11.17 2.79
N ASP A 53 13.45 11.34 2.67
CA ASP A 53 14.01 12.35 1.77
C ASP A 53 13.66 12.04 0.32
N ASP A 54 13.24 10.82 0.06
CA ASP A 54 12.86 10.40 -1.29
C ASP A 54 11.47 10.92 -1.63
N SER A 55 10.89 11.69 -0.72
CA SER A 55 9.56 12.27 -0.88
C SER A 55 8.51 11.16 -0.93
N LEU A 56 8.70 10.16 -0.07
CA LEU A 56 7.80 9.03 0.00
C LEU A 56 7.25 8.87 1.42
N ILE A 57 5.95 8.67 1.52
CA ILE A 57 5.30 8.47 2.80
C ILE A 57 5.49 7.03 3.28
N HIS A 58 6.06 6.87 4.46
CA HIS A 58 6.30 5.54 5.00
C HIS A 58 5.40 5.25 6.19
N PHE A 59 4.68 4.14 6.09
CA PHE A 59 3.81 3.68 7.15
C PHE A 59 4.52 2.53 7.86
N CYS A 60 5.08 2.82 9.02
CA CYS A 60 5.83 1.81 9.75
C CYS A 60 5.28 1.57 11.15
N TRP A 61 5.43 0.34 11.62
CA TRP A 61 4.99 -0.06 12.94
C TRP A 61 6.22 -0.36 13.79
N LYS A 62 6.44 0.46 14.81
CA LYS A 62 7.60 0.27 15.67
C LYS A 62 7.21 -0.36 17.00
N ASP A 63 7.95 -1.37 17.40
CA ASP A 63 7.72 -2.07 18.66
C ASP A 63 8.18 -1.17 19.81
N ARG A 64 7.45 -1.19 20.92
CA ARG A 64 7.80 -0.34 22.05
C ARG A 64 8.70 -1.05 23.07
N THR A 65 9.09 -2.28 22.78
CA THR A 65 9.96 -3.03 23.68
C THR A 65 11.38 -3.07 23.14
N SER A 66 11.53 -3.58 21.93
CA SER A 66 12.83 -3.69 21.29
C SER A 66 13.16 -2.40 20.52
N GLY A 67 12.13 -1.72 20.07
CA GLY A 67 12.32 -0.50 19.31
C GLY A 67 12.59 -0.76 17.85
N ASN A 68 12.27 -1.98 17.43
CA ASN A 68 12.50 -2.38 16.04
C ASN A 68 11.27 -2.07 15.20
N VAL A 69 11.51 -1.76 13.93
CA VAL A 69 10.44 -1.43 13.00
C VAL A 69 10.08 -2.66 12.17
N GLU A 70 8.98 -3.31 12.55
CA GLU A 70 8.53 -4.53 11.87
C GLU A 70 7.95 -4.21 10.50
N ASP A 71 6.83 -3.50 10.51
CA ASP A 71 6.14 -3.16 9.27
C ASP A 71 6.66 -1.87 8.67
N ASP A 72 6.68 -1.83 7.35
CA ASP A 72 7.14 -0.66 6.60
C ASP A 72 6.57 -0.70 5.19
N LEU A 73 5.66 0.22 4.90
CA LEU A 73 5.05 0.29 3.58
C LEU A 73 5.03 1.72 3.07
N ILE A 74 5.17 1.89 1.76
CA ILE A 74 5.16 3.22 1.17
C ILE A 74 3.72 3.59 0.79
N ILE A 75 3.19 4.60 1.45
CA ILE A 75 1.81 5.02 1.23
C ILE A 75 1.71 6.06 0.11
N PHE A 76 0.68 5.94 -0.71
CA PHE A 76 0.43 6.86 -1.81
C PHE A 76 -1.05 7.26 -1.82
N PRO A 77 -1.38 8.48 -2.26
CA PRO A 77 -2.77 8.95 -2.32
C PRO A 77 -3.57 8.25 -3.42
N ASP A 78 -4.83 8.67 -3.57
CA ASP A 78 -5.76 8.13 -4.58
C ASP A 78 -5.81 6.61 -4.54
N ASP A 79 -5.64 6.02 -3.35
CA ASP A 79 -5.64 4.57 -3.22
C ASP A 79 -5.91 4.13 -1.79
N CYS A 80 -5.12 4.65 -0.87
CA CYS A 80 -5.24 4.30 0.54
C CYS A 80 -6.53 4.80 1.17
N GLU A 81 -7.15 3.94 1.98
CA GLU A 81 -8.39 4.26 2.66
C GLU A 81 -8.37 3.70 4.08
N PHE A 82 -8.50 4.57 5.07
CA PHE A 82 -8.50 4.16 6.47
C PHE A 82 -9.86 4.47 7.09
N LYS A 83 -10.31 3.60 8.01
CA LYS A 83 -11.60 3.79 8.67
C LYS A 83 -11.73 2.88 9.88
N ARG A 84 -12.84 3.05 10.61
CA ARG A 84 -13.11 2.25 11.80
C ARG A 84 -14.18 1.21 11.49
N VAL A 85 -14.06 0.03 12.09
CA VAL A 85 -15.02 -1.05 11.89
C VAL A 85 -16.24 -0.85 12.78
N PRO A 86 -17.41 -0.57 12.19
CA PRO A 86 -18.65 -0.35 12.95
C PRO A 86 -19.27 -1.64 13.48
N GLN A 87 -18.86 -2.77 12.91
CA GLN A 87 -19.38 -4.07 13.32
C GLN A 87 -18.53 -4.70 14.42
N CYS A 88 -18.09 -3.88 15.36
CA CYS A 88 -17.26 -4.34 16.46
C CYS A 88 -17.75 -3.77 17.79
N PRO A 89 -17.91 -4.61 18.82
CA PRO A 89 -18.38 -4.18 20.14
C PRO A 89 -17.38 -3.27 20.86
N SER A 90 -16.10 -3.43 20.52
CA SER A 90 -15.05 -2.63 21.12
C SER A 90 -15.11 -1.19 20.63
N GLY A 91 -15.43 -1.02 19.35
CA GLY A 91 -15.53 0.31 18.77
C GLY A 91 -14.17 1.00 18.62
N ARG A 92 -13.09 0.24 18.79
CA ARG A 92 -11.75 0.79 18.67
C ARG A 92 -10.93 0.03 17.64
N VAL A 93 -11.60 -0.83 16.89
CA VAL A 93 -10.94 -1.61 15.85
C VAL A 93 -10.98 -0.85 14.54
N TYR A 94 -9.81 -0.58 13.98
CA TYR A 94 -9.69 0.16 12.73
C TYR A 94 -9.15 -0.75 11.64
N VAL A 95 -9.42 -0.39 10.39
CA VAL A 95 -8.97 -1.19 9.26
C VAL A 95 -8.40 -0.31 8.15
N LEU A 96 -7.27 -0.74 7.60
CA LEU A 96 -6.61 -0.05 6.50
C LEU A 96 -6.87 -0.81 5.22
N LYS A 97 -7.36 -0.11 4.19
CA LYS A 97 -7.68 -0.76 2.92
C LYS A 97 -6.91 -0.17 1.76
N PHE A 98 -6.45 -1.04 0.86
CA PHE A 98 -5.73 -0.64 -0.33
C PHE A 98 -6.62 -0.91 -1.54
N LYS A 99 -6.55 -0.05 -2.54
CA LYS A 99 -7.37 -0.21 -3.73
C LYS A 99 -6.53 -0.71 -4.91
N ALA A 100 -5.31 -1.08 -4.62
CA ALA A 100 -4.39 -1.60 -5.62
C ALA A 100 -3.86 -2.97 -5.19
N GLY A 101 -4.65 -4.00 -5.43
CA GLY A 101 -4.26 -5.34 -5.05
C GLY A 101 -5.15 -5.92 -3.97
N SER A 102 -4.55 -6.65 -3.03
CA SER A 102 -5.29 -7.27 -1.95
C SER A 102 -4.51 -7.17 -0.64
N LYS A 103 -4.67 -6.06 0.08
CA LYS A 103 -3.98 -5.86 1.33
C LYS A 103 -4.94 -5.32 2.39
N ARG A 104 -5.33 -6.18 3.32
CA ARG A 104 -6.26 -5.80 4.38
C ARG A 104 -5.58 -5.88 5.74
N LEU A 105 -5.28 -4.73 6.33
CA LEU A 105 -4.62 -4.68 7.63
C LEU A 105 -5.56 -4.14 8.69
N PHE A 106 -5.50 -4.71 9.89
CA PHE A 106 -6.34 -4.28 11.00
C PHE A 106 -5.49 -3.78 12.16
N PHE A 107 -5.97 -2.74 12.84
CA PHE A 107 -5.26 -2.16 13.97
C PHE A 107 -6.24 -1.76 15.07
N TRP A 108 -5.81 -1.85 16.32
CA TRP A 108 -6.66 -1.48 17.43
C TRP A 108 -5.99 -0.39 18.26
N MET A 109 -6.76 0.62 18.63
CA MET A 109 -6.25 1.76 19.39
C MET A 109 -5.80 1.34 20.79
N GLN A 110 -4.60 1.76 21.17
CA GLN A 110 -4.06 1.45 22.49
C GLN A 110 -4.00 2.72 23.33
N GLU A 111 -4.60 3.78 22.80
CA GLU A 111 -4.65 5.06 23.48
C GLU A 111 -5.56 4.98 24.71
N PRO A 112 -5.20 5.64 25.81
CA PRO A 112 -6.00 5.61 27.05
C PRO A 112 -7.30 6.40 26.93
N LYS A 113 -7.43 7.19 25.87
CA LYS A 113 -8.63 8.00 25.67
C LYS A 113 -9.23 7.75 24.29
N THR A 114 -10.54 7.54 24.27
CA THR A 114 -11.26 7.31 23.02
C THR A 114 -11.63 8.63 22.38
N ASP A 115 -11.44 9.71 23.14
CA ASP A 115 -11.74 11.07 22.71
C ASP A 115 -10.92 11.49 21.48
N GLN A 116 -9.83 10.78 21.21
CA GLN A 116 -8.98 11.10 20.07
C GLN A 116 -8.90 9.94 19.08
N ASP A 117 -9.85 9.01 19.18
CA ASP A 117 -9.86 7.84 18.30
C ASP A 117 -10.15 8.25 16.87
N GLU A 118 -11.34 8.78 16.64
CA GLU A 118 -11.75 9.19 15.30
C GLU A 118 -10.87 10.34 14.80
N GLU A 119 -10.43 11.18 15.71
CA GLU A 119 -9.57 12.31 15.36
C GLU A 119 -8.26 11.79 14.76
N HIS A 120 -7.70 10.75 15.39
CA HIS A 120 -6.46 10.16 14.91
C HIS A 120 -6.67 9.56 13.53
N CYS A 121 -7.84 8.96 13.33
CA CYS A 121 -8.21 8.35 12.07
C CYS A 121 -8.26 9.38 10.95
N ARG A 122 -8.86 10.53 11.25
CA ARG A 122 -8.98 11.61 10.27
C ARG A 122 -7.60 12.13 9.88
N LYS A 123 -6.72 12.28 10.87
CA LYS A 123 -5.37 12.74 10.62
C LYS A 123 -4.66 11.82 9.64
N VAL A 124 -4.77 10.52 9.89
CA VAL A 124 -4.15 9.51 9.04
C VAL A 124 -4.67 9.62 7.61
N ASN A 125 -5.99 9.65 7.46
CA ASN A 125 -6.62 9.73 6.14
C ASN A 125 -6.18 10.97 5.38
N GLU A 126 -6.14 12.10 6.07
CA GLU A 126 -5.76 13.36 5.47
C GLU A 126 -4.29 13.38 5.04
N TYR A 127 -3.40 12.96 5.92
CA TYR A 127 -1.97 12.96 5.63
C TYR A 127 -1.57 11.93 4.58
N LEU A 128 -2.28 10.81 4.54
CA LEU A 128 -1.96 9.76 3.58
C LEU A 128 -2.47 10.08 2.19
N ASN A 129 -3.51 10.89 2.10
CA ASN A 129 -4.09 11.24 0.80
C ASN A 129 -3.62 12.60 0.30
N ASN A 130 -3.36 13.52 1.21
CA ASN A 130 -2.93 14.86 0.81
C ASN A 130 -1.45 15.07 1.11
N ALA B 1 6.44 -22.40 -33.40
CA ALA B 1 7.05 -22.19 -32.08
C ALA B 1 6.15 -21.36 -31.18
N PRO B 2 5.75 -21.90 -30.02
CA PRO B 2 4.89 -21.20 -29.08
C PRO B 2 5.63 -20.08 -28.34
N ALA B 3 4.90 -19.05 -27.94
CA ALA B 3 5.49 -17.93 -27.23
C ALA B 3 4.74 -17.67 -25.94
N GLU B 4 4.05 -18.71 -25.45
CA GLU B 4 3.26 -18.64 -24.23
C GLU B 4 2.14 -17.61 -24.35
N PRO B 5 0.97 -18.02 -24.83
CA PRO B 5 -0.19 -17.13 -25.01
C PRO B 5 -0.86 -16.75 -23.68
N LYS B 6 -0.04 -16.60 -22.66
CA LYS B 6 -0.53 -16.25 -21.34
C LYS B 6 -0.47 -14.75 -21.15
N ILE B 7 -1.56 -14.09 -21.48
CA ILE B 7 -1.64 -12.64 -21.36
C ILE B 7 -2.31 -12.27 -20.03
N ILE B 8 -1.68 -11.37 -19.29
CA ILE B 8 -2.21 -10.92 -18.01
C ILE B 8 -2.85 -9.54 -18.16
N LYS B 9 -3.81 -9.24 -17.29
CA LYS B 9 -4.49 -7.97 -17.32
C LYS B 9 -3.99 -7.06 -16.20
N VAL B 10 -3.34 -5.98 -16.58
CA VAL B 10 -2.79 -5.04 -15.61
C VAL B 10 -3.47 -3.68 -15.74
N THR B 11 -4.20 -3.29 -14.70
CA THR B 11 -4.88 -2.01 -14.72
C THR B 11 -4.03 -0.93 -14.07
N VAL B 12 -3.55 0.01 -14.89
CA VAL B 12 -2.71 1.08 -14.42
C VAL B 12 -3.54 2.30 -14.03
N LYS B 13 -3.45 2.68 -12.77
CA LYS B 13 -4.17 3.84 -12.27
C LYS B 13 -3.32 5.08 -12.45
N THR B 14 -3.85 6.09 -13.11
CA THR B 14 -3.12 7.32 -13.34
C THR B 14 -3.95 8.52 -12.90
N PRO B 15 -3.31 9.70 -12.72
CA PRO B 15 -4.00 10.94 -12.32
C PRO B 15 -4.79 11.52 -13.50
N LYS B 16 -5.61 10.67 -14.11
CA LYS B 16 -6.40 11.05 -15.26
C LYS B 16 -7.44 9.98 -15.56
N GLU B 17 -6.96 8.74 -15.72
CA GLU B 17 -7.83 7.62 -16.01
C GLU B 17 -7.26 6.32 -15.43
N LYS B 18 -7.88 5.21 -15.76
CA LYS B 18 -7.46 3.90 -15.30
C LYS B 18 -7.52 2.91 -16.46
N GLU B 19 -6.46 2.88 -17.26
CA GLU B 19 -6.41 2.02 -18.43
C GLU B 19 -5.81 0.66 -18.08
N GLU B 20 -6.31 -0.38 -18.71
CA GLU B 20 -5.83 -1.73 -18.49
C GLU B 20 -5.06 -2.22 -19.71
N PHE B 21 -3.90 -2.79 -19.48
CA PHE B 21 -3.07 -3.29 -20.56
C PHE B 21 -3.08 -4.81 -20.59
N ALA B 22 -2.61 -5.37 -21.69
CA ALA B 22 -2.55 -6.81 -21.87
C ALA B 22 -1.17 -7.22 -22.35
N VAL B 23 -0.35 -7.71 -21.42
CA VAL B 23 1.00 -8.12 -21.76
C VAL B 23 1.21 -9.59 -21.43
N PRO B 24 2.09 -10.27 -22.18
CA PRO B 24 2.40 -11.68 -21.95
C PRO B 24 3.13 -11.92 -20.63
N GLU B 25 2.89 -13.09 -20.06
CA GLU B 25 3.50 -13.48 -18.79
C GLU B 25 5.02 -13.62 -18.93
N ASN B 26 5.48 -13.91 -20.12
CA ASN B 26 6.90 -14.06 -20.39
C ASN B 26 7.50 -12.77 -20.95
N SER B 27 7.50 -11.73 -20.12
CA SER B 27 8.05 -10.45 -20.53
C SER B 27 8.61 -9.70 -19.33
N SER B 28 9.56 -8.82 -19.58
CA SER B 28 10.17 -8.03 -18.53
C SER B 28 9.47 -6.68 -18.39
N VAL B 29 9.56 -6.08 -17.21
CA VAL B 29 8.93 -4.80 -16.93
C VAL B 29 9.49 -3.70 -17.84
N GLN B 30 10.76 -3.84 -18.22
CA GLN B 30 11.41 -2.86 -19.10
C GLN B 30 10.64 -2.70 -20.41
N GLN B 31 10.09 -3.81 -20.90
CA GLN B 31 9.33 -3.81 -22.14
C GLN B 31 8.01 -3.06 -21.94
N PHE B 32 7.38 -3.30 -20.80
CA PHE B 32 6.13 -2.66 -20.46
C PHE B 32 6.33 -1.16 -20.26
N LYS B 33 7.40 -0.81 -19.57
CA LYS B 33 7.73 0.60 -19.30
C LYS B 33 7.85 1.39 -20.60
N GLU B 34 8.60 0.83 -21.56
CA GLU B 34 8.81 1.49 -22.83
C GLU B 34 7.48 1.66 -23.57
N ALA B 35 6.61 0.68 -23.43
CA ALA B 35 5.31 0.71 -24.06
C ALA B 35 4.46 1.84 -23.50
N ILE B 36 4.56 2.07 -22.20
CA ILE B 36 3.81 3.12 -21.54
C ILE B 36 4.20 4.50 -22.08
N SER B 37 5.49 4.74 -22.22
CA SER B 37 5.97 6.03 -22.72
C SER B 37 5.60 6.24 -24.19
N LYS B 38 5.35 5.14 -24.90
CA LYS B 38 5.00 5.21 -26.32
C LYS B 38 3.49 5.34 -26.50
N ARG B 39 2.73 4.64 -25.67
CA ARG B 39 1.27 4.66 -25.75
C ARG B 39 0.68 5.78 -24.89
N PHE B 40 0.87 5.67 -23.59
CA PHE B 40 0.35 6.68 -22.65
C PHE B 40 1.03 8.01 -22.86
N LYS B 41 2.34 7.95 -23.15
CA LYS B 41 3.15 9.15 -23.39
C LYS B 41 3.29 10.01 -22.14
N SER B 42 4.42 9.87 -21.47
CA SER B 42 4.69 10.64 -20.25
C SER B 42 6.17 10.57 -19.89
N GLN B 43 6.59 9.45 -19.31
CA GLN B 43 7.98 9.25 -18.91
C GLN B 43 8.32 7.77 -18.92
N THR B 44 9.57 7.44 -18.62
CA THR B 44 10.00 6.06 -18.60
C THR B 44 10.86 5.76 -17.37
N ASP B 45 11.91 6.54 -17.18
CA ASP B 45 12.83 6.35 -16.05
C ASP B 45 12.18 6.78 -14.74
N GLN B 46 11.45 7.88 -14.76
CA GLN B 46 10.80 8.40 -13.56
C GLN B 46 9.40 7.80 -13.38
N LEU B 47 9.02 6.88 -14.25
CA LEU B 47 7.71 6.25 -14.15
C LEU B 47 7.80 5.03 -13.24
N VAL B 48 7.10 5.07 -12.12
CA VAL B 48 7.13 3.96 -11.17
C VAL B 48 5.75 3.37 -10.95
N LEU B 49 5.68 2.05 -10.88
CA LEU B 49 4.43 1.35 -10.65
C LEU B 49 4.33 1.03 -9.17
N ILE B 50 3.13 1.06 -8.62
CA ILE B 50 2.96 0.79 -7.20
C ILE B 50 2.03 -0.39 -6.97
N PHE B 51 2.47 -1.33 -6.14
CA PHE B 51 1.68 -2.49 -5.81
C PHE B 51 1.43 -2.56 -4.31
N ALA B 52 0.60 -1.65 -3.82
CA ALA B 52 0.21 -1.58 -2.41
C ALA B 52 1.40 -1.40 -1.47
N GLY B 53 1.76 -0.15 -1.22
CA GLY B 53 2.85 0.15 -0.31
C GLY B 53 4.20 -0.34 -0.79
N LYS B 54 4.30 -0.67 -2.07
CA LYS B 54 5.55 -1.17 -2.63
C LYS B 54 5.80 -0.56 -4.01
N ILE B 55 7.06 -0.27 -4.30
CA ILE B 55 7.43 0.30 -5.58
C ILE B 55 7.93 -0.77 -6.55
N LEU B 56 7.37 -0.74 -7.75
CA LEU B 56 7.74 -1.68 -8.79
C LEU B 56 8.51 -0.96 -9.88
N LYS B 57 9.59 -1.55 -10.34
CA LYS B 57 10.43 -0.95 -11.36
C LYS B 57 11.31 -2.01 -12.02
N ASP B 58 12.56 -1.63 -12.31
CA ASP B 58 13.51 -2.54 -12.94
C ASP B 58 14.28 -3.32 -11.88
N GLN B 59 13.78 -3.26 -10.66
CA GLN B 59 14.41 -3.94 -9.54
C GLN B 59 13.61 -5.18 -9.17
N ASP B 60 12.50 -5.41 -9.85
CA ASP B 60 11.64 -6.55 -9.57
C ASP B 60 11.02 -7.07 -10.84
N THR B 61 10.01 -7.93 -10.73
CA THR B 61 9.35 -8.48 -11.89
C THR B 61 7.83 -8.42 -11.71
N LEU B 62 7.16 -7.76 -12.63
CA LEU B 62 5.71 -7.59 -12.60
C LEU B 62 4.96 -8.92 -12.47
N ILE B 63 5.31 -9.87 -13.33
CA ILE B 63 4.66 -11.17 -13.32
C ILE B 63 5.09 -12.05 -12.15
N GLN B 64 6.04 -11.56 -11.35
CA GLN B 64 6.52 -12.34 -10.22
C GLN B 64 5.71 -12.05 -8.97
N HIS B 65 5.46 -10.78 -8.67
CA HIS B 65 4.71 -10.43 -7.46
C HIS B 65 3.62 -9.41 -7.73
N GLY B 66 3.84 -8.53 -8.70
CA GLY B 66 2.87 -7.50 -9.02
C GLY B 66 1.55 -8.03 -9.56
N ILE B 67 1.54 -8.38 -10.84
CA ILE B 67 0.32 -8.89 -11.46
C ILE B 67 0.43 -10.38 -11.69
N HIS B 68 -0.44 -11.14 -11.05
CA HIS B 68 -0.45 -12.59 -11.20
C HIS B 68 -1.47 -13.00 -12.26
N ASP B 69 -2.54 -12.21 -12.38
CA ASP B 69 -3.59 -12.48 -13.35
C ASP B 69 -4.32 -11.20 -13.72
N GLY B 70 -4.73 -10.44 -12.72
CA GLY B 70 -5.43 -9.20 -12.96
C GLY B 70 -5.60 -8.36 -11.71
N LEU B 71 -4.80 -7.31 -11.59
CA LEU B 71 -4.86 -6.43 -10.43
C LEU B 71 -4.61 -4.99 -10.84
N THR B 72 -4.75 -4.07 -9.88
CA THR B 72 -4.55 -2.66 -10.14
C THR B 72 -3.22 -2.17 -9.55
N VAL B 73 -2.57 -1.24 -10.24
CA VAL B 73 -1.30 -0.68 -9.79
C VAL B 73 -1.35 0.85 -9.87
N HIS B 74 -0.67 1.51 -8.94
CA HIS B 74 -0.64 2.97 -8.91
C HIS B 74 0.56 3.46 -9.72
N LEU B 75 0.55 4.74 -10.09
CA LEU B 75 1.64 5.31 -10.86
C LEU B 75 2.17 6.57 -10.20
N VAL B 76 3.47 6.60 -9.93
CA VAL B 76 4.10 7.76 -9.29
C VAL B 76 5.33 8.19 -10.09
N ILE B 77 5.90 9.34 -9.73
CA ILE B 77 7.06 9.86 -10.43
C ILE B 77 8.25 9.99 -9.48
N LYS B 78 8.82 8.85 -9.11
CA LYS B 78 9.98 8.82 -8.23
C LYS B 78 10.98 7.76 -8.70
N LYS A 21 11.61 13.52 13.13
CA LYS A 21 10.29 13.54 13.77
C LYS A 21 9.29 12.74 12.95
N TYR A 22 8.05 12.67 13.42
CA TYR A 22 7.00 11.95 12.71
C TYR A 22 5.80 12.86 12.49
N LEU A 23 5.06 12.60 11.43
CA LEU A 23 3.87 13.37 11.11
C LEU A 23 2.77 13.02 12.09
N VAL A 24 2.52 11.73 12.23
CA VAL A 24 1.52 11.20 13.14
C VAL A 24 2.11 10.01 13.89
N GLU A 25 1.71 9.85 15.15
CA GLU A 25 2.20 8.74 15.96
C GLU A 25 1.22 8.44 17.09
N PHE A 26 0.84 7.17 17.22
CA PHE A 26 -0.09 6.75 18.27
C PHE A 26 0.12 5.27 18.61
N ARG A 27 -0.34 4.87 19.78
CA ARG A 27 -0.23 3.49 20.22
C ARG A 27 -1.39 2.67 19.70
N ALA A 28 -1.07 1.59 18.99
CA ALA A 28 -2.08 0.72 18.43
C ALA A 28 -1.49 -0.67 18.16
N GLY A 29 -2.31 -1.69 18.33
CA GLY A 29 -1.86 -3.04 18.11
C GLY A 29 -2.16 -3.51 16.71
N LYS A 30 -1.26 -4.30 16.14
CA LYS A 30 -1.44 -4.83 14.80
C LYS A 30 -2.20 -6.15 14.83
N MET A 31 -2.39 -6.75 13.67
CA MET A 31 -3.08 -8.03 13.58
C MET A 31 -2.31 -8.95 12.65
N SER A 32 -2.20 -10.20 13.02
CA SER A 32 -1.48 -11.17 12.24
C SER A 32 -2.44 -12.14 11.56
N LEU A 33 -2.26 -12.33 10.26
CA LEU A 33 -3.12 -13.23 9.51
C LEU A 33 -2.55 -14.63 9.55
N LYS A 34 -2.90 -15.37 10.60
CA LYS A 34 -2.42 -16.74 10.76
C LYS A 34 -3.24 -17.68 9.89
N GLY A 35 -2.70 -17.98 8.72
CA GLY A 35 -3.39 -18.86 7.79
C GLY A 35 -4.56 -18.15 7.14
N THR A 36 -5.71 -18.25 7.77
CA THR A 36 -6.92 -17.61 7.28
C THR A 36 -7.69 -16.98 8.44
N THR A 37 -7.07 -17.00 9.61
CA THR A 37 -7.68 -16.46 10.82
C THR A 37 -7.01 -15.16 11.23
N VAL A 38 -7.78 -14.08 11.23
CA VAL A 38 -7.27 -12.77 11.63
C VAL A 38 -7.07 -12.73 13.15
N THR A 39 -5.83 -12.90 13.57
CA THR A 39 -5.49 -12.91 14.98
C THR A 39 -4.80 -11.62 15.41
N PRO A 40 -5.47 -10.82 16.25
CA PRO A 40 -4.91 -9.55 16.74
C PRO A 40 -3.67 -9.78 17.59
N ASP A 41 -2.73 -8.85 17.53
CA ASP A 41 -1.50 -8.95 18.30
C ASP A 41 -1.76 -8.59 19.76
N LYS A 42 -0.83 -8.93 20.62
CA LYS A 42 -0.96 -8.65 22.05
C LYS A 42 0.17 -7.74 22.52
N ARG A 43 1.13 -7.50 21.65
CA ARG A 43 2.28 -6.66 21.99
C ARG A 43 1.95 -5.18 21.85
N LYS A 44 2.72 -4.35 22.54
CA LYS A 44 2.53 -2.90 22.47
C LYS A 44 3.20 -2.36 21.22
N GLY A 45 2.46 -1.60 20.43
CA GLY A 45 3.03 -1.08 19.20
C GLY A 45 2.71 0.39 18.99
N LEU A 46 3.51 1.03 18.17
CA LEU A 46 3.33 2.43 17.85
C LEU A 46 3.24 2.63 16.35
N VAL A 47 2.14 3.18 15.90
CA VAL A 47 1.94 3.45 14.49
C VAL A 47 2.39 4.86 14.19
N TYR A 48 3.38 5.01 13.33
CA TYR A 48 3.89 6.33 13.00
C TYR A 48 3.96 6.55 11.50
N ILE A 49 3.78 7.79 11.10
CA ILE A 49 3.83 8.18 9.70
C ILE A 49 4.98 9.16 9.50
N GLN A 50 5.91 8.80 8.65
CA GLN A 50 7.07 9.65 8.38
C GLN A 50 7.23 9.89 6.89
N GLN A 51 7.95 10.94 6.52
CA GLN A 51 8.18 11.24 5.12
C GLN A 51 9.67 11.35 4.82
N THR A 52 10.11 10.58 3.85
CA THR A 52 11.51 10.59 3.46
C THR A 52 11.78 11.70 2.43
N ASP A 53 13.05 11.92 2.10
CA ASP A 53 13.42 12.98 1.15
C ASP A 53 12.92 12.68 -0.27
N ASP A 54 12.53 11.45 -0.50
CA ASP A 54 12.05 11.03 -1.82
C ASP A 54 10.55 11.33 -1.98
N SER A 55 10.00 12.05 -1.00
CA SER A 55 8.59 12.44 -0.99
C SER A 55 7.67 11.23 -0.83
N LEU A 56 8.20 10.16 -0.26
CA LEU A 56 7.42 8.97 -0.04
C LEU A 56 6.93 8.91 1.41
N ILE A 57 5.65 8.61 1.57
CA ILE A 57 5.05 8.53 2.90
C ILE A 57 5.24 7.13 3.48
N HIS A 58 5.91 7.04 4.62
CA HIS A 58 6.17 5.77 5.26
C HIS A 58 5.19 5.50 6.40
N PHE A 59 4.48 4.39 6.27
CA PHE A 59 3.54 3.95 7.28
C PHE A 59 4.09 2.69 7.91
N CYS A 60 4.69 2.81 9.08
CA CYS A 60 5.30 1.66 9.73
C CYS A 60 4.79 1.42 11.14
N TRP A 61 4.93 0.19 11.59
CA TRP A 61 4.53 -0.23 12.93
C TRP A 61 5.77 -0.56 13.74
N LYS A 62 6.00 0.19 14.81
CA LYS A 62 7.17 -0.03 15.64
C LYS A 62 6.82 -0.73 16.94
N ASP A 63 7.57 -1.78 17.27
CA ASP A 63 7.37 -2.54 18.49
C ASP A 63 7.87 -1.70 19.66
N ARG A 64 7.05 -1.56 20.70
CA ARG A 64 7.42 -0.74 21.86
C ARG A 64 8.27 -1.50 22.86
N THR A 65 8.49 -2.78 22.63
CA THR A 65 9.28 -3.59 23.54
C THR A 65 10.70 -3.79 23.00
N SER A 66 10.81 -4.09 21.72
CA SER A 66 12.11 -4.30 21.11
C SER A 66 12.63 -3.02 20.46
N GLY A 67 11.70 -2.19 19.99
CA GLY A 67 12.07 -0.95 19.34
C GLY A 67 12.37 -1.16 17.86
N ASN A 68 12.03 -2.35 17.38
CA ASN A 68 12.26 -2.71 15.98
C ASN A 68 11.01 -2.47 15.15
N VAL A 69 11.19 -2.15 13.87
CA VAL A 69 10.06 -1.92 12.97
C VAL A 69 9.68 -3.23 12.29
N GLU A 70 8.45 -3.68 12.52
CA GLU A 70 7.98 -4.93 11.94
C GLU A 70 7.50 -4.74 10.50
N ASP A 71 6.51 -3.87 10.34
CA ASP A 71 5.95 -3.62 9.02
C ASP A 71 6.15 -2.18 8.59
N ASP A 72 6.45 -2.01 7.31
CA ASP A 72 6.67 -0.68 6.73
C ASP A 72 6.15 -0.64 5.30
N LEU A 73 5.26 0.31 5.04
CA LEU A 73 4.68 0.46 3.71
C LEU A 73 4.73 1.92 3.27
N ILE A 74 4.80 2.13 1.97
CA ILE A 74 4.83 3.47 1.42
C ILE A 74 3.46 3.82 0.86
N ILE A 75 2.76 4.73 1.51
CA ILE A 75 1.41 5.12 1.12
C ILE A 75 1.37 6.12 -0.04
N PHE A 76 0.31 6.01 -0.84
CA PHE A 76 0.10 6.89 -1.99
C PHE A 76 -1.38 7.27 -2.06
N PRO A 77 -1.72 8.43 -2.65
CA PRO A 77 -3.11 8.90 -2.77
C PRO A 77 -3.92 8.10 -3.80
N ASP A 78 -5.20 8.44 -3.93
CA ASP A 78 -6.14 7.80 -4.87
C ASP A 78 -6.12 6.28 -4.70
N ASP A 79 -5.84 5.80 -3.49
CA ASP A 79 -5.77 4.37 -3.25
C ASP A 79 -6.02 3.99 -1.80
N CYS A 80 -5.05 4.31 -0.94
CA CYS A 80 -5.12 3.97 0.47
C CYS A 80 -6.30 4.64 1.19
N GLU A 81 -6.91 3.89 2.10
CA GLU A 81 -8.03 4.38 2.87
C GLU A 81 -7.96 3.84 4.30
N PHE A 82 -8.08 4.73 5.27
CA PHE A 82 -8.03 4.34 6.68
C PHE A 82 -9.26 4.85 7.40
N LYS A 83 -10.11 3.95 7.86
CA LYS A 83 -11.32 4.33 8.57
C LYS A 83 -11.62 3.38 9.73
N ARG A 84 -12.51 3.82 10.60
CA ARG A 84 -12.90 3.05 11.77
C ARG A 84 -14.05 2.10 11.43
N VAL A 85 -13.99 0.89 11.95
CA VAL A 85 -15.04 -0.10 11.73
C VAL A 85 -16.24 0.21 12.60
N PRO A 86 -17.39 0.51 11.98
CA PRO A 86 -18.61 0.86 12.72
C PRO A 86 -19.29 -0.36 13.36
N GLN A 87 -19.13 -1.52 12.75
CA GLN A 87 -19.74 -2.74 13.25
C GLN A 87 -18.85 -3.43 14.28
N CYS A 88 -18.43 -2.68 15.29
CA CYS A 88 -17.59 -3.19 16.34
C CYS A 88 -18.02 -2.63 17.68
N PRO A 89 -18.35 -3.51 18.65
CA PRO A 89 -18.78 -3.09 19.99
C PRO A 89 -17.71 -2.28 20.71
N SER A 90 -16.47 -2.50 20.32
CA SER A 90 -15.35 -1.79 20.89
C SER A 90 -15.30 -0.37 20.34
N GLY A 91 -15.36 -0.26 19.01
CA GLY A 91 -15.35 1.03 18.36
C GLY A 91 -13.95 1.60 18.23
N ARG A 92 -12.95 0.84 18.64
CA ARG A 92 -11.57 1.30 18.58
C ARG A 92 -10.79 0.49 17.56
N VAL A 93 -11.49 -0.29 16.76
CA VAL A 93 -10.86 -1.10 15.74
C VAL A 93 -10.89 -0.36 14.41
N TYR A 94 -9.72 0.00 13.92
CA TYR A 94 -9.60 0.73 12.67
C TYR A 94 -9.02 -0.18 11.60
N VAL A 95 -9.26 0.14 10.35
CA VAL A 95 -8.75 -0.69 9.26
C VAL A 95 -8.18 0.14 8.11
N LEU A 96 -6.99 -0.24 7.69
CA LEU A 96 -6.31 0.40 6.57
C LEU A 96 -6.46 -0.51 5.36
N LYS A 97 -7.25 -0.10 4.40
CA LYS A 97 -7.49 -0.90 3.22
C LYS A 97 -7.01 -0.18 1.96
N PHE A 98 -6.37 -0.92 1.07
CA PHE A 98 -5.88 -0.37 -0.17
C PHE A 98 -6.95 -0.59 -1.25
N LYS A 99 -6.79 0.07 -2.39
CA LYS A 99 -7.76 -0.08 -3.46
C LYS A 99 -7.15 -0.84 -4.64
N ALA A 100 -5.88 -0.61 -4.90
CA ALA A 100 -5.19 -1.28 -5.98
C ALA A 100 -4.70 -2.64 -5.52
N GLY A 101 -5.61 -3.58 -5.43
CA GLY A 101 -5.27 -4.92 -4.99
C GLY A 101 -6.10 -5.34 -3.80
N SER A 102 -5.70 -6.42 -3.15
CA SER A 102 -6.41 -6.93 -1.99
C SER A 102 -5.50 -6.92 -0.77
N LYS A 103 -5.60 -5.86 0.03
CA LYS A 103 -4.78 -5.74 1.23
C LYS A 103 -5.54 -5.03 2.33
N ARG A 104 -5.73 -5.72 3.44
CA ARG A 104 -6.42 -5.16 4.60
C ARG A 104 -5.55 -5.25 5.84
N LEU A 105 -5.41 -4.13 6.55
CA LEU A 105 -4.62 -4.08 7.77
C LEU A 105 -5.46 -3.51 8.92
N PHE A 106 -5.74 -4.35 9.91
CA PHE A 106 -6.54 -3.93 11.05
C PHE A 106 -5.64 -3.50 12.21
N PHE A 107 -6.03 -2.40 12.86
CA PHE A 107 -5.28 -1.88 13.99
C PHE A 107 -6.25 -1.44 15.08
N TRP A 108 -5.97 -1.80 16.32
CA TRP A 108 -6.81 -1.41 17.43
C TRP A 108 -6.09 -0.41 18.31
N MET A 109 -6.75 0.71 18.57
CA MET A 109 -6.17 1.80 19.36
C MET A 109 -5.81 1.33 20.78
N GLN A 110 -4.61 1.70 21.21
CA GLN A 110 -4.13 1.34 22.54
C GLN A 110 -4.08 2.59 23.44
N GLU A 111 -4.44 3.73 22.85
CA GLU A 111 -4.46 5.01 23.58
C GLU A 111 -5.44 4.95 24.75
N PRO A 112 -5.11 5.57 25.89
CA PRO A 112 -5.95 5.57 27.08
C PRO A 112 -7.31 6.24 26.87
N LYS A 113 -7.33 7.35 26.15
CA LYS A 113 -8.58 8.08 25.91
C LYS A 113 -9.06 7.90 24.47
N THR A 114 -10.37 7.82 24.31
CA THR A 114 -10.98 7.66 22.99
C THR A 114 -11.16 9.01 22.31
N ASP A 115 -10.89 10.07 23.04
CA ASP A 115 -11.01 11.43 22.54
C ASP A 115 -10.14 11.68 21.31
N GLN A 116 -8.98 11.05 21.29
CA GLN A 116 -8.04 11.23 20.19
C GLN A 116 -8.12 10.09 19.18
N ASP A 117 -9.12 9.23 19.32
CA ASP A 117 -9.29 8.09 18.40
C ASP A 117 -9.56 8.59 16.99
N GLU A 118 -10.69 9.26 16.82
CA GLU A 118 -11.08 9.79 15.52
C GLU A 118 -10.09 10.86 15.06
N GLU A 119 -9.52 11.57 16.03
CA GLU A 119 -8.55 12.63 15.73
C GLU A 119 -7.31 12.03 15.08
N HIS A 120 -6.82 10.92 15.64
CA HIS A 120 -5.64 10.26 15.11
C HIS A 120 -5.96 9.72 13.71
N CYS A 121 -7.15 9.17 13.55
CA CYS A 121 -7.59 8.64 12.27
C CYS A 121 -7.66 9.76 11.23
N ARG A 122 -8.06 10.94 11.68
CA ARG A 122 -8.15 12.10 10.81
C ARG A 122 -6.77 12.48 10.29
N LYS A 123 -5.84 12.70 11.23
CA LYS A 123 -4.47 13.07 10.89
C LYS A 123 -3.83 12.07 9.94
N VAL A 124 -4.12 10.79 10.16
CA VAL A 124 -3.59 9.74 9.31
C VAL A 124 -4.04 9.96 7.87
N ASN A 125 -5.35 10.16 7.70
CA ASN A 125 -5.92 10.39 6.37
C ASN A 125 -5.39 11.69 5.77
N GLU A 126 -5.23 12.69 6.62
CA GLU A 126 -4.74 13.99 6.19
C GLU A 126 -3.38 13.88 5.50
N TYR A 127 -2.42 13.26 6.18
CA TYR A 127 -1.07 13.12 5.65
C TYR A 127 -0.95 12.04 4.58
N LEU A 128 -1.75 10.99 4.67
CA LEU A 128 -1.68 9.91 3.70
C LEU A 128 -2.24 10.37 2.35
N ASN A 129 -3.17 11.31 2.38
CA ASN A 129 -3.79 11.83 1.17
C ASN A 129 -3.08 13.08 0.67
N ASN A 130 -2.89 14.05 1.57
CA ASN A 130 -2.25 15.31 1.21
C ASN A 130 -0.87 15.43 1.84
N ALA B 1 8.40 -22.42 -32.53
CA ALA B 1 8.95 -22.01 -31.22
C ALA B 1 7.94 -21.15 -30.45
N PRO B 2 7.39 -21.67 -29.35
CA PRO B 2 6.43 -20.95 -28.54
C PRO B 2 7.11 -20.05 -27.51
N ALA B 3 6.41 -19.01 -27.09
CA ALA B 3 6.92 -18.07 -26.11
C ALA B 3 5.91 -17.90 -24.99
N GLU B 4 5.09 -18.94 -24.81
CA GLU B 4 4.04 -18.96 -23.80
C GLU B 4 3.01 -17.87 -24.05
N PRO B 5 1.90 -18.22 -24.71
CA PRO B 5 0.84 -17.25 -25.04
C PRO B 5 -0.02 -16.88 -23.83
N LYS B 6 0.58 -16.89 -22.65
CA LYS B 6 -0.12 -16.54 -21.44
C LYS B 6 0.04 -15.06 -21.14
N ILE B 7 -0.86 -14.25 -21.70
CA ILE B 7 -0.83 -12.82 -21.51
C ILE B 7 -1.66 -12.43 -20.30
N ILE B 8 -1.04 -11.71 -19.37
CA ILE B 8 -1.71 -11.29 -18.15
C ILE B 8 -2.25 -9.87 -18.32
N LYS B 9 -3.36 -9.59 -17.65
CA LYS B 9 -3.98 -8.28 -17.72
C LYS B 9 -3.56 -7.41 -16.54
N VAL B 10 -3.03 -6.24 -16.85
CA VAL B 10 -2.58 -5.31 -15.84
C VAL B 10 -3.35 -4.00 -15.93
N THR B 11 -4.12 -3.70 -14.90
CA THR B 11 -4.91 -2.48 -14.88
C THR B 11 -4.13 -1.36 -14.20
N VAL B 12 -3.72 -0.37 -14.98
CA VAL B 12 -2.94 0.74 -14.46
C VAL B 12 -3.82 1.92 -14.10
N LYS B 13 -3.70 2.38 -12.86
CA LYS B 13 -4.45 3.52 -12.37
C LYS B 13 -3.63 4.78 -12.60
N THR B 14 -4.16 5.69 -13.42
CA THR B 14 -3.48 6.93 -13.73
C THR B 14 -4.34 8.11 -13.32
N PRO B 15 -3.74 9.31 -13.15
CA PRO B 15 -4.48 10.53 -12.78
C PRO B 15 -5.31 11.06 -13.95
N LYS B 16 -6.12 10.17 -14.51
CA LYS B 16 -6.96 10.50 -15.66
C LYS B 16 -8.03 9.42 -15.81
N GLU B 17 -7.58 8.18 -15.97
CA GLU B 17 -8.48 7.04 -16.14
C GLU B 17 -7.81 5.76 -15.67
N LYS B 18 -8.51 4.64 -15.82
CA LYS B 18 -7.98 3.34 -15.45
C LYS B 18 -7.83 2.50 -16.69
N GLU B 19 -6.65 2.54 -17.30
CA GLU B 19 -6.39 1.80 -18.52
C GLU B 19 -5.74 0.45 -18.22
N GLU B 20 -6.22 -0.59 -18.89
CA GLU B 20 -5.69 -1.93 -18.69
C GLU B 20 -4.86 -2.34 -19.90
N PHE B 21 -3.68 -2.90 -19.64
CA PHE B 21 -2.80 -3.33 -20.70
C PHE B 21 -2.67 -4.85 -20.72
N ALA B 22 -2.09 -5.36 -21.80
CA ALA B 22 -1.89 -6.79 -21.96
C ALA B 22 -0.41 -7.08 -22.18
N VAL B 23 0.19 -7.80 -21.25
CA VAL B 23 1.61 -8.13 -21.33
C VAL B 23 1.84 -9.61 -21.09
N PRO B 24 2.84 -10.20 -21.77
CA PRO B 24 3.19 -11.62 -21.62
C PRO B 24 3.81 -11.91 -20.25
N GLU B 25 3.65 -13.14 -19.78
CA GLU B 25 4.18 -13.54 -18.48
C GLU B 25 5.70 -13.75 -18.56
N ASN B 26 6.20 -14.06 -19.75
CA ASN B 26 7.62 -14.29 -19.96
C ASN B 26 8.35 -12.98 -20.28
N SER B 27 7.81 -11.88 -19.78
CA SER B 27 8.41 -10.57 -20.02
C SER B 27 8.75 -9.87 -18.71
N SER B 28 9.61 -8.88 -18.80
CA SER B 28 10.03 -8.11 -17.63
C SER B 28 9.32 -6.76 -17.61
N VAL B 29 9.49 -6.00 -16.54
CA VAL B 29 8.85 -4.68 -16.40
C VAL B 29 9.46 -3.68 -17.38
N GLN B 30 10.74 -3.88 -17.72
CA GLN B 30 11.45 -2.99 -18.63
C GLN B 30 10.70 -2.81 -19.94
N GLN B 31 10.15 -3.89 -20.47
CA GLN B 31 9.41 -3.84 -21.73
C GLN B 31 8.12 -3.04 -21.57
N PHE B 32 7.43 -3.25 -20.46
CA PHE B 32 6.17 -2.56 -20.18
C PHE B 32 6.40 -1.08 -19.94
N LYS B 33 7.51 -0.75 -19.29
CA LYS B 33 7.87 0.63 -18.98
C LYS B 33 7.90 1.50 -20.24
N GLU B 34 8.66 1.07 -21.23
CA GLU B 34 8.80 1.82 -22.46
C GLU B 34 7.52 1.76 -23.30
N ALA B 35 6.64 0.83 -22.97
CA ALA B 35 5.38 0.68 -23.68
C ALA B 35 4.41 1.78 -23.24
N ILE B 36 4.37 2.04 -21.94
CA ILE B 36 3.47 3.05 -21.39
C ILE B 36 3.87 4.44 -21.88
N SER B 37 5.17 4.70 -21.93
CA SER B 37 5.67 6.00 -22.38
C SER B 37 5.34 6.25 -23.85
N LYS B 38 5.11 5.18 -24.59
CA LYS B 38 4.80 5.30 -26.00
C LYS B 38 3.29 5.38 -26.22
N ARG B 39 2.54 4.58 -25.47
CA ARG B 39 1.08 4.55 -25.57
C ARG B 39 0.41 5.71 -24.85
N PHE B 40 0.82 5.96 -23.61
CA PHE B 40 0.24 7.04 -22.82
C PHE B 40 0.95 8.36 -23.06
N LYS B 41 2.27 8.28 -23.21
CA LYS B 41 3.10 9.46 -23.47
C LYS B 41 3.09 10.41 -22.28
N SER B 42 4.03 10.20 -21.36
CA SER B 42 4.16 11.01 -20.17
C SER B 42 5.62 11.05 -19.72
N GLN B 43 6.06 9.96 -19.12
CA GLN B 43 7.43 9.83 -18.64
C GLN B 43 7.84 8.37 -18.68
N THR B 44 9.07 8.06 -18.29
CA THR B 44 9.53 6.68 -18.30
C THR B 44 10.39 6.36 -17.08
N ASP B 45 11.53 7.04 -16.96
CA ASP B 45 12.45 6.81 -15.86
C ASP B 45 11.81 7.07 -14.50
N GLN B 46 11.08 8.17 -14.41
CA GLN B 46 10.42 8.55 -13.16
C GLN B 46 9.04 7.90 -13.04
N LEU B 47 8.62 7.20 -14.08
CA LEU B 47 7.32 6.53 -14.09
C LEU B 47 7.42 5.21 -13.31
N VAL B 48 6.85 5.20 -12.12
CA VAL B 48 6.91 4.01 -11.27
C VAL B 48 5.52 3.41 -11.06
N LEU B 49 5.47 2.09 -10.92
CA LEU B 49 4.21 1.39 -10.68
C LEU B 49 4.11 1.10 -9.20
N ILE B 50 2.88 1.04 -8.68
CA ILE B 50 2.67 0.78 -7.26
C ILE B 50 1.77 -0.44 -7.05
N PHE B 51 2.21 -1.34 -6.19
CA PHE B 51 1.44 -2.53 -5.88
C PHE B 51 1.07 -2.55 -4.40
N ALA B 52 0.26 -1.55 -4.00
CA ALA B 52 -0.22 -1.43 -2.62
C ALA B 52 0.91 -1.15 -1.65
N GLY B 53 1.31 0.12 -1.58
CA GLY B 53 2.37 0.52 -0.68
C GLY B 53 3.75 0.01 -1.08
N LYS B 54 3.93 -0.29 -2.35
CA LYS B 54 5.21 -0.80 -2.83
C LYS B 54 5.48 -0.33 -4.26
N ILE B 55 6.73 0.04 -4.53
CA ILE B 55 7.14 0.51 -5.85
C ILE B 55 7.63 -0.64 -6.72
N LEU B 56 7.25 -0.60 -7.99
CA LEU B 56 7.65 -1.62 -8.95
C LEU B 56 8.38 -0.96 -10.12
N LYS B 57 9.50 -1.54 -10.54
CA LYS B 57 10.28 -0.99 -11.63
C LYS B 57 11.28 -2.03 -12.15
N ASP B 58 12.57 -1.82 -11.90
CA ASP B 58 13.60 -2.76 -12.34
C ASP B 58 14.28 -3.37 -11.14
N GLN B 59 13.67 -3.23 -9.99
CA GLN B 59 14.21 -3.76 -8.76
C GLN B 59 13.45 -5.02 -8.36
N ASP B 60 12.49 -5.36 -9.21
CA ASP B 60 11.66 -6.53 -8.98
C ASP B 60 11.10 -7.06 -10.29
N THR B 61 10.23 -8.06 -10.20
CA THR B 61 9.63 -8.65 -11.37
C THR B 61 8.11 -8.63 -11.25
N LEU B 62 7.46 -8.09 -12.27
CA LEU B 62 6.00 -7.97 -12.31
C LEU B 62 5.30 -9.29 -12.02
N ILE B 63 5.70 -10.33 -12.72
CA ILE B 63 5.08 -11.65 -12.56
C ILE B 63 5.53 -12.34 -11.26
N GLN B 64 6.40 -11.69 -10.51
CA GLN B 64 6.91 -12.28 -9.27
C GLN B 64 6.11 -11.81 -8.07
N HIS B 65 6.16 -10.52 -7.79
CA HIS B 65 5.47 -9.97 -6.63
C HIS B 65 4.43 -8.92 -7.03
N GLY B 66 4.11 -8.85 -8.32
CA GLY B 66 3.15 -7.87 -8.78
C GLY B 66 1.92 -8.50 -9.38
N ILE B 67 1.66 -8.18 -10.64
CA ILE B 67 0.50 -8.69 -11.36
C ILE B 67 0.61 -10.18 -11.63
N HIS B 68 -0.20 -10.95 -10.92
CA HIS B 68 -0.21 -12.40 -11.10
C HIS B 68 -1.28 -12.79 -12.11
N ASP B 69 -2.45 -12.16 -11.99
CA ASP B 69 -3.56 -12.42 -12.90
C ASP B 69 -4.67 -11.41 -12.68
N GLY B 70 -4.61 -10.30 -13.40
CA GLY B 70 -5.62 -9.27 -13.27
C GLY B 70 -5.55 -8.52 -11.95
N LEU B 71 -4.72 -7.49 -11.92
CA LEU B 71 -4.54 -6.68 -10.73
C LEU B 71 -4.37 -5.22 -11.10
N THR B 72 -4.66 -4.35 -10.15
CA THR B 72 -4.55 -2.91 -10.37
C THR B 72 -3.26 -2.36 -9.76
N VAL B 73 -2.61 -1.46 -10.49
CA VAL B 73 -1.39 -0.84 -10.02
C VAL B 73 -1.51 0.68 -10.12
N HIS B 74 -0.80 1.40 -9.26
CA HIS B 74 -0.86 2.86 -9.26
C HIS B 74 0.33 3.44 -10.01
N LEU B 75 0.10 4.54 -10.71
CA LEU B 75 1.16 5.20 -11.46
C LEU B 75 1.61 6.46 -10.75
N VAL B 76 2.90 6.53 -10.42
CA VAL B 76 3.47 7.69 -9.74
C VAL B 76 4.73 8.15 -10.46
N ILE B 77 5.22 9.34 -10.09
CA ILE B 77 6.43 9.89 -10.70
C ILE B 77 7.35 10.50 -9.65
N LYS B 78 7.79 9.67 -8.70
CA LYS B 78 8.66 10.11 -7.62
C LYS B 78 9.97 9.34 -7.66
N LYS A 21 11.20 13.65 11.53
CA LYS A 21 10.11 13.46 12.53
C LYS A 21 8.90 12.83 11.86
N TYR A 22 8.02 12.25 12.66
CA TYR A 22 6.82 11.62 12.14
C TYR A 22 5.68 12.63 12.14
N LEU A 23 4.87 12.60 11.10
CA LEU A 23 3.74 13.51 10.98
C LEU A 23 2.69 13.16 12.02
N VAL A 24 2.34 11.88 12.07
CA VAL A 24 1.36 11.37 13.02
C VAL A 24 1.90 10.10 13.69
N GLU A 25 1.78 10.02 15.01
CA GLU A 25 2.26 8.86 15.75
C GLU A 25 1.39 8.62 16.99
N PHE A 26 0.90 7.40 17.11
CA PHE A 26 0.06 7.02 18.25
C PHE A 26 0.24 5.54 18.58
N ARG A 27 -0.19 5.14 19.77
CA ARG A 27 -0.07 3.76 20.19
C ARG A 27 -1.23 2.92 19.67
N ALA A 28 -0.91 1.84 18.98
CA ALA A 28 -1.93 0.95 18.43
C ALA A 28 -1.35 -0.43 18.21
N GLY A 29 -2.18 -1.44 18.45
CA GLY A 29 -1.74 -2.81 18.28
C GLY A 29 -1.96 -3.28 16.85
N LYS A 30 -1.21 -4.29 16.45
CA LYS A 30 -1.33 -4.82 15.09
C LYS A 30 -2.07 -6.15 15.08
N MET A 31 -2.38 -6.63 13.88
CA MET A 31 -3.07 -7.89 13.70
C MET A 31 -2.26 -8.80 12.79
N SER A 32 -2.25 -10.09 13.08
CA SER A 32 -1.50 -11.03 12.28
C SER A 32 -2.42 -12.12 11.72
N LEU A 33 -2.28 -12.38 10.42
CA LEU A 33 -3.09 -13.39 9.76
C LEU A 33 -2.46 -14.78 9.94
N LYS A 34 -3.05 -15.57 10.82
CA LYS A 34 -2.56 -16.92 11.08
C LYS A 34 -3.44 -17.92 10.38
N GLY A 35 -2.88 -18.58 9.36
CA GLY A 35 -3.63 -19.55 8.59
C GLY A 35 -4.69 -18.88 7.73
N THR A 36 -5.82 -18.57 8.35
CA THR A 36 -6.91 -17.90 7.66
C THR A 36 -7.68 -17.00 8.64
N THR A 37 -7.25 -17.00 9.89
CA THR A 37 -7.89 -16.20 10.92
C THR A 37 -7.01 -15.03 11.32
N VAL A 38 -7.60 -13.84 11.36
CA VAL A 38 -6.88 -12.64 11.75
C VAL A 38 -6.87 -12.52 13.26
N THR A 39 -5.71 -12.67 13.87
CA THR A 39 -5.58 -12.58 15.31
C THR A 39 -4.70 -11.39 15.70
N PRO A 40 -5.20 -10.55 16.63
CA PRO A 40 -4.45 -9.39 17.11
C PRO A 40 -3.23 -9.78 17.94
N ASP A 41 -2.24 -8.90 17.96
CA ASP A 41 -1.03 -9.13 18.74
C ASP A 41 -1.28 -8.74 20.19
N LYS A 42 -0.34 -9.03 21.06
CA LYS A 42 -0.47 -8.71 22.48
C LYS A 42 0.58 -7.67 22.87
N ARG A 43 1.43 -7.33 21.92
CA ARG A 43 2.50 -6.36 22.14
C ARG A 43 1.99 -4.94 22.01
N LYS A 44 2.87 -3.99 22.31
CA LYS A 44 2.54 -2.59 22.22
C LYS A 44 3.35 -1.97 21.10
N GLY A 45 2.68 -1.32 20.16
CA GLY A 45 3.39 -0.72 19.05
C GLY A 45 3.01 0.71 18.81
N LEU A 46 3.82 1.38 18.02
CA LEU A 46 3.60 2.77 17.68
C LEU A 46 3.35 2.91 16.19
N VAL A 47 2.15 3.37 15.84
CA VAL A 47 1.80 3.59 14.45
C VAL A 47 2.17 5.01 14.08
N TYR A 48 3.14 5.16 13.20
CA TYR A 48 3.59 6.47 12.80
C TYR A 48 3.76 6.58 11.30
N ILE A 49 3.54 7.79 10.80
CA ILE A 49 3.68 8.10 9.39
C ILE A 49 4.85 9.06 9.22
N GLN A 50 5.84 8.66 8.44
CA GLN A 50 7.02 9.47 8.22
C GLN A 50 7.24 9.73 6.74
N GLN A 51 7.87 10.86 6.41
CA GLN A 51 8.15 11.20 5.03
C GLN A 51 9.65 11.24 4.81
N THR A 52 10.13 10.48 3.84
CA THR A 52 11.55 10.41 3.53
C THR A 52 11.99 11.59 2.66
N ASP A 53 13.27 11.60 2.28
CA ASP A 53 13.83 12.67 1.47
C ASP A 53 13.27 12.68 0.05
N ASP A 54 12.70 11.56 -0.36
CA ASP A 54 12.12 11.44 -1.70
C ASP A 54 10.67 11.90 -1.69
N SER A 55 10.23 12.41 -0.55
CA SER A 55 8.87 12.92 -0.35
C SER A 55 7.84 11.80 -0.31
N LEU A 56 8.29 10.55 -0.24
CA LEU A 56 7.37 9.43 -0.20
C LEU A 56 6.90 9.19 1.24
N ILE A 57 5.60 8.95 1.39
CA ILE A 57 5.01 8.70 2.69
C ILE A 57 5.24 7.26 3.12
N HIS A 58 5.72 7.07 4.33
CA HIS A 58 6.00 5.74 4.85
C HIS A 58 5.16 5.43 6.07
N PHE A 59 4.46 4.32 6.01
CA PHE A 59 3.62 3.85 7.11
C PHE A 59 4.36 2.71 7.79
N CYS A 60 4.87 2.95 8.98
CA CYS A 60 5.64 1.93 9.69
C CYS A 60 5.09 1.65 11.08
N TRP A 61 5.31 0.42 11.53
CA TRP A 61 4.89 -0.03 12.85
C TRP A 61 6.12 -0.47 13.62
N LYS A 62 6.40 0.23 14.72
CA LYS A 62 7.56 -0.08 15.53
C LYS A 62 7.18 -0.70 16.86
N ASP A 63 7.85 -1.80 17.21
CA ASP A 63 7.61 -2.48 18.47
C ASP A 63 8.20 -1.66 19.62
N ARG A 64 7.41 -1.43 20.66
CA ARG A 64 7.85 -0.61 21.79
C ARG A 64 8.87 -1.31 22.67
N THR A 65 8.88 -2.64 22.67
CA THR A 65 9.81 -3.39 23.50
C THR A 65 11.19 -3.51 22.86
N SER A 66 11.25 -4.11 21.69
CA SER A 66 12.51 -4.31 20.99
C SER A 66 12.99 -3.02 20.32
N GLY A 67 12.06 -2.28 19.76
CA GLY A 67 12.41 -1.05 19.07
C GLY A 67 12.69 -1.32 17.61
N ASN A 68 12.20 -2.44 17.11
CA ASN A 68 12.40 -2.80 15.72
C ASN A 68 11.14 -2.52 14.90
N VAL A 69 11.34 -2.08 13.67
CA VAL A 69 10.24 -1.79 12.77
C VAL A 69 9.85 -3.05 12.00
N GLU A 70 8.64 -3.54 12.26
CA GLU A 70 8.17 -4.75 11.61
C GLU A 70 7.48 -4.43 10.29
N ASP A 71 6.66 -3.41 10.28
CA ASP A 71 5.93 -3.03 9.08
C ASP A 71 6.44 -1.70 8.54
N ASP A 72 6.52 -1.60 7.22
CA ASP A 72 6.99 -0.39 6.57
C ASP A 72 6.55 -0.40 5.11
N LEU A 73 5.52 0.36 4.80
CA LEU A 73 4.98 0.43 3.45
C LEU A 73 4.93 1.87 2.96
N ILE A 74 4.98 2.05 1.64
CA ILE A 74 4.93 3.38 1.05
C ILE A 74 3.48 3.72 0.69
N ILE A 75 2.99 4.83 1.21
CA ILE A 75 1.60 5.22 0.97
C ILE A 75 1.46 6.19 -0.19
N PHE A 76 0.40 5.99 -0.97
CA PHE A 76 0.10 6.84 -2.12
C PHE A 76 -1.40 7.15 -2.13
N PRO A 77 -1.81 8.28 -2.74
CA PRO A 77 -3.22 8.67 -2.79
C PRO A 77 -4.02 7.88 -3.83
N ASP A 78 -5.32 8.22 -3.95
CA ASP A 78 -6.25 7.57 -4.89
C ASP A 78 -6.21 6.05 -4.76
N ASP A 79 -6.09 5.55 -3.52
CA ASP A 79 -6.05 4.10 -3.29
C ASP A 79 -6.26 3.77 -1.82
N CYS A 80 -5.66 4.55 -0.95
CA CYS A 80 -5.78 4.34 0.50
C CYS A 80 -7.11 4.86 1.02
N GLU A 81 -7.66 4.17 2.02
CA GLU A 81 -8.93 4.56 2.61
C GLU A 81 -9.05 4.04 4.04
N PHE A 82 -8.21 4.57 4.93
CA PHE A 82 -8.21 4.16 6.34
C PHE A 82 -9.57 4.48 6.97
N LYS A 83 -10.21 3.47 7.55
CA LYS A 83 -11.52 3.66 8.17
C LYS A 83 -11.67 2.82 9.44
N ARG A 84 -12.82 2.95 10.08
CA ARG A 84 -13.12 2.22 11.30
C ARG A 84 -14.21 1.20 11.05
N VAL A 85 -14.17 0.07 11.74
CA VAL A 85 -15.17 -0.97 11.58
C VAL A 85 -16.30 -0.75 12.59
N PRO A 86 -17.51 -0.41 12.11
CA PRO A 86 -18.66 -0.16 12.97
C PRO A 86 -19.35 -1.43 13.45
N GLN A 87 -18.78 -2.57 13.12
CA GLN A 87 -19.35 -3.86 13.51
C GLN A 87 -18.72 -4.38 14.79
N CYS A 88 -17.64 -3.76 15.22
CA CYS A 88 -16.95 -4.18 16.43
C CYS A 88 -17.52 -3.48 17.66
N PRO A 89 -17.93 -4.26 18.67
CA PRO A 89 -18.50 -3.72 19.93
C PRO A 89 -17.52 -2.80 20.66
N SER A 90 -16.23 -3.00 20.41
CA SER A 90 -15.20 -2.18 21.05
C SER A 90 -15.25 -0.76 20.50
N GLY A 91 -15.44 -0.66 19.18
CA GLY A 91 -15.50 0.64 18.54
C GLY A 91 -14.14 1.31 18.41
N ARG A 92 -13.09 0.53 18.58
CA ARG A 92 -11.73 1.07 18.49
C ARG A 92 -10.90 0.28 17.49
N VAL A 93 -11.58 -0.56 16.72
CA VAL A 93 -10.93 -1.38 15.71
C VAL A 93 -10.96 -0.67 14.36
N TYR A 94 -9.80 -0.27 13.90
CA TYR A 94 -9.67 0.42 12.63
C TYR A 94 -9.03 -0.50 11.60
N VAL A 95 -9.20 -0.18 10.32
CA VAL A 95 -8.65 -1.00 9.27
C VAL A 95 -8.02 -0.17 8.16
N LEU A 96 -6.77 -0.48 7.85
CA LEU A 96 -6.04 0.19 6.80
C LEU A 96 -6.26 -0.58 5.50
N LYS A 97 -7.10 -0.03 4.63
CA LYS A 97 -7.44 -0.70 3.38
C LYS A 97 -6.71 -0.10 2.19
N PHE A 98 -6.28 -0.97 1.29
CA PHE A 98 -5.61 -0.58 0.07
C PHE A 98 -6.44 -1.06 -1.12
N LYS A 99 -6.97 -0.13 -1.89
CA LYS A 99 -7.79 -0.46 -3.05
C LYS A 99 -6.95 -1.16 -4.12
N ALA A 100 -5.64 -1.07 -4.01
CA ALA A 100 -4.74 -1.71 -4.96
C ALA A 100 -4.57 -3.18 -4.62
N GLY A 101 -5.47 -4.00 -5.13
CA GLY A 101 -5.40 -5.42 -4.87
C GLY A 101 -6.25 -5.83 -3.68
N SER A 102 -5.63 -6.51 -2.72
CA SER A 102 -6.32 -6.96 -1.53
C SER A 102 -5.40 -6.93 -0.32
N LYS A 103 -5.53 -5.90 0.50
CA LYS A 103 -4.71 -5.77 1.69
C LYS A 103 -5.46 -4.99 2.76
N ARG A 104 -5.87 -5.70 3.80
CA ARG A 104 -6.60 -5.09 4.90
C ARG A 104 -5.85 -5.30 6.21
N LEU A 105 -5.21 -4.25 6.70
CA LEU A 105 -4.48 -4.34 7.95
C LEU A 105 -5.30 -3.76 9.10
N PHE A 106 -5.68 -4.62 10.03
CA PHE A 106 -6.49 -4.21 11.16
C PHE A 106 -5.61 -3.72 12.30
N PHE A 107 -6.01 -2.60 12.91
CA PHE A 107 -5.28 -2.03 14.03
C PHE A 107 -6.26 -1.65 15.13
N TRP A 108 -5.79 -1.70 16.37
CA TRP A 108 -6.62 -1.35 17.51
C TRP A 108 -5.93 -0.30 18.37
N MET A 109 -6.63 0.81 18.59
CA MET A 109 -6.11 1.92 19.38
C MET A 109 -5.71 1.49 20.78
N GLN A 110 -4.46 1.75 21.13
CA GLN A 110 -3.93 1.39 22.44
C GLN A 110 -3.92 2.61 23.35
N GLU A 111 -4.42 3.73 22.82
CA GLU A 111 -4.48 4.97 23.57
C GLU A 111 -5.51 4.83 24.70
N PRO A 112 -5.23 5.41 25.87
CA PRO A 112 -6.11 5.30 27.04
C PRO A 112 -7.44 6.07 26.92
N LYS A 113 -7.56 6.95 25.95
CA LYS A 113 -8.79 7.73 25.79
C LYS A 113 -9.29 7.73 24.35
N THR A 114 -10.61 7.62 24.21
CA THR A 114 -11.26 7.62 22.90
C THR A 114 -11.50 9.06 22.42
N ASP A 115 -11.17 10.00 23.30
CA ASP A 115 -11.34 11.42 23.05
C ASP A 115 -10.71 11.84 21.71
N GLN A 116 -9.48 11.41 21.47
CA GLN A 116 -8.80 11.75 20.23
C GLN A 116 -8.74 10.56 19.27
N ASP A 117 -9.64 9.61 19.44
CA ASP A 117 -9.65 8.41 18.59
C ASP A 117 -9.90 8.78 17.12
N GLU A 118 -11.02 9.43 16.86
CA GLU A 118 -11.37 9.83 15.50
C GLU A 118 -10.39 10.89 15.00
N GLU A 119 -9.91 11.74 15.89
CA GLU A 119 -8.95 12.78 15.54
C GLU A 119 -7.70 12.14 14.95
N HIS A 120 -7.22 11.07 15.58
CA HIS A 120 -6.03 10.38 15.10
C HIS A 120 -6.30 9.77 13.72
N CYS A 121 -7.48 9.18 13.58
CA CYS A 121 -7.87 8.56 12.31
C CYS A 121 -7.96 9.61 11.21
N ARG A 122 -8.53 10.76 11.55
CA ARG A 122 -8.69 11.86 10.60
C ARG A 122 -7.32 12.35 10.12
N LYS A 123 -6.43 12.61 11.07
CA LYS A 123 -5.09 13.09 10.73
C LYS A 123 -4.36 12.10 9.82
N VAL A 124 -4.52 10.82 10.11
CA VAL A 124 -3.89 9.78 9.32
C VAL A 124 -4.41 9.82 7.89
N ASN A 125 -5.73 9.81 7.76
CA ASN A 125 -6.37 9.80 6.45
C ASN A 125 -6.01 11.05 5.65
N GLU A 126 -5.88 12.18 6.33
CA GLU A 126 -5.54 13.45 5.70
C GLU A 126 -4.18 13.40 4.98
N TYR A 127 -3.14 13.09 5.74
CA TYR A 127 -1.79 13.04 5.19
C TYR A 127 -1.59 11.87 4.23
N LEU A 128 -2.42 10.84 4.34
CA LEU A 128 -2.31 9.68 3.46
C LEU A 128 -3.05 9.92 2.15
N ASN A 129 -3.61 11.11 1.98
CA ASN A 129 -4.34 11.44 0.76
C ASN A 129 -3.82 12.74 0.16
N ASN A 130 -3.43 13.69 1.00
CA ASN A 130 -2.93 14.98 0.53
C ASN A 130 -1.44 15.09 0.78
N ALA B 1 6.82 -21.19 -33.73
CA ALA B 1 7.33 -21.53 -32.40
C ALA B 1 6.50 -20.89 -31.32
N PRO B 2 5.99 -21.68 -30.35
CA PRO B 2 5.17 -21.16 -29.25
C PRO B 2 5.98 -20.29 -28.29
N ALA B 3 5.47 -19.10 -28.02
CA ALA B 3 6.16 -18.18 -27.11
C ALA B 3 5.33 -17.93 -25.86
N GLU B 4 4.43 -18.87 -25.57
CA GLU B 4 3.54 -18.77 -24.40
C GLU B 4 2.61 -17.57 -24.54
N PRO B 5 1.47 -17.76 -25.21
CA PRO B 5 0.48 -16.70 -25.42
C PRO B 5 -0.34 -16.39 -24.17
N LYS B 6 0.24 -16.62 -23.00
CA LYS B 6 -0.43 -16.36 -21.75
C LYS B 6 -0.34 -14.87 -21.42
N ILE B 7 -1.26 -14.11 -21.96
CA ILE B 7 -1.29 -12.67 -21.75
C ILE B 7 -2.15 -12.32 -20.55
N ILE B 8 -1.52 -11.77 -19.52
CA ILE B 8 -2.22 -11.38 -18.31
C ILE B 8 -2.79 -9.97 -18.45
N LYS B 9 -3.52 -9.53 -17.45
CA LYS B 9 -4.12 -8.20 -17.48
C LYS B 9 -3.60 -7.36 -16.32
N VAL B 10 -3.22 -6.13 -16.62
CA VAL B 10 -2.72 -5.22 -15.62
C VAL B 10 -3.44 -3.87 -15.69
N THR B 11 -4.18 -3.56 -14.63
CA THR B 11 -4.92 -2.32 -14.57
C THR B 11 -4.02 -1.21 -14.00
N VAL B 12 -3.74 -0.21 -14.82
CA VAL B 12 -2.86 0.88 -14.40
C VAL B 12 -3.66 2.14 -14.05
N LYS B 13 -3.56 2.56 -12.79
CA LYS B 13 -4.23 3.75 -12.31
C LYS B 13 -3.30 4.96 -12.48
N THR B 14 -3.70 5.87 -13.33
CA THR B 14 -2.89 7.05 -13.63
C THR B 14 -3.60 8.32 -13.15
N PRO B 15 -2.87 9.45 -13.07
CA PRO B 15 -3.45 10.74 -12.66
C PRO B 15 -4.36 11.33 -13.74
N LYS B 16 -5.30 10.53 -14.22
CA LYS B 16 -6.22 10.93 -15.25
C LYS B 16 -7.37 9.93 -15.32
N GLU B 17 -7.05 8.73 -15.80
CA GLU B 17 -8.02 7.66 -15.94
C GLU B 17 -7.43 6.34 -15.47
N LYS B 18 -8.07 5.24 -15.82
CA LYS B 18 -7.60 3.92 -15.44
C LYS B 18 -7.76 2.96 -16.61
N GLU B 19 -6.66 2.68 -17.28
CA GLU B 19 -6.67 1.79 -18.42
C GLU B 19 -6.03 0.45 -18.08
N GLU B 20 -6.38 -0.59 -18.82
CA GLU B 20 -5.83 -1.91 -18.58
C GLU B 20 -4.93 -2.33 -19.75
N PHE B 21 -3.71 -2.73 -19.42
CA PHE B 21 -2.76 -3.16 -20.44
C PHE B 21 -2.70 -4.68 -20.48
N ALA B 22 -2.09 -5.21 -21.53
CA ALA B 22 -1.98 -6.65 -21.69
C ALA B 22 -0.58 -7.06 -22.09
N VAL B 23 0.04 -7.91 -21.28
CA VAL B 23 1.40 -8.38 -21.53
C VAL B 23 1.50 -9.86 -21.22
N PRO B 24 2.36 -10.60 -21.95
CA PRO B 24 2.56 -12.03 -21.72
C PRO B 24 3.36 -12.31 -20.46
N GLU B 25 3.23 -13.52 -19.92
CA GLU B 25 3.94 -13.91 -18.70
C GLU B 25 5.42 -14.19 -18.97
N ASN B 26 6.09 -13.25 -19.62
CA ASN B 26 7.51 -13.38 -19.93
C ASN B 26 8.08 -12.04 -20.38
N SER B 27 7.51 -10.97 -19.87
CA SER B 27 7.97 -9.63 -20.22
C SER B 27 8.44 -8.89 -18.97
N SER B 28 9.66 -8.37 -19.01
CA SER B 28 10.24 -7.65 -17.90
C SER B 28 9.61 -6.25 -17.77
N VAL B 29 9.72 -5.67 -16.58
CA VAL B 29 9.18 -4.35 -16.32
C VAL B 29 9.81 -3.30 -17.24
N GLN B 30 11.10 -3.47 -17.54
CA GLN B 30 11.82 -2.55 -18.41
C GLN B 30 11.14 -2.43 -19.77
N GLN B 31 10.54 -3.52 -20.21
CA GLN B 31 9.83 -3.58 -21.48
C GLN B 31 8.48 -2.89 -21.36
N PHE B 32 7.80 -3.15 -20.25
CA PHE B 32 6.49 -2.58 -19.99
C PHE B 32 6.57 -1.07 -19.78
N LYS B 33 7.61 -0.62 -19.07
CA LYS B 33 7.82 0.82 -18.82
C LYS B 33 7.88 1.61 -20.12
N GLU B 34 8.62 1.09 -21.09
CA GLU B 34 8.78 1.76 -22.38
C GLU B 34 7.47 1.76 -23.17
N ALA B 35 6.61 0.79 -22.88
CA ALA B 35 5.33 0.70 -23.57
C ALA B 35 4.36 1.75 -23.05
N ILE B 36 4.43 2.01 -21.75
CA ILE B 36 3.55 2.99 -21.12
C ILE B 36 3.90 4.41 -21.58
N SER B 37 5.19 4.70 -21.63
CA SER B 37 5.65 6.03 -22.04
C SER B 37 5.36 6.30 -23.51
N LYS B 38 5.14 5.24 -24.27
CA LYS B 38 4.85 5.37 -25.70
C LYS B 38 3.37 5.66 -25.93
N ARG B 39 2.51 5.04 -25.12
CA ARG B 39 1.07 5.20 -25.26
C ARG B 39 0.56 6.41 -24.44
N PHE B 40 1.00 6.51 -23.20
CA PHE B 40 0.58 7.59 -22.31
C PHE B 40 1.37 8.86 -22.56
N LYS B 41 2.58 8.72 -23.06
CA LYS B 41 3.47 9.86 -23.34
C LYS B 41 3.80 10.60 -22.04
N SER B 42 4.32 9.88 -21.06
CA SER B 42 4.68 10.46 -19.78
C SER B 42 6.19 10.41 -19.56
N GLN B 43 6.66 9.33 -18.96
CA GLN B 43 8.07 9.14 -18.67
C GLN B 43 8.40 7.65 -18.65
N THR B 44 9.68 7.32 -18.57
CA THR B 44 10.09 5.92 -18.53
C THR B 44 10.98 5.62 -17.33
N ASP B 45 11.98 6.47 -17.11
CA ASP B 45 12.91 6.27 -16.00
C ASP B 45 12.21 6.48 -14.65
N GLN B 46 11.55 7.63 -14.49
CA GLN B 46 10.87 7.94 -13.24
C GLN B 46 9.50 7.27 -13.17
N LEU B 47 9.21 6.39 -14.11
CA LEU B 47 7.94 5.69 -14.15
C LEU B 47 7.95 4.53 -13.15
N VAL B 48 7.06 4.59 -12.16
CA VAL B 48 6.99 3.55 -11.14
C VAL B 48 5.58 3.02 -10.98
N LEU B 49 5.47 1.71 -10.83
CA LEU B 49 4.19 1.07 -10.62
C LEU B 49 4.06 0.78 -9.13
N ILE B 50 2.85 0.78 -8.60
CA ILE B 50 2.66 0.53 -7.17
C ILE B 50 1.76 -0.67 -6.91
N PHE B 51 2.26 -1.60 -6.11
CA PHE B 51 1.50 -2.79 -5.76
C PHE B 51 1.08 -2.72 -4.28
N ALA B 52 0.40 -1.62 -3.94
CA ALA B 52 -0.09 -1.38 -2.58
C ALA B 52 1.04 -1.28 -1.57
N GLY B 53 1.54 -0.06 -1.37
CA GLY B 53 2.61 0.16 -0.41
C GLY B 53 3.96 -0.38 -0.87
N LYS B 54 4.07 -0.67 -2.16
CA LYS B 54 5.31 -1.21 -2.71
C LYS B 54 5.59 -0.63 -4.09
N ILE B 55 6.83 -0.21 -4.29
CA ILE B 55 7.25 0.36 -5.56
C ILE B 55 7.72 -0.72 -6.51
N LEU B 56 7.17 -0.71 -7.71
CA LEU B 56 7.51 -1.69 -8.74
C LEU B 56 8.28 -1.01 -9.86
N LYS B 57 9.46 -1.54 -10.16
CA LYS B 57 10.30 -0.98 -11.20
C LYS B 57 11.12 -2.09 -11.85
N ASP B 58 12.19 -1.73 -12.52
CA ASP B 58 13.06 -2.69 -13.18
C ASP B 58 13.98 -3.38 -12.17
N GLN B 59 13.63 -3.22 -10.89
CA GLN B 59 14.39 -3.84 -9.81
C GLN B 59 13.86 -5.25 -9.55
N ASP B 60 12.59 -5.44 -9.84
CA ASP B 60 11.92 -6.72 -9.66
C ASP B 60 11.18 -7.10 -10.94
N THR B 61 10.42 -8.19 -10.91
CA THR B 61 9.69 -8.63 -12.08
C THR B 61 8.18 -8.54 -11.87
N LEU B 62 7.51 -7.88 -12.81
CA LEU B 62 6.06 -7.69 -12.75
C LEU B 62 5.33 -9.03 -12.72
N ILE B 63 5.79 -9.97 -13.55
CA ILE B 63 5.17 -11.29 -13.64
C ILE B 63 5.68 -12.22 -12.54
N GLN B 64 6.24 -11.65 -11.48
CA GLN B 64 6.76 -12.46 -10.38
C GLN B 64 6.03 -12.17 -9.07
N HIS B 65 5.68 -10.90 -8.86
CA HIS B 65 4.99 -10.51 -7.63
C HIS B 65 3.96 -9.42 -7.89
N GLY B 66 4.21 -8.59 -8.91
CA GLY B 66 3.30 -7.51 -9.22
C GLY B 66 1.95 -7.97 -9.72
N ILE B 67 1.91 -8.60 -10.88
CA ILE B 67 0.67 -9.09 -11.45
C ILE B 67 0.66 -10.60 -11.54
N HIS B 68 -0.21 -11.23 -10.78
CA HIS B 68 -0.32 -12.67 -10.78
C HIS B 68 -1.21 -13.14 -11.94
N ASP B 69 -2.16 -12.30 -12.31
CA ASP B 69 -3.09 -12.60 -13.40
C ASP B 69 -3.83 -11.34 -13.82
N GLY B 70 -4.37 -10.64 -12.82
CA GLY B 70 -5.10 -9.41 -13.07
C GLY B 70 -5.22 -8.60 -11.81
N LEU B 71 -4.39 -7.56 -11.69
CA LEU B 71 -4.40 -6.72 -10.51
C LEU B 71 -4.33 -5.24 -10.88
N THR B 72 -4.32 -4.38 -9.87
CA THR B 72 -4.28 -2.94 -10.07
C THR B 72 -2.95 -2.35 -9.60
N VAL B 73 -2.35 -1.51 -10.42
CA VAL B 73 -1.08 -0.86 -10.07
C VAL B 73 -1.20 0.65 -10.24
N HIS B 74 -0.61 1.38 -9.31
CA HIS B 74 -0.63 2.83 -9.35
C HIS B 74 0.58 3.36 -10.09
N LEU B 75 0.41 4.42 -10.85
CA LEU B 75 1.53 4.99 -11.59
C LEU B 75 2.00 6.29 -10.95
N VAL B 76 3.22 6.28 -10.44
CA VAL B 76 3.81 7.45 -9.81
C VAL B 76 5.10 7.83 -10.55
N ILE B 77 5.72 8.92 -10.13
CA ILE B 77 6.95 9.37 -10.78
C ILE B 77 8.03 9.75 -9.76
N LYS B 78 8.68 8.74 -9.20
CA LYS B 78 9.73 8.97 -8.22
C LYS B 78 10.89 8.01 -8.46
N LYS A 21 11.57 13.15 11.77
CA LYS A 21 10.67 12.93 12.91
C LYS A 21 9.34 12.36 12.44
N TYR A 22 8.50 11.94 13.37
CA TYR A 22 7.20 11.37 13.02
C TYR A 22 6.16 12.48 12.86
N LEU A 23 5.42 12.44 11.76
CA LEU A 23 4.38 13.43 11.50
C LEU A 23 3.16 13.10 12.33
N VAL A 24 2.60 11.92 12.08
CA VAL A 24 1.44 11.44 12.81
C VAL A 24 1.87 10.26 13.66
N GLU A 25 1.41 10.21 14.90
CA GLU A 25 1.79 9.11 15.80
C GLU A 25 0.71 8.85 16.86
N PHE A 26 0.44 7.57 17.09
CA PHE A 26 -0.52 7.14 18.07
C PHE A 26 -0.23 5.70 18.48
N ARG A 27 -0.63 5.33 19.67
CA ARG A 27 -0.41 3.99 20.17
C ARG A 27 -1.56 3.07 19.76
N ALA A 28 -1.23 2.01 19.05
CA ALA A 28 -2.21 1.06 18.59
C ALA A 28 -1.57 -0.30 18.33
N GLY A 29 -2.35 -1.35 18.52
CA GLY A 29 -1.85 -2.69 18.32
C GLY A 29 -2.14 -3.21 16.93
N LYS A 30 -1.44 -4.25 16.52
CA LYS A 30 -1.63 -4.82 15.19
C LYS A 30 -2.33 -6.17 15.27
N MET A 31 -2.89 -6.59 14.15
CA MET A 31 -3.58 -7.87 14.07
C MET A 31 -2.95 -8.73 12.97
N SER A 32 -2.48 -9.91 13.35
CA SER A 32 -1.85 -10.81 12.40
C SER A 32 -2.85 -11.85 11.88
N LEU A 33 -2.71 -12.20 10.61
CA LEU A 33 -3.58 -13.19 10.00
C LEU A 33 -2.97 -14.58 10.12
N LYS A 34 -3.38 -15.31 11.13
CA LYS A 34 -2.88 -16.66 11.35
C LYS A 34 -3.73 -17.64 10.55
N GLY A 35 -3.28 -17.98 9.36
CA GLY A 35 -4.02 -18.89 8.51
C GLY A 35 -5.17 -18.19 7.82
N THR A 36 -6.32 -18.17 8.48
CA THR A 36 -7.50 -17.50 7.94
C THR A 36 -8.22 -16.78 9.06
N THR A 37 -7.56 -16.68 10.22
CA THR A 37 -8.14 -16.03 11.37
C THR A 37 -7.30 -14.83 11.82
N VAL A 38 -7.91 -13.65 11.74
CA VAL A 38 -7.25 -12.42 12.15
C VAL A 38 -7.19 -12.37 13.68
N THR A 39 -5.98 -12.35 14.21
CA THR A 39 -5.80 -12.32 15.66
C THR A 39 -5.00 -11.09 16.08
N PRO A 40 -5.55 -10.26 16.97
CA PRO A 40 -4.88 -9.07 17.46
C PRO A 40 -3.79 -9.39 18.47
N ASP A 41 -2.64 -8.75 18.35
CA ASP A 41 -1.54 -8.97 19.28
C ASP A 41 -1.84 -8.23 20.57
N LYS A 42 -1.03 -8.45 21.59
CA LYS A 42 -1.24 -7.82 22.89
C LYS A 42 -0.16 -6.80 23.20
N ARG A 43 0.89 -6.79 22.38
CA ARG A 43 2.00 -5.86 22.58
C ARG A 43 1.58 -4.42 22.30
N LYS A 44 2.12 -3.50 23.09
CA LYS A 44 1.84 -2.08 22.89
C LYS A 44 2.78 -1.52 21.85
N GLY A 45 2.22 -1.19 20.68
CA GLY A 45 3.03 -0.68 19.61
C GLY A 45 2.81 0.80 19.36
N LEU A 46 3.49 1.32 18.36
CA LEU A 46 3.38 2.72 17.99
C LEU A 46 3.20 2.85 16.48
N VAL A 47 2.08 3.43 16.09
CA VAL A 47 1.79 3.64 14.68
C VAL A 47 2.11 5.07 14.30
N TYR A 48 3.15 5.24 13.51
CA TYR A 48 3.56 6.57 13.10
C TYR A 48 3.83 6.62 11.61
N ILE A 49 3.74 7.81 11.04
CA ILE A 49 4.01 8.01 9.63
C ILE A 49 5.23 8.91 9.45
N GLN A 50 6.15 8.47 8.61
CA GLN A 50 7.36 9.22 8.34
C GLN A 50 7.54 9.41 6.84
N GLN A 51 8.18 10.49 6.45
CA GLN A 51 8.41 10.77 5.04
C GLN A 51 9.91 10.94 4.78
N THR A 52 10.42 10.26 3.76
CA THR A 52 11.83 10.34 3.41
C THR A 52 12.09 11.48 2.43
N ASP A 53 13.37 11.70 2.10
CA ASP A 53 13.77 12.76 1.17
C ASP A 53 13.15 12.56 -0.22
N ASP A 54 12.86 11.30 -0.55
CA ASP A 54 12.28 10.97 -1.84
C ASP A 54 10.77 11.21 -1.82
N SER A 55 10.30 11.81 -0.73
CA SER A 55 8.89 12.15 -0.54
C SER A 55 8.00 10.92 -0.43
N LEU A 56 8.63 9.75 -0.25
CA LEU A 56 7.87 8.52 -0.11
C LEU A 56 7.27 8.42 1.28
N ILE A 57 5.97 8.21 1.33
CA ILE A 57 5.26 8.09 2.59
C ILE A 57 5.50 6.71 3.19
N HIS A 58 6.02 6.66 4.39
CA HIS A 58 6.28 5.38 5.04
C HIS A 58 5.33 5.15 6.21
N PHE A 59 4.55 4.08 6.11
CA PHE A 59 3.62 3.71 7.15
C PHE A 59 4.16 2.46 7.82
N CYS A 60 4.73 2.62 9.00
CA CYS A 60 5.34 1.49 9.69
C CYS A 60 4.82 1.32 11.10
N TRP A 61 4.79 0.06 11.54
CA TRP A 61 4.36 -0.29 12.88
C TRP A 61 5.60 -0.65 13.69
N LYS A 62 5.85 0.10 14.74
CA LYS A 62 7.02 -0.12 15.57
C LYS A 62 6.65 -0.68 16.93
N ASP A 63 7.36 -1.72 17.35
CA ASP A 63 7.13 -2.33 18.65
C ASP A 63 7.83 -1.50 19.71
N ARG A 64 7.09 -1.09 20.73
CA ARG A 64 7.64 -0.27 21.79
C ARG A 64 8.45 -1.09 22.79
N THR A 65 8.37 -2.40 22.67
CA THR A 65 9.11 -3.29 23.58
C THR A 65 10.53 -3.53 23.05
N SER A 66 10.62 -4.03 21.83
CA SER A 66 11.91 -4.31 21.20
C SER A 66 12.54 -3.04 20.64
N GLY A 67 11.70 -2.16 20.12
CA GLY A 67 12.19 -0.92 19.54
C GLY A 67 12.51 -1.08 18.07
N ASN A 68 11.88 -2.06 17.44
CA ASN A 68 12.11 -2.32 16.03
C ASN A 68 10.85 -2.14 15.21
N VAL A 69 11.01 -1.94 13.91
CA VAL A 69 9.89 -1.76 13.01
C VAL A 69 9.56 -3.08 12.32
N GLU A 70 8.37 -3.58 12.55
CA GLU A 70 7.95 -4.85 11.96
C GLU A 70 7.52 -4.67 10.51
N ASP A 71 6.45 -3.93 10.30
CA ASP A 71 5.94 -3.69 8.96
C ASP A 71 6.29 -2.30 8.48
N ASP A 72 6.83 -2.22 7.27
CA ASP A 72 7.23 -0.95 6.67
C ASP A 72 6.68 -0.89 5.25
N LEU A 73 5.65 -0.08 5.05
CA LEU A 73 5.03 0.02 3.73
C LEU A 73 5.13 1.43 3.17
N ILE A 74 5.25 1.52 1.85
CA ILE A 74 5.32 2.80 1.15
C ILE A 74 3.92 3.19 0.70
N ILE A 75 3.40 4.26 1.29
CA ILE A 75 2.06 4.72 0.98
C ILE A 75 2.05 5.74 -0.16
N PHE A 76 1.02 5.66 -0.98
CA PHE A 76 0.84 6.55 -2.11
C PHE A 76 -0.61 7.05 -2.15
N PRO A 77 -0.85 8.21 -2.77
CA PRO A 77 -2.20 8.78 -2.87
C PRO A 77 -3.11 8.00 -3.81
N ASP A 78 -4.42 8.29 -3.69
CA ASP A 78 -5.48 7.67 -4.51
C ASP A 78 -5.45 6.14 -4.43
N ASP A 79 -4.86 5.59 -3.38
CA ASP A 79 -4.80 4.13 -3.25
C ASP A 79 -4.74 3.68 -1.79
N CYS A 80 -5.21 4.52 -0.89
CA CYS A 80 -5.18 4.20 0.53
C CYS A 80 -6.46 4.66 1.22
N GLU A 81 -6.96 3.82 2.12
CA GLU A 81 -8.17 4.12 2.87
C GLU A 81 -8.08 3.57 4.29
N PHE A 82 -8.08 4.46 5.27
CA PHE A 82 -8.02 4.08 6.67
C PHE A 82 -9.33 4.43 7.37
N LYS A 83 -10.09 3.42 7.76
CA LYS A 83 -11.37 3.66 8.41
C LYS A 83 -11.57 2.73 9.60
N ARG A 84 -12.67 2.92 10.32
CA ARG A 84 -12.99 2.11 11.50
C ARG A 84 -14.00 1.03 11.15
N VAL A 85 -13.89 -0.10 11.84
CA VAL A 85 -14.79 -1.23 11.63
C VAL A 85 -15.97 -1.11 12.59
N PRO A 86 -17.17 -0.78 12.09
CA PRO A 86 -18.37 -0.61 12.91
C PRO A 86 -19.06 -1.94 13.22
N GLN A 87 -18.40 -3.04 12.89
CA GLN A 87 -18.96 -4.36 13.14
C GLN A 87 -18.25 -5.04 14.31
N CYS A 88 -17.33 -4.33 14.93
CA CYS A 88 -16.58 -4.85 16.06
C CYS A 88 -17.17 -4.31 17.35
N PRO A 89 -17.38 -5.17 18.36
CA PRO A 89 -17.96 -4.78 19.66
C PRO A 89 -17.07 -3.81 20.44
N SER A 90 -15.79 -3.76 20.12
CA SER A 90 -14.88 -2.85 20.81
C SER A 90 -15.06 -1.42 20.29
N GLY A 91 -15.34 -1.32 19.00
CA GLY A 91 -15.56 -0.04 18.37
C GLY A 91 -14.29 0.80 18.24
N ARG A 92 -13.14 0.19 18.52
CA ARG A 92 -11.87 0.90 18.44
C ARG A 92 -10.91 0.19 17.49
N VAL A 93 -11.49 -0.63 16.62
CA VAL A 93 -10.72 -1.37 15.65
C VAL A 93 -10.76 -0.67 14.30
N TYR A 94 -9.59 -0.28 13.81
CA TYR A 94 -9.48 0.41 12.54
C TYR A 94 -8.79 -0.49 11.53
N VAL A 95 -8.97 -0.21 10.25
CA VAL A 95 -8.36 -1.03 9.22
C VAL A 95 -7.76 -0.19 8.10
N LEU A 96 -6.51 -0.50 7.77
CA LEU A 96 -5.81 0.18 6.69
C LEU A 96 -5.91 -0.70 5.45
N LYS A 97 -6.72 -0.29 4.50
CA LYS A 97 -6.92 -1.06 3.29
C LYS A 97 -6.40 -0.33 2.06
N PHE A 98 -5.78 -1.09 1.17
CA PHE A 98 -5.27 -0.52 -0.06
C PHE A 98 -6.34 -0.65 -1.14
N LYS A 99 -6.23 0.13 -2.20
CA LYS A 99 -7.23 0.08 -3.26
C LYS A 99 -6.76 -0.81 -4.41
N ALA A 100 -5.45 -0.83 -4.64
CA ALA A 100 -4.86 -1.63 -5.71
C ALA A 100 -4.87 -3.12 -5.38
N GLY A 101 -4.61 -3.46 -4.14
CA GLY A 101 -4.58 -4.86 -3.75
C GLY A 101 -5.63 -5.20 -2.71
N SER A 102 -5.54 -6.41 -2.18
CA SER A 102 -6.49 -6.88 -1.17
C SER A 102 -5.89 -6.77 0.23
N LYS A 103 -4.73 -6.15 0.31
CA LYS A 103 -4.03 -5.97 1.57
C LYS A 103 -4.86 -5.18 2.58
N ARG A 104 -5.12 -5.80 3.72
CA ARG A 104 -5.90 -5.18 4.79
C ARG A 104 -5.18 -5.34 6.13
N LEU A 105 -4.78 -4.23 6.72
CA LEU A 105 -4.08 -4.26 7.99
C LEU A 105 -4.98 -3.72 9.10
N PHE A 106 -5.37 -4.59 10.02
CA PHE A 106 -6.23 -4.20 11.12
C PHE A 106 -5.40 -3.72 12.32
N PHE A 107 -5.83 -2.62 12.92
CA PHE A 107 -5.14 -2.04 14.07
C PHE A 107 -6.16 -1.64 15.14
N TRP A 108 -5.81 -1.85 16.39
CA TRP A 108 -6.72 -1.48 17.49
C TRP A 108 -6.08 -0.40 18.36
N MET A 109 -6.82 0.68 18.55
CA MET A 109 -6.34 1.83 19.34
C MET A 109 -5.97 1.43 20.76
N GLN A 110 -4.78 1.85 21.18
CA GLN A 110 -4.30 1.57 22.52
C GLN A 110 -4.24 2.86 23.32
N GLU A 111 -4.84 3.91 22.78
CA GLU A 111 -4.88 5.21 23.43
C GLU A 111 -5.85 5.16 24.62
N PRO A 112 -5.50 5.83 25.72
CA PRO A 112 -6.33 5.86 26.93
C PRO A 112 -7.75 6.38 26.69
N LYS A 113 -7.89 7.44 25.91
CA LYS A 113 -9.19 8.02 25.63
C LYS A 113 -9.58 7.86 24.17
N THR A 114 -10.89 7.71 23.93
CA THR A 114 -11.43 7.56 22.59
C THR A 114 -11.73 8.93 21.98
N ASP A 115 -11.22 9.98 22.60
CA ASP A 115 -11.45 11.34 22.15
C ASP A 115 -10.62 11.70 20.92
N GLN A 116 -9.49 11.03 20.75
CA GLN A 116 -8.61 11.34 19.61
C GLN A 116 -8.58 10.19 18.62
N ASP A 117 -9.51 9.26 18.75
CA ASP A 117 -9.57 8.10 17.85
C ASP A 117 -9.87 8.54 16.42
N GLU A 118 -10.98 9.26 16.24
CA GLU A 118 -11.38 9.74 14.93
C GLU A 118 -10.38 10.77 14.40
N GLU A 119 -9.87 11.60 15.31
CA GLU A 119 -8.92 12.63 14.96
C GLU A 119 -7.67 12.00 14.34
N HIS A 120 -7.16 10.96 14.98
CA HIS A 120 -5.98 10.26 14.49
C HIS A 120 -6.26 9.61 13.14
N CYS A 121 -7.41 8.97 13.02
CA CYS A 121 -7.82 8.30 11.78
C CYS A 121 -7.87 9.30 10.63
N ARG A 122 -8.44 10.46 10.90
CA ARG A 122 -8.56 11.51 9.89
C ARG A 122 -7.19 12.02 9.47
N LYS A 123 -6.34 12.31 10.46
CA LYS A 123 -5.00 12.81 10.20
C LYS A 123 -4.22 11.86 9.30
N VAL A 124 -4.35 10.57 9.59
CA VAL A 124 -3.67 9.54 8.81
C VAL A 124 -4.09 9.61 7.34
N ASN A 125 -5.39 9.57 7.10
CA ASN A 125 -5.95 9.60 5.74
C ASN A 125 -5.46 10.82 4.97
N GLU A 126 -5.48 11.98 5.63
CA GLU A 126 -5.05 13.22 5.01
C GLU A 126 -3.59 13.17 4.61
N TYR A 127 -2.73 12.84 5.57
CA TYR A 127 -1.28 12.78 5.33
C TYR A 127 -0.89 11.69 4.33
N LEU A 128 -1.73 10.69 4.15
CA LEU A 128 -1.43 9.61 3.22
C LEU A 128 -1.83 9.97 1.79
N ASN A 129 -3.05 10.49 1.64
CA ASN A 129 -3.56 10.84 0.31
C ASN A 129 -3.04 12.19 -0.16
N ASN A 130 -2.72 13.07 0.78
CA ASN A 130 -2.23 14.39 0.45
C ASN A 130 -0.91 14.68 1.16
N ALA B 1 7.87 -21.49 -33.50
CA ALA B 1 8.15 -21.64 -32.05
C ALA B 1 7.30 -20.65 -31.25
N PRO B 2 6.58 -21.14 -30.23
CA PRO B 2 5.73 -20.31 -29.38
C PRO B 2 6.54 -19.46 -28.41
N ALA B 3 5.90 -18.44 -27.85
CA ALA B 3 6.58 -17.55 -26.91
C ALA B 3 5.71 -17.28 -25.68
N GLU B 4 4.91 -18.27 -25.29
CA GLU B 4 4.00 -18.17 -24.15
C GLU B 4 2.92 -17.12 -24.39
N PRO B 5 1.79 -17.54 -24.99
CA PRO B 5 0.68 -16.64 -25.31
C PRO B 5 -0.24 -16.37 -24.11
N LYS B 6 0.29 -16.51 -22.91
CA LYS B 6 -0.49 -16.27 -21.70
C LYS B 6 -0.44 -14.79 -21.36
N ILE B 7 -1.47 -14.06 -21.78
CA ILE B 7 -1.54 -12.63 -21.52
C ILE B 7 -2.28 -12.36 -20.22
N ILE B 8 -1.71 -11.51 -19.37
CA ILE B 8 -2.32 -11.15 -18.11
C ILE B 8 -2.90 -9.74 -18.19
N LYS B 9 -3.90 -9.48 -17.38
CA LYS B 9 -4.56 -8.18 -17.36
C LYS B 9 -3.96 -7.29 -16.27
N VAL B 10 -3.35 -6.20 -16.67
CA VAL B 10 -2.75 -5.26 -15.73
C VAL B 10 -3.50 -3.93 -15.76
N THR B 11 -4.26 -3.66 -14.72
CA THR B 11 -5.03 -2.43 -14.64
C THR B 11 -4.18 -1.32 -14.01
N VAL B 12 -3.81 -0.35 -14.83
CA VAL B 12 -2.99 0.77 -14.36
C VAL B 12 -3.85 1.95 -13.93
N LYS B 13 -3.63 2.41 -12.72
CA LYS B 13 -4.36 3.55 -12.18
C LYS B 13 -3.55 4.82 -12.36
N THR B 14 -4.09 5.74 -13.13
CA THR B 14 -3.42 7.00 -13.41
C THR B 14 -4.25 8.17 -12.92
N PRO B 15 -3.63 9.33 -12.68
CA PRO B 15 -4.35 10.52 -12.24
C PRO B 15 -5.14 11.14 -13.40
N LYS B 16 -5.98 10.32 -14.01
CA LYS B 16 -6.78 10.74 -15.15
C LYS B 16 -7.86 9.71 -15.47
N GLU B 17 -7.47 8.44 -15.49
CA GLU B 17 -8.41 7.36 -15.78
C GLU B 17 -7.86 6.03 -15.29
N LYS B 18 -8.50 4.94 -15.69
CA LYS B 18 -8.09 3.61 -15.30
C LYS B 18 -7.98 2.71 -16.55
N GLU B 19 -6.83 2.77 -17.21
CA GLU B 19 -6.60 1.98 -18.40
C GLU B 19 -5.92 0.67 -18.08
N GLU B 20 -6.42 -0.40 -18.67
CA GLU B 20 -5.87 -1.73 -18.47
C GLU B 20 -5.09 -2.16 -19.71
N PHE B 21 -3.96 -2.80 -19.49
CA PHE B 21 -3.12 -3.26 -20.59
C PHE B 21 -3.06 -4.78 -20.61
N ALA B 22 -2.54 -5.33 -21.70
CA ALA B 22 -2.41 -6.76 -21.86
C ALA B 22 -0.97 -7.13 -22.19
N VAL B 23 -0.30 -7.77 -21.24
CA VAL B 23 1.09 -8.16 -21.42
C VAL B 23 1.28 -9.65 -21.21
N PRO B 24 2.22 -10.27 -21.96
CA PRO B 24 2.51 -11.69 -21.83
C PRO B 24 3.17 -12.03 -20.50
N GLU B 25 3.01 -13.29 -20.08
CA GLU B 25 3.56 -13.78 -18.81
C GLU B 25 5.08 -14.01 -18.89
N ASN B 26 5.75 -13.33 -19.81
CA ASN B 26 7.19 -13.48 -19.96
C ASN B 26 7.87 -12.13 -20.18
N SER B 27 7.10 -11.06 -20.07
CA SER B 27 7.63 -9.72 -20.29
C SER B 27 8.15 -9.11 -18.99
N SER B 28 9.19 -8.29 -19.12
CA SER B 28 9.78 -7.62 -17.97
C SER B 28 9.20 -6.22 -17.80
N VAL B 29 9.48 -5.59 -16.66
CA VAL B 29 8.97 -4.26 -16.36
C VAL B 29 9.50 -3.22 -17.35
N GLN B 30 10.74 -3.39 -17.80
CA GLN B 30 11.35 -2.45 -18.75
C GLN B 30 10.51 -2.36 -20.02
N GLN B 31 9.95 -3.49 -20.44
CA GLN B 31 9.13 -3.55 -21.64
C GLN B 31 7.76 -2.93 -21.40
N PHE B 32 7.39 -2.81 -20.12
CA PHE B 32 6.12 -2.24 -19.72
C PHE B 32 6.23 -0.73 -19.60
N LYS B 33 7.33 -0.28 -19.00
CA LYS B 33 7.59 1.14 -18.80
C LYS B 33 7.65 1.87 -20.14
N GLU B 34 8.40 1.30 -21.09
CA GLU B 34 8.55 1.90 -22.42
C GLU B 34 7.24 1.86 -23.20
N ALA B 35 6.33 1.00 -22.79
CA ALA B 35 5.04 0.89 -23.47
C ALA B 35 4.11 2.01 -23.03
N ILE B 36 4.03 2.22 -21.71
CA ILE B 36 3.16 3.26 -21.16
C ILE B 36 3.63 4.64 -21.59
N SER B 37 4.94 4.85 -21.63
CA SER B 37 5.52 6.13 -22.02
C SER B 37 5.26 6.45 -23.50
N LYS B 38 4.95 5.42 -24.28
CA LYS B 38 4.68 5.59 -25.70
C LYS B 38 3.19 5.68 -25.95
N ARG B 39 2.41 4.81 -25.31
CA ARG B 39 0.96 4.80 -25.48
C ARG B 39 0.31 5.97 -24.75
N PHE B 40 0.61 6.13 -23.47
CA PHE B 40 0.05 7.21 -22.68
C PHE B 40 0.82 8.50 -22.90
N LYS B 41 2.11 8.35 -23.20
CA LYS B 41 3.00 9.48 -23.45
C LYS B 41 3.12 10.37 -22.20
N SER B 42 4.11 10.07 -21.37
CA SER B 42 4.33 10.82 -20.14
C SER B 42 5.81 10.76 -19.76
N GLN B 43 6.16 9.82 -18.88
CA GLN B 43 7.54 9.65 -18.43
C GLN B 43 7.92 8.18 -18.48
N THR B 44 9.18 7.89 -18.22
CA THR B 44 9.67 6.51 -18.24
C THR B 44 10.59 6.23 -17.06
N ASP B 45 11.60 7.08 -16.90
CA ASP B 45 12.58 6.92 -15.82
C ASP B 45 11.94 7.15 -14.46
N GLN B 46 11.08 8.17 -14.39
CA GLN B 46 10.39 8.49 -13.14
C GLN B 46 9.06 7.75 -13.04
N LEU B 47 8.73 6.98 -14.06
CA LEU B 47 7.49 6.24 -14.07
C LEU B 47 7.59 5.02 -13.16
N VAL B 48 6.90 5.04 -12.05
CA VAL B 48 6.95 3.94 -11.10
C VAL B 48 5.58 3.32 -10.86
N LEU B 49 5.49 2.00 -11.04
CA LEU B 49 4.25 1.28 -10.80
C LEU B 49 4.17 0.94 -9.32
N ILE B 50 2.99 1.05 -8.73
CA ILE B 50 2.82 0.79 -7.31
C ILE B 50 1.91 -0.41 -7.05
N PHE B 51 2.35 -1.31 -6.17
CA PHE B 51 1.57 -2.48 -5.82
C PHE B 51 1.41 -2.60 -4.30
N ALA B 52 0.76 -1.60 -3.70
CA ALA B 52 0.47 -1.58 -2.26
C ALA B 52 1.72 -1.65 -1.39
N GLY B 53 2.30 -0.50 -1.08
CA GLY B 53 3.48 -0.45 -0.24
C GLY B 53 4.73 -1.00 -0.92
N LYS B 54 4.65 -1.19 -2.23
CA LYS B 54 5.78 -1.70 -2.99
C LYS B 54 5.89 -0.99 -4.32
N ILE B 55 7.10 -0.62 -4.71
CA ILE B 55 7.34 0.05 -5.97
C ILE B 55 7.90 -0.91 -7.01
N LEU B 56 7.43 -0.77 -8.23
CA LEU B 56 7.88 -1.63 -9.31
C LEU B 56 8.80 -0.86 -10.25
N LYS B 57 9.85 -1.52 -10.70
CA LYS B 57 10.80 -0.89 -11.61
C LYS B 57 11.66 -1.97 -12.28
N ASP B 58 12.82 -1.58 -12.79
CA ASP B 58 13.72 -2.51 -13.46
C ASP B 58 14.51 -3.34 -12.45
N GLN B 59 14.02 -3.38 -11.22
CA GLN B 59 14.66 -4.12 -10.16
C GLN B 59 13.88 -5.40 -9.83
N ASP B 60 12.60 -5.37 -10.12
CA ASP B 60 11.72 -6.51 -9.87
C ASP B 60 11.02 -6.91 -11.16
N THR B 61 10.13 -7.89 -11.08
CA THR B 61 9.39 -8.35 -12.26
C THR B 61 7.89 -8.26 -12.04
N LEU B 62 7.21 -7.53 -12.92
CA LEU B 62 5.77 -7.32 -12.84
C LEU B 62 4.99 -8.65 -12.78
N ILE B 63 5.34 -9.56 -13.67
CA ILE B 63 4.67 -10.86 -13.75
C ILE B 63 5.09 -11.82 -12.63
N GLN B 64 5.83 -11.29 -11.66
CA GLN B 64 6.32 -12.14 -10.56
C GLN B 64 5.71 -11.74 -9.22
N HIS B 65 5.27 -10.49 -9.09
CA HIS B 65 4.70 -10.03 -7.83
C HIS B 65 3.56 -9.05 -8.04
N GLY B 66 3.84 -7.97 -8.76
CA GLY B 66 2.86 -6.93 -9.01
C GLY B 66 1.56 -7.45 -9.58
N ILE B 67 1.61 -8.00 -10.78
CA ILE B 67 0.40 -8.52 -11.41
C ILE B 67 0.45 -10.03 -11.51
N HIS B 68 -0.11 -10.70 -10.51
CA HIS B 68 -0.15 -12.16 -10.50
C HIS B 68 -1.15 -12.64 -11.54
N ASP B 69 -2.33 -12.02 -11.53
CA ASP B 69 -3.39 -12.35 -12.47
C ASP B 69 -4.57 -11.40 -12.28
N GLY B 70 -4.53 -10.28 -12.99
CA GLY B 70 -5.61 -9.31 -12.89
C GLY B 70 -5.55 -8.50 -11.60
N LEU B 71 -4.72 -7.47 -11.57
CA LEU B 71 -4.57 -6.62 -10.40
C LEU B 71 -4.43 -5.17 -10.81
N THR B 72 -4.47 -4.29 -9.83
CA THR B 72 -4.36 -2.87 -10.09
C THR B 72 -3.02 -2.32 -9.60
N VAL B 73 -2.42 -1.45 -10.40
CA VAL B 73 -1.15 -0.83 -10.05
C VAL B 73 -1.23 0.68 -10.24
N HIS B 74 -0.63 1.42 -9.32
CA HIS B 74 -0.66 2.88 -9.39
C HIS B 74 0.52 3.42 -10.19
N LEU B 75 0.29 4.49 -10.93
CA LEU B 75 1.35 5.11 -11.72
C LEU B 75 1.74 6.46 -11.10
N VAL B 76 2.93 6.50 -10.51
CA VAL B 76 3.43 7.72 -9.90
C VAL B 76 4.77 8.13 -10.51
N ILE B 77 5.31 9.26 -10.08
CA ILE B 77 6.58 9.76 -10.61
C ILE B 77 7.54 10.07 -9.47
N LYS B 78 8.35 9.09 -9.10
CA LYS B 78 9.32 9.26 -8.03
C LYS B 78 10.69 8.78 -8.47
#